data_7F8I
#
_entry.id   7F8I
#
_cell.length_a   308.956
_cell.length_b   106.663
_cell.length_c   198.708
_cell.angle_alpha   90.000
_cell.angle_beta   125.960
_cell.angle_gamma   90.000
#
_symmetry.space_group_name_H-M   'C 1 2 1'
#
_entity_poly.entity_id   1
_entity_poly.type   'polypeptide(L)'
_entity_poly.pdbx_seq_one_letter_code
;MDSTVYVPPPNPVSKVVATDAYVTRTNIFYHASSSRLLAVGHPYFSIKRANKTVVPKVSGYQYRVFKVVLPDPNKFALPD
SSLFDPTTQRLVWACTGLEVGRGQPLGVGVSGHPFLNKYDDVENSGSGGNPGQDNRVNVGMDYKQTQLCMVGCAPPLGEH
WGKGKQCTNTPVQAGDCPPLELITSVIQDGDMVDTGFGAMNFADLQTNKSDVPIDICGTTCKYPDYLQMAADPYGDRLFF
FLRKEQMFARHFFNRAGEVGEPVPDTLIIKGSGNRTSVGSSIYVNTPSGSLVSSEAQLFNKPYWLQKAQGHNNGICWGNQ
LFVTVVDTTRSTNMTLCASVTTSSTYTNSDYKEYMRHVEEYDLQFIFQLCSITLSAEVVAYIHTMNPSVLEDWNFGLSPP
PNGTLEDTYRYVQSQAITCQKPTPEKQKPDPYKNLSFWEVNLKEKFSSELDQYPLGRKFLLQSGYRGRSSIRTGVKRPAV
SKASAAPKRKRAKTKR
;
_entity_poly.pdbx_strand_id   A,B,C,D,E,F,G,H,I,J
#
# COMPACT_ATOMS: atom_id res chain seq x y z
N LYS A 15 -55.73 25.84 18.82
CA LYS A 15 -56.15 24.64 18.12
C LYS A 15 -55.48 23.40 18.70
N VAL A 16 -54.15 23.45 18.82
CA VAL A 16 -53.38 22.43 19.51
C VAL A 16 -53.12 22.93 20.93
N VAL A 17 -53.44 22.11 21.93
CA VAL A 17 -53.32 22.50 23.32
C VAL A 17 -52.34 21.57 24.02
N ALA A 18 -51.81 22.06 25.14
CA ALA A 18 -50.95 21.24 25.98
C ALA A 18 -51.75 20.10 26.60
N THR A 19 -51.06 18.98 26.83
CA THR A 19 -51.70 17.85 27.48
C THR A 19 -52.18 18.18 28.89
N ASP A 20 -51.69 19.28 29.47
CA ASP A 20 -52.14 19.70 30.79
C ASP A 20 -53.63 20.00 30.84
N ALA A 21 -54.23 20.33 29.69
CA ALA A 21 -55.64 20.71 29.67
C ALA A 21 -56.57 19.52 29.83
N TYR A 22 -56.22 18.37 29.25
CA TYR A 22 -57.12 17.22 29.18
C TYR A 22 -56.53 15.94 29.74
N VAL A 23 -55.38 15.99 30.41
CA VAL A 23 -54.76 14.82 31.01
C VAL A 23 -54.56 15.11 32.49
N THR A 24 -55.34 14.44 33.34
CA THR A 24 -55.29 14.67 34.78
C THR A 24 -54.24 13.78 35.42
N ARG A 25 -53.46 14.37 36.33
CA ARG A 25 -52.37 13.68 37.01
C ARG A 25 -52.86 13.01 38.28
N THR A 26 -52.18 11.92 38.65
CA THR A 26 -52.43 11.20 39.89
C THR A 26 -51.21 11.32 40.80
N ASN A 27 -51.28 10.62 41.93
CA ASN A 27 -50.17 10.53 42.87
C ASN A 27 -49.37 9.24 42.72
N ILE A 28 -49.69 8.43 41.71
CA ILE A 28 -49.10 7.11 41.56
C ILE A 28 -47.81 7.24 40.75
N PHE A 29 -46.68 6.94 41.38
CA PHE A 29 -45.39 6.96 40.72
C PHE A 29 -44.80 5.55 40.70
N TYR A 30 -44.03 5.27 39.65
CA TYR A 30 -43.46 3.93 39.45
C TYR A 30 -42.01 4.04 39.01
N HIS A 31 -41.22 3.06 39.41
CA HIS A 31 -39.84 2.92 38.97
C HIS A 31 -39.73 1.74 37.99
N ALA A 32 -38.83 1.88 37.02
CA ALA A 32 -38.56 0.82 36.06
C ALA A 32 -37.11 0.93 35.64
N SER A 33 -36.40 -0.21 35.62
CA SER A 33 -35.00 -0.24 35.25
C SER A 33 -34.77 -1.29 34.18
N SER A 34 -33.95 -0.93 33.19
CA SER A 34 -33.60 -1.84 32.11
C SER A 34 -32.55 -2.87 32.52
N SER A 35 -31.95 -2.70 33.70
CA SER A 35 -30.79 -3.49 34.14
C SER A 35 -29.63 -3.25 33.19
N ARG A 36 -28.57 -4.05 33.33
CA ARG A 36 -27.38 -3.85 32.51
C ARG A 36 -27.66 -4.23 31.07
N LEU A 37 -27.31 -3.35 30.13
CA LEU A 37 -27.46 -3.59 28.71
C LEU A 37 -26.08 -3.60 28.06
N LEU A 38 -25.79 -4.67 27.32
CA LEU A 38 -24.47 -4.83 26.71
C LEU A 38 -24.61 -5.18 25.24
N ALA A 39 -23.79 -4.53 24.41
CA ALA A 39 -23.62 -4.89 23.01
C ALA A 39 -22.13 -4.84 22.72
N VAL A 40 -21.60 -5.92 22.13
CA VAL A 40 -20.17 -6.06 21.88
C VAL A 40 -19.97 -6.46 20.43
N GLY A 41 -19.06 -5.78 19.74
CA GLY A 41 -18.78 -6.09 18.36
C GLY A 41 -17.57 -5.39 17.78
N HIS A 42 -17.57 -5.21 16.45
CA HIS A 42 -16.48 -4.61 15.68
C HIS A 42 -16.76 -3.13 15.45
N PRO A 43 -15.82 -2.24 15.78
CA PRO A 43 -16.09 -0.80 15.65
C PRO A 43 -16.20 -0.30 14.22
N TYR A 44 -15.77 -1.07 13.23
CA TYR A 44 -15.70 -0.56 11.85
C TYR A 44 -16.71 -1.16 10.91
N PHE A 45 -17.03 -2.45 11.04
CA PHE A 45 -17.92 -3.10 10.09
C PHE A 45 -18.48 -4.38 10.71
N SER A 46 -19.68 -4.77 10.26
CA SER A 46 -20.25 -6.03 10.66
C SER A 46 -19.54 -7.18 9.95
N ILE A 47 -19.51 -8.33 10.61
CA ILE A 47 -18.79 -9.50 10.11
C ILE A 47 -19.82 -10.59 9.82
N LYS A 48 -20.00 -10.91 8.54
CA LYS A 48 -20.92 -11.95 8.10
C LYS A 48 -20.21 -12.85 7.10
N ARG A 49 -20.22 -14.15 7.37
CA ARG A 49 -19.54 -15.09 6.47
C ARG A 49 -20.29 -16.41 6.52
N ALA A 50 -20.87 -16.83 5.40
CA ALA A 50 -20.88 -16.03 4.18
C ALA A 50 -22.28 -15.56 3.82
N ASN A 51 -23.21 -15.60 4.78
CA ASN A 51 -24.60 -15.27 4.49
C ASN A 51 -25.16 -14.26 5.49
N LYS A 52 -25.04 -14.54 6.78
CA LYS A 52 -25.62 -13.71 7.83
C LYS A 52 -24.58 -13.28 8.84
N THR A 53 -24.93 -12.26 9.61
CA THR A 53 -23.98 -11.57 10.48
C THR A 53 -23.49 -12.47 11.62
N VAL A 54 -22.18 -12.51 11.81
CA VAL A 54 -21.57 -13.21 12.92
C VAL A 54 -21.20 -12.25 14.06
N VAL A 55 -20.67 -11.08 13.72
CA VAL A 55 -20.28 -10.08 14.69
C VAL A 55 -20.89 -8.75 14.29
N PRO A 56 -21.67 -8.11 15.16
CA PRO A 56 -22.32 -6.84 14.78
C PRO A 56 -21.34 -5.68 14.82
N LYS A 57 -21.70 -4.64 14.08
CA LYS A 57 -20.94 -3.38 14.11
C LYS A 57 -21.35 -2.60 15.36
N VAL A 58 -20.40 -2.43 16.28
CA VAL A 58 -20.64 -1.72 17.53
C VAL A 58 -19.58 -0.62 17.61
N SER A 59 -20.01 0.64 17.46
CA SER A 59 -19.10 1.77 17.41
C SER A 59 -19.64 2.89 18.29
N GLY A 60 -18.72 3.65 18.88
CA GLY A 60 -19.10 4.80 19.70
C GLY A 60 -19.77 5.91 18.94
N TYR A 61 -19.71 5.90 17.61
CA TYR A 61 -20.29 6.94 16.79
C TYR A 61 -21.64 6.54 16.21
N GLN A 62 -22.28 5.54 16.80
CA GLN A 62 -23.59 5.08 16.39
C GLN A 62 -24.66 5.67 17.31
N TYR A 63 -25.84 5.93 16.74
CA TYR A 63 -26.99 6.28 17.55
C TYR A 63 -27.49 5.06 18.29
N ARG A 64 -27.85 5.25 19.55
CA ARG A 64 -28.50 4.23 20.36
C ARG A 64 -29.94 4.68 20.61
N VAL A 65 -30.88 4.08 19.90
CA VAL A 65 -32.28 4.45 19.95
C VAL A 65 -33.04 3.33 20.62
N PHE A 66 -33.44 3.56 21.87
CA PHE A 66 -34.14 2.55 22.66
C PHE A 66 -35.64 2.74 22.49
N LYS A 67 -36.33 1.65 22.12
CA LYS A 67 -37.79 1.64 22.07
C LYS A 67 -38.28 1.02 23.37
N VAL A 68 -38.66 1.88 24.32
CA VAL A 68 -39.06 1.46 25.65
C VAL A 68 -40.54 1.12 25.61
N VAL A 69 -40.87 -0.15 25.82
CA VAL A 69 -42.25 -0.61 25.79
C VAL A 69 -42.79 -0.60 27.22
N LEU A 70 -43.92 0.06 27.41
CA LEU A 70 -44.53 0.15 28.72
C LEU A 70 -45.76 -0.75 28.82
N PRO A 71 -46.08 -1.27 30.00
CA PRO A 71 -47.31 -2.03 30.15
C PRO A 71 -48.52 -1.12 30.06
N ASP A 72 -49.59 -1.64 29.48
CA ASP A 72 -50.83 -0.88 29.36
C ASP A 72 -51.43 -0.65 30.75
N PRO A 73 -51.52 0.59 31.23
CA PRO A 73 -52.14 0.82 32.54
C PRO A 73 -53.62 0.49 32.58
N ASN A 74 -54.29 0.44 31.44
CA ASN A 74 -55.69 0.04 31.40
C ASN A 74 -55.87 -1.46 31.57
N LYS A 75 -54.81 -2.24 31.34
CA LYS A 75 -54.78 -3.66 31.63
C LYS A 75 -53.81 -3.99 32.75
N PHE A 76 -53.34 -2.99 33.48
CA PHE A 76 -52.36 -3.17 34.53
C PHE A 76 -53.04 -3.62 35.82
N ALA A 77 -52.33 -4.45 36.59
CA ALA A 77 -52.85 -4.96 37.86
C ALA A 77 -52.61 -3.93 38.96
N LEU A 78 -53.31 -2.81 38.84
CA LEU A 78 -53.25 -1.77 39.84
C LEU A 78 -53.92 -2.24 41.13
N PRO A 79 -53.51 -1.70 42.29
CA PRO A 79 -54.11 -2.17 43.54
C PRO A 79 -55.61 -1.92 43.65
N ASP A 80 -56.07 -0.74 43.24
CA ASP A 80 -57.49 -0.42 43.29
C ASP A 80 -57.93 0.11 41.93
N SER A 81 -59.03 -0.44 41.41
CA SER A 81 -59.64 0.08 40.20
C SER A 81 -60.55 1.27 40.46
N SER A 82 -60.60 1.77 41.70
CA SER A 82 -61.45 2.90 42.05
C SER A 82 -60.91 4.22 41.51
N LEU A 83 -59.69 4.23 40.97
CA LEU A 83 -59.11 5.47 40.45
C LEU A 83 -59.95 6.06 39.32
N PHE A 84 -60.38 5.21 38.38
CA PHE A 84 -61.04 5.67 37.18
C PHE A 84 -62.24 4.80 36.85
N ASP A 85 -63.19 5.39 36.14
CA ASP A 85 -64.32 4.64 35.59
C ASP A 85 -63.93 4.08 34.23
N PRO A 86 -63.98 2.77 34.03
CA PRO A 86 -63.60 2.20 32.72
C PRO A 86 -64.36 2.84 31.56
N THR A 87 -65.62 3.22 31.78
CA THR A 87 -66.38 3.97 30.78
C THR A 87 -66.05 5.45 30.89
N THR A 88 -65.56 6.03 29.79
CA THR A 88 -65.24 7.44 29.55
C THR A 88 -63.88 7.85 30.10
N GLN A 89 -63.15 7.00 30.81
CA GLN A 89 -61.83 7.34 31.31
C GLN A 89 -60.83 6.26 30.90
N ARG A 90 -59.63 6.70 30.52
CA ARG A 90 -58.55 5.82 30.12
C ARG A 90 -57.28 6.24 30.85
N LEU A 91 -56.35 5.29 30.98
CA LEU A 91 -55.10 5.51 31.69
C LEU A 91 -53.93 5.59 30.72
N VAL A 92 -52.90 6.34 31.13
CA VAL A 92 -51.69 6.48 30.31
C VAL A 92 -50.55 6.90 31.23
N TRP A 93 -49.34 6.46 30.91
CA TRP A 93 -48.16 6.78 31.70
C TRP A 93 -47.57 8.11 31.26
N ALA A 94 -47.07 8.88 32.23
CA ALA A 94 -46.37 10.13 31.99
C ALA A 94 -44.96 10.02 32.55
N CYS A 95 -43.98 10.43 31.75
CA CYS A 95 -42.58 10.35 32.19
C CYS A 95 -42.21 11.57 33.02
N THR A 96 -41.68 11.33 34.21
CA THR A 96 -41.27 12.40 35.11
C THR A 96 -39.81 12.32 35.54
N GLY A 97 -39.14 11.20 35.33
CA GLY A 97 -37.76 11.05 35.77
C GLY A 97 -36.96 10.13 34.88
N LEU A 98 -35.67 10.43 34.69
CA LEU A 98 -34.86 9.67 33.75
C LEU A 98 -33.39 9.79 34.13
N GLU A 99 -32.68 8.67 34.10
CA GLU A 99 -31.23 8.65 34.22
C GLU A 99 -30.67 7.60 33.26
N VAL A 100 -29.91 8.05 32.28
CA VAL A 100 -29.27 7.16 31.31
C VAL A 100 -27.88 6.80 31.85
N GLY A 101 -27.73 5.57 32.32
CA GLY A 101 -26.48 5.13 32.92
C GLY A 101 -25.51 4.61 31.88
N ARG A 102 -24.28 5.11 31.94
CA ARG A 102 -23.19 4.66 31.08
C ARG A 102 -22.15 3.96 31.94
N GLY A 103 -21.69 2.79 31.50
CA GLY A 103 -20.90 1.94 32.36
C GLY A 103 -19.52 1.54 31.89
N GLN A 104 -18.86 2.38 31.10
CA GLN A 104 -17.51 2.10 30.62
C GLN A 104 -16.58 3.25 30.95
N PRO A 105 -15.28 3.00 30.99
CA PRO A 105 -14.32 4.09 31.24
C PRO A 105 -14.32 5.10 30.10
N LEU A 106 -14.08 6.37 30.46
CA LEU A 106 -13.93 7.40 29.45
C LEU A 106 -12.72 7.11 28.58
N GLY A 107 -12.85 7.39 27.29
CA GLY A 107 -11.75 7.16 26.36
C GLY A 107 -12.20 7.47 24.95
N VAL A 108 -11.22 7.54 24.06
CA VAL A 108 -11.44 7.88 22.66
C VAL A 108 -10.90 6.75 21.80
N GLY A 109 -11.71 6.31 20.85
CA GLY A 109 -11.26 5.38 19.84
C GLY A 109 -11.07 6.09 18.52
N VAL A 110 -10.34 5.48 17.58
CA VAL A 110 -10.07 6.11 16.31
C VAL A 110 -10.57 5.22 15.18
N SER A 111 -10.80 5.85 14.03
CA SER A 111 -11.19 5.16 12.81
C SER A 111 -10.28 5.60 11.68
N GLY A 112 -10.19 4.76 10.66
CA GLY A 112 -9.31 5.07 9.56
C GLY A 112 -9.73 4.35 8.28
N HIS A 113 -8.82 4.39 7.31
CA HIS A 113 -9.01 3.79 6.00
C HIS A 113 -7.65 3.42 5.43
N PRO A 114 -7.42 2.14 5.14
CA PRO A 114 -6.12 1.75 4.57
C PRO A 114 -5.81 2.41 3.24
N PHE A 115 -6.82 2.90 2.53
CA PHE A 115 -6.63 3.62 1.27
C PHE A 115 -7.43 4.92 1.30
N LEU A 116 -7.12 5.79 2.24
CA LEU A 116 -7.74 7.11 2.28
C LEU A 116 -7.17 7.97 1.16
N ASN A 117 -8.06 8.70 0.47
CA ASN A 117 -7.65 9.54 -0.65
C ASN A 117 -6.97 10.81 -0.11
N LYS A 118 -5.77 10.60 0.41
CA LYS A 118 -4.90 11.68 0.85
C LYS A 118 -3.76 11.83 -0.14
N TYR A 119 -3.38 13.08 -0.43
CA TYR A 119 -2.29 13.30 -1.37
C TYR A 119 -1.10 13.93 -0.65
N ASP A 120 -1.16 15.24 -0.43
CA ASP A 120 -0.09 15.97 0.23
C ASP A 120 -0.55 16.49 1.58
N ASP A 121 0.41 16.66 2.48
CA ASP A 121 0.17 17.44 3.69
C ASP A 121 0.18 18.90 3.29
N VAL A 122 -0.99 19.55 3.35
CA VAL A 122 -1.18 20.86 2.75
C VAL A 122 -0.69 21.98 3.65
N GLU A 123 -0.16 21.65 4.82
CA GLU A 123 0.19 22.66 5.82
C GLU A 123 1.33 23.55 5.33
N ASN A 124 2.33 23.00 4.62
CA ASN A 124 3.42 23.84 4.11
C ASN A 124 4.29 23.19 3.04
N SER A 125 3.71 22.53 2.03
CA SER A 125 4.59 21.92 1.02
C SER A 125 3.90 21.76 -0.32
N GLY A 126 4.66 22.07 -1.39
CA GLY A 126 4.24 21.86 -2.76
C GLY A 126 5.40 22.13 -3.68
N SER A 127 5.31 21.58 -4.90
CA SER A 127 6.25 21.98 -5.95
C SER A 127 5.78 21.55 -7.35
N GLY A 128 5.65 20.25 -7.65
CA GLY A 128 6.07 19.15 -6.79
C GLY A 128 5.19 17.94 -6.99
N GLY A 129 4.14 18.14 -7.77
CA GLY A 129 3.31 17.05 -8.26
C GLY A 129 3.96 16.28 -9.39
N ASN A 130 3.15 15.38 -9.97
CA ASN A 130 1.69 15.51 -9.93
C ASN A 130 1.06 14.15 -9.58
N PRO A 131 -0.22 14.14 -9.19
CA PRO A 131 -0.84 12.87 -8.80
C PRO A 131 -0.81 11.87 -9.92
N GLY A 132 -0.64 10.60 -9.55
CA GLY A 132 -0.54 9.52 -10.50
C GLY A 132 -1.81 8.69 -10.67
N GLN A 133 -1.66 7.38 -10.58
CA GLN A 133 -2.78 6.46 -10.72
C GLN A 133 -3.35 6.00 -9.39
N ASP A 134 -2.49 5.71 -8.42
CA ASP A 134 -2.93 5.33 -7.08
C ASP A 134 -2.01 5.99 -6.06
N ASN A 135 -2.58 6.86 -5.22
CA ASN A 135 -1.82 7.57 -4.19
C ASN A 135 -2.50 7.47 -2.83
N ARG A 136 -3.42 6.52 -2.68
CA ARG A 136 -4.17 6.39 -1.44
C ARG A 136 -3.26 5.96 -0.31
N VAL A 137 -3.50 6.51 0.87
CA VAL A 137 -2.62 6.33 2.03
C VAL A 137 -3.40 5.62 3.14
N ASN A 138 -2.65 4.98 4.03
CA ASN A 138 -3.22 4.31 5.20
C ASN A 138 -3.14 5.27 6.38
N VAL A 139 -4.25 5.95 6.66
CA VAL A 139 -4.30 7.01 7.67
C VAL A 139 -5.49 6.76 8.58
N GLY A 140 -5.30 7.00 9.88
CA GLY A 140 -6.37 6.91 10.85
C GLY A 140 -6.45 8.18 11.67
N MET A 141 -7.61 8.39 12.28
CA MET A 141 -7.89 9.65 12.95
C MET A 141 -8.96 9.45 14.01
N ASP A 142 -9.01 10.40 14.94
CA ASP A 142 -10.05 10.45 15.96
C ASP A 142 -11.12 11.46 15.54
N TYR A 143 -12.37 11.08 15.73
CA TYR A 143 -13.49 11.87 15.23
C TYR A 143 -13.85 13.01 16.18
N LYS A 144 -14.78 13.84 15.71
CA LYS A 144 -15.39 14.87 16.54
C LYS A 144 -16.12 14.26 17.73
N GLN A 145 -16.03 14.95 18.87
CA GLN A 145 -16.69 14.48 20.09
C GLN A 145 -18.13 14.94 20.10
N THR A 146 -19.05 14.02 20.42
CA THR A 146 -20.47 14.32 20.41
C THR A 146 -21.18 13.57 21.52
N GLN A 147 -21.99 14.29 22.29
CA GLN A 147 -22.91 13.71 23.26
C GLN A 147 -24.30 14.28 23.02
N LEU A 148 -25.32 13.42 23.07
CA LEU A 148 -26.69 13.89 22.97
C LEU A 148 -27.64 12.81 23.48
N CYS A 149 -28.79 13.24 23.98
CA CYS A 149 -29.83 12.33 24.41
C CYS A 149 -31.18 13.01 24.21
N MET A 150 -32.16 12.23 23.76
CA MET A 150 -33.51 12.73 23.53
C MET A 150 -34.54 11.77 24.10
N VAL A 151 -35.70 12.31 24.47
CA VAL A 151 -36.82 11.54 24.96
C VAL A 151 -38.08 11.99 24.24
N GLY A 152 -38.89 11.02 23.83
CA GLY A 152 -40.19 11.31 23.26
C GLY A 152 -41.00 10.04 23.17
N CYS A 153 -42.27 10.21 22.79
CA CYS A 153 -43.14 9.07 22.54
C CYS A 153 -43.19 8.70 21.06
N ALA A 154 -42.43 9.39 20.21
CA ALA A 154 -42.28 9.12 18.79
C ALA A 154 -40.80 9.19 18.45
N PRO A 155 -40.35 8.40 17.47
CA PRO A 155 -38.92 8.34 17.18
C PRO A 155 -38.42 9.68 16.65
N PRO A 156 -37.15 10.00 16.88
CA PRO A 156 -36.63 11.31 16.48
C PRO A 156 -36.37 11.39 14.98
N LEU A 157 -36.24 12.63 14.50
CA LEU A 157 -35.94 12.91 13.11
C LEU A 157 -34.46 13.28 12.95
N GLY A 158 -33.84 12.72 11.92
CA GLY A 158 -32.51 13.12 11.54
C GLY A 158 -32.52 13.88 10.22
N GLU A 159 -31.46 14.63 9.94
CA GLU A 159 -31.30 15.31 8.67
C GLU A 159 -29.95 14.96 8.07
N HIS A 160 -29.91 14.85 6.74
CA HIS A 160 -28.65 14.58 6.05
C HIS A 160 -28.80 14.96 4.59
N TRP A 161 -27.67 15.17 3.93
CA TRP A 161 -27.64 15.48 2.52
C TRP A 161 -27.45 14.20 1.71
N GLY A 162 -28.30 14.01 0.70
CA GLY A 162 -28.22 12.86 -0.17
C GLY A 162 -28.19 13.29 -1.63
N LYS A 163 -28.06 12.30 -2.50
CA LYS A 163 -28.04 12.56 -3.94
C LYS A 163 -29.44 12.96 -4.37
N GLY A 164 -29.63 14.26 -4.60
CA GLY A 164 -30.89 14.72 -5.15
C GLY A 164 -31.06 14.29 -6.58
N LYS A 165 -32.32 14.13 -6.99
CA LYS A 165 -32.61 13.80 -8.38
C LYS A 165 -32.13 14.91 -9.28
N GLN A 166 -31.85 14.57 -10.54
CA GLN A 166 -31.56 15.59 -11.54
C GLN A 166 -32.79 16.39 -11.93
N CYS A 167 -33.90 16.22 -11.21
CA CYS A 167 -35.22 16.64 -11.67
C CYS A 167 -35.47 16.00 -13.02
N THR A 168 -36.03 14.79 -13.01
CA THR A 168 -36.17 13.92 -14.18
C THR A 168 -36.63 14.68 -15.42
N ASN A 169 -35.71 14.90 -16.36
CA ASN A 169 -36.00 15.70 -17.54
C ASN A 169 -35.04 15.44 -18.68
N THR A 170 -33.84 16.02 -18.61
CA THR A 170 -32.96 16.09 -19.77
C THR A 170 -31.65 15.34 -19.54
N PRO A 171 -31.08 14.75 -20.59
CA PRO A 171 -29.71 14.23 -20.49
C PRO A 171 -28.69 15.31 -20.85
N VAL A 172 -27.68 15.49 -20.00
CA VAL A 172 -26.70 16.56 -20.20
C VAL A 172 -25.29 16.01 -20.06
N GLN A 173 -24.34 16.90 -19.82
CA GLN A 173 -22.97 16.51 -19.52
C GLN A 173 -22.94 15.55 -18.34
N ALA A 174 -22.31 14.39 -18.55
CA ALA A 174 -22.31 13.32 -17.55
C ALA A 174 -20.96 13.23 -16.87
N GLY A 175 -20.99 12.72 -15.63
CA GLY A 175 -19.82 12.71 -14.78
C GLY A 175 -19.68 13.94 -13.90
N ASP A 176 -20.70 14.80 -13.85
CA ASP A 176 -20.62 16.05 -13.12
C ASP A 176 -20.88 15.86 -11.64
N CYS A 177 -20.93 16.97 -10.93
CA CYS A 177 -21.25 16.95 -9.50
C CYS A 177 -22.69 16.49 -9.30
N PRO A 178 -22.96 15.72 -8.26
CA PRO A 178 -24.33 15.26 -8.00
C PRO A 178 -25.16 16.38 -7.41
N PRO A 179 -26.45 16.45 -7.75
CA PRO A 179 -27.32 17.44 -7.12
C PRO A 179 -27.54 17.10 -5.66
N LEU A 180 -27.59 18.14 -4.82
CA LEU A 180 -27.72 17.96 -3.38
C LEU A 180 -29.15 18.25 -2.94
N GLU A 181 -29.63 17.43 -2.01
CA GLU A 181 -30.97 17.55 -1.45
C GLU A 181 -30.91 17.22 0.03
N LEU A 182 -31.62 17.99 0.85
CA LEU A 182 -31.64 17.80 2.29
C LEU A 182 -32.77 16.85 2.65
N ILE A 183 -32.43 15.65 3.10
CA ILE A 183 -33.39 14.61 3.44
C ILE A 183 -33.58 14.58 4.95
N THR A 184 -34.83 14.53 5.39
CA THR A 184 -35.17 14.25 6.79
C THR A 184 -35.64 12.81 6.88
N SER A 185 -35.27 12.13 7.97
CA SER A 185 -35.58 10.72 8.12
C SER A 185 -35.64 10.37 9.59
N VAL A 186 -36.08 9.15 9.87
CA VAL A 186 -36.17 8.63 11.23
C VAL A 186 -34.82 8.05 11.63
N ILE A 187 -34.37 8.39 12.83
CA ILE A 187 -33.11 7.88 13.36
C ILE A 187 -33.32 6.46 13.87
N GLN A 188 -32.61 5.51 13.28
CA GLN A 188 -32.68 4.12 13.71
C GLN A 188 -31.49 3.79 14.61
N ASP A 189 -31.66 2.75 15.43
CA ASP A 189 -30.57 2.27 16.25
C ASP A 189 -29.46 1.74 15.36
N GLY A 190 -28.24 2.25 15.56
CA GLY A 190 -27.11 1.88 14.73
C GLY A 190 -26.74 2.90 13.68
N ASP A 191 -27.59 3.90 13.43
CA ASP A 191 -27.25 4.97 12.50
C ASP A 191 -26.03 5.73 12.98
N MET A 192 -25.26 6.25 12.02
CA MET A 192 -24.01 6.93 12.33
C MET A 192 -24.25 8.40 12.62
N VAL A 193 -23.51 8.93 13.58
CA VAL A 193 -23.55 10.34 13.91
C VAL A 193 -22.57 11.10 13.02
N ASP A 194 -22.74 12.41 12.93
CA ASP A 194 -21.76 13.23 12.23
C ASP A 194 -20.43 13.16 12.95
N THR A 195 -19.34 13.13 12.17
CA THR A 195 -18.02 12.89 12.72
C THR A 195 -17.04 14.02 12.43
N GLY A 196 -17.48 15.08 11.76
CA GLY A 196 -16.59 16.13 11.29
C GLY A 196 -16.52 16.24 9.79
N PHE A 197 -17.17 15.33 9.07
CA PHE A 197 -17.21 15.36 7.61
C PHE A 197 -18.58 15.77 7.08
N GLY A 198 -19.49 16.15 7.96
CA GLY A 198 -20.81 16.59 7.55
C GLY A 198 -21.86 15.51 7.74
N ALA A 199 -23.12 15.94 7.63
CA ALA A 199 -24.27 15.05 7.70
C ALA A 199 -24.70 14.77 6.27
N MET A 200 -24.13 13.72 5.68
CA MET A 200 -24.35 13.41 4.28
C MET A 200 -24.41 11.90 4.07
N ASN A 201 -24.82 11.52 2.85
CA ASN A 201 -24.96 10.13 2.44
C ASN A 201 -23.70 9.75 1.65
N PHE A 202 -22.70 9.22 2.36
CA PHE A 202 -21.43 8.90 1.72
C PHE A 202 -21.55 7.79 0.68
N ALA A 203 -22.59 6.95 0.76
CA ALA A 203 -22.76 5.90 -0.23
C ALA A 203 -23.04 6.48 -1.63
N ASP A 204 -23.67 7.65 -1.70
CA ASP A 204 -24.04 8.27 -2.96
C ASP A 204 -23.13 9.42 -3.35
N LEU A 205 -22.75 10.26 -2.39
CA LEU A 205 -22.03 11.49 -2.69
C LEU A 205 -20.52 11.32 -2.73
N GLN A 206 -19.99 10.23 -2.18
CA GLN A 206 -18.56 9.90 -2.26
C GLN A 206 -18.47 8.48 -2.79
N THR A 207 -18.46 8.35 -4.13
CA THR A 207 -18.58 7.05 -4.78
C THR A 207 -17.28 6.25 -4.77
N ASN A 208 -16.13 6.90 -4.55
CA ASN A 208 -14.85 6.21 -4.63
C ASN A 208 -14.52 5.38 -3.40
N LYS A 209 -15.36 5.41 -2.37
CA LYS A 209 -15.20 4.62 -1.14
C LYS A 209 -13.91 4.92 -0.41
N SER A 210 -13.18 5.97 -0.80
CA SER A 210 -11.85 6.23 -0.26
C SER A 210 -11.67 7.65 0.27
N ASP A 211 -12.76 8.41 0.43
CA ASP A 211 -12.65 9.79 0.89
C ASP A 211 -12.82 9.93 2.40
N VAL A 212 -13.54 9.01 3.03
CA VAL A 212 -13.74 9.03 4.49
C VAL A 212 -13.40 7.65 5.03
N PRO A 213 -13.09 7.55 6.33
CA PRO A 213 -12.73 6.26 6.91
C PRO A 213 -13.81 5.20 6.69
N ILE A 214 -13.39 3.94 6.82
CA ILE A 214 -14.19 2.82 6.36
C ILE A 214 -15.47 2.62 7.15
N ASP A 215 -15.57 3.12 8.39
CA ASP A 215 -16.77 2.89 9.16
C ASP A 215 -17.92 3.83 8.79
N ILE A 216 -17.71 4.75 7.85
CA ILE A 216 -18.77 5.65 7.41
C ILE A 216 -18.77 5.76 5.90
N CYS A 217 -17.73 5.21 5.25
CA CYS A 217 -17.61 5.36 3.81
C CYS A 217 -18.73 4.65 3.06
N GLY A 218 -19.36 3.66 3.67
CA GLY A 218 -20.49 2.98 3.06
C GLY A 218 -21.76 3.09 3.88
N THR A 219 -21.86 4.12 4.72
CA THR A 219 -23.00 4.34 5.59
C THR A 219 -23.45 5.79 5.46
N THR A 220 -24.50 6.14 6.20
CA THR A 220 -25.07 7.48 6.21
C THR A 220 -24.96 8.08 7.60
N CYS A 221 -24.39 9.28 7.68
CA CYS A 221 -24.31 10.03 8.93
C CYS A 221 -25.50 10.99 8.97
N LYS A 222 -26.34 10.83 9.99
CA LYS A 222 -27.53 11.65 10.17
C LYS A 222 -27.32 12.60 11.33
N TYR A 223 -27.81 13.82 11.18
CA TYR A 223 -27.81 14.78 12.27
C TYR A 223 -29.24 15.07 12.71
N PRO A 224 -29.49 15.21 14.01
CA PRO A 224 -30.87 15.44 14.46
C PRO A 224 -31.41 16.77 13.96
N ASP A 225 -32.63 16.73 13.42
CA ASP A 225 -33.32 17.93 12.95
C ASP A 225 -34.03 18.57 14.15
N TYR A 226 -33.23 19.24 14.98
CA TYR A 226 -33.77 19.92 16.15
C TYR A 226 -34.82 20.96 15.77
N LEU A 227 -34.58 21.69 14.67
CA LEU A 227 -35.48 22.76 14.29
C LEU A 227 -36.86 22.23 13.93
N GLN A 228 -36.93 21.07 13.28
CA GLN A 228 -38.22 20.52 12.88
C GLN A 228 -38.95 19.90 14.06
N MET A 229 -38.27 19.03 14.82
CA MET A 229 -38.93 18.32 15.91
C MET A 229 -39.52 19.28 16.93
N ALA A 230 -38.87 20.42 17.16
CA ALA A 230 -39.44 21.43 18.03
C ALA A 230 -40.54 22.23 17.33
N ALA A 231 -40.46 22.36 16.00
CA ALA A 231 -41.49 23.08 15.25
C ALA A 231 -42.67 22.20 14.85
N ASP A 232 -42.67 20.93 15.28
CA ASP A 232 -43.81 20.06 15.05
C ASP A 232 -44.91 20.43 16.04
N PRO A 233 -46.18 20.37 15.62
CA PRO A 233 -47.28 20.88 16.46
C PRO A 233 -47.39 20.21 17.82
N TYR A 234 -47.67 18.90 17.83
CA TYR A 234 -47.91 18.14 19.05
C TYR A 234 -46.63 17.94 19.85
N GLY A 235 -45.48 17.99 19.18
CA GLY A 235 -44.22 17.82 19.88
C GLY A 235 -43.99 16.46 20.49
N ASP A 236 -44.43 15.40 19.80
CA ASP A 236 -44.26 14.03 20.28
C ASP A 236 -42.83 13.53 20.14
N ARG A 237 -41.99 14.21 19.36
CA ARG A 237 -40.61 13.78 19.16
C ARG A 237 -39.65 14.39 20.17
N LEU A 238 -39.94 15.59 20.68
CA LEU A 238 -39.08 16.28 21.63
C LEU A 238 -39.81 16.51 22.94
N PHE A 239 -39.60 15.62 23.91
CA PHE A 239 -39.88 15.99 25.30
C PHE A 239 -38.85 16.99 25.79
N PHE A 240 -37.57 16.69 25.58
CA PHE A 240 -36.44 17.56 25.85
C PHE A 240 -35.23 16.93 25.17
N PHE A 241 -34.13 17.66 25.18
CA PHE A 241 -32.90 17.11 24.60
C PHE A 241 -31.70 17.81 25.22
N LEU A 242 -30.56 17.14 25.15
CA LEU A 242 -29.29 17.68 25.61
C LEU A 242 -28.22 17.35 24.59
N ARG A 243 -27.20 18.19 24.51
CA ARG A 243 -26.17 18.00 23.50
C ARG A 243 -24.86 18.62 23.97
N LYS A 244 -23.76 18.00 23.56
CA LYS A 244 -22.42 18.57 23.74
C LYS A 244 -21.56 18.09 22.57
N GLU A 245 -21.23 19.02 21.67
CA GLU A 245 -20.35 18.75 20.55
C GLU A 245 -19.10 19.61 20.68
N GLN A 246 -17.97 19.06 20.22
CA GLN A 246 -16.75 19.85 20.13
C GLN A 246 -15.76 19.15 19.21
N MET A 247 -15.04 19.95 18.43
CA MET A 247 -14.02 19.44 17.52
C MET A 247 -13.13 20.59 17.09
N PHE A 248 -11.95 20.24 16.59
CA PHE A 248 -11.04 21.20 15.97
C PHE A 248 -10.37 20.55 14.77
N ALA A 249 -9.76 21.38 13.93
CA ALA A 249 -9.07 20.90 12.73
C ALA A 249 -7.67 20.44 13.11
N ARG A 250 -7.40 19.14 12.97
CA ARG A 250 -6.13 18.58 13.37
C ARG A 250 -5.07 18.66 12.26
N HIS A 251 -5.43 18.30 11.03
CA HIS A 251 -4.49 18.34 9.92
C HIS A 251 -5.19 18.89 8.68
N PHE A 252 -4.37 19.23 7.68
CA PHE A 252 -4.85 19.78 6.41
C PHE A 252 -4.22 18.97 5.29
N PHE A 253 -5.06 18.34 4.47
CA PHE A 253 -4.59 17.57 3.32
C PHE A 253 -5.35 18.06 2.09
N ASN A 254 -5.03 17.47 0.94
CA ASN A 254 -5.82 17.67 -0.26
C ASN A 254 -6.05 16.32 -0.94
N ARG A 255 -7.02 16.30 -1.84
CA ARG A 255 -7.43 15.06 -2.49
C ARG A 255 -6.66 14.83 -3.78
N ALA A 256 -6.50 13.56 -4.14
CA ALA A 256 -5.99 13.19 -5.44
C ALA A 256 -7.14 12.95 -6.40
N GLY A 257 -6.87 13.15 -7.68
CA GLY A 257 -7.89 13.03 -8.71
C GLY A 257 -8.20 14.37 -9.35
N GLU A 258 -9.05 14.30 -10.37
CA GLU A 258 -9.41 15.50 -11.14
C GLU A 258 -10.20 16.47 -10.27
N VAL A 259 -9.79 17.74 -10.30
CA VAL A 259 -10.55 18.79 -9.61
C VAL A 259 -11.82 19.05 -10.41
N GLY A 260 -12.97 18.76 -9.81
CA GLY A 260 -14.22 18.83 -10.54
C GLY A 260 -14.60 20.22 -10.99
N GLU A 261 -14.18 21.25 -10.23
CA GLU A 261 -14.50 22.64 -10.55
C GLU A 261 -13.24 23.47 -10.37
N PRO A 262 -12.59 23.86 -11.46
CA PRO A 262 -11.28 24.50 -11.34
C PRO A 262 -11.38 25.95 -10.93
N VAL A 263 -10.29 26.45 -10.37
CA VAL A 263 -10.25 27.84 -9.88
C VAL A 263 -10.21 28.78 -11.09
N PRO A 264 -11.09 29.77 -11.15
CA PRO A 264 -11.07 30.71 -12.29
C PRO A 264 -9.78 31.52 -12.33
N ASP A 265 -9.48 32.04 -13.52
CA ASP A 265 -8.27 32.82 -13.73
C ASP A 265 -8.33 34.17 -13.00
N THR A 266 -9.53 34.66 -12.67
CA THR A 266 -9.65 35.93 -11.97
C THR A 266 -9.01 35.92 -10.59
N LEU A 267 -8.78 34.74 -10.01
CA LEU A 267 -8.26 34.64 -8.65
C LEU A 267 -6.79 34.22 -8.60
N ILE A 268 -6.13 34.06 -9.75
CA ILE A 268 -4.73 33.66 -9.79
C ILE A 268 -4.04 34.39 -10.93
N ILE A 269 -2.72 34.48 -10.84
CA ILE A 269 -1.87 34.90 -11.93
C ILE A 269 -1.09 33.68 -12.36
N LYS A 270 -1.35 33.21 -13.57
CA LYS A 270 -0.83 31.92 -14.01
C LYS A 270 0.69 31.94 -13.98
N GLY A 271 1.28 30.85 -13.49
CA GLY A 271 2.71 30.77 -13.37
C GLY A 271 3.39 30.11 -14.55
N SER A 272 4.68 30.42 -14.67
CA SER A 272 5.58 29.62 -15.50
C SER A 272 6.73 29.18 -14.62
N GLY A 273 7.91 28.96 -15.21
CA GLY A 273 9.08 28.61 -14.40
C GLY A 273 8.87 27.48 -13.43
N ASN A 274 8.09 26.45 -13.83
CA ASN A 274 7.84 25.16 -13.15
C ASN A 274 6.40 25.06 -12.64
N ARG A 275 5.70 26.18 -12.46
CA ARG A 275 4.36 26.16 -11.88
C ARG A 275 3.26 26.34 -12.92
N THR A 276 3.41 25.75 -14.10
CA THR A 276 2.35 25.83 -15.10
C THR A 276 1.15 24.97 -14.71
N SER A 277 1.38 23.83 -14.05
CA SER A 277 0.31 22.92 -13.68
C SER A 277 -0.19 23.27 -12.28
N VAL A 278 -1.46 23.64 -12.18
CA VAL A 278 -2.02 24.09 -10.91
C VAL A 278 -2.18 22.89 -9.97
N GLY A 279 -1.71 23.05 -8.74
CA GLY A 279 -1.93 22.02 -7.74
C GLY A 279 -3.39 21.89 -7.36
N SER A 280 -3.76 20.70 -6.89
CA SER A 280 -5.15 20.42 -6.56
C SER A 280 -5.56 21.13 -5.29
N SER A 281 -6.67 21.85 -5.34
CA SER A 281 -7.22 22.60 -4.22
C SER A 281 -8.50 21.96 -3.66
N ILE A 282 -8.52 20.64 -3.53
CA ILE A 282 -9.65 19.90 -2.97
C ILE A 282 -9.24 19.54 -1.54
N TYR A 283 -9.65 20.34 -0.56
CA TYR A 283 -9.13 20.18 0.79
C TYR A 283 -10.00 19.23 1.61
N VAL A 284 -9.33 18.38 2.38
CA VAL A 284 -9.90 17.50 3.37
C VAL A 284 -9.25 17.97 4.68
N ASN A 285 -9.94 17.70 5.80
CA ASN A 285 -9.51 18.10 7.15
C ASN A 285 -9.87 16.98 8.10
N THR A 286 -8.86 16.45 8.82
CA THR A 286 -9.11 15.48 9.87
C THR A 286 -9.56 16.20 11.14
N PRO A 287 -10.74 15.88 11.67
CA PRO A 287 -11.21 16.47 12.93
C PRO A 287 -10.54 15.77 14.10
N SER A 288 -10.80 16.30 15.30
CA SER A 288 -10.34 15.69 16.54
C SER A 288 -11.26 16.16 17.67
N GLY A 289 -11.71 15.23 18.49
CA GLY A 289 -12.62 15.57 19.57
C GLY A 289 -11.98 16.13 20.82
N SER A 290 -10.66 16.29 20.82
CA SER A 290 -9.92 16.87 21.94
C SER A 290 -10.15 16.08 23.23
N LEU A 291 -9.98 16.74 24.37
CA LEU A 291 -10.11 16.08 25.66
C LEU A 291 -11.55 15.63 25.91
N VAL A 292 -11.69 14.50 26.61
CA VAL A 292 -12.95 14.07 27.20
C VAL A 292 -12.78 14.09 28.71
N SER A 293 -13.78 14.60 29.42
CA SER A 293 -13.67 14.76 30.86
C SER A 293 -14.97 14.37 31.54
N SER A 294 -14.85 14.01 32.82
CA SER A 294 -16.04 13.69 33.61
C SER A 294 -16.93 14.91 33.79
N GLU A 295 -16.31 16.08 33.95
CA GLU A 295 -17.06 17.32 34.11
C GLU A 295 -17.92 17.64 32.89
N ALA A 296 -17.58 17.09 31.73
CA ALA A 296 -18.33 17.31 30.50
C ALA A 296 -19.39 16.25 30.26
N GLN A 297 -19.52 15.29 31.16
CA GLN A 297 -20.47 14.20 30.96
C GLN A 297 -21.90 14.68 31.10
N LEU A 298 -22.78 14.13 30.25
CA LEU A 298 -24.21 14.37 30.38
C LEU A 298 -24.93 13.26 31.14
N PHE A 299 -24.32 12.10 31.27
CA PHE A 299 -25.00 10.91 31.74
C PHE A 299 -24.62 10.60 33.18
N ASN A 300 -25.16 9.49 33.70
CA ASN A 300 -25.00 9.10 35.10
C ASN A 300 -25.52 10.18 36.05
N LYS A 301 -26.54 10.93 35.62
CA LYS A 301 -27.19 11.92 36.44
C LYS A 301 -28.64 12.04 36.02
N PRO A 302 -29.56 12.26 36.95
CA PRO A 302 -30.99 12.22 36.63
C PRO A 302 -31.50 13.53 36.05
N TYR A 303 -32.49 13.41 35.17
CA TYR A 303 -33.22 14.55 34.62
C TYR A 303 -34.69 14.45 35.04
N TRP A 304 -35.22 15.55 35.58
CA TRP A 304 -36.61 15.63 35.99
C TRP A 304 -37.40 16.44 34.96
N LEU A 305 -38.40 15.81 34.35
CA LEU A 305 -39.19 16.43 33.30
C LEU A 305 -40.32 17.25 33.92
N GLN A 306 -39.97 18.47 34.37
CA GLN A 306 -40.98 19.33 34.96
C GLN A 306 -41.87 19.95 33.88
N LYS A 307 -41.29 20.37 32.76
CA LYS A 307 -42.08 20.90 31.65
C LYS A 307 -41.37 20.59 30.34
N ALA A 308 -42.09 19.99 29.41
CA ALA A 308 -41.50 19.63 28.12
C ALA A 308 -41.54 20.83 27.17
N GLN A 309 -40.71 20.77 26.13
CA GLN A 309 -40.64 21.89 25.19
C GLN A 309 -41.90 21.97 24.34
N GLY A 310 -42.39 20.84 23.85
CA GLY A 310 -43.58 20.83 23.01
C GLY A 310 -44.85 20.82 23.84
N HIS A 311 -45.97 20.66 23.14
CA HIS A 311 -47.26 20.61 23.83
C HIS A 311 -47.44 19.32 24.60
N ASN A 312 -46.93 18.21 24.07
CA ASN A 312 -46.98 16.92 24.77
C ASN A 312 -46.03 17.00 25.95
N ASN A 313 -46.58 17.14 27.15
CA ASN A 313 -45.77 17.32 28.36
C ASN A 313 -45.42 15.97 28.98
N GLY A 314 -44.79 15.12 28.18
CA GLY A 314 -44.25 13.86 28.67
C GLY A 314 -45.21 12.70 28.69
N ILE A 315 -46.28 12.75 27.91
CA ILE A 315 -47.26 11.66 27.88
C ILE A 315 -46.79 10.60 26.89
N CYS A 316 -46.73 9.35 27.36
CA CYS A 316 -46.28 8.23 26.53
C CYS A 316 -47.48 7.61 25.84
N TRP A 317 -47.90 8.25 24.75
CA TRP A 317 -49.01 7.74 23.95
C TRP A 317 -48.66 6.38 23.37
N GLY A 318 -49.63 5.47 23.39
CA GLY A 318 -49.41 4.12 22.92
C GLY A 318 -48.62 3.25 23.87
N ASN A 319 -48.40 3.70 25.11
CA ASN A 319 -47.65 2.96 26.11
C ASN A 319 -46.24 2.62 25.62
N GLN A 320 -45.60 3.58 24.96
CA GLN A 320 -44.25 3.42 24.47
C GLN A 320 -43.48 4.71 24.65
N LEU A 321 -42.15 4.61 24.55
CA LEU A 321 -41.28 5.74 24.82
C LEU A 321 -39.96 5.52 24.10
N PHE A 322 -39.44 6.57 23.47
CA PHE A 322 -38.23 6.49 22.68
C PHE A 322 -37.12 7.31 23.33
N VAL A 323 -35.97 6.67 23.55
CA VAL A 323 -34.79 7.32 24.09
C VAL A 323 -33.66 7.16 23.08
N THR A 324 -33.17 8.28 22.57
CA THR A 324 -32.08 8.29 21.60
C THR A 324 -30.83 8.83 22.27
N VAL A 325 -29.72 8.10 22.17
CA VAL A 325 -28.48 8.42 22.87
C VAL A 325 -27.31 8.31 21.91
N VAL A 326 -26.45 9.32 21.93
CA VAL A 326 -25.15 9.27 21.27
C VAL A 326 -24.10 9.64 22.31
N ASP A 327 -23.10 8.77 22.48
CA ASP A 327 -22.06 8.97 23.48
C ASP A 327 -20.74 8.50 22.90
N THR A 328 -19.95 9.43 22.39
CA THR A 328 -18.64 9.13 21.83
C THR A 328 -17.50 9.27 22.84
N THR A 329 -17.82 9.57 24.10
CA THR A 329 -16.80 9.72 25.12
C THR A 329 -16.38 8.40 25.74
N ARG A 330 -16.94 7.29 25.26
CA ARG A 330 -16.55 5.94 25.66
C ARG A 330 -16.35 5.07 24.44
N SER A 331 -15.71 5.61 23.42
CA SER A 331 -15.52 4.94 22.15
C SER A 331 -14.21 4.17 22.05
N THR A 332 -13.55 3.94 23.20
CA THR A 332 -12.29 3.19 23.22
C THR A 332 -12.46 1.83 22.57
N ASN A 333 -11.57 1.51 21.64
CA ASN A 333 -11.57 0.24 20.93
C ASN A 333 -10.52 -0.67 21.57
N MET A 334 -10.96 -1.82 22.06
CA MET A 334 -10.03 -2.75 22.68
C MET A 334 -9.27 -3.52 21.62
N THR A 335 -7.96 -3.69 21.85
CA THR A 335 -7.10 -4.43 20.95
C THR A 335 -6.95 -5.85 21.48
N LEU A 336 -7.32 -6.83 20.67
CA LEU A 336 -7.21 -8.24 21.03
C LEU A 336 -6.13 -8.88 20.17
N CYS A 337 -5.34 -9.77 20.79
CA CYS A 337 -4.22 -10.42 20.12
C CYS A 337 -4.21 -11.89 20.50
N ALA A 338 -4.35 -12.75 19.50
CA ALA A 338 -4.33 -14.19 19.69
C ALA A 338 -3.11 -14.78 19.02
N SER A 339 -2.55 -15.84 19.64
CA SER A 339 -1.35 -16.48 19.13
C SER A 339 -1.74 -17.66 18.24
N VAL A 340 -1.23 -17.67 17.01
CA VAL A 340 -1.47 -18.79 16.11
C VAL A 340 -0.50 -19.92 16.38
N THR A 341 0.76 -19.60 16.64
CA THR A 341 1.79 -20.61 16.91
C THR A 341 2.74 -20.08 17.97
N THR A 342 2.96 -20.86 19.01
CA THR A 342 3.80 -20.46 20.13
C THR A 342 5.22 -20.98 19.93
N SER A 343 6.17 -20.06 19.80
CA SER A 343 7.58 -20.38 19.79
C SER A 343 8.31 -19.47 20.77
N SER A 344 9.60 -19.72 20.97
CA SER A 344 10.38 -18.95 21.91
C SER A 344 10.77 -17.58 21.37
N THR A 345 10.39 -17.26 20.14
CA THR A 345 10.73 -16.00 19.49
C THR A 345 9.47 -15.28 19.03
N TYR A 346 9.51 -13.95 19.06
CA TYR A 346 8.42 -13.16 18.52
C TYR A 346 8.52 -13.10 17.00
N THR A 347 7.42 -13.48 16.33
CA THR A 347 7.30 -13.36 14.89
C THR A 347 5.91 -12.86 14.57
N ASN A 348 5.83 -11.80 13.75
CA ASN A 348 4.55 -11.16 13.47
C ASN A 348 3.53 -12.14 12.89
N SER A 349 3.99 -13.11 12.11
CA SER A 349 3.07 -14.06 11.48
C SER A 349 2.44 -15.03 12.46
N ASP A 350 2.86 -15.04 13.72
CA ASP A 350 2.31 -15.94 14.71
C ASP A 350 1.13 -15.35 15.47
N TYR A 351 0.72 -14.13 15.16
CA TYR A 351 -0.34 -13.47 15.89
C TYR A 351 -1.36 -12.87 14.94
N LYS A 352 -2.62 -12.88 15.38
CA LYS A 352 -3.71 -12.20 14.69
C LYS A 352 -4.25 -11.11 15.60
N GLU A 353 -4.35 -9.90 15.07
CA GLU A 353 -4.81 -8.75 15.84
C GLU A 353 -6.24 -8.41 15.44
N TYR A 354 -7.09 -8.19 16.45
CA TYR A 354 -8.51 -7.97 16.24
C TYR A 354 -8.94 -6.63 16.84
N MET A 355 -10.18 -6.26 16.55
CA MET A 355 -10.78 -5.02 17.04
C MET A 355 -12.11 -5.36 17.71
N ARG A 356 -12.33 -4.78 18.88
CA ARG A 356 -13.56 -5.02 19.63
C ARG A 356 -13.95 -3.75 20.39
N HIS A 357 -15.20 -3.35 20.26
CA HIS A 357 -15.74 -2.20 20.96
C HIS A 357 -16.98 -2.61 21.75
N VAL A 358 -17.25 -1.89 22.83
CA VAL A 358 -18.33 -2.25 23.76
C VAL A 358 -19.13 -1.02 24.16
N GLU A 359 -20.37 -1.27 24.57
CA GLU A 359 -21.28 -0.26 25.09
C GLU A 359 -22.04 -0.87 26.26
N GLU A 360 -22.08 -0.17 27.38
CA GLU A 360 -22.78 -0.65 28.57
C GLU A 360 -23.77 0.42 29.01
N TYR A 361 -25.05 0.06 29.11
CA TYR A 361 -26.11 1.00 29.43
C TYR A 361 -26.94 0.51 30.60
N ASP A 362 -27.55 1.47 31.30
CA ASP A 362 -28.51 1.19 32.38
C ASP A 362 -29.58 2.28 32.31
N LEU A 363 -30.73 1.95 31.74
CA LEU A 363 -31.82 2.89 31.60
C LEU A 363 -32.74 2.77 32.81
N GLN A 364 -32.98 3.91 33.48
CA GLN A 364 -33.90 3.99 34.60
C GLN A 364 -34.93 5.06 34.31
N PHE A 365 -36.19 4.74 34.61
CA PHE A 365 -37.31 5.65 34.33
C PHE A 365 -38.19 5.75 35.56
N ILE A 366 -38.91 6.87 35.65
CA ILE A 366 -39.92 7.07 36.68
C ILE A 366 -41.16 7.65 36.01
N PHE A 367 -42.27 6.92 36.07
CA PHE A 367 -43.49 7.27 35.38
C PHE A 367 -44.56 7.70 36.37
N GLN A 368 -45.43 8.60 35.92
CA GLN A 368 -46.57 9.05 36.71
C GLN A 368 -47.85 8.64 36.01
N LEU A 369 -48.73 7.96 36.74
CA LEU A 369 -50.00 7.52 36.17
C LEU A 369 -50.92 8.72 35.95
N CYS A 370 -51.60 8.73 34.81
CA CYS A 370 -52.51 9.81 34.45
C CYS A 370 -53.80 9.21 33.91
N SER A 371 -54.90 9.91 34.15
CA SER A 371 -56.21 9.52 33.63
C SER A 371 -56.75 10.64 32.74
N ILE A 372 -57.57 10.25 31.77
CA ILE A 372 -58.12 11.17 30.79
C ILE A 372 -59.62 10.94 30.71
N THR A 373 -60.40 11.95 31.13
CA THR A 373 -61.84 11.88 30.98
C THR A 373 -62.19 12.22 29.54
N LEU A 374 -62.82 11.28 28.84
CA LEU A 374 -63.06 11.40 27.40
C LEU A 374 -64.44 12.00 27.17
N SER A 375 -64.49 13.32 27.05
CA SER A 375 -65.70 13.97 26.59
C SER A 375 -65.78 13.89 25.06
N ALA A 376 -66.90 14.36 24.51
CA ALA A 376 -67.05 14.39 23.06
C ALA A 376 -65.97 15.25 22.43
N GLU A 377 -65.59 16.35 23.09
CA GLU A 377 -64.51 17.19 22.58
C GLU A 377 -63.16 16.47 22.67
N VAL A 378 -62.92 15.76 23.77
CA VAL A 378 -61.67 15.05 23.94
C VAL A 378 -61.54 13.93 22.91
N VAL A 379 -62.63 13.18 22.69
CA VAL A 379 -62.61 12.12 21.68
C VAL A 379 -62.32 12.70 20.31
N ALA A 380 -62.88 13.86 20.00
CA ALA A 380 -62.64 14.50 18.71
C ALA A 380 -61.19 14.96 18.60
N TYR A 381 -60.70 15.69 19.62
CA TYR A 381 -59.32 16.16 19.60
C TYR A 381 -58.32 15.03 19.55
N ILE A 382 -58.64 13.88 20.17
CA ILE A 382 -57.71 12.75 20.16
C ILE A 382 -57.78 11.98 18.84
N HIS A 383 -58.93 12.02 18.15
CA HIS A 383 -59.06 11.32 16.88
C HIS A 383 -58.06 11.86 15.86
N THR A 384 -58.08 13.17 15.64
CA THR A 384 -56.94 13.83 15.01
C THR A 384 -55.76 13.77 15.97
N MET A 385 -54.55 13.86 15.41
CA MET A 385 -53.28 13.45 16.00
C MET A 385 -53.08 11.97 15.72
N ASN A 386 -53.67 11.10 16.53
CA ASN A 386 -53.64 9.68 16.21
C ASN A 386 -54.92 9.00 16.70
N PRO A 387 -55.71 8.41 15.80
CA PRO A 387 -56.90 7.68 16.25
C PRO A 387 -56.59 6.34 16.87
N SER A 388 -55.43 5.74 16.58
CA SER A 388 -55.06 4.48 17.21
C SER A 388 -54.91 4.62 18.72
N VAL A 389 -54.71 5.84 19.22
CA VAL A 389 -54.78 6.07 20.65
C VAL A 389 -56.16 5.68 21.17
N LEU A 390 -57.20 6.02 20.41
CA LEU A 390 -58.55 5.58 20.74
C LEU A 390 -58.78 4.13 20.34
N GLU A 391 -58.25 3.71 19.19
CA GLU A 391 -58.48 2.35 18.70
C GLU A 391 -57.87 1.32 19.65
N ASP A 392 -56.67 1.60 20.18
CA ASP A 392 -56.06 0.66 21.11
C ASP A 392 -56.75 0.72 22.48
N TRP A 393 -57.37 1.85 22.80
CA TRP A 393 -58.15 1.96 24.03
C TRP A 393 -59.47 1.20 23.94
N ASN A 394 -59.87 0.76 22.75
CA ASN A 394 -61.18 0.15 22.52
C ASN A 394 -62.29 1.12 22.94
N PHE A 395 -62.21 2.34 22.42
CA PHE A 395 -63.16 3.38 22.79
C PHE A 395 -63.72 4.07 21.55
N PRO A 429 -49.06 -4.41 11.73
CA PRO A 429 -49.74 -3.13 11.55
C PRO A 429 -48.87 -1.92 11.88
N ASP A 430 -48.09 -2.04 12.96
CA ASP A 430 -47.17 -1.00 13.39
C ASP A 430 -46.29 -0.54 12.22
N PRO A 431 -46.37 0.72 11.81
CA PRO A 431 -45.53 1.19 10.71
C PRO A 431 -44.07 1.34 11.09
N TYR A 432 -43.74 1.21 12.37
CA TYR A 432 -42.36 1.29 12.84
C TYR A 432 -41.67 -0.07 12.86
N LYS A 433 -42.36 -1.13 12.46
CA LYS A 433 -41.74 -2.45 12.41
C LYS A 433 -40.80 -2.60 11.23
N ASN A 434 -40.83 -1.66 10.27
CA ASN A 434 -39.80 -1.60 9.25
C ASN A 434 -38.53 -0.96 9.78
N LEU A 435 -38.65 -0.13 10.80
CA LEU A 435 -37.49 0.49 11.42
C LEU A 435 -37.00 -0.40 12.55
N SER A 436 -35.71 -0.30 12.87
CA SER A 436 -35.09 -1.18 13.85
C SER A 436 -34.58 -0.34 15.01
N PHE A 437 -34.95 -0.76 16.23
CA PHE A 437 -34.57 -0.05 17.46
C PHE A 437 -33.99 -1.07 18.42
N TRP A 438 -33.40 -0.57 19.50
CA TRP A 438 -32.95 -1.43 20.59
C TRP A 438 -34.14 -1.60 21.52
N GLU A 439 -34.84 -2.73 21.37
CA GLU A 439 -36.08 -2.93 22.12
C GLU A 439 -35.78 -3.16 23.59
N VAL A 440 -36.48 -2.43 24.45
CA VAL A 440 -36.34 -2.55 25.90
C VAL A 440 -37.74 -2.83 26.44
N ASN A 441 -37.94 -4.04 26.94
CA ASN A 441 -39.25 -4.47 27.42
C ASN A 441 -39.32 -4.19 28.92
N LEU A 442 -40.02 -3.13 29.29
CA LEU A 442 -40.20 -2.78 30.68
C LEU A 442 -41.53 -3.24 31.26
N LYS A 443 -42.33 -3.97 30.49
CA LYS A 443 -43.42 -4.70 31.11
C LYS A 443 -42.86 -5.75 32.05
N GLU A 444 -43.58 -6.01 33.14
CA GLU A 444 -43.16 -6.87 34.24
C GLU A 444 -41.95 -6.31 34.97
N LYS A 445 -41.51 -5.09 34.64
CA LYS A 445 -40.41 -4.43 35.32
C LYS A 445 -40.85 -3.22 36.13
N PHE A 446 -42.10 -2.80 36.01
CA PHE A 446 -42.61 -1.71 36.82
C PHE A 446 -42.71 -2.10 38.29
N SER A 447 -42.29 -1.19 39.16
CA SER A 447 -42.39 -1.39 40.60
C SER A 447 -42.88 -0.11 41.25
N SER A 448 -43.77 -0.25 42.23
CA SER A 448 -44.31 0.89 42.96
C SER A 448 -43.48 1.24 44.18
N GLU A 449 -42.51 0.41 44.55
CA GLU A 449 -41.65 0.64 45.71
C GLU A 449 -40.44 1.45 45.26
N LEU A 450 -40.64 2.78 45.22
CA LEU A 450 -39.64 3.68 44.67
C LEU A 450 -38.31 3.60 45.42
N ASP A 451 -38.36 3.56 46.75
CA ASP A 451 -37.14 3.70 47.55
C ASP A 451 -36.19 2.53 47.41
N GLN A 452 -36.56 1.47 46.69
CA GLN A 452 -35.69 0.31 46.52
C GLN A 452 -34.68 0.47 45.40
N TYR A 453 -34.64 1.62 44.72
CA TYR A 453 -33.86 1.76 43.51
C TYR A 453 -33.13 3.10 43.51
N PRO A 454 -31.98 3.19 42.82
CA PRO A 454 -31.19 4.43 42.81
C PRO A 454 -31.99 5.64 42.38
N LEU A 455 -32.54 5.61 41.15
CA LEU A 455 -33.29 6.75 40.65
C LEU A 455 -34.54 6.98 41.49
N GLY A 456 -35.17 5.91 41.98
CA GLY A 456 -36.30 6.07 42.88
C GLY A 456 -35.94 6.80 44.15
N ARG A 457 -34.79 6.47 44.75
CA ARG A 457 -34.34 7.19 45.94
C ARG A 457 -34.15 8.68 45.65
N LYS A 458 -33.52 8.99 44.52
CA LYS A 458 -33.28 10.39 44.17
C LYS A 458 -34.61 11.12 43.93
N PHE A 459 -35.59 10.42 43.36
CA PHE A 459 -36.86 11.07 43.05
C PHE A 459 -37.62 11.46 44.32
N LEU A 460 -37.55 10.63 45.36
CA LEU A 460 -38.20 10.97 46.61
C LEU A 460 -37.58 12.23 47.22
N LEU A 461 -36.26 12.26 47.28
CA LEU A 461 -35.50 13.37 47.87
C LEU A 461 -35.38 14.58 46.96
N GLN A 462 -36.08 14.62 45.82
CA GLN A 462 -35.90 15.71 44.85
C GLN A 462 -37.21 15.93 44.11
N SER A 463 -37.27 17.07 43.41
CA SER A 463 -38.43 17.46 42.61
C SER A 463 -39.65 17.71 43.49
N LYS B 15 -32.67 66.63 22.93
CA LYS B 15 -32.98 66.81 21.51
C LYS B 15 -33.48 65.50 20.91
N VAL B 16 -32.69 64.44 21.05
CA VAL B 16 -33.10 63.09 20.69
C VAL B 16 -33.51 62.37 21.97
N VAL B 17 -34.71 61.77 21.94
CA VAL B 17 -35.25 61.09 23.11
C VAL B 17 -35.46 59.62 22.79
N ALA B 18 -35.53 58.81 23.83
CA ALA B 18 -35.85 57.40 23.67
C ALA B 18 -37.28 57.25 23.14
N THR B 19 -37.50 56.18 22.38
CA THR B 19 -38.84 55.90 21.86
C THR B 19 -39.85 55.69 22.98
N ASP B 20 -39.40 55.41 24.20
CA ASP B 20 -40.32 55.25 25.32
C ASP B 20 -41.13 56.51 25.58
N ALA B 21 -40.63 57.68 25.17
CA ALA B 21 -41.31 58.93 25.45
C ALA B 21 -42.54 59.13 24.57
N TYR B 22 -42.46 58.75 23.30
CA TYR B 22 -43.53 59.05 22.35
C TYR B 22 -44.07 57.82 21.61
N VAL B 23 -43.72 56.62 22.03
CA VAL B 23 -44.23 55.39 21.42
C VAL B 23 -44.90 54.58 22.53
N THR B 24 -46.22 54.49 22.47
CA THR B 24 -46.99 53.82 23.50
C THR B 24 -47.12 52.32 23.20
N ARG B 25 -46.94 51.52 24.23
CA ARG B 25 -46.97 50.07 24.10
C ARG B 25 -48.39 49.54 24.28
N THR B 26 -48.67 48.43 23.62
CA THR B 26 -49.93 47.73 23.73
C THR B 26 -49.72 46.36 24.36
N ASN B 27 -50.80 45.58 24.43
CA ASN B 27 -50.75 44.21 24.90
C ASN B 27 -50.73 43.21 23.75
N ILE B 28 -50.66 43.69 22.51
CA ILE B 28 -50.78 42.86 21.33
C ILE B 28 -49.40 42.34 20.93
N PHE B 29 -49.22 41.03 21.01
CA PHE B 29 -47.99 40.38 20.61
C PHE B 29 -48.27 39.41 19.46
N TYR B 30 -47.28 39.25 18.59
CA TYR B 30 -47.41 38.40 17.40
C TYR B 30 -46.16 37.57 17.21
N HIS B 31 -46.34 36.38 16.63
CA HIS B 31 -45.25 35.49 16.26
C HIS B 31 -45.08 35.48 14.75
N ALA B 32 -43.84 35.31 14.31
CA ALA B 32 -43.52 35.18 12.89
C ALA B 32 -42.28 34.32 12.75
N SER B 33 -42.31 33.36 11.85
CA SER B 33 -41.21 32.44 11.63
C SER B 33 -40.89 32.36 10.14
N SER B 34 -39.60 32.38 9.82
CA SER B 34 -39.14 32.28 8.44
C SER B 34 -39.19 30.85 7.90
N SER B 35 -39.42 29.86 8.77
CA SER B 35 -39.31 28.44 8.41
C SER B 35 -37.89 28.12 7.97
N ARG B 36 -37.69 26.93 7.42
CA ARG B 36 -36.34 26.51 7.05
C ARG B 36 -35.83 27.32 5.86
N LEU B 37 -34.62 27.85 6.00
CA LEU B 37 -33.95 28.61 4.95
C LEU B 37 -32.67 27.89 4.57
N LEU B 38 -32.47 27.66 3.28
CA LEU B 38 -31.32 26.89 2.80
C LEU B 38 -30.61 27.63 1.67
N ALA B 39 -29.27 27.66 1.77
CA ALA B 39 -28.41 28.14 0.69
C ALA B 39 -27.25 27.15 0.54
N VAL B 40 -27.01 26.72 -0.70
CA VAL B 40 -26.02 25.70 -1.00
C VAL B 40 -25.14 26.19 -2.15
N GLY B 41 -23.83 26.03 -1.99
CA GLY B 41 -22.93 26.42 -3.05
C GLY B 41 -21.52 25.95 -2.79
N HIS B 42 -20.56 26.68 -3.40
CA HIS B 42 -19.12 26.43 -3.37
C HIS B 42 -18.49 27.31 -2.29
N PRO B 43 -17.69 26.74 -1.38
CA PRO B 43 -17.15 27.56 -0.28
C PRO B 43 -16.11 28.59 -0.71
N TYR B 44 -15.59 28.52 -1.93
CA TYR B 44 -14.49 29.39 -2.33
C TYR B 44 -14.88 30.44 -3.37
N PHE B 45 -15.72 30.11 -4.34
CA PHE B 45 -16.05 31.05 -5.40
C PHE B 45 -17.33 30.62 -6.10
N SER B 46 -18.03 31.60 -6.66
CA SER B 46 -19.23 31.33 -7.46
C SER B 46 -18.84 30.74 -8.81
N ILE B 47 -19.73 29.92 -9.36
CA ILE B 47 -19.49 29.20 -10.61
C ILE B 47 -20.49 29.73 -11.65
N LYS B 48 -19.98 30.41 -12.67
CA LYS B 48 -20.81 30.95 -13.74
C LYS B 48 -20.19 30.58 -15.08
N ARG B 49 -21.00 30.02 -15.97
CA ARG B 49 -20.55 29.57 -17.28
C ARG B 49 -21.64 29.82 -18.31
N ALA B 50 -21.37 30.72 -19.27
CA ALA B 50 -20.17 31.55 -19.28
C ALA B 50 -20.59 32.99 -19.10
N ASN B 51 -21.82 33.18 -18.64
CA ASN B 51 -22.43 34.50 -18.57
C ASN B 51 -23.02 34.76 -17.19
N LYS B 52 -23.85 33.83 -16.71
CA LYS B 52 -24.54 34.03 -15.44
C LYS B 52 -24.26 32.88 -14.49
N THR B 53 -24.52 33.14 -13.20
CA THR B 53 -24.12 32.23 -12.13
C THR B 53 -24.93 30.94 -12.16
N VAL B 54 -24.24 29.81 -12.09
CA VAL B 54 -24.87 28.51 -11.95
C VAL B 54 -24.86 28.03 -10.51
N VAL B 55 -23.74 28.24 -9.80
CA VAL B 55 -23.59 27.83 -8.42
C VAL B 55 -23.11 29.04 -7.62
N PRO B 56 -23.84 29.47 -6.59
CA PRO B 56 -23.42 30.64 -5.82
C PRO B 56 -22.30 30.32 -4.86
N LYS B 57 -21.56 31.35 -4.46
CA LYS B 57 -20.55 31.22 -3.43
C LYS B 57 -21.24 31.21 -2.07
N VAL B 58 -21.21 30.07 -1.38
CA VAL B 58 -21.83 29.90 -0.07
C VAL B 58 -20.74 29.41 0.87
N SER B 59 -20.31 30.27 1.80
CA SER B 59 -19.22 29.96 2.69
C SER B 59 -19.60 30.35 4.11
N GLY B 60 -19.05 29.61 5.07
CA GLY B 60 -19.29 29.91 6.48
C GLY B 60 -18.72 31.23 6.95
N TYR B 61 -17.83 31.84 6.16
CA TYR B 61 -17.19 33.11 6.51
C TYR B 61 -17.84 34.30 5.81
N GLN B 62 -19.07 34.13 5.33
CA GLN B 62 -19.83 35.20 4.71
C GLN B 62 -20.80 35.80 5.73
N TYR B 63 -21.05 37.10 5.60
CA TYR B 63 -22.13 37.70 6.36
C TYR B 63 -23.47 37.24 5.83
N ARG B 64 -24.39 36.95 6.75
CA ARG B 64 -25.78 36.65 6.41
C ARG B 64 -26.62 37.82 6.93
N VAL B 65 -27.04 38.69 6.03
CA VAL B 65 -27.77 39.90 6.37
C VAL B 65 -29.19 39.74 5.83
N PHE B 66 -30.14 39.49 6.74
CA PHE B 66 -31.52 39.27 6.37
C PHE B 66 -32.30 40.58 6.42
N LYS B 67 -33.01 40.88 5.33
CA LYS B 67 -33.94 42.00 5.29
C LYS B 67 -35.32 41.44 5.58
N VAL B 68 -35.75 41.56 6.83
CA VAL B 68 -37.01 40.99 7.28
C VAL B 68 -38.11 42.00 7.01
N VAL B 69 -39.03 41.66 6.11
CA VAL B 69 -40.13 42.54 5.74
C VAL B 69 -41.34 42.20 6.58
N LEU B 70 -41.89 43.20 7.27
CA LEU B 70 -43.04 43.03 8.12
C LEU B 70 -44.29 43.60 7.47
N PRO B 71 -45.47 43.04 7.76
CA PRO B 71 -46.70 43.64 7.24
C PRO B 71 -46.98 44.98 7.90
N ASP B 72 -47.52 45.89 7.13
CA ASP B 72 -47.90 47.20 7.64
C ASP B 72 -49.05 47.06 8.63
N PRO B 73 -48.85 47.35 9.91
CA PRO B 73 -49.97 47.25 10.88
C PRO B 73 -51.06 48.27 10.63
N ASN B 74 -50.75 49.36 9.92
CA ASN B 74 -51.77 50.36 9.61
C ASN B 74 -52.73 49.89 8.51
N LYS B 75 -52.32 48.91 7.71
CA LYS B 75 -53.21 48.25 6.75
C LYS B 75 -53.46 46.80 7.10
N PHE B 76 -53.13 46.38 8.31
CA PHE B 76 -53.27 45.00 8.73
C PHE B 76 -54.70 44.73 9.19
N ALA B 77 -55.16 43.50 8.94
CA ALA B 77 -56.51 43.07 9.32
C ALA B 77 -56.53 42.65 10.79
N LEU B 78 -56.37 43.65 11.66
CA LEU B 78 -56.43 43.41 13.08
C LEU B 78 -57.86 43.02 13.49
N PRO B 79 -58.01 42.26 14.57
CA PRO B 79 -59.36 41.83 14.97
C PRO B 79 -60.28 42.99 15.30
N ASP B 80 -59.78 43.99 16.04
CA ASP B 80 -60.56 45.17 16.38
C ASP B 80 -59.75 46.41 16.03
N SER B 81 -60.38 47.33 15.29
CA SER B 81 -59.77 48.63 15.02
C SER B 81 -59.95 49.61 16.18
N SER B 82 -60.55 49.17 17.29
CA SER B 82 -60.77 50.03 18.44
C SER B 82 -59.48 50.35 19.20
N LEU B 83 -58.37 49.68 18.88
CA LEU B 83 -57.11 49.94 19.58
C LEU B 83 -56.68 51.39 19.40
N PHE B 84 -56.76 51.89 18.16
CA PHE B 84 -56.21 53.20 17.83
C PHE B 84 -57.19 53.95 16.94
N ASP B 85 -57.14 55.27 17.03
CA ASP B 85 -57.85 56.14 16.09
C ASP B 85 -56.96 56.40 14.89
N PRO B 86 -57.36 56.02 13.67
CA PRO B 86 -56.50 56.26 12.51
C PRO B 86 -56.06 57.72 12.37
N THR B 87 -56.92 58.65 12.74
CA THR B 87 -56.54 60.07 12.80
C THR B 87 -55.83 60.33 14.12
N THR B 88 -54.58 60.82 14.03
CA THR B 88 -53.67 61.23 15.09
C THR B 88 -52.90 60.05 15.68
N GLN B 89 -53.23 58.81 15.32
CA GLN B 89 -52.47 57.65 15.79
C GLN B 89 -52.10 56.76 14.61
N ARG B 90 -50.89 56.23 14.65
CA ARG B 90 -50.38 55.31 13.63
C ARG B 90 -49.73 54.13 14.34
N LEU B 91 -49.65 53.01 13.63
CA LEU B 91 -49.16 51.76 14.20
C LEU B 91 -47.77 51.42 13.67
N VAL B 92 -47.01 50.70 14.50
CA VAL B 92 -45.67 50.25 14.14
C VAL B 92 -45.33 49.05 15.01
N TRP B 93 -44.56 48.12 14.46
CA TRP B 93 -44.15 46.92 15.17
C TRP B 93 -42.91 47.19 16.01
N ALA B 94 -42.86 46.58 17.19
CA ALA B 94 -41.70 46.66 18.07
C ALA B 94 -41.19 45.25 18.33
N CYS B 95 -39.88 45.07 18.20
CA CYS B 95 -39.28 43.76 18.39
C CYS B 95 -38.99 43.51 19.86
N THR B 96 -39.50 42.38 20.39
CA THR B 96 -39.28 42.01 21.77
C THR B 96 -38.65 40.63 21.94
N GLY B 97 -38.63 39.80 20.91
CA GLY B 97 -38.11 38.45 21.03
C GLY B 97 -37.50 38.00 19.72
N LEU B 98 -36.44 37.20 19.84
CA LEU B 98 -35.68 36.78 18.67
C LEU B 98 -34.98 35.46 18.99
N GLU B 99 -35.03 34.53 18.03
CA GLU B 99 -34.26 33.28 18.13
C GLU B 99 -33.73 32.95 16.74
N VAL B 100 -32.41 32.97 16.59
CA VAL B 100 -31.74 32.64 15.34
C VAL B 100 -31.42 31.15 15.33
N GLY B 101 -32.17 30.38 14.55
CA GLY B 101 -31.99 28.94 14.51
C GLY B 101 -30.93 28.54 13.50
N ARG B 102 -29.99 27.71 13.95
CA ARG B 102 -28.94 27.15 13.10
C ARG B 102 -29.14 25.65 12.99
N GLY B 103 -29.07 25.11 11.78
CA GLY B 103 -29.51 23.75 11.54
C GLY B 103 -28.52 22.76 10.97
N GLN B 104 -27.23 22.95 11.21
CA GLN B 104 -26.20 22.04 10.73
C GLN B 104 -25.30 21.58 11.87
N PRO B 105 -24.61 20.47 11.71
CA PRO B 105 -23.67 20.04 12.76
C PRO B 105 -22.51 21.02 12.88
N LEU B 106 -22.03 21.17 14.12
CA LEU B 106 -20.85 21.98 14.34
C LEU B 106 -19.64 21.38 13.64
N GLY B 107 -18.80 22.23 13.08
CA GLY B 107 -17.61 21.76 12.38
C GLY B 107 -16.87 22.94 11.78
N VAL B 108 -15.66 22.64 11.32
CA VAL B 108 -14.76 23.66 10.77
C VAL B 108 -14.39 23.27 9.35
N GLY B 109 -14.49 24.24 8.43
CA GLY B 109 -13.98 24.06 7.10
C GLY B 109 -12.70 24.86 6.91
N VAL B 110 -11.92 24.54 5.87
CA VAL B 110 -10.66 25.22 5.63
C VAL B 110 -10.66 25.80 4.23
N SER B 111 -9.79 26.79 4.03
CA SER B 111 -9.60 27.43 2.73
C SER B 111 -8.11 27.45 2.41
N GLY B 112 -7.81 27.58 1.13
CA GLY B 112 -6.42 27.56 0.71
C GLY B 112 -6.21 28.28 -0.60
N HIS B 113 -5.03 28.09 -1.15
CA HIS B 113 -4.62 28.73 -2.40
C HIS B 113 -3.58 27.85 -3.10
N PRO B 114 -3.85 27.38 -4.31
CA PRO B 114 -2.86 26.55 -5.02
C PRO B 114 -1.54 27.29 -5.26
N PHE B 115 -1.54 28.62 -5.24
CA PHE B 115 -0.32 29.42 -5.39
C PHE B 115 -0.26 30.49 -4.31
N LEU B 116 -0.24 30.06 -3.05
CA LEU B 116 -0.05 31.01 -1.96
C LEU B 116 1.40 31.46 -1.92
N ASN B 117 1.62 32.77 -1.77
CA ASN B 117 2.95 33.34 -1.79
C ASN B 117 3.66 33.07 -0.45
N LYS B 118 4.01 31.81 -0.25
CA LYS B 118 4.80 31.36 0.89
C LYS B 118 6.20 31.02 0.43
N TYR B 119 7.20 31.38 1.25
CA TYR B 119 8.58 31.09 0.90
C TYR B 119 9.17 30.07 1.86
N ASP B 120 9.58 30.53 3.05
CA ASP B 120 10.18 29.67 4.05
C ASP B 120 9.24 29.50 5.24
N ASP B 121 9.37 28.37 5.92
CA ASP B 121 8.79 28.23 7.25
C ASP B 121 9.71 28.96 8.21
N VAL B 122 9.23 30.08 8.75
CA VAL B 122 10.11 31.02 9.46
C VAL B 122 10.33 30.63 10.91
N GLU B 123 9.70 29.55 11.38
CA GLU B 123 9.74 29.20 12.80
C GLU B 123 11.14 28.81 13.26
N ASN B 124 11.90 28.05 12.44
CA ASN B 124 13.27 27.70 12.82
C ASN B 124 14.16 27.34 11.63
N SER B 125 14.11 28.10 10.53
CA SER B 125 14.99 27.75 9.42
C SER B 125 15.28 28.96 8.54
N GLY B 126 16.54 29.08 8.16
CA GLY B 126 17.01 30.08 7.23
C GLY B 126 18.44 29.77 6.86
N SER B 127 18.87 30.30 5.72
CA SER B 127 20.22 30.08 5.22
C SER B 127 20.56 30.89 3.97
N GLY B 128 19.87 30.70 2.83
CA GLY B 128 18.66 29.91 2.62
C GLY B 128 18.38 29.71 1.15
N GLY B 129 19.33 30.13 0.31
CA GLY B 129 19.07 30.20 -1.12
C GLY B 129 18.19 31.39 -1.42
N ASN B 130 18.47 32.11 -2.50
CA ASN B 130 17.68 33.30 -2.77
C ASN B 130 16.36 32.92 -3.45
N PRO B 131 15.36 33.80 -3.37
CA PRO B 131 14.09 33.52 -4.05
C PRO B 131 14.29 33.45 -5.55
N GLY B 132 13.49 32.63 -6.21
CA GLY B 132 13.65 32.52 -7.65
C GLY B 132 12.63 33.37 -8.37
N GLN B 133 11.96 32.81 -9.37
CA GLN B 133 10.95 33.55 -10.12
C GLN B 133 9.54 33.22 -9.66
N ASP B 134 9.27 31.94 -9.38
CA ASP B 134 7.98 31.52 -8.87
C ASP B 134 8.22 30.49 -7.78
N ASN B 135 7.77 30.79 -6.57
CA ASN B 135 7.96 29.91 -5.42
C ASN B 135 6.65 29.68 -4.67
N ARG B 136 5.53 29.99 -5.29
CA ARG B 136 4.23 29.88 -4.63
C ARG B 136 3.90 28.43 -4.32
N VAL B 137 3.28 28.20 -3.17
CA VAL B 137 3.03 26.87 -2.66
C VAL B 137 1.52 26.66 -2.55
N ASN B 138 1.11 25.39 -2.54
CA ASN B 138 -0.30 25.01 -2.40
C ASN B 138 -0.53 24.70 -0.92
N VAL B 139 -1.08 25.68 -0.20
CA VAL B 139 -1.23 25.60 1.26
C VAL B 139 -2.65 26.00 1.63
N GLY B 140 -3.22 25.29 2.61
CA GLY B 140 -4.53 25.61 3.12
C GLY B 140 -4.49 25.74 4.63
N MET B 141 -5.53 26.39 5.17
CA MET B 141 -5.54 26.75 6.58
C MET B 141 -6.97 26.92 7.05
N ASP B 142 -7.16 26.85 8.36
CA ASP B 142 -8.45 27.10 9.00
C ASP B 142 -8.47 28.53 9.52
N TYR B 143 -9.59 29.21 9.31
CA TYR B 143 -9.66 30.64 9.61
C TYR B 143 -9.96 30.89 11.08
N LYS B 144 -9.91 32.17 11.44
CA LYS B 144 -10.32 32.62 12.76
C LYS B 144 -11.81 32.36 12.97
N GLN B 145 -12.16 31.95 14.18
CA GLN B 145 -13.55 31.63 14.53
C GLN B 145 -14.30 32.91 14.91
N THR B 146 -15.52 33.07 14.39
CA THR B 146 -16.30 34.28 14.60
C THR B 146 -17.78 33.94 14.74
N GLN B 147 -18.41 34.47 15.80
CA GLN B 147 -19.85 34.44 15.97
C GLN B 147 -20.35 35.84 16.26
N LEU B 148 -21.45 36.24 15.63
CA LEU B 148 -22.04 37.54 15.91
C LEU B 148 -23.46 37.60 15.36
N CYS B 149 -24.27 38.44 15.98
CA CYS B 149 -25.63 38.70 15.50
C CYS B 149 -26.01 40.13 15.88
N MET B 150 -26.68 40.82 14.96
CA MET B 150 -27.13 42.18 15.19
C MET B 150 -28.57 42.34 14.71
N VAL B 151 -29.29 43.25 15.35
CA VAL B 151 -30.66 43.59 14.98
C VAL B 151 -30.81 45.10 14.94
N GLY B 152 -31.51 45.59 13.91
CA GLY B 152 -31.87 46.99 13.83
C GLY B 152 -32.90 47.17 12.74
N CYS B 153 -33.41 48.39 12.62
CA CYS B 153 -34.33 48.75 11.55
C CYS B 153 -33.62 49.37 10.36
N ALA B 154 -32.30 49.48 10.43
CA ALA B 154 -31.44 49.94 9.34
C ALA B 154 -30.25 49.00 9.23
N PRO B 155 -29.73 48.80 8.03
CA PRO B 155 -28.66 47.82 7.86
C PRO B 155 -27.39 48.26 8.60
N PRO B 156 -26.59 47.31 9.05
CA PRO B 156 -25.40 47.66 9.84
C PRO B 156 -24.29 48.23 8.98
N LEU B 157 -23.35 48.89 9.66
CA LEU B 157 -22.18 49.46 9.01
C LEU B 157 -20.96 48.57 9.25
N GLY B 158 -20.19 48.32 8.19
CA GLY B 158 -18.93 47.65 8.33
C GLY B 158 -17.77 48.59 8.08
N GLU B 159 -16.58 48.22 8.54
CA GLU B 159 -15.38 48.98 8.28
C GLU B 159 -14.32 48.08 7.67
N HIS B 160 -13.51 48.64 6.79
CA HIS B 160 -12.41 47.90 6.17
C HIS B 160 -11.39 48.90 5.65
N TRP B 161 -10.17 48.41 5.45
CA TRP B 161 -9.10 49.23 4.89
C TRP B 161 -9.04 49.07 3.38
N GLY B 162 -9.00 50.20 2.67
CA GLY B 162 -8.88 50.20 1.24
C GLY B 162 -7.74 51.08 0.79
N LYS B 163 -7.51 51.09 -0.53
CA LYS B 163 -6.45 51.91 -1.09
C LYS B 163 -6.82 53.38 -1.00
N GLY B 164 -6.21 54.09 -0.07
CA GLY B 164 -6.43 55.51 0.04
C GLY B 164 -5.72 56.30 -1.04
N LYS B 165 -6.21 57.50 -1.28
CA LYS B 165 -5.63 58.37 -2.29
C LYS B 165 -4.25 58.84 -1.85
N GLN B 166 -3.44 59.24 -2.85
CA GLN B 166 -2.19 59.92 -2.56
C GLN B 166 -2.39 61.35 -2.07
N CYS B 167 -3.64 61.82 -1.98
CA CYS B 167 -3.98 63.22 -1.71
C CYS B 167 -3.53 64.16 -2.83
N ALA B 174 7.20 54.66 -8.70
CA ALA B 174 6.25 53.92 -9.54
C ALA B 174 5.27 53.13 -8.69
N GLY B 175 5.62 51.88 -8.40
CA GLY B 175 4.76 51.01 -7.63
C GLY B 175 5.13 50.94 -6.16
N ASP B 176 5.04 52.07 -5.46
CA ASP B 176 5.35 52.11 -4.04
C ASP B 176 4.20 51.52 -3.22
N CYS B 177 4.29 51.67 -1.90
CA CYS B 177 3.24 51.18 -1.02
C CYS B 177 1.98 52.03 -1.19
N PRO B 178 0.80 51.41 -1.15
CA PRO B 178 -0.43 52.18 -1.31
C PRO B 178 -0.81 52.89 -0.02
N PRO B 179 -1.38 54.10 -0.12
CA PRO B 179 -1.90 54.77 1.09
C PRO B 179 -3.13 54.05 1.62
N LEU B 180 -3.25 54.00 2.93
CA LEU B 180 -4.31 53.27 3.59
C LEU B 180 -5.42 54.19 4.07
N GLU B 181 -6.67 53.74 3.92
CA GLU B 181 -7.84 54.46 4.40
C GLU B 181 -8.86 53.46 4.92
N LEU B 182 -9.47 53.79 6.05
CA LEU B 182 -10.47 52.94 6.67
C LEU B 182 -11.84 53.38 6.14
N ILE B 183 -12.47 52.51 5.35
CA ILE B 183 -13.75 52.81 4.71
C ILE B 183 -14.87 52.20 5.53
N THR B 184 -15.92 52.98 5.77
CA THR B 184 -17.16 52.47 6.34
C THR B 184 -18.20 52.31 5.24
N SER B 185 -18.97 51.23 5.31
CA SER B 185 -19.94 50.91 4.27
C SER B 185 -21.03 50.03 4.89
N VAL B 186 -22.07 49.77 4.09
CA VAL B 186 -23.16 48.91 4.53
C VAL B 186 -22.78 47.46 4.29
N ILE B 187 -23.00 46.62 5.30
CA ILE B 187 -22.71 45.19 5.18
C ILE B 187 -23.84 44.53 4.42
N GLN B 188 -23.52 43.93 3.28
CA GLN B 188 -24.47 43.23 2.44
C GLN B 188 -24.38 41.72 2.68
N ASP B 189 -25.47 41.03 2.35
CA ASP B 189 -25.45 39.58 2.40
C ASP B 189 -24.46 39.05 1.37
N GLY B 190 -23.53 38.22 1.84
CA GLY B 190 -22.46 37.72 0.99
C GLY B 190 -21.13 38.39 1.22
N ASP B 191 -21.09 39.52 1.94
CA ASP B 191 -19.82 40.13 2.27
C ASP B 191 -18.99 39.20 3.14
N MET B 192 -17.68 39.30 3.00
CA MET B 192 -16.76 38.40 3.70
C MET B 192 -16.41 38.97 5.06
N VAL B 193 -16.29 38.07 6.05
CA VAL B 193 -15.87 38.47 7.38
C VAL B 193 -14.35 38.43 7.45
N ASP B 194 -13.80 39.12 8.44
CA ASP B 194 -12.36 39.04 8.68
C ASP B 194 -12.00 37.63 9.11
N THR B 195 -10.85 37.15 8.64
CA THR B 195 -10.45 35.77 8.82
C THR B 195 -9.14 35.61 9.59
N GLY B 196 -8.54 36.70 10.04
CA GLY B 196 -7.22 36.67 10.64
C GLY B 196 -6.17 37.42 9.87
N PHE B 197 -6.49 37.93 8.67
CA PHE B 197 -5.57 38.73 7.87
C PHE B 197 -5.94 40.20 7.86
N GLY B 198 -6.93 40.59 8.65
CA GLY B 198 -7.35 41.98 8.75
C GLY B 198 -8.62 42.25 7.96
N ALA B 199 -9.20 43.42 8.23
CA ALA B 199 -10.38 43.90 7.54
C ALA B 199 -9.92 44.88 6.46
N MET B 200 -9.63 44.35 5.28
CA MET B 200 -9.06 45.15 4.20
C MET B 200 -9.61 44.69 2.86
N ASN B 201 -9.30 45.49 1.83
CA ASN B 201 -9.74 45.23 0.46
C ASN B 201 -8.60 44.53 -0.27
N PHE B 202 -8.60 43.20 -0.22
CA PHE B 202 -7.54 42.42 -0.84
C PHE B 202 -7.49 42.57 -2.36
N ALA B 203 -8.61 42.96 -2.98
CA ALA B 203 -8.62 43.17 -4.42
C ALA B 203 -7.73 44.34 -4.83
N ASP B 204 -7.58 45.33 -3.96
CA ASP B 204 -6.81 46.54 -4.26
C ASP B 204 -5.43 46.56 -3.61
N LEU B 205 -5.33 46.14 -2.35
CA LEU B 205 -4.12 46.27 -1.57
C LEU B 205 -3.16 45.09 -1.74
N GLN B 206 -3.64 43.97 -2.28
CA GLN B 206 -2.82 42.80 -2.58
C GLN B 206 -3.04 42.46 -4.05
N THR B 207 -2.23 43.07 -4.92
CA THR B 207 -2.47 43.01 -6.35
C THR B 207 -2.06 41.68 -6.98
N ASN B 208 -1.20 40.91 -6.31
CA ASN B 208 -0.72 39.66 -6.90
C ASN B 208 -1.71 38.52 -6.76
N LYS B 209 -2.82 38.73 -6.07
CA LYS B 209 -3.89 37.73 -5.89
C LYS B 209 -3.41 36.45 -5.23
N SER B 210 -2.20 36.44 -4.67
CA SER B 210 -1.58 35.22 -4.17
C SER B 210 -1.11 35.33 -2.72
N ASP B 211 -1.53 36.38 -2.00
CA ASP B 211 -1.09 36.55 -0.61
C ASP B 211 -2.06 35.97 0.40
N VAL B 212 -3.33 35.86 0.05
CA VAL B 212 -4.33 35.27 0.94
C VAL B 212 -5.10 34.22 0.15
N PRO B 213 -5.74 33.27 0.83
CA PRO B 213 -6.45 32.20 0.12
C PRO B 213 -7.47 32.73 -0.87
N ILE B 214 -7.85 31.87 -1.81
CA ILE B 214 -8.58 32.31 -3.00
C ILE B 214 -9.98 32.82 -2.68
N ASP B 215 -10.56 32.44 -1.55
CA ASP B 215 -11.93 32.84 -1.24
C ASP B 215 -12.04 34.26 -0.70
N ILE B 216 -10.92 34.98 -0.52
CA ILE B 216 -10.97 36.36 -0.05
C ILE B 216 -9.99 37.23 -0.84
N CYS B 217 -9.14 36.59 -1.66
CA CYS B 217 -8.09 37.32 -2.36
C CYS B 217 -8.64 38.30 -3.39
N GLY B 218 -9.86 38.10 -3.88
CA GLY B 218 -10.45 39.04 -4.82
C GLY B 218 -11.73 39.66 -4.29
N THR B 219 -11.88 39.68 -2.96
CA THR B 219 -13.05 40.23 -2.30
C THR B 219 -12.59 41.15 -1.17
N THR B 220 -13.55 41.72 -0.45
CA THR B 220 -13.28 42.61 0.67
C THR B 220 -13.84 42.01 1.96
N CYS B 221 -12.99 41.92 2.97
CA CYS B 221 -13.39 41.47 4.30
C CYS B 221 -13.72 42.69 5.15
N LYS B 222 -14.96 42.78 5.62
CA LYS B 222 -15.42 43.91 6.40
C LYS B 222 -15.61 43.50 7.86
N TYR B 223 -15.26 44.41 8.77
CA TYR B 223 -15.54 44.24 10.18
C TYR B 223 -16.55 45.28 10.64
N PRO B 224 -17.49 44.91 11.51
CA PRO B 224 -18.51 45.86 11.95
C PRO B 224 -17.90 47.01 12.75
N ASP B 225 -18.31 48.23 12.40
CA ASP B 225 -17.86 49.44 13.11
C ASP B 225 -18.75 49.61 14.34
N TYR B 226 -18.46 48.81 15.38
CA TYR B 226 -19.23 48.86 16.61
C TYR B 226 -19.19 50.25 17.23
N LEU B 227 -18.03 50.90 17.20
CA LEU B 227 -17.89 52.21 17.85
C LEU B 227 -18.76 53.27 17.19
N GLN B 228 -18.89 53.21 15.85
CA GLN B 228 -19.68 54.21 15.14
C GLN B 228 -21.17 53.97 15.30
N MET B 229 -21.63 52.73 15.05
CA MET B 229 -23.06 52.44 15.11
C MET B 229 -23.64 52.75 16.48
N ALA B 230 -22.85 52.57 17.54
CA ALA B 230 -23.30 52.95 18.88
C ALA B 230 -23.24 54.46 19.09
N ALA B 231 -22.34 55.14 18.37
CA ALA B 231 -22.19 56.59 18.45
C ALA B 231 -23.18 57.32 17.57
N ASP B 232 -24.13 56.61 16.96
CA ASP B 232 -25.20 57.15 16.14
C ASP B 232 -26.27 57.77 17.03
N PRO B 233 -26.89 58.86 16.57
CA PRO B 233 -27.85 59.57 17.44
C PRO B 233 -29.07 58.73 17.82
N TYR B 234 -29.86 58.36 16.82
CA TYR B 234 -31.10 57.63 17.04
C TYR B 234 -30.88 56.18 17.42
N GLY B 235 -29.74 55.60 17.06
CA GLY B 235 -29.46 54.21 17.35
C GLY B 235 -30.34 53.25 16.60
N ASP B 236 -30.66 53.56 15.34
CA ASP B 236 -31.51 52.70 14.53
C ASP B 236 -30.78 51.48 13.99
N ARG B 237 -29.45 51.47 14.04
CA ARG B 237 -28.67 50.36 13.51
C ARG B 237 -28.38 49.27 14.53
N LEU B 238 -28.24 49.64 15.80
CA LEU B 238 -27.90 48.69 16.87
C LEU B 238 -29.04 48.66 17.88
N PHE B 239 -29.93 47.67 17.75
CA PHE B 239 -30.80 47.33 18.88
C PHE B 239 -29.99 46.64 19.96
N PHE B 240 -29.18 45.65 19.56
CA PHE B 240 -28.25 44.95 20.44
C PHE B 240 -27.29 44.18 19.56
N PHE B 241 -26.28 43.58 20.18
CA PHE B 241 -25.35 42.76 19.42
C PHE B 241 -24.69 41.76 20.37
N LEU B 242 -24.19 40.68 19.78
CA LEU B 242 -23.46 39.65 20.50
C LEU B 242 -22.26 39.26 19.64
N ARG B 243 -21.18 38.83 20.29
CA ARG B 243 -19.97 38.52 19.55
C ARG B 243 -19.13 37.49 20.30
N LYS B 244 -18.46 36.64 19.53
CA LYS B 244 -17.46 35.72 20.06
C LYS B 244 -16.41 35.49 18.97
N GLU B 245 -15.22 36.04 19.17
CA GLU B 245 -14.08 35.84 18.28
C GLU B 245 -12.97 35.12 19.03
N GLN B 246 -12.20 34.31 18.30
CA GLN B 246 -11.02 33.69 18.88
C GLN B 246 -10.13 33.15 17.78
N MET B 247 -8.81 33.32 17.95
CA MET B 247 -7.84 32.78 17.02
C MET B 247 -6.47 32.80 17.68
N PHE B 248 -5.56 31.98 17.16
CA PHE B 248 -4.16 31.97 17.56
C PHE B 248 -3.29 31.75 16.34
N ALA B 249 -1.99 32.01 16.50
CA ALA B 249 -1.04 31.87 15.42
C ALA B 249 -0.58 30.41 15.32
N ARG B 250 -0.93 29.75 14.22
CA ARG B 250 -0.62 28.34 14.02
C ARG B 250 0.76 28.13 13.41
N HIS B 251 1.13 28.90 12.39
CA HIS B 251 2.43 28.78 11.74
C HIS B 251 2.99 30.17 11.46
N PHE B 252 4.28 30.19 11.14
CA PHE B 252 5.01 31.43 10.84
C PHE B 252 5.74 31.26 9.52
N PHE B 253 5.43 32.11 8.55
CA PHE B 253 6.06 32.08 7.24
C PHE B 253 6.61 33.46 6.91
N ASN B 254 7.24 33.57 5.74
CA ASN B 254 7.64 34.85 5.18
C ASN B 254 7.27 34.87 3.70
N ARG B 255 7.26 36.06 3.13
CA ARG B 255 6.82 36.25 1.75
C ARG B 255 7.99 36.18 0.78
N ALA B 256 7.67 35.76 -0.44
CA ALA B 256 8.59 35.89 -1.57
C ALA B 256 8.31 37.18 -2.31
N GLY B 257 9.34 37.72 -2.94
CA GLY B 257 9.24 38.99 -3.63
C GLY B 257 10.06 40.06 -2.94
N GLU B 258 10.14 41.22 -3.59
CA GLU B 258 10.95 42.32 -3.09
C GLU B 258 10.36 42.87 -1.79
N VAL B 259 11.22 43.03 -0.79
CA VAL B 259 10.82 43.69 0.45
C VAL B 259 10.69 45.18 0.16
N GLY B 260 9.48 45.71 0.24
CA GLY B 260 9.27 47.10 -0.16
C GLY B 260 9.98 48.10 0.74
N GLU B 261 10.17 47.76 2.01
CA GLU B 261 10.83 48.65 2.96
C GLU B 261 11.83 47.84 3.78
N PRO B 262 13.12 47.96 3.50
CA PRO B 262 14.11 47.09 4.13
C PRO B 262 14.43 47.52 5.56
N VAL B 263 14.97 46.56 6.31
CA VAL B 263 15.33 46.80 7.71
C VAL B 263 16.54 47.73 7.76
N PRO B 264 16.49 48.82 8.53
CA PRO B 264 17.63 49.73 8.60
C PRO B 264 18.85 49.07 9.23
N ASP B 265 20.02 49.66 8.92
CA ASP B 265 21.29 49.15 9.43
C ASP B 265 21.45 49.36 10.93
N THR B 266 20.73 50.31 11.52
CA THR B 266 20.83 50.54 12.96
C THR B 266 20.37 49.34 13.77
N LEU B 267 19.59 48.44 13.17
CA LEU B 267 19.01 47.30 13.89
C LEU B 267 19.70 45.99 13.56
N ILE B 268 20.76 46.01 12.75
CA ILE B 268 21.48 44.81 12.37
C ILE B 268 22.97 45.14 12.29
N ILE B 269 23.79 44.11 12.44
CA ILE B 269 25.21 44.19 12.14
C ILE B 269 25.44 43.30 10.92
N LYS B 270 25.79 43.93 9.80
CA LYS B 270 25.82 43.20 8.54
C LYS B 270 26.84 42.07 8.59
N GLY B 271 26.45 40.94 8.04
CA GLY B 271 27.29 39.77 8.07
C GLY B 271 28.17 39.61 6.85
N SER B 272 29.21 38.80 7.02
CA SER B 272 29.94 38.24 5.88
C SER B 272 29.84 36.73 6.08
N GLY B 273 30.74 35.99 5.40
CA GLY B 273 30.70 34.54 5.49
C GLY B 273 29.32 33.97 5.21
N ASN B 274 28.91 34.00 3.95
CA ASN B 274 27.68 33.39 3.44
C ASN B 274 26.40 34.18 3.75
N ARG B 275 26.40 35.04 4.76
CA ARG B 275 25.20 35.78 5.17
C ARG B 275 25.21 37.24 4.75
N THR B 276 25.75 37.55 3.57
CA THR B 276 25.71 38.92 3.07
C THR B 276 24.31 39.32 2.60
N SER B 277 23.54 38.39 2.06
CA SER B 277 22.23 38.68 1.51
C SER B 277 21.15 38.48 2.58
N VAL B 278 20.45 39.56 2.90
CA VAL B 278 19.46 39.54 3.97
C VAL B 278 18.22 38.77 3.53
N GLY B 279 17.77 37.85 4.38
CA GLY B 279 16.52 37.16 4.13
C GLY B 279 15.32 38.08 4.25
N SER B 280 14.24 37.69 3.59
CA SER B 280 13.04 38.52 3.55
C SER B 280 12.35 38.53 4.91
N SER B 281 12.05 39.73 5.40
CA SER B 281 11.38 39.92 6.68
C SER B 281 9.93 40.38 6.50
N ILE B 282 9.25 39.81 5.51
CA ILE B 282 7.83 40.07 5.29
C ILE B 282 7.10 38.83 5.80
N TYR B 283 6.66 38.89 7.06
CA TYR B 283 6.12 37.71 7.71
C TYR B 283 4.61 37.59 7.48
N VAL B 284 4.15 36.35 7.37
CA VAL B 284 2.74 36.02 7.23
C VAL B 284 2.29 35.23 8.44
N ASN B 285 0.97 35.16 8.64
CA ASN B 285 0.41 34.51 9.81
C ASN B 285 -0.78 33.66 9.39
N THR B 286 -0.68 32.36 9.63
CA THR B 286 -1.83 31.49 9.46
C THR B 286 -2.65 31.51 10.73
N PRO B 287 -3.92 31.90 10.68
CA PRO B 287 -4.75 31.87 11.88
C PRO B 287 -5.29 30.46 12.13
N SER B 288 -5.97 30.33 13.27
CA SER B 288 -6.66 29.08 13.58
C SER B 288 -7.78 29.38 14.56
N GLY B 289 -8.97 28.86 14.27
CA GLY B 289 -10.10 29.10 15.15
C GLY B 289 -10.19 28.19 16.33
N SER B 290 -9.24 27.26 16.47
CA SER B 290 -9.18 26.33 17.60
C SER B 290 -10.47 25.54 17.73
N LEU B 291 -10.75 25.06 18.95
CA LEU B 291 -11.92 24.23 19.19
C LEU B 291 -13.20 25.03 18.99
N VAL B 292 -14.24 24.34 18.53
CA VAL B 292 -15.61 24.84 18.54
C VAL B 292 -16.40 23.95 19.48
N SER B 293 -17.25 24.56 20.31
CA SER B 293 -17.97 23.81 21.32
C SER B 293 -19.40 24.31 21.41
N SER B 294 -20.29 23.42 21.87
CA SER B 294 -21.70 23.79 22.06
C SER B 294 -21.86 24.82 23.16
N GLU B 295 -21.06 24.72 24.23
CA GLU B 295 -21.16 25.64 25.35
C GLU B 295 -20.90 27.08 24.95
N ALA B 296 -20.18 27.31 23.87
CA ALA B 296 -19.84 28.65 23.40
C ALA B 296 -20.83 29.19 22.37
N GLN B 297 -21.86 28.43 22.02
CA GLN B 297 -22.76 28.86 20.96
C GLN B 297 -23.62 30.04 21.39
N LEU B 298 -23.86 30.95 20.45
CA LEU B 298 -24.77 32.07 20.66
C LEU B 298 -26.17 31.82 20.14
N PHE B 299 -26.35 30.86 19.25
CA PHE B 299 -27.59 30.71 18.50
C PHE B 299 -28.42 29.56 19.07
N ASN B 300 -29.57 29.31 18.43
CA ASN B 300 -30.55 28.32 18.88
C ASN B 300 -31.02 28.59 20.30
N LYS B 301 -31.05 29.87 20.69
CA LYS B 301 -31.55 30.28 21.99
C LYS B 301 -32.13 31.68 21.86
N PRO B 302 -33.19 32.00 22.58
CA PRO B 302 -33.87 33.28 22.37
C PRO B 302 -33.19 34.44 23.09
N TYR B 303 -33.32 35.61 22.49
CA TYR B 303 -32.87 36.87 23.07
C TYR B 303 -34.08 37.76 23.28
N TRP B 304 -34.23 38.30 24.48
CA TRP B 304 -35.32 39.21 24.81
C TRP B 304 -34.81 40.64 24.87
N LEU B 305 -35.34 41.50 24.00
CA LEU B 305 -34.91 42.90 23.93
C LEU B 305 -35.71 43.69 24.96
N GLN B 306 -35.30 43.56 26.21
CA GLN B 306 -36.01 44.27 27.28
C GLN B 306 -35.64 45.75 27.30
N LYS B 307 -34.38 46.09 27.07
CA LYS B 307 -33.98 47.48 26.94
C LYS B 307 -32.82 47.59 25.96
N ALA B 308 -32.98 48.44 24.95
CA ALA B 308 -31.97 48.59 23.91
C ALA B 308 -30.87 49.57 24.33
N GLN B 309 -29.74 49.46 23.64
CA GLN B 309 -28.60 50.32 23.93
C GLN B 309 -28.84 51.75 23.46
N GLY B 310 -29.35 51.91 22.24
CA GLY B 310 -29.58 53.21 21.66
C GLY B 310 -30.92 53.81 22.06
N HIS B 311 -31.25 54.93 21.41
CA HIS B 311 -32.53 55.59 21.67
C HIS B 311 -33.70 54.79 21.11
N ASN B 312 -33.53 54.18 19.95
CA ASN B 312 -34.57 53.35 19.36
C ASN B 312 -34.67 52.06 20.17
N ASN B 313 -35.70 51.97 21.00
CA ASN B 313 -35.88 50.81 21.88
C ASN B 313 -36.68 49.71 21.18
N GLY B 314 -36.16 49.28 20.03
CA GLY B 314 -36.71 48.14 19.33
C GLY B 314 -37.85 48.42 18.38
N ILE B 315 -38.00 49.67 17.92
CA ILE B 315 -39.09 50.02 17.01
C ILE B 315 -38.66 49.72 15.57
N CYS B 316 -39.48 48.97 14.86
CA CYS B 316 -39.18 48.57 13.48
C CYS B 316 -39.80 49.59 12.52
N TRP B 317 -39.09 50.70 12.34
CA TRP B 317 -39.54 51.74 11.41
C TRP B 317 -39.61 51.19 9.99
N GLY B 318 -40.66 51.57 9.27
CA GLY B 318 -40.85 51.11 7.92
C GLY B 318 -41.31 49.68 7.78
N ASN B 319 -41.69 49.03 8.88
CA ASN B 319 -42.13 47.64 8.88
C ASN B 319 -41.06 46.72 8.28
N GLN B 320 -39.81 46.97 8.65
CA GLN B 320 -38.70 46.15 8.20
C GLN B 320 -37.72 45.99 9.36
N LEU B 321 -36.83 45.01 9.23
CA LEU B 321 -35.92 44.65 10.30
C LEU B 321 -34.73 43.93 9.70
N PHE B 322 -33.53 44.27 10.17
CA PHE B 322 -32.29 43.72 9.63
C PHE B 322 -31.63 42.84 10.68
N VAL B 323 -31.35 41.59 10.30
CA VAL B 323 -30.65 40.64 11.16
C VAL B 323 -29.38 40.21 10.44
N THR B 324 -28.23 40.52 11.02
CA THR B 324 -26.93 40.16 10.45
C THR B 324 -26.30 39.08 11.32
N VAL B 325 -25.89 37.98 10.69
CA VAL B 325 -25.37 36.81 11.40
C VAL B 325 -24.07 36.36 10.73
N VAL B 326 -23.05 36.10 11.54
CA VAL B 326 -21.84 35.43 11.10
C VAL B 326 -21.63 34.22 11.99
N ASP B 327 -21.49 33.05 11.38
CA ASP B 327 -21.37 31.80 12.14
C ASP B 327 -20.36 30.90 11.41
N THR B 328 -19.13 30.90 11.92
CA THR B 328 -18.07 30.06 11.37
C THR B 328 -17.96 28.74 12.09
N THR B 329 -18.84 28.49 13.08
CA THR B 329 -18.83 27.25 13.84
C THR B 329 -19.56 26.10 13.17
N ARG B 330 -20.12 26.33 11.98
CA ARG B 330 -20.74 25.30 11.16
C ARG B 330 -20.26 25.42 9.72
N SER B 331 -18.95 25.63 9.54
CA SER B 331 -18.37 25.90 8.23
C SER B 331 -17.83 24.63 7.56
N THR B 332 -18.22 23.45 8.03
CA THR B 332 -17.76 22.21 7.42
C THR B 332 -18.10 22.18 5.93
N ASN B 333 -17.11 21.87 5.10
CA ASN B 333 -17.28 21.79 3.67
C ASN B 333 -17.40 20.32 3.27
N MET B 334 -18.51 19.96 2.64
CA MET B 334 -18.73 18.58 2.24
C MET B 334 -17.94 18.28 0.98
N THR B 335 -17.32 17.10 0.95
CA THR B 335 -16.57 16.64 -0.20
C THR B 335 -17.45 15.72 -1.04
N LEU B 336 -17.63 16.07 -2.31
CA LEU B 336 -18.41 15.27 -3.23
C LEU B 336 -17.48 14.64 -4.27
N CYS B 337 -17.74 13.38 -4.60
CA CYS B 337 -16.88 12.62 -5.50
C CYS B 337 -17.75 11.83 -6.46
N ALA B 338 -17.61 12.10 -7.76
CA ALA B 338 -18.36 11.40 -8.79
C ALA B 338 -17.40 10.58 -9.65
N SER B 339 -17.86 9.42 -10.11
CA SER B 339 -17.06 8.53 -10.94
C SER B 339 -17.34 8.80 -12.41
N VAL B 340 -16.27 9.05 -13.17
CA VAL B 340 -16.43 9.26 -14.61
C VAL B 340 -16.49 7.93 -15.35
N THR B 341 -15.68 6.97 -14.93
CA THR B 341 -15.64 5.65 -15.55
C THR B 341 -15.44 4.60 -14.47
N THR B 342 -16.31 3.59 -14.45
CA THR B 342 -16.28 2.55 -13.45
C THR B 342 -15.51 1.34 -13.97
N SER B 343 -14.40 1.02 -13.32
CA SER B 343 -13.65 -0.19 -13.58
C SER B 343 -13.37 -0.90 -12.26
N SER B 344 -12.80 -2.10 -12.36
CA SER B 344 -12.52 -2.92 -11.19
C SER B 344 -11.28 -2.47 -10.43
N THR B 345 -10.60 -1.42 -10.92
CA THR B 345 -9.39 -0.91 -10.29
C THR B 345 -9.56 0.58 -10.00
N TYR B 346 -8.94 1.03 -8.91
CA TYR B 346 -8.92 2.45 -8.60
C TYR B 346 -7.86 3.15 -9.45
N THR B 347 -8.29 4.18 -10.18
CA THR B 347 -7.40 5.05 -10.92
C THR B 347 -7.89 6.48 -10.75
N ASN B 348 -6.99 7.38 -10.36
CA ASN B 348 -7.39 8.74 -10.01
C ASN B 348 -8.11 9.44 -11.17
N SER B 349 -7.76 9.13 -12.41
CA SER B 349 -8.36 9.80 -13.56
C SER B 349 -9.82 9.43 -13.77
N ASP B 350 -10.36 8.46 -13.03
CA ASP B 350 -11.73 8.03 -13.17
C ASP B 350 -12.70 8.79 -12.27
N TYR B 351 -12.22 9.75 -11.48
CA TYR B 351 -13.06 10.45 -10.51
C TYR B 351 -12.89 11.96 -10.63
N LYS B 352 -13.98 12.67 -10.39
CA LYS B 352 -13.98 14.12 -10.26
C LYS B 352 -14.39 14.48 -8.84
N GLU B 353 -13.59 15.28 -8.17
CA GLU B 353 -13.83 15.68 -6.78
C GLU B 353 -14.35 17.10 -6.73
N TYR B 354 -15.41 17.31 -5.95
CA TYR B 354 -16.09 18.60 -5.86
C TYR B 354 -16.14 19.09 -4.43
N MET B 355 -16.53 20.36 -4.28
CA MET B 355 -16.65 21.02 -2.99
C MET B 355 -18.03 21.65 -2.88
N ARG B 356 -18.70 21.46 -1.74
CA ARG B 356 -20.03 21.99 -1.53
C ARG B 356 -20.21 22.38 -0.07
N HIS B 357 -20.72 23.59 0.17
CA HIS B 357 -21.05 24.05 1.51
C HIS B 357 -22.51 24.45 1.57
N VAL B 358 -23.10 24.35 2.76
CA VAL B 358 -24.52 24.56 2.96
C VAL B 358 -24.76 25.41 4.20
N GLU B 359 -25.92 26.07 4.23
CA GLU B 359 -26.34 26.86 5.38
C GLU B 359 -27.83 26.66 5.60
N GLU B 360 -28.22 26.39 6.84
CA GLU B 360 -29.62 26.16 7.21
C GLU B 360 -29.99 27.10 8.34
N TYR B 361 -31.04 27.88 8.13
CA TYR B 361 -31.50 28.86 9.11
C TYR B 361 -32.98 28.70 9.38
N ASP B 362 -33.40 29.11 10.59
CA ASP B 362 -34.80 29.19 10.97
C ASP B 362 -34.94 30.42 11.87
N LEU B 363 -35.44 31.51 11.31
CA LEU B 363 -35.59 32.75 12.05
C LEU B 363 -36.98 32.82 12.67
N GLN B 364 -37.02 33.06 13.98
CA GLN B 364 -38.27 33.25 14.71
C GLN B 364 -38.25 34.60 15.41
N PHE B 365 -39.37 35.30 15.34
CA PHE B 365 -39.50 36.63 15.92
C PHE B 365 -40.78 36.73 16.73
N ILE B 366 -40.78 37.68 17.66
CA ILE B 366 -41.98 38.04 18.42
C ILE B 366 -42.06 39.56 18.47
N PHE B 367 -43.12 40.11 17.91
CA PHE B 367 -43.28 41.55 17.77
C PHE B 367 -44.37 42.07 18.69
N GLN B 368 -44.21 43.31 19.12
CA GLN B 368 -45.18 43.98 19.97
C GLN B 368 -45.78 45.15 19.18
N LEU B 369 -47.10 45.16 19.07
CA LEU B 369 -47.78 46.25 18.37
C LEU B 369 -47.76 47.52 19.20
N CYS B 370 -47.46 48.65 18.55
CA CYS B 370 -47.39 49.93 19.23
C CYS B 370 -48.13 50.99 18.43
N SER B 371 -48.68 51.96 19.14
CA SER B 371 -49.37 53.10 18.54
C SER B 371 -48.65 54.37 18.95
N ILE B 372 -48.72 55.39 18.09
CA ILE B 372 -48.02 56.65 18.30
C ILE B 372 -49.03 57.78 18.10
N THR B 373 -49.32 58.51 19.18
CA THR B 373 -50.19 59.68 19.09
C THR B 373 -49.38 60.85 18.53
N LEU B 374 -49.82 61.37 17.38
CA LEU B 374 -49.05 62.36 16.62
C LEU B 374 -49.50 63.76 17.02
N SER B 375 -48.81 64.34 17.98
CA SER B 375 -48.98 65.76 18.29
C SER B 375 -48.11 66.59 17.35
N ALA B 376 -48.24 67.91 17.45
CA ALA B 376 -47.40 68.79 16.64
C ALA B 376 -45.93 68.59 16.95
N GLU B 377 -45.61 68.34 18.22
CA GLU B 377 -44.22 68.03 18.59
C GLU B 377 -43.81 66.65 18.06
N VAL B 378 -44.72 65.68 18.13
CA VAL B 378 -44.40 64.34 17.63
C VAL B 378 -44.17 64.38 16.13
N VAL B 379 -45.05 65.06 15.40
CA VAL B 379 -44.86 65.20 13.95
C VAL B 379 -43.55 65.91 13.63
N ALA B 380 -43.22 66.94 14.41
CA ALA B 380 -41.99 67.68 14.19
C ALA B 380 -40.76 66.82 14.46
N TYR B 381 -40.71 66.18 15.64
CA TYR B 381 -39.57 65.33 15.96
C TYR B 381 -39.43 64.16 15.00
N ILE B 382 -40.55 63.65 14.47
CA ILE B 382 -40.49 62.53 13.54
C ILE B 382 -40.07 62.99 12.14
N HIS B 383 -40.35 64.24 11.77
CA HIS B 383 -39.96 64.72 10.46
C HIS B 383 -38.44 64.68 10.29
N THR B 384 -37.70 65.29 11.22
CA THR B 384 -36.30 64.95 11.36
C THR B 384 -36.19 63.51 11.86
N MET B 385 -35.03 62.91 11.58
CA MET B 385 -34.79 61.45 11.57
C MET B 385 -35.11 60.93 10.17
N ASN B 386 -36.37 60.64 9.91
CA ASN B 386 -36.77 60.30 8.55
C ASN B 386 -38.18 60.78 8.29
N PRO B 387 -38.38 61.66 7.30
CA PRO B 387 -39.74 62.10 6.97
C PRO B 387 -40.56 61.06 6.24
N SER B 388 -39.92 60.10 5.56
CA SER B 388 -40.66 59.04 4.89
C SER B 388 -41.43 58.18 5.88
N VAL B 389 -41.07 58.21 7.16
CA VAL B 389 -41.90 57.58 8.19
C VAL B 389 -43.27 58.23 8.22
N LEU B 390 -43.32 59.56 8.08
CA LEU B 390 -44.59 60.27 7.97
C LEU B 390 -45.19 60.13 6.58
N GLU B 391 -44.35 60.21 5.54
CA GLU B 391 -44.86 60.16 4.17
C GLU B 391 -45.52 58.82 3.86
N ASP B 392 -44.94 57.73 4.36
CA ASP B 392 -45.53 56.42 4.14
C ASP B 392 -46.80 56.22 4.97
N TRP B 393 -46.92 56.93 6.09
CA TRP B 393 -48.14 56.91 6.89
C TRP B 393 -49.29 57.66 6.23
N ASN B 394 -49.03 58.42 5.17
CA ASN B 394 -50.01 59.31 4.55
C ASN B 394 -50.57 60.29 5.57
N PHE B 395 -49.65 60.99 6.24
CA PHE B 395 -50.02 61.94 7.29
C PHE B 395 -49.31 63.27 7.08
N PRO B 429 -37.29 53.93 -5.77
CA PRO B 429 -37.03 55.07 -4.88
C PRO B 429 -36.20 54.69 -3.65
N ASP B 430 -36.49 53.53 -3.07
CA ASP B 430 -35.76 53.01 -1.92
C ASP B 430 -34.26 53.04 -2.20
N PRO B 431 -33.47 53.81 -1.44
CA PRO B 431 -32.02 53.88 -1.70
C PRO B 431 -31.27 52.61 -1.30
N TYR B 432 -31.92 51.66 -0.64
CA TYR B 432 -31.28 50.41 -0.26
C TYR B 432 -31.44 49.32 -1.32
N LYS B 433 -32.11 49.62 -2.44
CA LYS B 433 -32.28 48.65 -3.51
C LYS B 433 -31.05 48.46 -4.38
N ASN B 434 -30.03 49.31 -4.25
CA ASN B 434 -28.75 49.06 -4.90
C ASN B 434 -27.94 48.00 -4.14
N LEU B 435 -28.24 47.82 -2.86
CA LEU B 435 -27.64 46.78 -2.03
C LEU B 435 -28.48 45.50 -2.12
N SER B 436 -27.84 44.37 -1.83
CA SER B 436 -28.48 43.05 -1.90
C SER B 436 -28.46 42.40 -0.52
N PHE B 437 -29.60 41.86 -0.09
CA PHE B 437 -29.77 41.22 1.20
C PHE B 437 -30.46 39.88 0.98
N TRP B 438 -30.54 39.07 2.04
CA TRP B 438 -31.34 37.85 2.00
C TRP B 438 -32.76 38.26 2.40
N GLU B 439 -33.61 38.44 1.41
CA GLU B 439 -34.96 38.94 1.65
C GLU B 439 -35.82 37.84 2.29
N VAL B 440 -36.50 38.19 3.38
CA VAL B 440 -37.40 37.28 4.07
C VAL B 440 -38.75 37.98 4.17
N ASN B 441 -39.75 37.45 3.46
CA ASN B 441 -41.07 38.06 3.39
C ASN B 441 -41.92 37.43 4.49
N LEU B 442 -42.11 38.16 5.59
CA LEU B 442 -42.91 37.69 6.71
C LEU B 442 -44.33 38.22 6.70
N LYS B 443 -44.73 38.95 5.67
CA LYS B 443 -46.16 39.21 5.49
C LYS B 443 -46.87 37.90 5.22
N GLU B 444 -48.11 37.80 5.71
CA GLU B 444 -48.90 36.57 5.69
C GLU B 444 -48.28 35.47 6.55
N LYS B 445 -47.21 35.77 7.30
CA LYS B 445 -46.59 34.83 8.21
C LYS B 445 -46.81 35.19 9.68
N PHE B 446 -47.36 36.37 9.95
CA PHE B 446 -47.69 36.76 11.31
C PHE B 446 -48.86 35.92 11.83
N SER B 447 -48.75 35.49 13.08
CA SER B 447 -49.81 34.74 13.73
C SER B 447 -49.97 35.25 15.16
N SER B 448 -51.23 35.37 15.60
CA SER B 448 -51.52 35.83 16.96
C SER B 448 -51.62 34.69 17.97
N GLU B 449 -51.60 33.44 17.52
CA GLU B 449 -51.68 32.29 18.41
C GLU B 449 -50.27 31.93 18.85
N LEU B 450 -49.80 32.63 19.89
CA LEU B 450 -48.42 32.51 20.34
C LEU B 450 -48.07 31.07 20.72
N ASP B 451 -48.95 30.41 21.47
CA ASP B 451 -48.62 29.12 22.07
C ASP B 451 -48.47 27.99 21.05
N GLN B 452 -48.75 28.24 19.77
CA GLN B 452 -48.62 27.23 18.73
C GLN B 452 -47.22 27.09 18.16
N TYR B 453 -46.25 27.85 18.67
CA TYR B 453 -44.93 27.92 18.04
C TYR B 453 -43.84 27.86 19.09
N PRO B 454 -42.64 27.36 18.73
CA PRO B 454 -41.55 27.20 19.70
C PRO B 454 -41.20 28.49 20.43
N LEU B 455 -40.81 29.53 19.70
CA LEU B 455 -40.43 30.78 20.34
C LEU B 455 -41.62 31.40 21.07
N GLY B 456 -42.82 31.26 20.49
CA GLY B 456 -44.01 31.74 21.18
C GLY B 456 -44.24 31.04 22.50
N ARG B 457 -44.06 29.72 22.54
CA ARG B 457 -44.19 28.97 23.78
C ARG B 457 -43.21 29.45 24.83
N LYS B 458 -41.96 29.68 24.44
CA LYS B 458 -40.95 30.15 25.38
C LYS B 458 -41.29 31.54 25.92
N PHE B 459 -41.87 32.39 25.06
CA PHE B 459 -42.19 33.75 25.47
C PHE B 459 -43.30 33.81 26.52
N LEU B 460 -44.28 32.92 26.41
CA LEU B 460 -45.35 32.91 27.41
C LEU B 460 -44.80 32.59 28.80
N LEU B 461 -43.97 31.57 28.90
CA LEU B 461 -43.39 31.12 30.16
C LEU B 461 -42.22 31.99 30.62
N GLN B 462 -41.96 33.12 29.97
CA GLN B 462 -40.79 33.93 30.26
C GLN B 462 -41.09 35.40 29.98
N SER B 463 -40.19 36.27 30.46
CA SER B 463 -40.28 37.70 30.23
C SER B 463 -41.52 38.30 30.89
N LYS C 15 -32.55 -2.27 -33.48
CA LYS C 15 -33.51 -2.89 -34.38
C LYS C 15 -33.51 -4.41 -34.19
N VAL C 16 -32.33 -5.01 -34.26
CA VAL C 16 -32.13 -6.42 -33.94
C VAL C 16 -31.63 -6.51 -32.51
N VAL C 17 -32.29 -7.36 -31.70
CA VAL C 17 -31.96 -7.49 -30.29
C VAL C 17 -31.51 -8.92 -30.00
N ALA C 18 -30.80 -9.07 -28.89
CA ALA C 18 -30.39 -10.38 -28.41
C ALA C 18 -31.61 -11.21 -28.02
N THR C 19 -31.47 -12.53 -28.16
CA THR C 19 -32.55 -13.44 -27.80
C THR C 19 -32.90 -13.34 -26.31
N ASP C 20 -32.02 -12.77 -25.48
CA ASP C 20 -32.33 -12.58 -24.07
C ASP C 20 -33.56 -11.70 -23.87
N ALA C 21 -33.88 -10.85 -24.84
CA ALA C 21 -34.97 -9.90 -24.68
C ALA C 21 -36.34 -10.57 -24.79
N TYR C 22 -36.48 -11.54 -25.69
CA TYR C 22 -37.79 -12.11 -26.00
C TYR C 22 -37.85 -13.62 -25.87
N VAL C 23 -36.82 -14.26 -25.31
CA VAL C 23 -36.81 -15.71 -25.10
C VAL C 23 -36.57 -15.94 -23.61
N THR C 24 -37.59 -16.39 -22.90
CA THR C 24 -37.51 -16.61 -21.47
C THR C 24 -36.99 -18.01 -21.17
N ARG C 25 -36.07 -18.10 -20.23
CA ARG C 25 -35.41 -19.36 -19.88
C ARG C 25 -36.20 -20.09 -18.80
N THR C 26 -36.10 -21.41 -18.82
CA THR C 26 -36.70 -22.26 -17.80
C THR C 26 -35.60 -22.95 -17.01
N ASN C 27 -35.99 -23.83 -16.09
CA ASN C 27 -35.06 -24.62 -15.30
C ASN C 27 -34.91 -26.05 -15.83
N ILE C 28 -35.52 -26.36 -16.96
CA ILE C 28 -35.57 -27.73 -17.47
C ILE C 28 -34.37 -27.96 -18.37
N PHE C 29 -33.50 -28.89 -17.97
CA PHE C 29 -32.32 -29.25 -18.75
C PHE C 29 -32.42 -30.71 -19.19
N TYR C 30 -31.85 -30.99 -20.36
CA TYR C 30 -31.92 -32.31 -20.96
C TYR C 30 -30.56 -32.71 -21.52
N HIS C 31 -30.30 -34.02 -21.52
CA HIS C 31 -29.10 -34.57 -22.10
C HIS C 31 -29.44 -35.29 -23.40
N ALA C 32 -28.49 -35.25 -24.36
CA ALA C 32 -28.63 -35.97 -25.60
C ALA C 32 -27.24 -36.33 -26.11
N SER C 33 -27.07 -37.60 -26.50
CA SER C 33 -25.79 -38.09 -26.99
C SER C 33 -26.03 -38.87 -28.28
N SER C 34 -25.15 -38.66 -29.25
CA SER C 34 -25.23 -39.37 -30.52
C SER C 34 -24.70 -40.81 -30.44
N SER C 35 -24.05 -41.18 -29.34
CA SER C 35 -23.34 -42.44 -29.22
C SER C 35 -22.21 -42.51 -30.24
N ARG C 36 -21.61 -43.69 -30.42
CA ARG C 36 -20.46 -43.80 -31.29
C ARG C 36 -20.85 -43.60 -32.76
N LEU C 37 -20.11 -42.73 -33.44
CA LEU C 37 -20.28 -42.45 -34.86
C LEU C 37 -19.00 -42.83 -35.58
N LEU C 38 -19.13 -43.64 -36.64
CA LEU C 38 -17.97 -44.14 -37.36
C LEU C 38 -18.12 -43.91 -38.86
N ALA C 39 -17.03 -43.45 -39.48
CA ALA C 39 -16.91 -43.38 -40.93
C ALA C 39 -15.53 -43.90 -41.31
N VAL C 40 -15.49 -44.84 -42.25
CA VAL C 40 -14.25 -45.51 -42.64
C VAL C 40 -14.14 -45.48 -44.16
N GLY C 41 -12.98 -45.11 -44.67
CA GLY C 41 -12.78 -45.09 -46.11
C GLY C 41 -11.34 -44.84 -46.55
N HIS C 42 -11.19 -44.31 -47.77
CA HIS C 42 -9.91 -44.04 -48.42
C HIS C 42 -9.53 -42.57 -48.21
N PRO C 43 -8.32 -42.29 -47.73
CA PRO C 43 -7.95 -40.90 -47.43
C PRO C 43 -7.78 -40.01 -48.66
N TYR C 44 -7.69 -40.57 -49.86
CA TYR C 44 -7.37 -39.78 -51.05
C TYR C 44 -8.53 -39.60 -52.01
N PHE C 45 -9.37 -40.62 -52.22
CA PHE C 45 -10.43 -40.52 -53.21
C PHE C 45 -11.49 -41.58 -52.94
N SER C 46 -12.71 -41.28 -53.35
CA SER C 46 -13.79 -42.25 -53.29
C SER C 46 -13.63 -43.30 -54.38
N ILE C 47 -14.12 -44.50 -54.11
CA ILE C 47 -13.96 -45.66 -54.99
C ILE C 47 -15.34 -46.08 -55.48
N LYS C 48 -15.58 -45.93 -56.78
CA LYS C 48 -16.85 -46.28 -57.41
C LYS C 48 -16.58 -47.10 -58.67
N ARG C 49 -17.25 -48.24 -58.79
CA ARG C 49 -17.07 -49.13 -59.93
C ARG C 49 -18.41 -49.77 -60.26
N ALA C 50 -18.93 -49.47 -61.45
CA ALA C 50 -18.35 -48.46 -62.33
C ALA C 50 -19.34 -47.30 -62.43
N ASN C 51 -20.28 -47.29 -61.49
CA ASN C 51 -21.41 -46.36 -61.54
C ASN C 51 -21.59 -45.61 -60.23
N LYS C 52 -21.63 -46.35 -59.10
CA LYS C 52 -21.91 -45.73 -57.82
C LYS C 52 -20.82 -46.06 -56.80
N THR C 53 -20.78 -45.26 -55.74
CA THR C 53 -19.69 -45.32 -54.78
C THR C 53 -19.72 -46.60 -53.96
N VAL C 54 -18.57 -47.26 -53.86
CA VAL C 54 -18.41 -48.43 -53.01
C VAL C 54 -17.73 -48.08 -51.70
N VAL C 55 -16.70 -47.24 -51.74
CA VAL C 55 -15.96 -46.84 -50.55
C VAL C 55 -15.88 -45.33 -50.52
N PRO C 56 -16.34 -44.67 -49.45
CA PRO C 56 -16.31 -43.20 -49.42
C PRO C 56 -14.92 -42.67 -49.12
N LYS C 57 -14.72 -41.40 -49.50
CA LYS C 57 -13.49 -40.68 -49.16
C LYS C 57 -13.59 -40.20 -47.73
N VAL C 58 -12.74 -40.75 -46.85
CA VAL C 58 -12.71 -40.38 -45.45
C VAL C 58 -11.28 -39.95 -45.13
N SER C 59 -11.08 -38.66 -44.90
CA SER C 59 -9.76 -38.09 -44.68
C SER C 59 -9.79 -37.14 -43.50
N GLY C 60 -8.66 -37.08 -42.79
CA GLY C 60 -8.53 -36.18 -41.66
C GLY C 60 -8.58 -34.70 -42.01
N TYR C 61 -8.44 -34.36 -43.30
CA TYR C 61 -8.44 -32.98 -43.75
C TYR C 61 -9.80 -32.56 -44.31
N GLN C 62 -10.85 -33.30 -43.98
CA GLN C 62 -12.21 -33.00 -44.40
C GLN C 62 -12.97 -32.29 -43.28
N TYR C 63 -13.88 -31.41 -43.66
CA TYR C 63 -14.81 -30.85 -42.69
C TYR C 63 -15.82 -31.92 -42.28
N ARG C 64 -16.11 -31.98 -40.98
CA ARG C 64 -17.17 -32.82 -40.45
C ARG C 64 -18.28 -31.90 -39.95
N VAL C 65 -19.36 -31.79 -40.72
CA VAL C 65 -20.45 -30.88 -40.44
C VAL C 65 -21.67 -31.73 -40.08
N PHE C 66 -22.01 -31.74 -38.80
CA PHE C 66 -23.13 -32.53 -38.30
C PHE C 66 -24.39 -31.66 -38.28
N LYS C 67 -25.46 -32.16 -38.90
CA LYS C 67 -26.77 -31.52 -38.83
C LYS C 67 -27.54 -32.25 -37.73
N VAL C 68 -27.55 -31.65 -36.54
CA VAL C 68 -28.16 -32.27 -35.37
C VAL C 68 -29.63 -31.90 -35.35
N VAL C 69 -30.50 -32.90 -35.51
CA VAL C 69 -31.95 -32.69 -35.53
C VAL C 69 -32.48 -32.92 -34.12
N LEU C 70 -33.21 -31.94 -33.60
CA LEU C 70 -33.79 -31.98 -32.26
C LEU C 70 -35.30 -32.23 -32.33
N PRO C 71 -35.86 -32.87 -31.32
CA PRO C 71 -37.32 -33.03 -31.27
C PRO C 71 -38.01 -31.70 -31.03
N ASP C 72 -39.18 -31.54 -31.64
CA ASP C 72 -39.98 -30.33 -31.45
C ASP C 72 -40.48 -30.27 -30.02
N PRO C 73 -40.04 -29.29 -29.21
CA PRO C 73 -40.56 -29.21 -27.83
C PRO C 73 -42.02 -28.85 -27.75
N ASN C 74 -42.59 -28.22 -28.79
CA ASN C 74 -44.02 -27.93 -28.81
C ASN C 74 -44.85 -29.17 -29.10
N LYS C 75 -44.24 -30.21 -29.68
CA LYS C 75 -44.87 -31.51 -29.87
C LYS C 75 -44.21 -32.58 -29.00
N PHE C 76 -43.39 -32.16 -28.04
CA PHE C 76 -42.67 -33.09 -27.18
C PHE C 76 -43.57 -33.54 -26.04
N ALA C 77 -43.36 -34.78 -25.60
CA ALA C 77 -44.15 -35.36 -24.51
C ALA C 77 -43.59 -34.90 -23.17
N LEU C 78 -43.73 -33.59 -22.93
CA LEU C 78 -43.31 -33.03 -21.65
C LEU C 78 -44.23 -33.53 -20.54
N PRO C 79 -43.72 -33.63 -19.31
CA PRO C 79 -44.56 -34.14 -18.21
C PRO C 79 -45.77 -33.28 -17.91
N ASP C 80 -45.62 -31.97 -17.89
CA ASP C 80 -46.72 -31.06 -17.58
C ASP C 80 -46.88 -30.03 -18.68
N SER C 81 -48.10 -29.89 -19.19
CA SER C 81 -48.42 -28.81 -20.12
C SER C 81 -48.70 -27.48 -19.41
N SER C 82 -48.59 -27.45 -18.08
CA SER C 82 -48.81 -26.23 -17.33
C SER C 82 -47.67 -25.24 -17.47
N LEU C 83 -46.54 -25.66 -18.05
CA LEU C 83 -45.40 -24.76 -18.20
C LEU C 83 -45.76 -23.55 -19.06
N PHE C 84 -46.44 -23.79 -20.18
CA PHE C 84 -46.73 -22.74 -21.14
C PHE C 84 -48.16 -22.89 -21.64
N ASP C 85 -48.74 -21.77 -22.04
CA ASP C 85 -50.04 -21.78 -22.69
C ASP C 85 -49.83 -21.98 -24.19
N PRO C 86 -50.36 -23.05 -24.80
CA PRO C 86 -50.14 -23.27 -26.23
C PRO C 86 -50.53 -22.08 -27.09
N THR C 87 -51.58 -21.36 -26.70
CA THR C 87 -51.93 -20.10 -27.33
C THR C 87 -51.10 -18.98 -26.74
N THR C 88 -50.33 -18.29 -27.59
CA THR C 88 -49.47 -17.13 -27.35
C THR C 88 -48.09 -17.53 -26.83
N GLN C 89 -47.83 -18.80 -26.53
CA GLN C 89 -46.50 -19.23 -26.12
C GLN C 89 -46.06 -20.44 -26.93
N ARG C 90 -44.77 -20.45 -27.30
CA ARG C 90 -44.18 -21.54 -28.05
C ARG C 90 -42.86 -21.93 -27.39
N LEU C 91 -42.42 -23.16 -27.63
CA LEU C 91 -41.22 -23.69 -27.00
C LEU C 91 -40.09 -23.81 -28.02
N VAL C 92 -38.86 -23.71 -27.51
CA VAL C 92 -37.67 -23.86 -28.34
C VAL C 92 -36.51 -24.25 -27.45
N TRP C 93 -35.59 -25.05 -27.98
CA TRP C 93 -34.43 -25.50 -27.23
C TRP C 93 -33.29 -24.49 -27.32
N ALA C 94 -32.55 -24.34 -26.22
CA ALA C 94 -31.37 -23.50 -26.17
C ALA C 94 -30.17 -24.36 -25.78
N CYS C 95 -29.07 -24.20 -26.51
CA CYS C 95 -27.87 -24.98 -26.25
C CYS C 95 -27.03 -24.32 -25.16
N THR C 96 -26.69 -25.11 -24.13
CA THR C 96 -25.87 -24.64 -23.03
C THR C 96 -24.62 -25.46 -22.80
N GLY C 97 -24.52 -26.65 -23.38
CA GLY C 97 -23.37 -27.51 -23.15
C GLY C 97 -23.08 -28.36 -24.37
N LEU C 98 -21.79 -28.63 -24.60
CA LEU C 98 -21.34 -29.34 -25.78
C LEU C 98 -20.01 -30.01 -25.49
N GLU C 99 -19.88 -31.26 -25.95
CA GLU C 99 -18.61 -31.97 -25.89
C GLU C 99 -18.43 -32.75 -27.18
N VAL C 100 -17.41 -32.39 -27.96
CA VAL C 100 -17.08 -33.08 -29.19
C VAL C 100 -16.08 -34.18 -28.84
N GLY C 101 -16.54 -35.43 -28.83
CA GLY C 101 -15.70 -36.54 -28.45
C GLY C 101 -14.93 -37.09 -29.64
N ARG C 102 -13.62 -37.24 -29.47
CA ARG C 102 -12.75 -37.82 -30.48
C ARG C 102 -12.21 -39.15 -29.95
N GLY C 103 -12.29 -40.19 -30.76
CA GLY C 103 -12.05 -41.54 -30.29
C GLY C 103 -10.96 -42.32 -30.99
N GLN C 104 -9.96 -41.65 -31.53
CA GLN C 104 -8.85 -42.32 -32.21
C GLN C 104 -7.53 -41.85 -31.62
N PRO C 105 -6.46 -42.63 -31.78
CA PRO C 105 -5.15 -42.18 -31.31
C PRO C 105 -4.67 -40.97 -32.10
N LEU C 106 -3.94 -40.10 -31.41
CA LEU C 106 -3.32 -38.97 -32.08
C LEU C 106 -2.27 -39.46 -33.07
N GLY C 107 -2.20 -38.79 -34.22
CA GLY C 107 -1.24 -39.16 -35.24
C GLY C 107 -1.42 -38.29 -36.45
N VAL C 108 -0.44 -38.40 -37.36
CA VAL C 108 -0.39 -37.58 -38.56
C VAL C 108 -0.37 -38.51 -39.77
N GLY C 109 -1.25 -38.24 -40.74
CA GLY C 109 -1.19 -38.91 -42.02
C GLY C 109 -0.68 -37.99 -43.10
N VAL C 110 -0.26 -38.54 -44.24
CA VAL C 110 0.29 -37.73 -45.32
C VAL C 110 -0.49 -37.98 -46.59
N SER C 111 -0.38 -37.03 -47.52
CA SER C 111 -0.96 -37.13 -48.84
C SER C 111 0.12 -36.83 -49.86
N GLY C 112 -0.11 -37.29 -51.09
CA GLY C 112 0.90 -37.11 -52.12
C GLY C 112 0.30 -37.14 -53.50
N HIS C 113 1.18 -37.23 -54.49
CA HIS C 113 0.82 -37.23 -55.89
C HIS C 113 1.86 -38.01 -56.66
N PRO C 114 1.47 -39.08 -57.36
CA PRO C 114 2.44 -39.85 -58.14
C PRO C 114 3.12 -39.04 -59.23
N PHE C 115 2.50 -37.93 -59.66
CA PHE C 115 3.09 -37.03 -60.65
C PHE C 115 2.98 -35.59 -60.17
N LEU C 116 3.63 -35.29 -59.04
CA LEU C 116 3.68 -33.91 -58.56
C LEU C 116 4.60 -33.07 -59.44
N ASN C 117 4.16 -31.87 -59.78
CA ASN C 117 4.93 -30.98 -60.63
C ASN C 117 6.05 -30.34 -59.82
N LYS C 118 7.02 -31.18 -59.47
CA LYS C 118 8.24 -30.74 -58.81
C LYS C 118 9.40 -30.85 -59.79
N TYR C 119 10.30 -29.86 -59.77
CA TYR C 119 11.44 -29.86 -60.67
C TYR C 119 12.74 -30.00 -59.91
N ASP C 120 13.23 -28.90 -59.34
CA ASP C 120 14.49 -28.88 -58.61
C ASP C 120 14.25 -28.66 -57.13
N ASP C 121 15.18 -29.16 -56.31
CA ASP C 121 15.24 -28.76 -54.91
C ASP C 121 15.89 -27.39 -54.86
N VAL C 122 15.10 -26.37 -54.54
CA VAL C 122 15.53 -24.98 -54.71
C VAL C 122 16.36 -24.48 -53.54
N GLU C 123 16.58 -25.31 -52.52
CA GLU C 123 17.22 -24.84 -51.30
C GLU C 123 18.68 -24.45 -51.55
N ASN C 124 19.41 -25.18 -52.39
CA ASN C 124 20.80 -24.84 -52.66
C ASN C 124 21.38 -25.55 -53.88
N SER C 125 20.66 -25.58 -55.01
CA SER C 125 21.21 -26.23 -56.19
C SER C 125 20.66 -25.61 -57.46
N GLY C 126 21.56 -25.40 -58.42
CA GLY C 126 21.20 -24.87 -59.73
C GLY C 126 22.35 -24.87 -60.71
N SER C 127 22.02 -24.79 -62.00
CA SER C 127 22.95 -24.67 -63.11
C SER C 127 22.15 -24.83 -64.40
N GLY C 128 21.51 -25.98 -64.56
CA GLY C 128 20.66 -26.19 -65.71
C GLY C 128 21.45 -26.17 -67.01
N GLY C 129 20.71 -26.29 -68.10
CA GLY C 129 19.28 -26.55 -68.08
C GLY C 129 19.01 -28.02 -68.33
N ASN C 130 17.75 -28.42 -68.53
CA ASN C 130 16.59 -27.56 -68.70
C ASN C 130 15.38 -28.47 -68.62
N PRO C 131 14.19 -27.93 -68.35
CA PRO C 131 13.00 -28.79 -68.28
C PRO C 131 12.72 -29.44 -69.63
N GLY C 132 12.24 -30.68 -69.59
CA GLY C 132 11.94 -31.40 -70.80
C GLY C 132 10.46 -31.43 -71.12
N GLN C 133 9.94 -32.62 -71.43
CA GLN C 133 8.53 -32.80 -71.71
C GLN C 133 7.76 -33.34 -70.51
N ASP C 134 8.34 -34.25 -69.75
CA ASP C 134 7.73 -34.78 -68.54
C ASP C 134 8.79 -34.88 -67.47
N ASN C 135 8.59 -34.16 -66.37
CA ASN C 135 9.54 -34.16 -65.26
C ASN C 135 8.82 -34.38 -63.92
N ARG C 136 7.59 -34.85 -63.95
CA ARG C 136 6.81 -35.02 -62.73
C ARG C 136 7.40 -36.12 -61.85
N VAL C 137 7.37 -35.89 -60.54
CA VAL C 137 8.03 -36.75 -59.57
C VAL C 137 6.96 -37.34 -58.64
N ASN C 138 7.30 -38.45 -58.00
CA ASN C 138 6.43 -39.12 -57.04
C ASN C 138 6.81 -38.65 -55.64
N VAL C 139 6.08 -37.67 -55.11
CA VAL C 139 6.41 -37.01 -53.86
C VAL C 139 5.17 -36.96 -52.97
N GLY C 140 5.35 -37.19 -51.67
CA GLY C 140 4.28 -37.07 -50.71
C GLY C 140 4.71 -36.19 -49.57
N MET C 141 3.72 -35.69 -48.82
CA MET C 141 4.00 -34.69 -47.80
C MET C 141 2.93 -34.71 -46.74
N ASP C 142 3.26 -34.15 -45.57
CA ASP C 142 2.33 -34.00 -44.47
C ASP C 142 1.79 -32.56 -44.47
N TYR C 143 0.49 -32.44 -44.26
CA TYR C 143 -0.17 -31.14 -44.41
C TYR C 143 -0.06 -30.29 -43.14
N LYS C 144 -0.53 -29.05 -43.27
CA LYS C 144 -0.67 -28.16 -42.13
C LYS C 144 -1.67 -28.72 -41.11
N GLN C 145 -1.36 -28.53 -39.83
CA GLN C 145 -2.23 -29.00 -38.76
C GLN C 145 -3.32 -27.99 -38.48
N THR C 146 -4.56 -28.45 -38.36
CA THR C 146 -5.71 -27.58 -38.16
C THR C 146 -6.71 -28.22 -37.22
N GLN C 147 -7.15 -27.47 -36.22
CA GLN C 147 -8.25 -27.85 -35.33
C GLN C 147 -9.26 -26.72 -35.29
N LEU C 148 -10.54 -27.05 -35.38
CA LEU C 148 -11.58 -26.04 -35.28
C LEU C 148 -12.93 -26.70 -35.02
N CYS C 149 -13.82 -25.96 -34.37
CA CYS C 149 -15.19 -26.41 -34.11
C CYS C 149 -16.11 -25.19 -34.07
N MET C 150 -17.31 -25.35 -34.62
CA MET C 150 -18.30 -24.28 -34.63
C MET C 150 -19.67 -24.82 -34.24
N VAL C 151 -20.48 -23.95 -33.66
CA VAL C 151 -21.85 -24.27 -33.28
C VAL C 151 -22.77 -23.17 -33.77
N GLY C 152 -23.90 -23.55 -34.35
CA GLY C 152 -24.93 -22.60 -34.72
C GLY C 152 -26.19 -23.34 -35.11
N CYS C 153 -27.24 -22.57 -35.34
CA CYS C 153 -28.49 -23.11 -35.87
C CYS C 153 -28.61 -22.94 -37.37
N ALA C 154 -27.57 -22.41 -38.02
CA ALA C 154 -27.47 -22.25 -39.46
C ALA C 154 -26.10 -22.70 -39.92
N PRO C 155 -25.99 -23.25 -41.13
CA PRO C 155 -24.72 -23.82 -41.56
C PRO C 155 -23.66 -22.76 -41.71
N PRO C 156 -22.39 -23.10 -41.51
CA PRO C 156 -21.32 -22.09 -41.56
C PRO C 156 -20.99 -21.70 -42.99
N LEU C 157 -20.32 -20.55 -43.11
CA LEU C 157 -19.85 -20.05 -44.40
C LEU C 157 -18.36 -20.28 -44.55
N GLY C 158 -17.95 -20.77 -45.71
CA GLY C 158 -16.55 -20.88 -46.05
C GLY C 158 -16.15 -19.90 -47.13
N GLU C 159 -14.85 -19.63 -47.26
CA GLU C 159 -14.35 -18.79 -48.33
C GLU C 159 -13.25 -19.51 -49.09
N HIS C 160 -13.17 -19.25 -50.39
CA HIS C 160 -12.13 -19.82 -51.23
C HIS C 160 -12.00 -18.96 -52.48
N TRP C 161 -10.84 -19.09 -53.12
CA TRP C 161 -10.59 -18.40 -54.38
C TRP C 161 -10.94 -19.30 -55.55
N GLY C 162 -11.73 -18.77 -56.49
CA GLY C 162 -12.10 -19.50 -57.67
C GLY C 162 -11.80 -18.71 -58.93
N LYS C 163 -12.04 -19.35 -60.07
CA LYS C 163 -11.83 -18.71 -61.36
C LYS C 163 -12.91 -17.66 -61.57
N GLY C 164 -12.55 -16.40 -61.35
CA GLY C 164 -13.48 -15.33 -61.61
C GLY C 164 -13.71 -15.13 -63.09
N LYS C 165 -14.90 -14.63 -63.43
CA LYS C 165 -15.21 -14.31 -64.81
C LYS C 165 -14.25 -13.25 -65.33
N GLN C 166 -13.99 -13.29 -66.63
CA GLN C 166 -13.24 -12.19 -67.27
C GLN C 166 -14.01 -10.89 -67.30
N CYS C 167 -15.16 -10.81 -66.62
CA CYS C 167 -16.15 -9.77 -66.87
C CYS C 167 -16.52 -9.80 -68.34
N THR C 168 -17.52 -10.61 -68.70
CA THR C 168 -17.89 -10.91 -70.08
C THR C 168 -17.88 -9.67 -70.96
N ASN C 169 -16.85 -9.53 -71.79
CA ASN C 169 -16.66 -8.32 -72.57
C ASN C 169 -15.96 -8.59 -73.90
N THR C 170 -14.63 -8.68 -73.88
CA THR C 170 -13.84 -8.66 -75.11
C THR C 170 -12.99 -9.92 -75.23
N PRO C 171 -12.73 -10.36 -76.46
CA PRO C 171 -11.74 -11.44 -76.68
C PRO C 171 -10.33 -10.88 -76.62
N VAL C 172 -9.56 -11.32 -75.64
CA VAL C 172 -8.20 -10.81 -75.44
C VAL C 172 -7.19 -11.92 -75.67
N GLN C 173 -5.97 -11.72 -75.16
CA GLN C 173 -4.93 -12.72 -75.26
C GLN C 173 -5.36 -14.03 -74.61
N ALA C 174 -5.27 -15.12 -75.37
CA ALA C 174 -5.78 -16.41 -74.94
C ALA C 174 -4.67 -17.25 -74.32
N GLY C 175 -5.01 -17.95 -73.23
CA GLY C 175 -4.06 -18.79 -72.52
C GLY C 175 -3.39 -18.14 -71.34
N ASP C 176 -3.86 -16.98 -70.90
CA ASP C 176 -3.21 -16.22 -69.84
C ASP C 176 -3.67 -16.68 -68.46
N CYS C 177 -3.37 -15.87 -67.45
CA CYS C 177 -3.71 -16.20 -66.08
C CYS C 177 -5.22 -16.00 -65.86
N PRO C 178 -5.85 -16.87 -65.07
CA PRO C 178 -7.28 -16.71 -64.80
C PRO C 178 -7.53 -15.62 -63.78
N PRO C 179 -8.63 -14.86 -63.92
CA PRO C 179 -8.97 -13.86 -62.91
C PRO C 179 -9.43 -14.52 -61.61
N LEU C 180 -9.04 -13.92 -60.49
CA LEU C 180 -9.32 -14.45 -59.17
C LEU C 180 -10.50 -13.72 -58.53
N GLU C 181 -11.36 -14.48 -57.85
CA GLU C 181 -12.51 -13.95 -57.15
C GLU C 181 -12.72 -14.72 -55.85
N LEU C 182 -13.04 -14.00 -54.77
CA LEU C 182 -13.25 -14.60 -53.46
C LEU C 182 -14.72 -14.98 -53.32
N ILE C 183 -15.00 -16.28 -53.30
CA ILE C 183 -16.35 -16.80 -53.21
C ILE C 183 -16.63 -17.24 -51.78
N THR C 184 -17.80 -16.86 -51.27
CA THR C 184 -18.32 -17.40 -50.02
C THR C 184 -19.37 -18.45 -50.32
N SER C 185 -19.38 -19.52 -49.52
CA SER C 185 -20.27 -20.64 -49.76
C SER C 185 -20.55 -21.35 -48.46
N VAL C 186 -21.48 -22.30 -48.51
CA VAL C 186 -21.83 -23.10 -47.34
C VAL C 186 -20.86 -24.27 -47.24
N ILE C 187 -20.34 -24.50 -46.03
CA ILE C 187 -19.44 -25.60 -45.78
C ILE C 187 -20.25 -26.89 -45.67
N GLN C 188 -20.00 -27.83 -46.56
CA GLN C 188 -20.68 -29.11 -46.58
C GLN C 188 -19.82 -30.18 -45.93
N ASP C 189 -20.49 -31.23 -45.45
CA ASP C 189 -19.77 -32.38 -44.90
C ASP C 189 -18.96 -33.06 -45.99
N GLY C 190 -17.66 -33.22 -45.74
CA GLY C 190 -16.75 -33.80 -46.70
C GLY C 190 -15.90 -32.80 -47.46
N ASP C 191 -16.23 -31.51 -47.39
CA ASP C 191 -15.39 -30.50 -48.02
C ASP C 191 -14.00 -30.47 -47.39
N MET C 192 -13.02 -30.09 -48.18
CA MET C 192 -11.63 -30.11 -47.77
C MET C 192 -11.23 -28.81 -47.07
N VAL C 193 -10.40 -28.93 -46.05
CA VAL C 193 -9.85 -27.78 -45.35
C VAL C 193 -8.58 -27.32 -46.07
N ASP C 194 -8.15 -26.09 -45.79
CA ASP C 194 -6.88 -25.63 -46.32
C ASP C 194 -5.74 -26.46 -45.75
N THR C 195 -4.75 -26.75 -46.59
CA THR C 195 -3.68 -27.67 -46.25
C THR C 195 -2.30 -27.05 -46.28
N GLY C 196 -2.20 -25.75 -46.59
CA GLY C 196 -0.93 -25.09 -46.80
C GLY C 196 -0.74 -24.56 -48.20
N PHE C 197 -1.66 -24.84 -49.12
CA PHE C 197 -1.59 -24.32 -50.48
C PHE C 197 -2.60 -23.22 -50.75
N GLY C 198 -3.32 -22.78 -49.74
CA GLY C 198 -4.30 -21.71 -49.89
C GLY C 198 -5.72 -22.23 -49.97
N ALA C 199 -6.66 -21.29 -49.87
CA ALA C 199 -8.08 -21.59 -49.98
C ALA C 199 -8.51 -21.25 -51.41
N MET C 200 -8.40 -22.23 -52.30
CA MET C 200 -8.68 -22.01 -53.71
C MET C 200 -9.33 -23.24 -54.31
N ASN C 201 -9.80 -23.09 -55.54
CA ASN C 201 -10.47 -24.17 -56.29
C ASN C 201 -9.43 -24.79 -57.22
N PHE C 202 -8.76 -25.84 -56.72
CA PHE C 202 -7.71 -26.48 -57.50
C PHE C 202 -8.24 -27.15 -58.76
N ALA C 203 -9.53 -27.50 -58.80
CA ALA C 203 -10.10 -28.11 -60.00
C ALA C 203 -10.11 -27.13 -61.16
N ASP C 204 -10.22 -25.83 -60.90
CA ASP C 204 -10.30 -24.81 -61.94
C ASP C 204 -9.00 -24.05 -62.13
N LEU C 205 -8.33 -23.68 -61.04
CA LEU C 205 -7.16 -22.81 -61.11
C LEU C 205 -5.86 -23.56 -61.33
N GLN C 206 -5.84 -24.88 -61.13
CA GLN C 206 -4.68 -25.72 -61.40
C GLN C 206 -5.17 -26.84 -62.33
N THR C 207 -5.14 -26.56 -63.63
CA THR C 207 -5.76 -27.44 -64.61
C THR C 207 -4.93 -28.69 -64.91
N ASN C 208 -3.64 -28.67 -64.61
CA ASN C 208 -2.78 -29.81 -64.95
C ASN C 208 -2.92 -30.96 -63.97
N LYS C 209 -3.68 -30.80 -62.90
CA LYS C 209 -3.96 -31.84 -61.90
C LYS C 209 -2.69 -32.35 -61.23
N SER C 210 -1.56 -31.68 -61.41
CA SER C 210 -0.27 -32.18 -60.95
C SER C 210 0.46 -31.18 -60.08
N ASP C 211 -0.20 -30.11 -59.63
CA ASP C 211 0.46 -29.10 -58.82
C ASP C 211 0.29 -29.32 -57.33
N VAL C 212 -0.77 -29.99 -56.90
CA VAL C 212 -0.99 -30.31 -55.50
C VAL C 212 -1.30 -31.79 -55.39
N PRO C 213 -1.13 -32.39 -54.21
CA PRO C 213 -1.41 -33.82 -54.05
C PRO C 213 -2.84 -34.17 -54.45
N ILE C 214 -3.05 -35.47 -54.72
CA ILE C 214 -4.24 -35.93 -55.41
C ILE C 214 -5.52 -35.75 -54.59
N ASP C 215 -5.43 -35.62 -53.27
CA ASP C 215 -6.64 -35.51 -52.47
C ASP C 215 -7.25 -34.12 -52.48
N ILE C 216 -6.64 -33.15 -53.16
CA ILE C 216 -7.20 -31.81 -53.25
C ILE C 216 -7.10 -31.29 -54.68
N CYS C 217 -6.38 -32.01 -55.53
CA CYS C 217 -6.16 -31.52 -56.90
C CYS C 217 -7.45 -31.47 -57.71
N GLY C 218 -8.46 -32.26 -57.32
CA GLY C 218 -9.74 -32.21 -58.00
C GLY C 218 -10.88 -31.84 -57.08
N THR C 219 -10.57 -31.13 -56.00
CA THR C 219 -11.55 -30.72 -55.00
C THR C 219 -11.37 -29.23 -54.71
N THR C 220 -12.19 -28.72 -53.80
CA THR C 220 -12.15 -27.32 -53.39
C THR C 220 -11.80 -27.24 -51.91
N CYS C 221 -10.78 -26.45 -51.59
CA CYS C 221 -10.38 -26.20 -50.21
C CYS C 221 -11.01 -24.90 -49.73
N LYS C 222 -11.84 -24.99 -48.71
CA LYS C 222 -12.55 -23.84 -48.15
C LYS C 222 -12.00 -23.50 -46.78
N TYR C 223 -11.90 -22.19 -46.50
CA TYR C 223 -11.56 -21.66 -45.19
C TYR C 223 -12.76 -20.92 -44.61
N PRO C 224 -13.00 -21.06 -43.30
CA PRO C 224 -14.17 -20.40 -42.71
C PRO C 224 -14.05 -18.89 -42.78
N ASP C 225 -15.13 -18.25 -43.24
CA ASP C 225 -15.20 -16.79 -43.31
C ASP C 225 -15.65 -16.27 -41.94
N TYR C 226 -14.71 -16.29 -40.99
CA TYR C 226 -15.00 -15.82 -39.63
C TYR C 226 -15.45 -14.36 -39.64
N LEU C 227 -14.83 -13.54 -40.47
CA LEU C 227 -15.14 -12.11 -40.46
C LEU C 227 -16.58 -11.83 -40.87
N GLN C 228 -17.11 -12.61 -41.82
CA GLN C 228 -18.48 -12.39 -42.27
C GLN C 228 -19.49 -12.94 -41.27
N MET C 229 -19.30 -14.20 -40.85
CA MET C 229 -20.26 -14.83 -39.96
C MET C 229 -20.42 -14.05 -38.65
N ALA C 230 -19.33 -13.43 -38.18
CA ALA C 230 -19.44 -12.57 -37.01
C ALA C 230 -20.08 -11.23 -37.36
N ALA C 231 -19.91 -10.78 -38.60
CA ALA C 231 -20.56 -9.57 -39.06
C ALA C 231 -21.98 -9.84 -39.54
N ASP C 232 -22.47 -11.06 -39.36
CA ASP C 232 -23.85 -11.35 -39.70
C ASP C 232 -24.75 -10.78 -38.60
N PRO C 233 -25.93 -10.25 -38.95
CA PRO C 233 -26.75 -9.56 -37.93
C PRO C 233 -27.17 -10.44 -36.77
N TYR C 234 -27.99 -11.46 -37.06
CA TYR C 234 -28.54 -12.29 -36.01
C TYR C 234 -27.53 -13.25 -35.41
N GLY C 235 -26.45 -13.56 -36.13
CA GLY C 235 -25.44 -14.48 -35.62
C GLY C 235 -25.91 -15.91 -35.47
N ASP C 236 -26.73 -16.39 -36.42
CA ASP C 236 -27.21 -17.76 -36.34
C ASP C 236 -26.13 -18.76 -36.74
N ARG C 237 -25.06 -18.31 -37.38
CA ARG C 237 -23.98 -19.18 -37.83
C ARG C 237 -22.88 -19.32 -36.79
N LEU C 238 -22.63 -18.30 -35.99
CA LEU C 238 -21.57 -18.32 -34.99
C LEU C 238 -22.17 -18.14 -33.60
N PHE C 239 -22.41 -19.25 -32.89
CA PHE C 239 -22.57 -19.17 -31.44
C PHE C 239 -21.22 -18.90 -30.80
N PHE C 240 -20.22 -19.67 -31.17
CA PHE C 240 -18.83 -19.50 -30.77
C PHE C 240 -18.00 -20.37 -31.71
N PHE C 241 -16.69 -20.23 -31.61
CA PHE C 241 -15.81 -21.05 -32.43
C PHE C 241 -14.45 -21.15 -31.74
N LEU C 242 -13.71 -22.19 -32.11
CA LEU C 242 -12.37 -22.42 -31.59
C LEU C 242 -11.48 -22.82 -32.75
N ARG C 243 -10.19 -22.51 -32.64
CA ARG C 243 -9.29 -22.80 -33.75
C ARG C 243 -7.87 -22.96 -33.23
N LYS C 244 -7.12 -23.83 -33.91
CA LYS C 244 -5.68 -23.97 -33.69
C LYS C 244 -5.05 -24.40 -35.00
N GLU C 245 -4.31 -23.48 -35.63
CA GLU C 245 -3.58 -23.76 -36.85
C GLU C 245 -2.09 -23.63 -36.60
N GLN C 246 -1.30 -24.45 -37.29
CA GLN C 246 0.15 -24.31 -37.25
C GLN C 246 0.76 -25.05 -38.43
N MET C 247 1.80 -24.46 -39.01
CA MET C 247 2.54 -25.07 -40.09
C MET C 247 3.88 -24.36 -40.24
N PHE C 248 4.82 -25.04 -40.88
CA PHE C 248 6.09 -24.45 -41.27
C PHE C 248 6.50 -24.99 -42.63
N ALA C 249 7.47 -24.31 -43.25
CA ALA C 249 7.95 -24.68 -44.58
C ALA C 249 8.99 -25.78 -44.44
N ARG C 250 8.68 -26.97 -44.96
CA ARG C 250 9.56 -28.12 -44.83
C ARG C 250 10.60 -28.19 -45.95
N HIS C 251 10.17 -27.99 -47.19
CA HIS C 251 11.08 -28.02 -48.33
C HIS C 251 10.74 -26.90 -49.29
N PHE C 252 11.66 -26.63 -50.22
CA PHE C 252 11.51 -25.57 -51.21
C PHE C 252 11.78 -26.15 -52.59
N PHE C 253 10.79 -26.08 -53.47
CA PHE C 253 10.90 -26.58 -54.84
C PHE C 253 10.48 -25.48 -55.81
N ASN C 254 10.55 -25.80 -57.10
CA ASN C 254 10.01 -24.95 -58.15
C ASN C 254 9.23 -25.81 -59.14
N ARG C 255 8.42 -25.15 -59.97
CA ARG C 255 7.54 -25.82 -60.90
C ARG C 255 8.20 -26.02 -62.26
N ALA C 256 7.76 -27.07 -62.95
CA ALA C 256 8.10 -27.27 -64.35
C ALA C 256 7.02 -26.67 -65.24
N GLY C 257 7.41 -26.27 -66.44
CA GLY C 257 6.51 -25.61 -67.37
C GLY C 257 6.89 -24.16 -67.58
N GLU C 258 6.19 -23.54 -68.53
CA GLU C 258 6.48 -22.16 -68.91
C GLU C 258 6.13 -21.21 -67.76
N VAL C 259 7.06 -20.30 -67.46
CA VAL C 259 6.81 -19.26 -66.47
C VAL C 259 5.84 -18.26 -67.09
N GLY C 260 4.63 -18.18 -66.53
CA GLY C 260 3.60 -17.34 -67.12
C GLY C 260 3.92 -15.86 -67.08
N GLU C 261 4.69 -15.42 -66.09
CA GLU C 261 5.02 -14.01 -65.93
C GLU C 261 6.51 -13.89 -65.62
N PRO C 262 7.32 -13.49 -66.60
CA PRO C 262 8.77 -13.51 -66.41
C PRO C 262 9.27 -12.33 -65.58
N VAL C 263 10.44 -12.53 -64.99
CA VAL C 263 11.06 -11.50 -64.14
C VAL C 263 11.54 -10.35 -65.02
N PRO C 264 11.17 -9.11 -64.70
CA PRO C 264 11.67 -7.97 -65.50
C PRO C 264 13.17 -7.82 -65.35
N ASP C 265 13.77 -7.15 -66.34
CA ASP C 265 15.21 -6.95 -66.35
C ASP C 265 15.69 -6.01 -65.26
N THR C 266 14.79 -5.17 -64.71
CA THR C 266 15.19 -4.26 -63.64
C THR C 266 15.69 -4.99 -62.40
N LEU C 267 15.35 -6.27 -62.26
CA LEU C 267 15.69 -7.04 -61.06
C LEU C 267 16.84 -8.01 -61.28
N ILE C 268 17.45 -8.03 -62.48
CA ILE C 268 18.55 -8.93 -62.78
C ILE C 268 19.55 -8.23 -63.68
N ILE C 269 20.77 -8.75 -63.67
CA ILE C 269 21.78 -8.41 -64.67
C ILE C 269 21.98 -9.68 -65.49
N LYS C 270 21.58 -9.64 -66.76
CA LYS C 270 21.55 -10.86 -67.56
C LYS C 270 22.94 -11.46 -67.68
N GLY C 271 23.00 -12.77 -67.55
CA GLY C 271 24.26 -13.48 -67.62
C GLY C 271 24.59 -14.01 -69.00
N SER C 272 25.88 -14.25 -69.20
CA SER C 272 26.34 -15.09 -70.30
C SER C 272 27.18 -16.21 -69.69
N GLY C 273 28.16 -16.70 -70.44
CA GLY C 273 29.05 -17.74 -69.93
C GLY C 273 28.38 -18.97 -69.34
N ASN C 274 27.17 -19.30 -69.82
CA ASN C 274 26.36 -20.49 -69.53
C ASN C 274 25.02 -20.13 -68.90
N ARG C 275 24.90 -18.92 -68.34
CA ARG C 275 23.68 -18.53 -67.62
C ARG C 275 22.81 -17.59 -68.44
N THR C 276 22.72 -17.80 -69.75
CA THR C 276 21.82 -17.00 -70.58
C THR C 276 20.36 -17.38 -70.37
N SER C 277 20.08 -18.65 -70.10
CA SER C 277 18.71 -19.14 -69.95
C SER C 277 18.30 -19.06 -68.49
N VAL C 278 17.26 -18.26 -68.21
CA VAL C 278 16.83 -18.03 -66.83
C VAL C 278 16.11 -19.27 -66.31
N GLY C 279 16.50 -19.72 -65.12
CA GLY C 279 15.79 -20.80 -64.46
C GLY C 279 14.42 -20.36 -63.98
N SER C 280 13.53 -21.34 -63.83
CA SER C 280 12.15 -21.05 -63.46
C SER C 280 12.08 -20.61 -62.00
N SER C 281 11.44 -19.47 -61.77
CA SER C 281 11.27 -18.91 -60.42
C SER C 281 9.82 -19.03 -59.95
N ILE C 282 9.17 -20.14 -60.25
CA ILE C 282 7.82 -20.43 -59.78
C ILE C 282 7.96 -21.43 -58.65
N TYR C 283 7.99 -20.93 -57.41
CA TYR C 283 8.32 -21.77 -56.27
C TYR C 283 7.09 -22.43 -55.67
N VAL C 284 7.29 -23.66 -55.18
CA VAL C 284 6.28 -24.42 -54.48
C VAL C 284 6.78 -24.66 -53.06
N ASN C 285 5.86 -24.98 -52.16
CA ASN C 285 6.22 -25.13 -50.75
C ASN C 285 5.49 -26.31 -50.16
N THR C 286 6.25 -27.28 -49.67
CA THR C 286 5.67 -28.39 -48.92
C THR C 286 5.48 -27.95 -47.47
N PRO C 287 4.26 -27.95 -46.95
CA PRO C 287 4.05 -27.59 -45.55
C PRO C 287 4.33 -28.78 -44.63
N SER C 288 4.26 -28.52 -43.33
CA SER C 288 4.38 -29.57 -42.34
C SER C 288 3.68 -29.10 -41.06
N GLY C 289 2.83 -29.96 -40.50
CA GLY C 289 2.08 -29.64 -39.31
C GLY C 289 2.82 -29.81 -38.00
N SER C 290 4.08 -30.23 -38.05
CA SER C 290 4.91 -30.40 -36.86
C SER C 290 4.28 -31.37 -35.87
N LEU C 291 4.64 -31.23 -34.59
CA LEU C 291 4.16 -32.14 -33.56
C LEU C 291 2.66 -31.99 -33.34
N VAL C 292 2.02 -33.09 -32.99
CA VAL C 292 0.66 -33.11 -32.46
C VAL C 292 0.75 -33.59 -31.01
N SER C 293 0.01 -32.93 -30.12
CA SER C 293 0.13 -33.22 -28.70
C SER C 293 -1.25 -33.22 -28.04
N SER C 294 -1.33 -33.94 -26.92
CA SER C 294 -2.57 -33.99 -26.15
C SER C 294 -2.89 -32.62 -25.55
N GLU C 295 -1.87 -31.90 -25.08
CA GLU C 295 -2.09 -30.58 -24.50
C GLU C 295 -2.66 -29.59 -25.51
N ALA C 296 -2.48 -29.83 -26.81
CA ALA C 296 -2.99 -28.95 -27.83
C ALA C 296 -4.38 -29.32 -28.31
N GLN C 297 -4.96 -30.38 -27.77
CA GLN C 297 -6.27 -30.84 -28.21
C GLN C 297 -7.37 -29.88 -27.77
N LEU C 298 -8.37 -29.70 -28.63
CA LEU C 298 -9.56 -28.94 -28.29
C LEU C 298 -10.72 -29.82 -27.83
N PHE C 299 -10.68 -31.11 -28.11
CA PHE C 299 -11.84 -31.97 -27.99
C PHE C 299 -11.74 -32.84 -26.73
N ASN C 300 -12.75 -33.69 -26.54
CA ASN C 300 -12.89 -34.53 -25.34
C ASN C 300 -12.92 -33.69 -24.07
N LYS C 301 -13.47 -32.47 -24.16
CA LYS C 301 -13.65 -31.60 -23.02
C LYS C 301 -14.87 -30.72 -23.27
N PRO C 302 -15.65 -30.42 -22.24
CA PRO C 302 -16.92 -29.70 -22.47
C PRO C 302 -16.75 -28.20 -22.58
N TYR C 303 -17.64 -27.59 -23.37
CA TYR C 303 -17.76 -26.15 -23.48
C TYR C 303 -19.13 -25.73 -22.99
N TRP C 304 -19.16 -24.74 -22.10
CA TRP C 304 -20.42 -24.20 -21.57
C TRP C 304 -20.71 -22.86 -22.22
N LEU C 305 -21.84 -22.79 -22.94
CA LEU C 305 -22.22 -21.59 -23.69
C LEU C 305 -22.98 -20.63 -22.79
N GLN C 306 -22.22 -19.88 -21.98
CA GLN C 306 -22.86 -18.91 -21.10
C GLN C 306 -23.29 -17.65 -21.86
N LYS C 307 -22.48 -17.19 -22.80
CA LYS C 307 -22.86 -16.06 -23.64
C LYS C 307 -22.25 -16.20 -25.02
N ALA C 308 -23.09 -16.12 -26.05
CA ALA C 308 -22.65 -16.27 -27.43
C ALA C 308 -22.10 -14.95 -27.96
N GLN C 309 -21.33 -15.05 -29.04
CA GLN C 309 -20.73 -13.87 -29.65
C GLN C 309 -21.77 -13.01 -30.35
N GLY C 310 -22.67 -13.63 -31.11
CA GLY C 310 -23.69 -12.91 -31.84
C GLY C 310 -24.91 -12.61 -30.98
N HIS C 311 -25.95 -12.10 -31.65
CA HIS C 311 -27.19 -11.79 -30.94
C HIS C 311 -27.93 -13.05 -30.52
N ASN C 312 -27.89 -14.10 -31.35
CA ASN C 312 -28.51 -15.37 -31.00
C ASN C 312 -27.69 -16.02 -29.90
N ASN C 313 -28.20 -15.96 -28.67
CA ASN C 313 -27.47 -16.48 -27.52
C ASN C 313 -27.79 -17.96 -27.29
N GLY C 314 -27.53 -18.76 -28.32
CA GLY C 314 -27.62 -20.19 -28.20
C GLY C 314 -28.99 -20.79 -28.45
N ILE C 315 -29.88 -20.09 -29.14
CA ILE C 315 -31.22 -20.61 -29.42
C ILE C 315 -31.16 -21.46 -30.68
N CYS C 316 -31.67 -22.69 -30.59
CA CYS C 316 -31.66 -23.62 -31.71
C CYS C 316 -32.98 -23.47 -32.47
N TRP C 317 -33.02 -22.43 -33.31
CA TRP C 317 -34.20 -22.18 -34.13
C TRP C 317 -34.43 -23.34 -35.10
N GLY C 318 -35.71 -23.70 -35.27
CA GLY C 318 -36.05 -24.81 -36.14
C GLY C 318 -35.78 -26.18 -35.57
N ASN C 319 -35.44 -26.27 -34.28
CA ASN C 319 -35.11 -27.54 -33.63
C ASN C 319 -33.97 -28.26 -34.36
N GLN C 320 -32.98 -27.50 -34.77
CA GLN C 320 -31.80 -28.05 -35.42
C GLN C 320 -30.57 -27.31 -34.93
N LEU C 321 -29.41 -27.90 -35.19
CA LEU C 321 -28.15 -27.38 -34.66
C LEU C 321 -27.01 -27.89 -35.55
N PHE C 322 -26.07 -27.00 -35.86
CA PHE C 322 -24.97 -27.32 -36.76
C PHE C 322 -23.66 -27.35 -35.98
N VAL C 323 -22.94 -28.46 -36.09
CA VAL C 323 -21.63 -28.64 -35.48
C VAL C 323 -20.64 -28.93 -36.60
N THR C 324 -19.68 -28.03 -36.78
CA THR C 324 -18.65 -28.16 -37.80
C THR C 324 -17.33 -28.45 -37.12
N VAL C 325 -16.65 -29.51 -37.54
CA VAL C 325 -15.44 -29.97 -36.89
C VAL C 325 -14.38 -30.25 -37.94
N VAL C 326 -13.16 -29.75 -37.70
CA VAL C 326 -11.98 -30.14 -38.46
C VAL C 326 -10.93 -30.60 -37.45
N ASP C 327 -10.42 -31.81 -37.63
CA ASP C 327 -9.47 -32.40 -36.68
C ASP C 327 -8.46 -33.22 -37.48
N THR C 328 -7.30 -32.63 -37.74
CA THR C 328 -6.22 -33.30 -38.46
C THR C 328 -5.22 -33.96 -37.52
N THR C 329 -5.45 -33.90 -36.21
CA THR C 329 -4.55 -34.49 -35.23
C THR C 329 -4.78 -35.99 -35.03
N ARG C 330 -5.74 -36.57 -35.74
CA ARG C 330 -5.97 -38.01 -35.74
C ARG C 330 -6.12 -38.50 -37.17
N SER C 331 -5.24 -38.02 -38.05
CA SER C 331 -5.29 -38.28 -39.48
C SER C 331 -4.43 -39.46 -39.91
N THR C 332 -4.00 -40.30 -38.96
CA THR C 332 -3.17 -41.45 -39.30
C THR C 332 -3.85 -42.34 -40.34
N ASN C 333 -3.12 -42.67 -41.40
CA ASN C 333 -3.64 -43.52 -42.47
C ASN C 333 -3.10 -44.93 -42.27
N MET C 334 -4.01 -45.89 -42.13
CA MET C 334 -3.63 -47.28 -41.89
C MET C 334 -3.22 -47.95 -43.19
N THR C 335 -2.16 -48.76 -43.10
CA THR C 335 -1.66 -49.54 -44.23
C THR C 335 -2.22 -50.95 -44.14
N LEU C 336 -2.95 -51.38 -45.16
CA LEU C 336 -3.49 -52.73 -45.24
C LEU C 336 -2.76 -53.51 -46.33
N CYS C 337 -2.46 -54.78 -46.05
CA CYS C 337 -1.70 -55.61 -46.98
C CYS C 337 -2.32 -57.00 -47.02
N ALA C 338 -2.78 -57.40 -48.20
CA ALA C 338 -3.37 -58.72 -48.40
C ALA C 338 -2.49 -59.54 -49.34
N SER C 339 -2.44 -60.84 -49.10
CA SER C 339 -1.61 -61.74 -49.89
C SER C 339 -2.41 -62.32 -51.04
N VAL C 340 -1.90 -62.16 -52.26
CA VAL C 340 -2.56 -62.74 -53.43
C VAL C 340 -2.17 -64.21 -53.60
N THR C 341 -0.91 -64.54 -53.31
CA THR C 341 -0.43 -65.91 -53.42
C THR C 341 0.56 -66.16 -52.29
N THR C 342 0.32 -67.22 -51.53
CA THR C 342 1.14 -67.56 -50.38
C THR C 342 2.19 -68.59 -50.77
N SER C 343 3.46 -68.19 -50.71
CA SER C 343 4.59 -69.08 -50.88
C SER C 343 5.58 -68.85 -49.75
N SER C 344 6.62 -69.68 -49.71
CA SER C 344 7.62 -69.60 -48.64
C SER C 344 8.60 -68.45 -48.84
N THR C 345 8.48 -67.69 -49.93
CA THR C 345 9.38 -66.59 -50.22
C THR C 345 8.60 -65.29 -50.41
N TYR C 346 9.22 -64.18 -50.01
CA TYR C 346 8.62 -62.87 -50.21
C TYR C 346 8.85 -62.40 -51.65
N THR C 347 7.75 -62.04 -52.32
CA THR C 347 7.81 -61.45 -53.65
C THR C 347 6.80 -60.32 -53.72
N ASN C 348 7.25 -59.14 -54.17
CA ASN C 348 6.40 -57.96 -54.17
C ASN C 348 5.10 -58.18 -54.94
N SER C 349 5.14 -58.97 -56.00
CA SER C 349 3.96 -59.19 -56.83
C SER C 349 2.89 -60.04 -56.14
N ASP C 350 3.16 -60.59 -54.95
CA ASP C 350 2.20 -61.42 -54.24
C ASP C 350 1.30 -60.64 -53.31
N TYR C 351 1.46 -59.31 -53.21
CA TYR C 351 0.71 -58.53 -52.26
C TYR C 351 0.07 -57.33 -52.93
N LYS C 352 -1.10 -56.96 -52.43
CA LYS C 352 -1.77 -55.71 -52.78
C LYS C 352 -1.85 -54.85 -51.53
N GLU C 353 -1.38 -53.61 -51.64
CA GLU C 353 -1.33 -52.68 -50.52
C GLU C 353 -2.46 -51.67 -50.67
N TYR C 354 -3.18 -51.42 -49.58
CA TYR C 354 -4.35 -50.56 -49.59
C TYR C 354 -4.17 -49.44 -48.57
N MET C 355 -5.08 -48.47 -48.63
CA MET C 355 -5.07 -47.33 -47.73
C MET C 355 -6.45 -47.19 -47.10
N ARG C 356 -6.49 -46.99 -45.78
CA ARG C 356 -7.74 -46.86 -45.05
C ARG C 356 -7.57 -45.87 -43.91
N HIS C 357 -8.49 -44.94 -43.79
CA HIS C 357 -8.51 -43.96 -42.71
C HIS C 357 -9.87 -44.01 -42.01
N VAL C 358 -9.88 -43.64 -40.72
CA VAL C 358 -11.07 -43.77 -39.89
C VAL C 358 -11.25 -42.51 -39.05
N GLU C 359 -12.51 -42.27 -38.65
CA GLU C 359 -12.87 -41.18 -37.77
C GLU C 359 -13.95 -41.67 -36.81
N GLU C 360 -13.76 -41.41 -35.51
CA GLU C 360 -14.70 -41.83 -34.48
C GLU C 360 -15.12 -40.62 -33.67
N TYR C 361 -16.42 -40.39 -33.58
CA TYR C 361 -16.97 -39.22 -32.90
C TYR C 361 -17.99 -39.63 -31.85
N ASP C 362 -18.14 -38.77 -30.83
CA ASP C 362 -19.18 -38.93 -29.81
C ASP C 362 -19.65 -37.52 -29.44
N LEU C 363 -20.81 -37.12 -29.95
CA LEU C 363 -21.36 -35.81 -29.70
C LEU C 363 -22.28 -35.85 -28.49
N GLN C 364 -22.01 -34.97 -27.52
CA GLN C 364 -22.84 -34.83 -26.33
C GLN C 364 -23.33 -33.39 -26.20
N PHE C 365 -24.60 -33.23 -25.88
CA PHE C 365 -25.23 -31.92 -25.76
C PHE C 365 -26.03 -31.84 -24.47
N ILE C 366 -26.23 -30.62 -23.99
CA ILE C 366 -27.13 -30.35 -22.86
C ILE C 366 -27.94 -29.12 -23.21
N PHE C 367 -29.26 -29.28 -23.30
CA PHE C 367 -30.16 -28.24 -23.75
C PHE C 367 -31.01 -27.70 -22.61
N GLN C 368 -31.37 -26.43 -22.72
CA GLN C 368 -32.22 -25.75 -21.75
C GLN C 368 -33.55 -25.40 -22.42
N LEU C 369 -34.64 -25.82 -21.81
CA LEU C 369 -35.97 -25.54 -22.36
C LEU C 369 -36.31 -24.07 -22.24
N CYS C 370 -36.88 -23.51 -23.30
CA CYS C 370 -37.26 -22.10 -23.32
C CYS C 370 -38.66 -21.95 -23.91
N SER C 371 -39.37 -20.92 -23.43
CA SER C 371 -40.68 -20.55 -23.93
C SER C 371 -40.64 -19.12 -24.45
N ILE C 372 -41.49 -18.82 -25.43
CA ILE C 372 -41.52 -17.52 -26.08
C ILE C 372 -42.97 -17.03 -26.11
N THR C 373 -43.24 -15.96 -25.36
CA THR C 373 -44.55 -15.31 -25.40
C THR C 373 -44.65 -14.43 -26.64
N LEU C 374 -45.61 -14.73 -27.51
CA LEU C 374 -45.71 -14.07 -28.81
C LEU C 374 -46.66 -12.88 -28.73
N SER C 375 -46.08 -11.71 -28.47
CA SER C 375 -46.83 -10.47 -28.61
C SER C 375 -46.84 -10.02 -30.07
N ALA C 376 -47.59 -8.95 -30.34
CA ALA C 376 -47.63 -8.40 -31.70
C ALA C 376 -46.25 -7.95 -32.15
N GLU C 377 -45.46 -7.38 -31.24
CA GLU C 377 -44.10 -6.99 -31.58
C GLU C 377 -43.20 -8.21 -31.77
N VAL C 378 -43.37 -9.23 -30.93
CA VAL C 378 -42.55 -10.44 -31.05
C VAL C 378 -42.85 -11.16 -32.36
N VAL C 379 -44.12 -11.29 -32.71
CA VAL C 379 -44.48 -11.92 -33.99
C VAL C 379 -43.90 -11.14 -35.16
N ALA C 380 -43.92 -9.80 -35.07
CA ALA C 380 -43.36 -8.97 -36.14
C ALA C 380 -41.84 -9.15 -36.23
N TYR C 381 -41.15 -9.02 -35.09
CA TYR C 381 -39.70 -9.19 -35.08
C TYR C 381 -39.29 -10.59 -35.52
N ILE C 382 -40.09 -11.60 -35.22
CA ILE C 382 -39.75 -12.97 -35.61
C ILE C 382 -40.04 -13.22 -37.09
N HIS C 383 -40.99 -12.49 -37.68
CA HIS C 383 -41.30 -12.70 -39.09
C HIS C 383 -40.07 -12.41 -39.97
N THR C 384 -39.50 -11.22 -39.84
CA THR C 384 -38.14 -11.03 -40.32
C THR C 384 -37.20 -11.86 -39.45
N MET C 385 -36.04 -12.21 -40.03
CA MET C 385 -35.17 -13.30 -39.60
C MET C 385 -35.55 -14.55 -40.39
N ASN C 386 -36.54 -15.30 -39.90
CA ASN C 386 -37.09 -16.41 -40.66
C ASN C 386 -38.57 -16.55 -40.35
N PRO C 387 -39.45 -16.42 -41.35
CA PRO C 387 -40.88 -16.61 -41.08
C PRO C 387 -41.28 -18.06 -40.89
N SER C 388 -40.49 -19.00 -41.41
CA SER C 388 -40.78 -20.42 -41.19
C SER C 388 -40.70 -20.80 -39.72
N VAL C 389 -40.01 -20.00 -38.90
CA VAL C 389 -40.07 -20.20 -37.45
C VAL C 389 -41.49 -20.06 -36.95
N LEU C 390 -42.23 -19.08 -37.48
CA LEU C 390 -43.64 -18.93 -37.14
C LEU C 390 -44.50 -19.94 -37.88
N GLU C 391 -44.21 -20.19 -39.16
CA GLU C 391 -45.03 -21.09 -39.96
C GLU C 391 -44.98 -22.51 -39.43
N ASP C 392 -43.80 -22.96 -38.97
CA ASP C 392 -43.69 -24.29 -38.41
C ASP C 392 -44.31 -24.39 -37.02
N TRP C 393 -44.41 -23.27 -36.31
CA TRP C 393 -45.10 -23.25 -35.02
C TRP C 393 -46.61 -23.34 -35.17
N ASN C 394 -47.15 -23.16 -36.37
CA ASN C 394 -48.60 -23.10 -36.60
C ASN C 394 -49.24 -22.00 -35.74
N PHE C 395 -48.70 -20.79 -35.87
CA PHE C 395 -49.17 -19.66 -35.09
C PHE C 395 -49.43 -18.45 -35.98
N PRO C 429 -38.94 -28.94 -49.62
CA PRO C 429 -39.05 -27.49 -49.39
C PRO C 429 -37.81 -26.89 -48.76
N ASP C 430 -37.21 -27.61 -47.81
CA ASP C 430 -36.00 -27.20 -47.12
C ASP C 430 -34.92 -26.81 -48.15
N PRO C 431 -34.47 -25.56 -48.18
CA PRO C 431 -33.44 -25.18 -49.15
C PRO C 431 -32.06 -25.72 -48.84
N TYR C 432 -31.87 -26.34 -47.68
CA TYR C 432 -30.59 -26.93 -47.30
C TYR C 432 -30.48 -28.39 -47.73
N LYS C 433 -31.50 -28.94 -48.38
CA LYS C 433 -31.47 -30.32 -48.85
C LYS C 433 -30.62 -30.51 -50.10
N ASN C 434 -30.20 -29.43 -50.75
CA ASN C 434 -29.22 -29.54 -51.83
C ASN C 434 -27.80 -29.70 -51.29
N LEU C 435 -27.55 -29.26 -50.06
CA LEU C 435 -26.26 -29.39 -49.40
C LEU C 435 -26.20 -30.72 -48.64
N SER C 436 -24.98 -31.16 -48.37
CA SER C 436 -24.75 -32.47 -47.77
C SER C 436 -24.14 -32.31 -46.39
N PHE C 437 -24.74 -32.98 -45.41
CA PHE C 437 -24.35 -32.95 -44.01
C PHE C 437 -24.31 -34.37 -43.45
N TRP C 438 -23.70 -34.50 -42.27
CA TRP C 438 -23.75 -35.73 -41.48
C TRP C 438 -24.95 -35.62 -40.56
N GLU C 439 -26.06 -36.26 -40.95
CA GLU C 439 -27.30 -36.11 -40.19
C GLU C 439 -27.20 -36.86 -38.87
N VAL C 440 -27.58 -36.20 -37.78
CA VAL C 440 -27.58 -36.79 -36.44
C VAL C 440 -28.98 -36.61 -35.87
N ASN C 441 -29.69 -37.72 -35.69
CA ASN C 441 -31.07 -37.71 -35.22
C ASN C 441 -31.08 -37.85 -33.70
N LEU C 442 -31.31 -36.75 -33.00
CA LEU C 442 -31.40 -36.77 -31.54
C LEU C 442 -32.83 -36.78 -31.03
N LYS C 443 -33.83 -36.86 -31.91
CA LYS C 443 -35.17 -37.17 -31.45
C LYS C 443 -35.19 -38.59 -30.87
N GLU C 444 -36.02 -38.79 -29.85
CA GLU C 444 -36.06 -40.02 -29.07
C GLU C 444 -34.77 -40.27 -28.32
N LYS C 445 -33.84 -39.32 -28.32
CA LYS C 445 -32.58 -39.43 -27.60
C LYS C 445 -32.50 -38.48 -26.41
N PHE C 446 -33.45 -37.56 -26.28
CA PHE C 446 -33.47 -36.67 -25.12
C PHE C 446 -33.81 -37.44 -23.85
N SER C 447 -33.07 -37.13 -22.79
CA SER C 447 -33.31 -37.70 -21.47
C SER C 447 -33.19 -36.60 -20.43
N SER C 448 -34.09 -36.60 -19.45
CA SER C 448 -34.06 -35.61 -18.39
C SER C 448 -33.21 -36.06 -17.19
N GLU C 449 -32.77 -37.31 -17.17
CA GLU C 449 -31.95 -37.84 -16.07
C GLU C 449 -30.49 -37.57 -16.41
N LEU C 450 -30.05 -36.36 -16.09
CA LEU C 450 -28.71 -35.90 -16.49
C LEU C 450 -27.61 -36.79 -15.91
N ASP C 451 -27.72 -37.16 -14.63
CA ASP C 451 -26.62 -37.82 -13.95
C ASP C 451 -26.30 -39.20 -14.50
N GLN C 452 -27.09 -39.71 -15.44
CA GLN C 452 -26.85 -41.02 -16.02
C GLN C 452 -25.81 -40.98 -17.14
N TYR C 453 -25.23 -39.83 -17.43
CA TYR C 453 -24.42 -39.63 -18.61
C TYR C 453 -23.17 -38.84 -18.25
N PRO C 454 -22.07 -39.03 -19.02
CA PRO C 454 -20.82 -38.32 -18.69
C PRO C 454 -20.97 -36.81 -18.63
N LEU C 455 -21.40 -36.21 -19.75
CA LEU C 455 -21.55 -34.75 -19.78
C LEU C 455 -22.61 -34.27 -18.81
N GLY C 456 -23.68 -35.06 -18.63
CA GLY C 456 -24.70 -34.70 -17.66
C GLY C 456 -24.14 -34.61 -16.25
N ARG C 457 -23.28 -35.57 -15.88
CA ARG C 457 -22.63 -35.52 -14.58
C ARG C 457 -21.79 -34.26 -14.42
N LYS C 458 -21.04 -33.89 -15.47
CA LYS C 458 -20.21 -32.70 -15.41
C LYS C 458 -21.05 -31.44 -15.26
N PHE C 459 -22.24 -31.41 -15.88
CA PHE C 459 -23.08 -30.21 -15.80
C PHE C 459 -23.57 -29.98 -14.38
N LEU C 460 -23.86 -31.06 -13.65
CA LEU C 460 -24.27 -30.91 -12.26
C LEU C 460 -23.16 -30.28 -11.42
N LEU C 461 -21.94 -30.81 -11.54
CA LEU C 461 -20.83 -30.31 -10.73
C LEU C 461 -20.20 -29.03 -11.26
N GLN C 462 -20.75 -28.39 -12.30
CA GLN C 462 -20.11 -27.22 -12.90
C GLN C 462 -21.15 -26.31 -13.52
N SER C 463 -20.72 -25.10 -13.84
CA SER C 463 -21.55 -24.09 -14.50
C SER C 463 -22.71 -23.66 -13.61
N LYS D 15 30.11 -4.61 9.93
CA LYS D 15 31.25 -3.82 9.48
C LYS D 15 30.89 -3.07 8.19
N VAL D 16 30.42 -3.80 7.19
CA VAL D 16 29.88 -3.22 5.97
C VAL D 16 28.37 -3.19 6.09
N VAL D 17 27.78 -2.02 5.85
CA VAL D 17 26.35 -1.82 5.99
C VAL D 17 25.77 -1.40 4.65
N ALA D 18 24.47 -1.59 4.50
CA ALA D 18 23.79 -1.11 3.31
C ALA D 18 23.83 0.41 3.26
N THR D 19 23.86 0.95 2.04
CA THR D 19 23.85 2.40 1.88
C THR D 19 22.59 3.03 2.45
N ASP D 20 21.54 2.25 2.69
CA ASP D 20 20.32 2.76 3.29
C ASP D 20 20.56 3.33 4.69
N ALA D 21 21.62 2.89 5.36
CA ALA D 21 21.85 3.32 6.74
C ALA D 21 22.36 4.75 6.81
N TYR D 22 23.19 5.16 5.85
CA TYR D 22 23.87 6.45 5.93
C TYR D 22 23.67 7.33 4.70
N VAL D 23 22.77 6.94 3.78
CA VAL D 23 22.47 7.74 2.60
C VAL D 23 20.97 8.01 2.59
N THR D 24 20.60 9.26 2.84
CA THR D 24 19.19 9.65 2.93
C THR D 24 18.67 10.04 1.55
N ARG D 25 17.46 9.58 1.25
CA ARG D 25 16.83 9.80 -0.05
C ARG D 25 16.02 11.10 -0.02
N THR D 26 15.91 11.72 -1.19
CA THR D 26 15.09 12.92 -1.36
C THR D 26 13.92 12.61 -2.27
N ASN D 27 13.14 13.65 -2.59
CA ASN D 27 12.03 13.54 -3.52
C ASN D 27 12.39 14.02 -4.92
N ILE D 28 13.65 14.39 -5.15
CA ILE D 28 14.08 15.00 -6.40
C ILE D 28 14.51 13.90 -7.37
N PHE D 29 13.79 13.76 -8.48
CA PHE D 29 14.12 12.80 -9.52
C PHE D 29 14.46 13.54 -10.81
N TYR D 30 15.35 12.96 -11.60
CA TYR D 30 15.81 13.57 -12.84
C TYR D 30 15.88 12.52 -13.94
N HIS D 31 15.63 12.96 -15.18
CA HIS D 31 15.74 12.12 -16.35
C HIS D 31 16.98 12.50 -17.16
N ALA D 32 17.58 11.51 -17.79
CA ALA D 32 18.73 11.73 -18.66
C ALA D 32 18.74 10.67 -19.74
N SER D 33 18.96 11.09 -20.99
CA SER D 33 18.97 10.19 -22.13
C SER D 33 20.22 10.45 -22.97
N SER D 34 20.85 9.37 -23.42
CA SER D 34 22.03 9.46 -24.26
C SER D 34 21.71 9.83 -25.70
N SER D 35 20.44 9.85 -26.08
CA SER D 35 20.00 9.98 -27.47
C SER D 35 20.51 8.81 -28.29
N ARG D 36 20.37 8.88 -29.62
CA ARG D 36 20.75 7.75 -30.46
C ARG D 36 22.26 7.57 -30.47
N LEU D 37 22.70 6.34 -30.23
CA LEU D 37 24.12 5.97 -30.27
C LEU D 37 24.31 4.96 -31.38
N LEU D 38 25.27 5.23 -32.28
CA LEU D 38 25.51 4.39 -33.43
C LEU D 38 26.98 4.04 -33.54
N ALA D 39 27.27 2.77 -33.83
CA ALA D 39 28.60 2.31 -34.18
C ALA D 39 28.47 1.39 -35.39
N VAL D 40 29.27 1.64 -36.41
CA VAL D 40 29.18 0.92 -37.67
C VAL D 40 30.58 0.44 -38.04
N GLY D 41 30.69 -0.84 -38.40
CA GLY D 41 31.98 -1.38 -38.79
C GLY D 41 31.93 -2.78 -39.37
N HIS D 42 33.05 -3.50 -39.25
CA HIS D 42 33.27 -4.85 -39.76
C HIS D 42 33.01 -5.87 -38.66
N PRO D 43 32.17 -6.89 -38.90
CA PRO D 43 31.84 -7.84 -37.83
C PRO D 43 32.98 -8.77 -37.44
N TYR D 44 34.06 -8.86 -38.22
CA TYR D 44 35.10 -9.84 -37.97
C TYR D 44 36.43 -9.26 -37.49
N PHE D 45 36.84 -8.10 -38.00
CA PHE D 45 38.15 -7.56 -37.65
C PHE D 45 38.19 -6.08 -37.95
N SER D 46 39.05 -5.37 -37.24
CA SER D 46 39.29 -3.96 -37.52
C SER D 46 40.12 -3.83 -38.80
N ILE D 47 39.91 -2.72 -39.51
CA ILE D 47 40.55 -2.49 -40.79
C ILE D 47 41.49 -1.30 -40.62
N LYS D 48 42.79 -1.56 -40.68
CA LYS D 48 43.81 -0.54 -40.57
C LYS D 48 44.86 -0.71 -41.66
N ARG D 49 45.09 0.35 -42.42
CA ARG D 49 46.07 0.32 -43.51
C ARG D 49 46.70 1.70 -43.65
N ALA D 50 48.00 1.78 -43.42
CA ALA D 50 48.79 0.65 -42.96
C ALA D 50 49.29 0.90 -41.54
N ASN D 51 48.69 1.89 -40.87
CA ASN D 51 49.17 2.31 -39.56
C ASN D 51 48.04 2.39 -38.54
N LYS D 52 46.95 3.08 -38.87
CA LYS D 52 45.85 3.28 -37.92
C LYS D 52 44.53 2.80 -38.50
N THR D 53 43.57 2.61 -37.61
CA THR D 53 42.30 1.98 -37.95
C THR D 53 41.45 2.90 -38.83
N VAL D 54 40.91 2.34 -39.91
CA VAL D 54 39.99 3.06 -40.77
C VAL D 54 38.53 2.70 -40.45
N VAL D 55 38.27 1.42 -40.18
CA VAL D 55 36.93 0.94 -39.89
C VAL D 55 36.98 0.14 -38.60
N PRO D 56 36.18 0.48 -37.59
CA PRO D 56 36.25 -0.24 -36.32
C PRO D 56 35.56 -1.60 -36.41
N LYS D 57 35.95 -2.49 -35.50
CA LYS D 57 35.31 -3.79 -35.38
C LYS D 57 34.01 -3.64 -34.61
N VAL D 58 32.90 -3.87 -35.29
CA VAL D 58 31.57 -3.76 -34.69
C VAL D 58 30.86 -5.10 -34.94
N SER D 59 30.68 -5.88 -33.87
CA SER D 59 30.11 -7.21 -33.97
C SER D 59 29.07 -7.41 -32.90
N GLY D 60 28.05 -8.22 -33.21
CA GLY D 60 27.00 -8.52 -32.26
C GLY D 60 27.46 -9.32 -31.06
N TYR D 61 28.65 -9.92 -31.12
CA TYR D 61 29.17 -10.73 -30.04
C TYR D 61 30.20 -9.98 -29.18
N GLN D 62 30.20 -8.65 -29.25
CA GLN D 62 31.08 -7.82 -28.45
C GLN D 62 30.34 -7.29 -27.23
N TYR D 63 31.10 -7.11 -26.14
CA TYR D 63 30.55 -6.42 -24.98
C TYR D 63 30.40 -4.93 -25.28
N ARG D 64 29.29 -4.35 -24.84
CA ARG D 64 29.09 -2.91 -24.88
C ARG D 64 29.07 -2.41 -23.44
N VAL D 65 30.16 -1.79 -23.02
CA VAL D 65 30.33 -1.33 -21.64
C VAL D 65 30.36 0.19 -21.67
N PHE D 66 29.26 0.81 -21.24
CA PHE D 66 29.12 2.26 -21.25
C PHE D 66 29.57 2.84 -19.92
N LYS D 67 30.47 3.82 -19.98
CA LYS D 67 30.87 4.59 -18.81
C LYS D 67 30.04 5.87 -18.80
N VAL D 68 28.98 5.87 -18.00
CA VAL D 68 28.03 6.97 -17.95
C VAL D 68 28.54 8.01 -16.96
N VAL D 69 28.87 9.19 -17.46
CA VAL D 69 29.38 10.27 -16.64
C VAL D 69 28.23 11.15 -16.19
N LEU D 70 28.11 11.34 -14.87
CA LEU D 70 27.05 12.15 -14.29
C LEU D 70 27.60 13.49 -13.79
N PRO D 71 26.79 14.53 -13.80
CA PRO D 71 27.23 15.81 -13.22
C PRO D 71 27.33 15.70 -11.71
N ASP D 72 28.32 16.38 -11.15
CA ASP D 72 28.50 16.43 -9.71
C ASP D 72 27.34 17.19 -9.09
N PRO D 73 26.49 16.56 -8.28
CA PRO D 73 25.37 17.29 -7.66
C PRO D 73 25.82 18.34 -6.65
N ASN D 74 27.03 18.23 -6.10
CA ASN D 74 27.53 19.26 -5.21
C ASN D 74 27.97 20.51 -5.94
N LYS D 75 28.23 20.41 -7.25
CA LYS D 75 28.49 21.58 -8.09
C LYS D 75 27.39 21.81 -9.11
N PHE D 76 26.23 21.17 -8.93
CA PHE D 76 25.12 21.29 -9.85
C PHE D 76 24.31 22.54 -9.55
N ALA D 77 23.75 23.13 -10.61
CA ALA D 77 22.93 24.33 -10.49
C ALA D 77 21.50 23.93 -10.09
N LEU D 78 21.38 23.43 -8.87
CA LEU D 78 20.07 23.06 -8.35
C LEU D 78 19.22 24.31 -8.12
N PRO D 79 17.89 24.19 -8.19
CA PRO D 79 17.05 25.37 -8.00
C PRO D 79 17.18 25.99 -6.62
N ASP D 80 17.21 25.17 -5.57
CA ASP D 80 17.35 25.65 -4.20
C ASP D 80 18.49 24.90 -3.52
N SER D 81 19.40 25.66 -2.90
CA SER D 81 20.45 25.08 -2.09
C SER D 81 19.98 24.71 -0.68
N SER D 82 18.69 24.88 -0.40
CA SER D 82 18.13 24.59 0.92
C SER D 82 18.05 23.09 1.21
N LEU D 83 18.27 22.24 0.21
CA LEU D 83 18.20 20.80 0.43
C LEU D 83 19.23 20.35 1.47
N PHE D 84 20.47 20.83 1.35
CA PHE D 84 21.56 20.34 2.16
C PHE D 84 22.42 21.50 2.65
N ASP D 85 23.05 21.30 3.80
CA ASP D 85 24.07 22.21 4.29
C ASP D 85 25.42 21.79 3.73
N PRO D 86 26.10 22.65 2.97
CA PRO D 86 27.41 22.24 2.40
C PRO D 86 28.39 21.73 3.44
N THR D 87 28.36 22.28 4.65
CA THR D 87 29.13 21.74 5.76
C THR D 87 28.38 20.57 6.39
N THR D 88 29.01 19.41 6.41
CA THR D 88 28.58 18.13 6.98
C THR D 88 27.65 17.34 6.06
N GLN D 89 27.21 17.89 4.94
CA GLN D 89 26.39 17.15 3.98
C GLN D 89 26.95 17.27 2.57
N ARG D 90 26.89 16.16 1.84
CA ARG D 90 27.32 16.08 0.46
C ARG D 90 26.24 15.36 -0.34
N LEU D 91 26.21 15.60 -1.65
CA LEU D 91 25.18 15.04 -2.52
C LEU D 91 25.77 13.93 -3.40
N VAL D 92 24.91 12.99 -3.78
CA VAL D 92 25.29 11.90 -4.67
C VAL D 92 24.03 11.37 -5.32
N TRP D 93 24.16 10.90 -6.57
CA TRP D 93 23.04 10.37 -7.32
C TRP D 93 22.81 8.89 -7.03
N ALA D 94 21.54 8.49 -6.99
CA ALA D 94 21.14 7.10 -6.84
C ALA D 94 20.32 6.69 -8.06
N CYS D 95 20.64 5.53 -8.62
CA CYS D 95 19.94 5.05 -9.81
C CYS D 95 18.66 4.32 -9.42
N THR D 96 17.54 4.74 -10.01
CA THR D 96 16.24 4.12 -9.75
C THR D 96 15.54 3.60 -10.99
N GLY D 97 15.96 4.00 -12.18
CA GLY D 97 15.27 3.59 -13.40
C GLY D 97 16.22 3.49 -14.56
N LEU D 98 15.95 2.53 -15.46
CA LEU D 98 16.84 2.25 -16.56
C LEU D 98 16.05 1.61 -17.70
N GLU D 99 16.32 2.05 -18.93
CA GLU D 99 15.78 1.41 -20.13
C GLU D 99 16.89 1.39 -21.17
N VAL D 100 17.35 0.20 -21.53
CA VAL D 100 18.38 0.02 -22.54
C VAL D 100 17.68 -0.19 -23.88
N GLY D 101 17.72 0.84 -24.73
CA GLY D 101 17.03 0.80 -26.00
C GLY D 101 17.87 0.18 -27.11
N ARG D 102 17.28 -0.78 -27.81
CA ARG D 102 17.89 -1.41 -28.99
C ARG D 102 17.06 -1.04 -30.21
N GLY D 103 17.74 -0.59 -31.27
CA GLY D 103 17.05 0.03 -32.39
C GLY D 103 17.27 -0.60 -33.75
N GLN D 104 17.52 -1.90 -33.81
CA GLN D 104 17.73 -2.60 -35.07
C GLN D 104 16.79 -3.79 -35.15
N PRO D 105 16.52 -4.30 -36.35
CA PRO D 105 15.68 -5.49 -36.47
C PRO D 105 16.37 -6.71 -35.86
N LEU D 106 15.55 -7.58 -35.28
CA LEU D 106 16.07 -8.85 -34.78
C LEU D 106 16.61 -9.69 -35.92
N GLY D 107 17.71 -10.38 -35.66
CA GLY D 107 18.32 -11.21 -36.67
C GLY D 107 19.60 -11.82 -36.15
N VAL D 108 20.12 -12.78 -36.91
CA VAL D 108 21.30 -13.53 -36.53
C VAL D 108 22.35 -13.37 -37.64
N GLY D 109 23.57 -13.02 -37.24
CA GLY D 109 24.70 -13.03 -38.13
C GLY D 109 25.61 -14.21 -37.81
N VAL D 110 26.50 -14.57 -38.74
CA VAL D 110 27.38 -15.71 -38.54
C VAL D 110 28.83 -15.26 -38.71
N SER D 111 29.73 -16.08 -38.17
CA SER D 111 31.16 -15.90 -38.31
C SER D 111 31.76 -17.20 -38.83
N GLY D 112 32.93 -17.08 -39.43
CA GLY D 112 33.56 -18.25 -40.00
C GLY D 112 35.06 -18.09 -40.10
N HIS D 113 35.67 -18.99 -40.84
CA HIS D 113 37.11 -19.01 -41.01
C HIS D 113 37.42 -19.63 -42.37
N PRO D 114 38.08 -18.89 -43.27
CA PRO D 114 38.42 -19.48 -44.58
C PRO D 114 39.31 -20.70 -44.48
N PHE D 115 40.01 -20.87 -43.36
CA PHE D 115 40.84 -22.06 -43.11
C PHE D 115 40.52 -22.59 -41.71
N LEU D 116 39.28 -22.98 -41.48
CA LEU D 116 38.90 -23.60 -40.23
C LEU D 116 39.46 -25.01 -40.16
N ASN D 117 40.05 -25.37 -39.01
CA ASN D 117 40.67 -26.68 -38.83
C ASN D 117 39.59 -27.74 -38.61
N LYS D 118 38.86 -28.03 -39.68
CA LYS D 118 37.88 -29.10 -39.71
C LYS D 118 38.44 -30.25 -40.53
N TYR D 119 38.21 -31.47 -40.06
CA TYR D 119 38.75 -32.63 -40.77
C TYR D 119 37.62 -33.50 -41.33
N ASP D 120 37.02 -34.33 -40.49
CA ASP D 120 35.96 -35.24 -40.92
C ASP D 120 34.62 -34.80 -40.31
N ASP D 121 33.54 -35.12 -41.04
CA ASP D 121 32.20 -35.07 -40.47
C ASP D 121 31.99 -36.33 -39.65
N VAL D 122 31.97 -36.18 -38.32
CA VAL D 122 32.03 -37.32 -37.43
C VAL D 122 30.66 -37.91 -37.13
N GLU D 123 29.59 -37.32 -37.67
CA GLU D 123 28.25 -37.78 -37.29
C GLU D 123 27.97 -39.20 -37.76
N ASN D 124 28.47 -39.59 -38.94
CA ASN D 124 28.19 -40.94 -39.44
C ASN D 124 29.08 -41.39 -40.59
N SER D 125 30.40 -41.21 -40.51
CA SER D 125 31.24 -41.60 -41.64
C SER D 125 32.65 -41.99 -41.19
N GLY D 126 33.17 -43.02 -41.87
CA GLY D 126 34.48 -43.63 -41.69
C GLY D 126 34.69 -44.52 -42.89
N SER D 127 35.92 -45.05 -43.03
CA SER D 127 36.95 -45.07 -41.99
C SER D 127 38.32 -44.60 -42.48
N GLY D 128 38.54 -44.66 -43.79
CA GLY D 128 39.82 -44.30 -44.36
C GLY D 128 40.06 -42.80 -44.44
N GLY D 129 40.81 -42.26 -43.49
CA GLY D 129 41.55 -41.03 -43.72
C GLY D 129 42.71 -41.23 -44.67
N ASN D 130 43.85 -40.60 -44.40
CA ASN D 130 44.22 -40.13 -43.07
C ASN D 130 44.76 -38.71 -43.27
N PRO D 131 44.89 -37.93 -42.18
CA PRO D 131 45.27 -36.51 -42.37
C PRO D 131 46.59 -36.33 -43.09
N GLY D 132 46.64 -35.28 -43.92
CA GLY D 132 47.81 -34.94 -44.68
C GLY D 132 48.58 -33.77 -44.08
N GLN D 133 48.91 -32.79 -44.93
CA GLN D 133 49.64 -31.59 -44.48
C GLN D 133 48.73 -30.39 -44.27
N ASP D 134 47.78 -30.15 -45.16
CA ASP D 134 46.83 -29.05 -45.02
C ASP D 134 45.45 -29.53 -45.43
N ASN D 135 44.50 -29.48 -44.50
CA ASN D 135 43.14 -29.91 -44.75
C ASN D 135 42.11 -28.89 -44.26
N ARG D 136 42.53 -27.65 -44.03
CA ARG D 136 41.64 -26.64 -43.47
C ARG D 136 40.53 -26.29 -44.47
N VAL D 137 39.34 -26.04 -43.93
CA VAL D 137 38.13 -25.87 -44.71
C VAL D 137 37.60 -24.46 -44.50
N ASN D 138 36.81 -23.99 -45.47
CA ASN D 138 36.15 -22.68 -45.40
C ASN D 138 34.74 -22.92 -44.88
N VAL D 139 34.55 -22.72 -43.58
CA VAL D 139 33.30 -23.05 -42.90
C VAL D 139 32.85 -21.87 -42.06
N GLY D 140 31.54 -21.62 -42.04
CA GLY D 140 30.97 -20.61 -41.19
C GLY D 140 29.83 -21.18 -40.37
N MET D 141 29.48 -20.47 -39.30
CA MET D 141 28.54 -20.99 -38.33
C MET D 141 27.90 -19.83 -37.58
N ASP D 142 26.73 -20.09 -36.99
CA ASP D 142 26.06 -19.12 -36.14
C ASP D 142 26.36 -19.43 -34.69
N TYR D 143 26.65 -18.38 -33.92
CA TYR D 143 27.15 -18.57 -32.57
C TYR D 143 26.01 -18.80 -31.59
N LYS D 144 26.40 -19.10 -30.35
CA LYS D 144 25.47 -19.18 -29.24
C LYS D 144 24.81 -17.82 -29.01
N GLN D 145 23.51 -17.86 -28.69
CA GLN D 145 22.74 -16.65 -28.43
C GLN D 145 22.93 -16.23 -26.98
N THR D 146 23.18 -14.94 -26.76
CA THR D 146 23.45 -14.42 -25.43
C THR D 146 22.86 -13.03 -25.28
N GLN D 147 22.11 -12.82 -24.19
CA GLN D 147 21.64 -11.51 -23.78
C GLN D 147 22.01 -11.30 -22.31
N LEU D 148 22.51 -10.11 -21.99
CA LEU D 148 22.83 -9.80 -20.60
C LEU D 148 22.98 -8.29 -20.43
N CYS D 149 22.72 -7.81 -19.23
CA CYS D 149 22.91 -6.41 -18.89
C CYS D 149 23.27 -6.27 -17.42
N MET D 150 24.20 -5.36 -17.12
CA MET D 150 24.62 -5.09 -15.75
C MET D 150 24.70 -3.59 -15.51
N VAL D 151 24.47 -3.18 -14.27
CA VAL D 151 24.60 -1.80 -13.84
C VAL D 151 25.41 -1.76 -12.54
N GLY D 152 26.34 -0.82 -12.46
CA GLY D 152 27.08 -0.57 -11.24
C GLY D 152 27.84 0.73 -11.35
N CYS D 153 28.46 1.12 -10.24
CA CYS D 153 29.33 2.28 -10.20
C CYS D 153 30.79 1.93 -10.40
N ALA D 154 31.10 0.66 -10.63
CA ALA D 154 32.42 0.16 -10.95
C ALA D 154 32.32 -0.82 -12.11
N PRO D 155 33.35 -0.89 -12.97
CA PRO D 155 33.25 -1.71 -14.17
C PRO D 155 33.15 -3.19 -13.80
N PRO D 156 32.50 -3.98 -14.63
CA PRO D 156 32.28 -5.39 -14.29
C PRO D 156 33.55 -6.22 -14.46
N LEU D 157 33.53 -7.40 -13.84
CA LEU D 157 34.61 -8.36 -13.94
C LEU D 157 34.25 -9.49 -14.89
N GLY D 158 35.20 -9.85 -15.75
CA GLY D 158 35.06 -11.02 -16.59
C GLY D 158 35.98 -12.13 -16.14
N GLU D 159 35.70 -13.35 -16.56
CA GLU D 159 36.58 -14.49 -16.30
C GLU D 159 36.87 -15.20 -17.62
N HIS D 160 38.09 -15.72 -17.73
CA HIS D 160 38.48 -16.48 -18.91
C HIS D 160 39.68 -17.34 -18.56
N TRP D 161 39.90 -18.37 -19.36
CA TRP D 161 41.04 -19.25 -19.21
C TRP D 161 42.18 -18.77 -20.10
N GLY D 162 43.38 -18.64 -19.51
CA GLY D 162 44.56 -18.25 -20.25
C GLY D 162 45.69 -19.23 -20.00
N LYS D 163 46.79 -19.00 -20.70
CA LYS D 163 47.96 -19.85 -20.56
C LYS D 163 48.62 -19.59 -19.21
N GLY D 164 48.50 -20.54 -18.28
CA GLY D 164 49.11 -20.38 -16.99
C GLY D 164 50.59 -20.68 -16.99
N LYS D 165 51.28 -20.14 -16.00
CA LYS D 165 52.72 -20.36 -15.86
C LYS D 165 53.01 -21.83 -15.59
N GLN D 166 54.17 -22.29 -16.04
CA GLN D 166 54.59 -23.66 -15.79
C GLN D 166 54.93 -23.87 -14.32
N GLN D 173 59.32 -29.92 -22.31
CA GLN D 173 59.51 -30.15 -23.74
C GLN D 173 58.97 -28.98 -24.56
N ALA D 174 58.84 -29.19 -25.86
CA ALA D 174 58.37 -28.15 -26.78
C ALA D 174 57.17 -28.68 -27.56
N GLY D 175 56.08 -27.92 -27.54
CA GLY D 175 54.85 -28.35 -28.17
C GLY D 175 53.88 -29.06 -27.25
N ASP D 176 54.20 -29.16 -25.96
CA ASP D 176 53.33 -29.82 -25.00
C ASP D 176 52.09 -28.98 -24.75
N CYS D 177 51.16 -29.57 -23.99
CA CYS D 177 49.92 -28.86 -23.67
C CYS D 177 50.22 -27.67 -22.76
N PRO D 178 49.55 -26.55 -22.97
CA PRO D 178 49.78 -25.39 -22.11
C PRO D 178 49.05 -25.53 -20.78
N PRO D 179 49.65 -25.04 -19.70
CA PRO D 179 48.94 -25.05 -18.40
C PRO D 179 47.79 -24.05 -18.41
N LEU D 180 46.70 -24.43 -17.76
CA LEU D 180 45.49 -23.62 -17.73
C LEU D 180 45.40 -22.86 -16.40
N GLU D 181 44.96 -21.61 -16.49
CA GLU D 181 44.78 -20.76 -15.32
C GLU D 181 43.55 -19.89 -15.54
N LEU D 182 42.74 -19.73 -14.49
CA LEU D 182 41.51 -18.95 -14.57
C LEU D 182 41.84 -17.51 -14.21
N ILE D 183 41.78 -16.62 -15.20
CA ILE D 183 42.10 -15.21 -15.03
C ILE D 183 40.81 -14.42 -14.92
N THR D 184 40.72 -13.53 -13.93
CA THR D 184 39.67 -12.54 -13.85
C THR D 184 40.23 -11.19 -14.26
N SER D 185 39.41 -10.40 -14.96
CA SER D 185 39.87 -9.14 -15.51
C SER D 185 38.69 -8.20 -15.67
N VAL D 186 38.99 -6.95 -16.02
CA VAL D 186 37.95 -5.95 -16.23
C VAL D 186 37.39 -6.10 -17.64
N ILE D 187 36.06 -6.11 -17.75
CA ILE D 187 35.40 -6.20 -19.04
C ILE D 187 35.43 -4.82 -19.69
N GLN D 188 36.09 -4.74 -20.85
CA GLN D 188 36.18 -3.50 -21.60
C GLN D 188 35.20 -3.53 -22.78
N ASP D 189 34.84 -2.34 -23.24
CA ASP D 189 34.01 -2.22 -24.43
C ASP D 189 34.75 -2.76 -25.64
N GLY D 190 34.11 -3.70 -26.35
CA GLY D 190 34.71 -4.36 -27.49
C GLY D 190 35.26 -5.75 -27.22
N ASP D 191 35.38 -6.15 -25.96
CA ASP D 191 35.81 -7.50 -25.64
C ASP D 191 34.79 -8.50 -26.16
N MET D 192 35.25 -9.70 -26.48
CA MET D 192 34.41 -10.72 -27.08
C MET D 192 33.74 -11.56 -25.99
N VAL D 193 32.48 -11.91 -26.22
CA VAL D 193 31.75 -12.78 -25.33
C VAL D 193 31.99 -14.23 -25.73
N ASP D 194 31.68 -15.15 -24.82
CA ASP D 194 31.75 -16.57 -25.16
C ASP D 194 30.71 -16.89 -26.23
N THR D 195 31.10 -17.75 -27.16
CA THR D 195 30.30 -18.02 -28.34
C THR D 195 29.92 -19.49 -28.49
N GLY D 196 30.30 -20.33 -27.54
CA GLY D 196 30.14 -21.77 -27.65
C GLY D 196 31.45 -22.53 -27.67
N PHE D 197 32.58 -21.84 -27.71
CA PHE D 197 33.89 -22.46 -27.66
C PHE D 197 34.57 -22.23 -26.31
N GLY D 198 33.88 -21.62 -25.37
CA GLY D 198 34.40 -21.39 -24.04
C GLY D 198 34.87 -19.96 -23.84
N ALA D 199 35.10 -19.62 -22.58
CA ALA D 199 35.65 -18.32 -22.19
C ALA D 199 37.14 -18.52 -21.97
N MET D 200 37.91 -18.36 -23.03
CA MET D 200 39.34 -18.64 -22.99
C MET D 200 40.09 -17.63 -23.86
N ASN D 201 41.41 -17.66 -23.75
CA ASN D 201 42.29 -16.77 -24.50
C ASN D 201 42.77 -17.52 -25.73
N PHE D 202 42.02 -17.37 -26.83
CA PHE D 202 42.34 -18.09 -28.06
C PHE D 202 43.68 -17.64 -28.66
N ALA D 203 44.13 -16.43 -28.34
CA ALA D 203 45.42 -15.97 -28.84
C ALA D 203 46.57 -16.78 -28.26
N ASP D 204 46.41 -17.30 -27.04
CA ASP D 204 47.45 -18.04 -26.35
C ASP D 204 47.24 -19.55 -26.38
N LEU D 205 46.00 -20.01 -26.21
CA LEU D 205 45.72 -21.43 -26.07
C LEU D 205 45.46 -22.14 -27.39
N GLN D 206 45.23 -21.41 -28.47
CA GLN D 206 45.06 -21.98 -29.81
C GLN D 206 46.04 -21.26 -30.74
N THR D 207 47.26 -21.80 -30.84
CA THR D 207 48.33 -21.11 -31.54
C THR D 207 48.22 -21.21 -33.05
N ASN D 208 47.43 -22.16 -33.57
CA ASN D 208 47.33 -22.36 -35.01
C ASN D 208 46.38 -21.37 -35.68
N LYS D 209 45.71 -20.52 -34.93
CA LYS D 209 44.82 -19.48 -35.44
C LYS D 209 43.68 -20.02 -36.30
N SER D 210 43.49 -21.34 -36.34
CA SER D 210 42.56 -21.95 -37.27
C SER D 210 41.55 -22.88 -36.61
N ASP D 211 41.43 -22.86 -35.29
CA ASP D 211 40.49 -23.75 -34.61
C ASP D 211 39.13 -23.13 -34.38
N VAL D 212 39.06 -21.81 -34.31
CA VAL D 212 37.79 -21.10 -34.16
C VAL D 212 37.73 -20.02 -35.23
N PRO D 213 36.52 -19.53 -35.55
CA PRO D 213 36.38 -18.51 -36.59
C PRO D 213 37.24 -17.29 -36.32
N ILE D 214 37.49 -16.53 -37.39
CA ILE D 214 38.52 -15.50 -37.37
C ILE D 214 38.18 -14.34 -36.43
N ASP D 215 36.91 -14.16 -36.07
CA ASP D 215 36.55 -13.04 -35.21
C ASP D 215 36.84 -13.29 -33.74
N ILE D 216 37.33 -14.47 -33.38
CA ILE D 216 37.69 -14.76 -31.99
C ILE D 216 39.02 -15.48 -31.92
N CYS D 217 39.53 -15.91 -33.07
CA CYS D 217 40.76 -16.71 -33.10
C CYS D 217 41.98 -15.93 -32.63
N GLY D 218 41.95 -14.60 -32.72
CA GLY D 218 43.06 -13.80 -32.25
C GLY D 218 42.66 -12.83 -31.16
N THR D 219 41.59 -13.16 -30.44
CA THR D 219 41.06 -12.32 -29.37
C THR D 219 40.79 -13.21 -28.15
N THR D 220 40.29 -12.58 -27.09
CA THR D 220 39.97 -13.27 -25.85
C THR D 220 38.48 -13.14 -25.58
N CYS D 221 37.82 -14.28 -25.36
CA CYS D 221 36.41 -14.31 -25.01
C CYS D 221 36.29 -14.39 -23.49
N LYS D 222 35.65 -13.40 -22.89
CA LYS D 222 35.49 -13.32 -21.45
C LYS D 222 34.04 -13.59 -21.07
N TYR D 223 33.86 -14.29 -19.95
CA TYR D 223 32.56 -14.49 -19.36
C TYR D 223 32.48 -13.74 -18.03
N PRO D 224 31.35 -13.12 -17.72
CA PRO D 224 31.24 -12.38 -16.47
C PRO D 224 31.36 -13.29 -15.26
N ASP D 225 32.21 -12.89 -14.31
CA ASP D 225 32.38 -13.63 -13.07
C ASP D 225 31.26 -13.22 -12.11
N TYR D 226 30.07 -13.77 -12.36
CA TYR D 226 28.91 -13.47 -11.54
C TYR D 226 29.16 -13.80 -10.09
N LEU D 227 29.84 -14.92 -9.83
CA LEU D 227 30.03 -15.40 -8.46
C LEU D 227 30.87 -14.43 -7.65
N GLN D 228 31.88 -13.80 -8.27
CA GLN D 228 32.74 -12.89 -7.53
C GLN D 228 32.06 -11.55 -7.27
N MET D 229 31.48 -10.95 -8.31
CA MET D 229 30.88 -9.63 -8.18
C MET D 229 29.80 -9.62 -7.10
N ALA D 230 29.06 -10.72 -6.95
CA ALA D 230 28.07 -10.80 -5.88
C ALA D 230 28.69 -11.07 -4.52
N ALA D 231 29.84 -11.76 -4.48
CA ALA D 231 30.52 -12.07 -3.23
C ALA D 231 31.41 -10.93 -2.74
N ASP D 232 31.41 -9.81 -3.42
CA ASP D 232 32.17 -8.63 -3.00
C ASP D 232 31.43 -7.90 -1.88
N PRO D 233 32.16 -7.33 -0.92
CA PRO D 233 31.51 -6.71 0.25
C PRO D 233 30.58 -5.56 -0.11
N TYR D 234 31.15 -4.52 -0.71
CA TYR D 234 30.38 -3.31 -1.01
C TYR D 234 29.40 -3.53 -2.16
N GLY D 235 29.69 -4.48 -3.04
CA GLY D 235 28.77 -4.77 -4.14
C GLY D 235 28.61 -3.63 -5.12
N ASP D 236 29.69 -2.92 -5.43
CA ASP D 236 29.63 -1.80 -6.36
C ASP D 236 29.56 -2.22 -7.81
N ARG D 237 29.84 -3.48 -8.12
CA ARG D 237 29.83 -3.96 -9.50
C ARG D 237 28.46 -4.48 -9.92
N LEU D 238 27.69 -5.05 -9.00
CA LEU D 238 26.38 -5.61 -9.29
C LEU D 238 25.32 -4.87 -8.49
N PHE D 239 24.68 -3.89 -9.12
CA PHE D 239 23.39 -3.41 -8.62
C PHE D 239 22.33 -4.47 -8.88
N PHE D 240 22.31 -4.99 -10.11
CA PHE D 240 21.45 -6.09 -10.54
C PHE D 240 22.02 -6.57 -11.87
N PHE D 241 21.49 -7.68 -12.35
CA PHE D 241 21.91 -8.17 -13.65
C PHE D 241 20.82 -9.08 -14.22
N LEU D 242 20.84 -9.22 -15.53
CA LEU D 242 19.91 -10.08 -16.25
C LEU D 242 20.69 -10.86 -17.30
N ARG D 243 20.22 -12.06 -17.62
CA ARG D 243 20.93 -12.90 -18.56
C ARG D 243 19.97 -13.86 -19.26
N LYS D 244 20.26 -14.15 -20.51
CA LYS D 244 19.56 -15.19 -21.26
C LYS D 244 20.55 -15.78 -22.25
N GLU D 245 20.98 -17.01 -22.00
CA GLU D 245 21.88 -17.73 -22.89
C GLU D 245 21.17 -18.95 -23.44
N GLN D 246 21.51 -19.33 -24.67
CA GLN D 246 21.00 -20.58 -25.22
C GLN D 246 21.84 -20.98 -26.44
N MET D 247 22.07 -22.27 -26.57
CA MET D 247 22.77 -22.83 -27.72
C MET D 247 22.51 -24.33 -27.77
N PHE D 248 22.73 -24.91 -28.95
CA PHE D 248 22.69 -26.35 -29.12
C PHE D 248 23.79 -26.75 -30.10
N ALA D 249 24.07 -28.05 -30.13
CA ALA D 249 25.12 -28.57 -31.00
C ALA D 249 24.54 -28.77 -32.40
N ARG D 250 25.04 -28.01 -33.37
CA ARG D 250 24.52 -28.04 -34.73
C ARG D 250 25.20 -29.12 -35.57
N HIS D 251 26.52 -29.23 -35.50
CA HIS D 251 27.25 -30.25 -36.23
C HIS D 251 28.35 -30.81 -35.34
N PHE D 252 28.94 -31.93 -35.77
CA PHE D 252 29.99 -32.61 -35.03
C PHE D 252 31.16 -32.85 -35.96
N PHE D 253 32.32 -32.30 -35.61
CA PHE D 253 33.54 -32.45 -36.39
C PHE D 253 34.66 -32.96 -35.49
N ASN D 254 35.82 -33.20 -36.10
CA ASN D 254 37.05 -33.49 -35.37
C ASN D 254 38.17 -32.67 -35.97
N ARG D 255 39.28 -32.60 -35.24
CA ARG D 255 40.40 -31.75 -35.62
C ARG D 255 41.41 -32.52 -36.46
N ALA D 256 42.12 -31.79 -37.31
CA ALA D 256 43.28 -32.33 -37.99
C ALA D 256 44.54 -32.00 -37.20
N GLY D 257 45.55 -32.85 -37.34
CA GLY D 257 46.78 -32.69 -36.59
C GLY D 257 46.99 -33.79 -35.58
N GLU D 258 48.16 -33.77 -34.97
CA GLU D 258 48.57 -34.80 -34.02
C GLU D 258 47.70 -34.77 -32.77
N VAL D 259 47.21 -35.94 -32.36
CA VAL D 259 46.49 -36.06 -31.11
C VAL D 259 47.50 -35.95 -29.97
N GLY D 260 47.40 -34.87 -29.18
CA GLY D 260 48.40 -34.63 -28.15
C GLY D 260 48.40 -35.67 -27.05
N GLU D 261 47.23 -36.26 -26.77
CA GLU D 261 47.09 -37.25 -25.71
C GLU D 261 46.26 -38.42 -26.23
N PRO D 262 46.89 -39.54 -26.55
CA PRO D 262 46.17 -40.63 -27.23
C PRO D 262 45.31 -41.43 -26.26
N VAL D 263 44.32 -42.09 -26.84
CA VAL D 263 43.37 -42.89 -26.06
C VAL D 263 44.09 -44.15 -25.55
N PRO D 264 44.01 -44.45 -24.26
CA PRO D 264 44.68 -45.65 -23.74
C PRO D 264 44.07 -46.92 -24.31
N ASP D 265 44.86 -48.00 -24.26
CA ASP D 265 44.42 -49.28 -24.79
C ASP D 265 43.32 -49.91 -23.95
N THR D 266 43.16 -49.49 -22.69
CA THR D 266 42.10 -50.05 -21.85
C THR D 266 40.71 -49.78 -22.42
N LEU D 267 40.57 -48.79 -23.31
CA LEU D 267 39.28 -48.40 -23.84
C LEU D 267 39.06 -48.87 -25.28
N ILE D 268 40.03 -49.59 -25.88
CA ILE D 268 39.91 -50.05 -27.25
C ILE D 268 40.53 -51.44 -27.38
N ILE D 269 40.09 -52.15 -28.41
CA ILE D 269 40.73 -53.37 -28.87
C ILE D 269 41.33 -53.08 -30.24
N LYS D 270 42.65 -53.22 -30.35
CA LYS D 270 43.38 -52.75 -31.51
C LYS D 270 42.83 -53.39 -32.78
N GLY D 271 42.88 -52.62 -33.88
CA GLY D 271 42.29 -53.03 -35.13
C GLY D 271 43.19 -53.90 -36.00
N SER D 272 42.56 -54.55 -36.97
CA SER D 272 43.25 -55.29 -38.02
C SER D 272 42.92 -54.71 -39.40
N GLY D 273 43.49 -55.36 -40.41
CA GLY D 273 43.32 -54.98 -41.79
C GLY D 273 43.63 -53.54 -42.13
N ASN D 274 42.60 -52.71 -42.14
CA ASN D 274 42.75 -51.29 -42.43
C ASN D 274 42.59 -50.40 -41.20
N ARG D 275 42.14 -50.94 -40.07
CA ARG D 275 41.84 -50.11 -38.89
C ARG D 275 42.97 -50.18 -37.86
N THR D 276 44.21 -50.26 -38.33
CA THR D 276 45.37 -50.19 -37.43
C THR D 276 45.63 -48.77 -36.94
N SER D 277 45.38 -47.76 -37.78
CA SER D 277 45.66 -46.37 -37.45
C SER D 277 44.42 -45.75 -36.81
N VAL D 278 44.56 -45.31 -35.56
CA VAL D 278 43.42 -44.78 -34.81
C VAL D 278 43.03 -43.42 -35.36
N GLY D 279 41.73 -43.23 -35.61
CA GLY D 279 41.25 -41.92 -36.00
C GLY D 279 41.35 -40.92 -34.87
N SER D 280 41.42 -39.65 -35.25
CA SER D 280 41.62 -38.59 -34.26
C SER D 280 40.35 -38.38 -33.44
N SER D 281 40.49 -38.39 -32.12
CA SER D 281 39.38 -38.18 -31.19
C SER D 281 39.47 -36.81 -30.55
N ILE D 282 39.86 -35.80 -31.32
CA ILE D 282 39.88 -34.41 -30.86
C ILE D 282 38.68 -33.76 -31.51
N TYR D 283 37.56 -33.73 -30.81
CA TYR D 283 36.31 -33.30 -31.42
C TYR D 283 36.07 -31.82 -31.24
N VAL D 284 35.52 -31.20 -32.30
CA VAL D 284 35.06 -29.82 -32.27
C VAL D 284 33.57 -29.87 -32.60
N ASN D 285 32.85 -28.85 -32.17
CA ASN D 285 31.40 -28.81 -32.36
C ASN D 285 31.00 -27.38 -32.64
N THR D 286 30.36 -27.16 -33.77
CA THR D 286 29.85 -25.84 -34.11
C THR D 286 28.55 -25.58 -33.36
N PRO D 287 28.47 -24.52 -32.57
CA PRO D 287 27.22 -24.21 -31.85
C PRO D 287 26.21 -23.56 -32.78
N SER D 288 25.03 -23.32 -32.23
CA SER D 288 23.97 -22.60 -32.94
C SER D 288 23.05 -21.96 -31.92
N GLY D 289 22.72 -20.69 -32.13
CA GLY D 289 21.89 -19.95 -31.21
C GLY D 289 20.40 -20.14 -31.35
N SER D 290 19.96 -20.97 -32.31
CA SER D 290 18.55 -21.28 -32.51
C SER D 290 17.73 -20.02 -32.78
N LEU D 291 16.43 -20.09 -32.50
CA LEU D 291 15.53 -18.98 -32.77
C LEU D 291 15.83 -17.78 -31.89
N VAL D 292 15.61 -16.59 -32.45
CA VAL D 292 15.55 -15.34 -31.70
C VAL D 292 14.12 -14.83 -31.79
N SER D 293 13.58 -14.35 -30.67
CA SER D 293 12.19 -13.94 -30.62
C SER D 293 12.04 -12.67 -29.81
N SER D 294 10.97 -11.93 -30.12
CA SER D 294 10.67 -10.70 -29.37
C SER D 294 10.30 -11.00 -27.92
N GLU D 295 9.56 -12.09 -27.69
CA GLU D 295 9.16 -12.46 -26.34
C GLU D 295 10.34 -12.76 -25.43
N ALA D 296 11.49 -13.10 -25.99
CA ALA D 296 12.69 -13.41 -25.23
C ALA D 296 13.57 -12.19 -25.00
N GLN D 297 13.18 -11.02 -25.50
CA GLN D 297 14.02 -9.84 -25.40
C GLN D 297 14.11 -9.33 -23.97
N LEU D 298 15.29 -8.83 -23.60
CA LEU D 298 15.49 -8.18 -22.32
C LEU D 298 15.37 -6.67 -22.39
N PHE D 299 15.50 -6.08 -23.58
CA PHE D 299 15.68 -4.65 -23.72
C PHE D 299 14.39 -3.99 -24.19
N ASN D 300 14.45 -2.67 -24.39
CA ASN D 300 13.30 -1.85 -24.73
C ASN D 300 12.18 -1.98 -23.69
N LYS D 301 12.56 -2.19 -22.42
CA LYS D 301 11.61 -2.22 -21.33
C LYS D 301 12.33 -1.73 -20.08
N PRO D 302 11.65 -0.99 -19.21
CA PRO D 302 12.33 -0.36 -18.08
C PRO D 302 12.55 -1.31 -16.91
N TYR D 303 13.63 -1.07 -16.18
CA TYR D 303 13.93 -1.76 -14.94
C TYR D 303 13.94 -0.77 -13.78
N TRP D 304 13.21 -1.10 -12.72
CA TRP D 304 13.16 -0.26 -11.53
C TRP D 304 13.99 -0.93 -10.43
N LEU D 305 15.02 -0.22 -9.97
CA LEU D 305 15.95 -0.76 -8.98
C LEU D 305 15.36 -0.55 -7.59
N GLN D 306 14.45 -1.45 -7.21
CA GLN D 306 13.83 -1.36 -5.90
C GLN D 306 14.78 -1.78 -4.80
N LYS D 307 15.54 -2.86 -5.02
CA LYS D 307 16.54 -3.29 -4.07
C LYS D 307 17.68 -3.98 -4.82
N ALA D 308 18.91 -3.52 -4.57
CA ALA D 308 20.06 -4.07 -5.25
C ALA D 308 20.54 -5.35 -4.57
N GLN D 309 21.33 -6.13 -5.31
CA GLN D 309 21.81 -7.39 -4.77
C GLN D 309 22.83 -7.16 -3.66
N GLY D 310 23.77 -6.24 -3.87
CA GLY D 310 24.79 -5.94 -2.89
C GLY D 310 24.31 -4.89 -1.89
N HIS D 311 25.25 -4.43 -1.06
CA HIS D 311 24.93 -3.38 -0.10
C HIS D 311 24.69 -2.05 -0.78
N ASN D 312 25.41 -1.76 -1.86
CA ASN D 312 25.22 -0.52 -2.61
C ASN D 312 23.86 -0.60 -3.30
N ASN D 313 22.88 0.09 -2.75
CA ASN D 313 21.51 0.06 -3.27
C ASN D 313 21.32 1.14 -4.33
N GLY D 314 22.17 1.08 -5.35
CA GLY D 314 22.04 1.96 -6.50
C GLY D 314 22.73 3.28 -6.39
N ILE D 315 23.72 3.43 -5.51
CA ILE D 315 24.43 4.69 -5.33
C ILE D 315 25.53 4.79 -6.36
N CYS D 316 25.54 5.89 -7.12
CA CYS D 316 26.54 6.11 -8.16
C CYS D 316 27.71 6.90 -7.57
N TRP D 317 28.59 6.18 -6.89
CA TRP D 317 29.78 6.80 -6.33
C TRP D 317 30.68 7.34 -7.44
N GLY D 318 31.26 8.51 -7.18
CA GLY D 318 32.11 9.15 -8.16
C GLY D 318 31.37 9.83 -9.30
N ASN D 319 30.05 9.98 -9.19
CA ASN D 319 29.23 10.60 -10.24
C ASN D 319 29.42 9.89 -11.59
N GLN D 320 29.48 8.56 -11.54
CA GLN D 320 29.61 7.76 -12.75
C GLN D 320 28.77 6.50 -12.60
N LEU D 321 28.56 5.82 -13.72
CA LEU D 321 27.70 4.64 -13.78
C LEU D 321 28.12 3.80 -14.97
N PHE D 322 28.19 2.49 -14.76
CA PHE D 322 28.64 1.56 -15.80
C PHE D 322 27.48 0.68 -16.23
N VAL D 323 27.23 0.64 -17.53
CA VAL D 323 26.19 -0.20 -18.13
C VAL D 323 26.86 -1.14 -19.12
N THR D 324 26.78 -2.45 -18.85
CA THR D 324 27.34 -3.47 -19.71
C THR D 324 26.22 -4.25 -20.38
N VAL D 325 26.28 -4.35 -21.71
CA VAL D 325 25.22 -4.96 -22.50
C VAL D 325 25.83 -5.90 -23.53
N VAL D 326 25.27 -7.10 -23.63
CA VAL D 326 25.55 -8.02 -24.73
C VAL D 326 24.23 -8.44 -25.34
N ASP D 327 24.08 -8.26 -26.66
CA ASP D 327 22.83 -8.55 -27.35
C ASP D 327 23.17 -9.13 -28.72
N THR D 328 23.11 -10.45 -28.84
CA THR D 328 23.39 -11.14 -30.09
C THR D 328 22.14 -11.36 -30.94
N THR D 329 20.99 -10.88 -30.50
CA THR D 329 19.75 -11.04 -31.27
C THR D 329 19.60 -9.98 -32.35
N ARG D 330 20.57 -9.08 -32.49
CA ARG D 330 20.62 -8.09 -33.55
C ARG D 330 21.99 -8.07 -34.19
N SER D 331 22.55 -9.27 -34.42
CA SER D 331 23.90 -9.42 -34.96
C SER D 331 23.90 -9.57 -36.47
N THR D 332 22.79 -9.24 -37.13
CA THR D 332 22.69 -9.34 -38.58
C THR D 332 23.80 -8.53 -39.25
N ASN D 333 24.53 -9.17 -40.15
CA ASN D 333 25.61 -8.54 -40.89
C ASN D 333 25.12 -8.22 -42.30
N MET D 334 25.17 -6.94 -42.66
CA MET D 334 24.71 -6.52 -43.97
C MET D 334 25.75 -6.82 -45.03
N THR D 335 25.29 -7.32 -46.17
CA THR D 335 26.15 -7.61 -47.32
C THR D 335 26.07 -6.43 -48.28
N LEU D 336 27.22 -5.82 -48.55
CA LEU D 336 27.33 -4.70 -49.48
C LEU D 336 28.05 -5.14 -50.74
N CYS D 337 27.58 -4.66 -51.89
CA CYS D 337 28.13 -5.05 -53.18
C CYS D 337 28.30 -3.81 -54.04
N ALA D 338 29.53 -3.53 -54.43
CA ALA D 338 29.86 -2.39 -55.28
C ALA D 338 30.35 -2.88 -56.65
N SER D 339 30.01 -2.12 -57.69
CA SER D 339 30.39 -2.47 -59.04
C SER D 339 31.69 -1.78 -59.43
N VAL D 340 32.67 -2.56 -59.88
CA VAL D 340 33.92 -1.98 -60.34
C VAL D 340 33.80 -1.52 -61.78
N THR D 341 33.12 -2.31 -62.62
CA THR D 341 32.92 -1.98 -64.02
C THR D 341 31.54 -2.45 -64.44
N THR D 342 30.76 -1.56 -65.05
CA THR D 342 29.40 -1.86 -65.47
C THR D 342 29.39 -2.28 -66.93
N SER D 343 29.00 -3.53 -67.18
CA SER D 343 28.78 -4.03 -68.53
C SER D 343 27.42 -4.72 -68.58
N SER D 344 27.03 -5.12 -69.78
CA SER D 344 25.72 -5.74 -70.00
C SER D 344 25.66 -7.20 -69.56
N THR D 345 26.76 -7.76 -69.08
CA THR D 345 26.82 -9.14 -68.65
C THR D 345 27.32 -9.23 -67.22
N TYR D 346 26.82 -10.23 -66.48
CA TYR D 346 27.31 -10.48 -65.13
C TYR D 346 28.63 -11.22 -65.16
N THR D 347 29.63 -10.66 -64.48
CA THR D 347 30.92 -11.30 -64.28
C THR D 347 31.36 -11.03 -62.86
N ASN D 348 31.74 -12.10 -62.13
CA ASN D 348 32.10 -11.96 -60.73
C ASN D 348 33.23 -10.97 -60.52
N SER D 349 34.15 -10.86 -61.48
CA SER D 349 35.30 -9.98 -61.33
C SER D 349 34.92 -8.50 -61.35
N ASP D 350 33.68 -8.16 -61.64
CA ASP D 350 33.25 -6.77 -61.69
C ASP D 350 32.73 -6.25 -60.36
N TYR D 351 32.72 -7.08 -59.31
CA TYR D 351 32.15 -6.68 -58.04
C TYR D 351 33.09 -6.98 -56.88
N LYS D 352 33.04 -6.11 -55.88
CA LYS D 352 33.69 -6.32 -54.61
C LYS D 352 32.61 -6.40 -53.54
N GLU D 353 32.63 -7.47 -52.74
CA GLU D 353 31.61 -7.70 -51.73
C GLU D 353 32.19 -7.37 -50.36
N TYR D 354 31.41 -6.65 -49.56
CA TYR D 354 31.87 -6.14 -48.28
C TYR D 354 30.95 -6.63 -47.16
N MET D 355 31.39 -6.42 -45.93
CA MET D 355 30.64 -6.81 -44.73
C MET D 355 30.52 -5.61 -43.82
N ARG D 356 29.32 -5.38 -43.29
CA ARG D 356 29.07 -4.25 -42.42
C ARG D 356 28.03 -4.64 -41.37
N HIS D 357 28.35 -4.35 -40.11
CA HIS D 357 27.44 -4.58 -39.00
C HIS D 357 27.25 -3.28 -38.23
N VAL D 358 26.08 -3.16 -37.59
CA VAL D 358 25.70 -1.92 -36.91
C VAL D 358 25.06 -2.24 -35.57
N GLU D 359 25.12 -1.25 -34.67
CA GLU D 359 24.50 -1.32 -33.35
C GLU D 359 23.90 0.04 -33.05
N GLU D 360 22.64 0.04 -32.60
CA GLU D 360 21.93 1.28 -32.28
C GLU D 360 21.42 1.20 -30.85
N TYR D 361 21.79 2.18 -30.04
CA TYR D 361 21.42 2.21 -28.63
C TYR D 361 20.76 3.53 -28.27
N ASP D 362 19.91 3.48 -27.25
CA ASP D 362 19.32 4.68 -26.68
C ASP D 362 19.16 4.41 -25.18
N LEU D 363 20.09 4.94 -24.38
CA LEU D 363 20.08 4.73 -22.95
C LEU D 363 19.31 5.85 -22.26
N GLN D 364 18.34 5.46 -21.43
CA GLN D 364 17.55 6.39 -20.64
C GLN D 364 17.69 6.03 -19.17
N PHE D 365 17.88 7.05 -18.34
CA PHE D 365 18.09 6.86 -16.91
C PHE D 365 17.19 7.80 -16.11
N ILE D 366 16.93 7.41 -14.88
CA ILE D 366 16.24 8.25 -13.92
C ILE D 366 16.97 8.15 -12.59
N PHE D 367 17.50 9.28 -12.12
CA PHE D 367 18.31 9.32 -10.92
C PHE D 367 17.58 10.03 -9.79
N GLN D 368 17.87 9.60 -8.56
CA GLN D 368 17.30 10.17 -7.37
C GLN D 368 18.39 10.85 -6.56
N LEU D 369 18.17 12.12 -6.22
CA LEU D 369 19.15 12.87 -5.45
C LEU D 369 19.17 12.38 -4.01
N CYS D 370 20.37 12.22 -3.47
CA CYS D 370 20.55 11.74 -2.10
C CYS D 370 21.58 12.60 -1.39
N SER D 371 21.41 12.75 -0.08
CA SER D 371 22.33 13.49 0.77
C SER D 371 22.91 12.57 1.83
N ILE D 372 24.13 12.90 2.27
CA ILE D 372 24.87 12.11 3.24
C ILE D 372 25.37 13.05 4.33
N THR D 373 24.85 12.90 5.54
CA THR D 373 25.33 13.66 6.68
C THR D 373 26.62 13.02 7.19
N LEU D 374 27.71 13.78 7.18
CA LEU D 374 29.04 13.25 7.44
C LEU D 374 29.37 13.40 8.93
N SER D 375 29.04 12.37 9.70
CA SER D 375 29.52 12.28 11.07
C SER D 375 30.93 11.70 11.10
N ALA D 376 31.51 11.67 12.30
CA ALA D 376 32.83 11.07 12.46
C ALA D 376 32.81 9.59 12.08
N GLU D 377 31.71 8.90 12.40
CA GLU D 377 31.56 7.50 12.00
C GLU D 377 31.34 7.39 10.49
N VAL D 378 30.57 8.30 9.91
CA VAL D 378 30.33 8.26 8.47
C VAL D 378 31.63 8.52 7.71
N VAL D 379 32.41 9.51 8.15
CA VAL D 379 33.69 9.79 7.51
C VAL D 379 34.62 8.58 7.64
N ALA D 380 34.58 7.90 8.79
CA ALA D 380 35.43 6.73 9.00
C ALA D 380 35.02 5.59 8.07
N TYR D 381 33.73 5.26 8.05
CA TYR D 381 33.24 4.19 7.18
C TYR D 381 33.50 4.50 5.71
N ILE D 382 33.45 5.78 5.32
CA ILE D 382 33.66 6.14 3.93
C ILE D 382 35.14 6.15 3.55
N HIS D 383 36.04 6.38 4.52
CA HIS D 383 37.46 6.39 4.21
C HIS D 383 37.92 5.04 3.67
N THR D 384 37.66 3.97 4.41
CA THR D 384 37.70 2.65 3.82
C THR D 384 36.57 2.51 2.83
N MET D 385 36.75 1.60 1.86
CA MET D 385 36.04 1.53 0.58
C MET D 385 36.78 2.35 -0.46
N ASN D 386 36.51 3.65 -0.50
CA ASN D 386 37.27 4.53 -1.38
C ASN D 386 37.41 5.91 -0.74
N PRO D 387 38.63 6.36 -0.48
CA PRO D 387 38.81 7.72 0.07
C PRO D 387 38.62 8.83 -0.95
N SER D 388 38.76 8.54 -2.25
CA SER D 388 38.55 9.56 -3.27
C SER D 388 37.12 10.08 -3.29
N VAL D 389 36.17 9.34 -2.71
CA VAL D 389 34.83 9.87 -2.52
C VAL D 389 34.86 11.12 -1.64
N LEU D 390 35.70 11.09 -0.59
CA LEU D 390 35.89 12.27 0.25
C LEU D 390 36.81 13.29 -0.40
N GLU D 391 37.88 12.83 -1.05
CA GLU D 391 38.86 13.76 -1.62
C GLU D 391 38.25 14.60 -2.74
N ASP D 392 37.39 14.01 -3.58
CA ASP D 392 36.75 14.78 -4.63
C ASP D 392 35.67 15.70 -4.09
N TRP D 393 35.08 15.34 -2.94
CA TRP D 393 34.12 16.23 -2.29
C TRP D 393 34.78 17.43 -1.64
N ASN D 394 36.11 17.43 -1.51
CA ASN D 394 36.84 18.48 -0.79
C ASN D 394 36.35 18.60 0.65
N PHE D 395 36.34 17.47 1.36
CA PHE D 395 35.86 17.42 2.73
C PHE D 395 36.88 16.71 3.63
N PRO D 429 44.98 10.56 -12.92
CA PRO D 429 44.86 9.86 -11.64
C PRO D 429 43.92 8.64 -11.71
N ASP D 430 42.82 8.79 -12.44
CA ASP D 430 41.84 7.72 -12.63
C ASP D 430 42.53 6.44 -13.09
N PRO D 431 42.49 5.35 -12.29
CA PRO D 431 43.14 4.10 -12.72
C PRO D 431 42.38 3.36 -13.81
N TYR D 432 41.17 3.81 -14.17
CA TYR D 432 40.40 3.18 -15.22
C TYR D 432 40.65 3.80 -16.59
N LYS D 433 41.54 4.78 -16.69
CA LYS D 433 41.85 5.40 -17.97
C LYS D 433 42.74 4.54 -18.85
N ASN D 434 43.32 3.47 -18.31
CA ASN D 434 44.00 2.48 -19.14
C ASN D 434 43.03 1.52 -19.81
N LEU D 435 41.85 1.34 -19.25
CA LEU D 435 40.81 0.49 -19.80
C LEU D 435 39.93 1.29 -20.75
N SER D 436 39.23 0.57 -21.62
CA SER D 436 38.46 1.17 -22.70
C SER D 436 36.96 0.96 -22.49
N PHE D 437 36.23 2.07 -22.54
CA PHE D 437 34.78 2.13 -22.36
C PHE D 437 34.18 3.01 -23.45
N TRP D 438 32.85 2.90 -23.59
CA TRP D 438 32.08 3.81 -24.43
C TRP D 438 31.60 4.95 -23.53
N GLU D 439 32.30 6.07 -23.57
CA GLU D 439 31.98 7.17 -22.67
C GLU D 439 30.68 7.84 -23.08
N VAL D 440 29.80 8.04 -22.11
CA VAL D 440 28.52 8.71 -22.31
C VAL D 440 28.45 9.87 -21.34
N ASN D 441 28.46 11.08 -21.87
CA ASN D 441 28.49 12.30 -21.06
C ASN D 441 27.05 12.76 -20.84
N LEU D 442 26.54 12.53 -19.63
CA LEU D 442 25.19 12.96 -19.29
C LEU D 442 25.15 14.27 -18.51
N LYS D 443 26.30 14.92 -18.31
CA LYS D 443 26.25 16.31 -17.88
C LYS D 443 25.62 17.14 -18.97
N GLU D 444 24.90 18.19 -18.57
CA GLU D 444 24.10 19.02 -19.46
C GLU D 444 22.93 18.25 -20.08
N LYS D 445 22.72 16.99 -19.66
CA LYS D 445 21.61 16.18 -20.14
C LYS D 445 20.57 15.91 -19.08
N PHE D 446 20.83 16.25 -17.82
CA PHE D 446 19.83 16.09 -16.78
C PHE D 446 18.69 17.07 -16.97
N SER D 447 17.46 16.58 -16.80
CA SER D 447 16.27 17.42 -16.89
C SER D 447 15.32 17.04 -15.77
N SER D 448 14.69 18.05 -15.17
CA SER D 448 13.73 17.81 -14.10
C SER D 448 12.31 17.61 -14.59
N GLU D 449 12.03 17.86 -15.86
CA GLU D 449 10.69 17.69 -16.42
C GLU D 449 10.56 16.25 -16.91
N LEU D 450 10.25 15.36 -15.97
CA LEU D 450 10.22 13.93 -16.26
C LEU D 450 9.21 13.59 -17.35
N ASP D 451 8.00 14.17 -17.28
CA ASP D 451 6.91 13.77 -18.14
C ASP D 451 7.12 14.11 -19.62
N GLN D 452 8.19 14.82 -19.96
CA GLN D 452 8.47 15.16 -21.34
C GLN D 452 9.22 14.06 -22.10
N TYR D 453 9.48 12.93 -21.47
CA TYR D 453 10.36 11.91 -22.02
C TYR D 453 9.74 10.53 -21.82
N PRO D 454 10.08 9.57 -22.70
CA PRO D 454 9.47 8.22 -22.61
C PRO D 454 9.62 7.56 -21.25
N LEU D 455 10.87 7.37 -20.81
CA LEU D 455 11.09 6.71 -19.52
C LEU D 455 10.52 7.53 -18.37
N GLY D 456 10.58 8.85 -18.48
CA GLY D 456 9.95 9.70 -17.47
C GLY D 456 8.46 9.48 -17.37
N ARG D 457 7.78 9.35 -18.51
CA ARG D 457 6.34 9.08 -18.50
C ARG D 457 6.04 7.76 -17.81
N LYS D 458 6.81 6.71 -18.11
CA LYS D 458 6.56 5.41 -17.48
C LYS D 458 6.82 5.47 -15.98
N PHE D 459 7.82 6.24 -15.55
CA PHE D 459 8.17 6.31 -14.13
C PHE D 459 7.06 6.97 -13.31
N LEU D 460 6.40 7.99 -13.87
CA LEU D 460 5.32 8.64 -13.15
C LEU D 460 4.17 7.66 -12.91
N LEU D 461 3.77 6.93 -13.95
CA LEU D 461 2.66 5.99 -13.89
C LEU D 461 3.02 4.66 -13.21
N GLN D 462 4.20 4.56 -12.60
CA GLN D 462 4.66 3.29 -12.05
C GLN D 462 5.55 3.54 -10.84
N SER D 463 5.81 2.47 -10.10
CA SER D 463 6.69 2.50 -8.93
C SER D 463 6.12 3.38 -7.83
N LYS E 15 5.94 21.65 -20.44
CA LYS E 15 5.69 22.47 -21.61
C LYS E 15 4.62 21.83 -22.51
N VAL E 16 4.84 20.56 -22.86
CA VAL E 16 3.86 19.76 -23.58
C VAL E 16 3.09 18.92 -22.55
N VAL E 17 1.77 18.97 -22.63
CA VAL E 17 0.91 18.28 -21.67
C VAL E 17 0.08 17.24 -22.41
N ALA E 18 -0.41 16.27 -21.64
CA ALA E 18 -1.30 15.25 -22.19
C ALA E 18 -2.61 15.89 -22.65
N THR E 19 -3.22 15.28 -23.66
CA THR E 19 -4.50 15.76 -24.17
C THR E 19 -5.58 15.72 -23.09
N ASP E 20 -5.38 14.95 -22.02
CA ASP E 20 -6.34 14.92 -20.93
C ASP E 20 -6.54 16.29 -20.29
N ALA E 21 -5.57 17.19 -20.42
CA ALA E 21 -5.67 18.48 -19.77
C ALA E 21 -6.68 19.39 -20.47
N TYR E 22 -6.75 19.34 -21.81
CA TYR E 22 -7.56 20.28 -22.55
C TYR E 22 -8.56 19.61 -23.49
N VAL E 23 -8.76 18.31 -23.39
CA VAL E 23 -9.74 17.59 -24.21
C VAL E 23 -10.68 16.85 -23.27
N THR E 24 -11.92 17.34 -23.18
CA THR E 24 -12.92 16.77 -22.29
C THR E 24 -13.70 15.66 -23.00
N ARG E 25 -13.93 14.57 -22.30
CA ARG E 25 -14.59 13.40 -22.87
C ARG E 25 -16.10 13.48 -22.68
N THR E 26 -16.83 12.86 -23.61
CA THR E 26 -18.28 12.73 -23.57
C THR E 26 -18.66 11.26 -23.42
N ASN E 27 -19.97 11.00 -23.46
CA ASN E 27 -20.49 9.64 -23.46
C ASN E 27 -20.86 9.14 -24.85
N ILE E 28 -20.57 9.92 -25.89
CA ILE E 28 -21.02 9.58 -27.24
C ILE E 28 -19.94 8.71 -27.86
N PHE E 29 -20.29 7.45 -28.14
CA PHE E 29 -19.40 6.51 -28.78
C PHE E 29 -19.98 6.09 -30.12
N TYR E 30 -19.10 5.83 -31.09
CA TYR E 30 -19.52 5.48 -32.44
C TYR E 30 -18.69 4.30 -32.95
N HIS E 31 -19.33 3.50 -33.79
CA HIS E 31 -18.68 2.38 -34.47
C HIS E 31 -18.47 2.72 -35.94
N ALA E 32 -17.38 2.18 -36.50
CA ALA E 32 -17.10 2.35 -37.92
C ALA E 32 -16.34 1.13 -38.40
N SER E 33 -16.75 0.58 -39.54
CA SER E 33 -16.14 -0.61 -40.11
C SER E 33 -15.83 -0.37 -41.58
N SER E 34 -14.65 -0.80 -42.00
CA SER E 34 -14.21 -0.69 -43.39
C SER E 34 -14.84 -1.73 -44.30
N SER E 35 -15.54 -2.72 -43.74
CA SER E 35 -16.03 -3.88 -44.47
C SER E 35 -14.85 -4.66 -45.06
N ARG E 36 -15.14 -5.63 -45.92
CA ARG E 36 -14.09 -6.48 -46.47
C ARG E 36 -13.20 -5.68 -47.42
N LEU E 37 -11.89 -5.77 -47.21
CA LEU E 37 -10.90 -5.12 -48.07
C LEU E 37 -10.04 -6.19 -48.71
N LEU E 38 -9.92 -6.13 -50.04
CA LEU E 38 -9.19 -7.13 -50.80
C LEU E 38 -8.19 -6.47 -51.75
N ALA E 39 -6.98 -7.01 -51.77
CA ALA E 39 -5.97 -6.64 -52.76
C ALA E 39 -5.32 -7.92 -53.26
N VAL E 40 -5.25 -8.07 -54.58
CA VAL E 40 -4.77 -9.30 -55.21
C VAL E 40 -3.72 -8.94 -56.25
N GLY E 41 -2.59 -9.64 -56.23
CA GLY E 41 -1.54 -9.40 -57.20
C GLY E 41 -0.42 -10.43 -57.20
N HIS E 42 0.76 -10.00 -57.65
CA HIS E 42 1.95 -10.84 -57.78
C HIS E 42 2.84 -10.67 -56.55
N PRO E 43 3.25 -11.77 -55.90
CA PRO E 43 4.04 -11.63 -54.66
C PRO E 43 5.46 -11.12 -54.88
N TYR E 44 5.96 -11.09 -56.12
CA TYR E 44 7.35 -10.77 -56.37
C TYR E 44 7.58 -9.42 -57.04
N PHE E 45 6.72 -9.04 -57.98
CA PHE E 45 6.91 -7.78 -58.71
C PHE E 45 5.61 -7.36 -59.36
N SER E 46 5.47 -6.06 -59.57
CA SER E 46 4.31 -5.54 -60.28
C SER E 46 4.45 -5.84 -61.77
N ILE E 47 3.31 -5.97 -62.44
CA ILE E 47 3.27 -6.35 -63.85
C ILE E 47 2.72 -5.17 -64.64
N LYS E 48 3.59 -4.55 -65.44
CA LYS E 48 3.21 -3.44 -66.29
C LYS E 48 3.79 -3.66 -67.68
N ARG E 49 2.92 -3.63 -68.70
CA ARG E 49 3.36 -3.82 -70.08
C ARG E 49 2.48 -3.00 -71.00
N ALA E 50 3.08 -2.02 -71.69
CA ALA E 50 4.49 -1.70 -71.50
C ALA E 50 4.61 -0.29 -70.92
N ASN E 51 3.51 0.21 -70.39
CA ASN E 51 3.45 1.58 -69.94
C ASN E 51 2.91 1.68 -68.52
N LYS E 52 1.77 1.07 -68.25
CA LYS E 52 1.14 1.20 -66.95
C LYS E 52 0.86 -0.17 -66.33
N THR E 53 0.64 -0.16 -65.01
CA THR E 53 0.55 -1.38 -64.24
C THR E 53 -0.74 -2.15 -64.57
N VAL E 54 -0.59 -3.44 -64.83
CA VAL E 54 -1.72 -4.33 -65.04
C VAL E 54 -2.05 -5.12 -63.79
N VAL E 55 -1.02 -5.63 -63.10
CA VAL E 55 -1.19 -6.41 -61.89
C VAL E 55 -0.30 -5.81 -60.81
N PRO E 56 -0.84 -5.43 -59.66
CA PRO E 56 -0.02 -4.82 -58.62
C PRO E 56 0.82 -5.85 -57.88
N LYS E 57 1.89 -5.36 -57.26
CA LYS E 57 2.73 -6.20 -56.41
C LYS E 57 2.05 -6.33 -55.05
N VAL E 58 1.61 -7.54 -54.72
CA VAL E 58 0.93 -7.83 -53.46
C VAL E 58 1.67 -8.97 -52.78
N SER E 59 2.37 -8.66 -51.68
CA SER E 59 3.21 -9.62 -51.00
C SER E 59 2.95 -9.55 -49.50
N GLY E 60 3.09 -10.69 -48.83
CA GLY E 60 2.90 -10.77 -47.39
C GLY E 60 3.93 -10.01 -46.59
N TYR E 61 5.04 -9.60 -47.20
CA TYR E 61 6.11 -8.89 -46.51
C TYR E 61 6.06 -7.39 -46.76
N GLN E 62 4.91 -6.87 -47.18
CA GLN E 62 4.71 -5.45 -47.40
C GLN E 62 4.01 -4.82 -46.20
N TYR E 63 4.34 -3.57 -45.93
CA TYR E 63 3.59 -2.80 -44.95
C TYR E 63 2.21 -2.46 -45.48
N ARG E 64 1.21 -2.58 -44.62
CA ARG E 64 -0.15 -2.13 -44.92
C ARG E 64 -0.46 -0.92 -44.05
N VAL E 65 -0.42 0.27 -44.65
CA VAL E 65 -0.59 1.53 -43.94
C VAL E 65 -1.91 2.15 -44.42
N PHE E 66 -2.93 2.07 -43.56
CA PHE E 66 -4.26 2.58 -43.88
C PHE E 66 -4.40 4.02 -43.40
N LYS E 67 -4.84 4.90 -44.29
CA LYS E 67 -5.19 6.28 -43.94
C LYS E 67 -6.69 6.32 -43.73
N VAL E 68 -7.10 6.25 -42.46
CA VAL E 68 -8.52 6.19 -42.10
C VAL E 68 -9.04 7.61 -42.02
N VAL E 69 -9.97 7.95 -42.92
CA VAL E 69 -10.56 9.29 -42.98
C VAL E 69 -11.83 9.31 -42.15
N LEU E 70 -11.91 10.25 -41.22
CA LEU E 70 -13.08 10.38 -40.35
C LEU E 70 -13.92 11.59 -40.76
N PRO E 71 -15.23 11.54 -40.54
CA PRO E 71 -16.06 12.71 -40.80
C PRO E 71 -15.78 13.80 -39.78
N ASP E 72 -15.86 15.04 -40.24
CA ASP E 72 -15.67 16.19 -39.36
C ASP E 72 -16.81 16.24 -38.35
N PRO E 73 -16.56 16.05 -37.05
CA PRO E 73 -17.66 16.11 -36.07
C PRO E 73 -18.24 17.52 -35.92
N ASN E 74 -17.49 18.55 -36.30
CA ASN E 74 -18.03 19.91 -36.26
C ASN E 74 -19.00 20.17 -37.39
N LYS E 75 -18.95 19.38 -38.46
CA LYS E 75 -19.94 19.42 -39.53
C LYS E 75 -20.78 18.15 -39.59
N PHE E 76 -20.72 17.32 -38.54
CA PHE E 76 -21.45 16.06 -38.52
C PHE E 76 -22.89 16.28 -38.08
N ALA E 77 -23.79 15.47 -38.63
CA ALA E 77 -25.21 15.56 -38.31
C ALA E 77 -25.51 14.81 -37.01
N LEU E 78 -24.99 15.36 -35.92
CA LEU E 78 -25.25 14.80 -34.61
C LEU E 78 -26.72 15.01 -34.23
N PRO E 79 -27.28 14.14 -33.38
CA PRO E 79 -28.71 14.28 -33.03
C PRO E 79 -29.03 15.58 -32.31
N ASP E 80 -28.19 16.01 -31.37
CA ASP E 80 -28.42 17.24 -30.62
C ASP E 80 -27.19 18.11 -30.69
N SER E 81 -27.37 19.39 -31.04
CA SER E 81 -26.31 20.37 -31.00
C SER E 81 -26.08 20.95 -29.61
N SER E 82 -26.80 20.45 -28.60
CA SER E 82 -26.65 20.95 -27.24
C SER E 82 -25.36 20.51 -26.57
N LEU E 83 -24.62 19.57 -27.16
CA LEU E 83 -23.38 19.09 -26.55
C LEU E 83 -22.37 20.21 -26.40
N PHE E 84 -22.18 21.02 -27.45
CA PHE E 84 -21.12 22.02 -27.46
C PHE E 84 -21.64 23.32 -28.03
N ASP E 85 -21.04 24.43 -27.59
CA ASP E 85 -21.28 25.72 -28.20
C ASP E 85 -20.32 25.90 -29.36
N PRO E 86 -20.80 26.09 -30.59
CA PRO E 86 -19.87 26.26 -31.73
C PRO E 86 -18.84 27.36 -31.51
N THR E 87 -19.23 28.43 -30.81
CA THR E 87 -18.28 29.46 -30.40
C THR E 87 -17.57 29.00 -29.13
N THR E 88 -16.23 28.90 -29.20
CA THR E 88 -15.27 28.56 -28.15
C THR E 88 -15.12 27.05 -27.96
N GLN E 89 -15.92 26.21 -28.60
CA GLN E 89 -15.75 24.76 -28.50
C GLN E 89 -15.71 24.14 -29.89
N ARG E 90 -14.86 23.14 -30.05
CA ARG E 90 -14.72 22.40 -31.29
C ARG E 90 -14.72 20.90 -30.96
N LEU E 91 -15.08 20.09 -31.94
CA LEU E 91 -15.22 18.65 -31.76
C LEU E 91 -14.10 17.90 -32.44
N VAL E 92 -13.77 16.73 -31.89
CA VAL E 92 -12.74 15.86 -32.45
C VAL E 92 -13.00 14.45 -31.96
N TRP E 93 -12.68 13.46 -32.79
CA TRP E 93 -12.86 12.06 -32.45
C TRP E 93 -11.66 11.53 -31.68
N ALA E 94 -11.92 10.66 -30.70
CA ALA E 94 -10.89 9.98 -29.94
C ALA E 94 -11.06 8.47 -30.09
N CYS E 95 -9.96 7.78 -30.37
CA CYS E 95 -10.00 6.33 -30.57
C CYS E 95 -9.92 5.60 -29.23
N THR E 96 -10.88 4.71 -28.98
CA THR E 96 -10.91 3.90 -27.78
C THR E 96 -10.92 2.41 -28.03
N GLY E 97 -11.21 1.97 -29.25
CA GLY E 97 -11.30 0.55 -29.55
C GLY E 97 -10.90 0.28 -30.99
N LEU E 98 -10.28 -0.88 -31.20
CA LEU E 98 -9.74 -1.23 -32.50
C LEU E 98 -9.64 -2.75 -32.62
N GLU E 99 -10.02 -3.27 -33.78
CA GLU E 99 -9.83 -4.68 -34.10
C GLU E 99 -9.37 -4.78 -35.55
N VAL E 100 -8.15 -5.26 -35.75
CA VAL E 100 -7.59 -5.46 -37.09
C VAL E 100 -7.93 -6.89 -37.52
N GLY E 101 -8.89 -7.03 -38.43
CA GLY E 101 -9.33 -8.33 -38.88
C GLY E 101 -8.50 -8.84 -40.04
N ARG E 102 -8.03 -10.08 -39.92
CA ARG E 102 -7.30 -10.77 -40.97
C ARG E 102 -8.15 -11.94 -41.45
N GLY E 103 -8.27 -12.09 -42.77
CA GLY E 103 -9.24 -12.99 -43.32
C GLY E 103 -8.73 -14.09 -44.23
N GLN E 104 -7.50 -14.53 -44.03
CA GLN E 104 -6.91 -15.60 -44.83
C GLN E 104 -6.38 -16.71 -43.93
N PRO E 105 -6.23 -17.92 -44.47
CA PRO E 105 -5.64 -19.01 -43.67
C PRO E 105 -4.17 -18.72 -43.35
N LEU E 106 -3.75 -19.21 -42.18
CA LEU E 106 -2.34 -19.11 -41.81
C LEU E 106 -1.49 -19.93 -42.79
N GLY E 107 -0.33 -19.40 -43.12
CA GLY E 107 0.57 -20.09 -44.04
C GLY E 107 1.78 -19.23 -44.32
N VAL E 108 2.77 -19.86 -44.94
CA VAL E 108 4.05 -19.22 -45.24
C VAL E 108 4.29 -19.29 -46.74
N GLY E 109 4.64 -18.16 -47.34
CA GLY E 109 5.10 -18.12 -48.71
C GLY E 109 6.59 -17.86 -48.79
N VAL E 110 7.21 -18.13 -49.94
CA VAL E 110 8.64 -17.94 -50.10
C VAL E 110 8.91 -17.01 -51.27
N SER E 111 10.10 -16.44 -51.25
CA SER E 111 10.60 -15.60 -52.34
C SER E 111 11.98 -16.10 -52.72
N GLY E 112 12.39 -15.77 -53.94
CA GLY E 112 13.68 -16.26 -54.41
C GLY E 112 14.26 -15.38 -55.50
N HIS E 113 15.29 -15.90 -56.13
CA HIS E 113 16.03 -15.21 -57.18
C HIS E 113 16.61 -16.25 -58.13
N PRO E 114 16.25 -16.21 -59.41
CA PRO E 114 16.83 -17.19 -60.36
C PRO E 114 18.33 -17.10 -60.47
N PHE E 115 18.94 -15.97 -60.10
CA PHE E 115 20.38 -15.81 -60.10
C PHE E 115 20.84 -15.22 -58.76
N LEU E 116 20.59 -15.95 -57.68
CA LEU E 116 21.10 -15.52 -56.39
C LEU E 116 22.61 -15.77 -56.35
N ASN E 117 23.35 -14.77 -55.86
CA ASN E 117 24.81 -14.85 -55.82
C ASN E 117 25.24 -15.77 -54.68
N LYS E 118 24.97 -17.06 -54.87
CA LYS E 118 25.39 -18.11 -53.96
C LYS E 118 26.56 -18.87 -54.58
N TYR E 119 27.54 -19.23 -53.76
CA TYR E 119 28.71 -19.94 -54.24
C TYR E 119 28.76 -21.36 -53.67
N ASP E 120 29.24 -21.50 -52.44
CA ASP E 120 29.38 -22.79 -51.79
C ASP E 120 28.41 -22.90 -50.62
N ASP E 121 28.04 -24.13 -50.31
CA ASP E 121 27.39 -24.43 -49.03
C ASP E 121 28.47 -24.42 -47.97
N VAL E 122 28.48 -23.39 -47.12
CA VAL E 122 29.62 -23.14 -46.24
C VAL E 122 29.58 -23.97 -44.97
N GLU E 123 28.54 -24.78 -44.79
CA GLU E 123 28.38 -25.50 -43.53
C GLU E 123 29.49 -26.53 -43.31
N ASN E 124 29.93 -27.20 -44.37
CA ASN E 124 30.95 -28.23 -44.21
C ASN E 124 31.63 -28.70 -45.49
N SER E 125 32.14 -27.80 -46.32
CA SER E 125 32.75 -28.29 -47.56
C SER E 125 33.94 -27.45 -48.00
N GLY E 126 35.01 -28.16 -48.36
CA GLY E 126 36.25 -27.61 -48.86
C GLY E 126 37.09 -28.74 -49.39
N SER E 127 38.09 -28.40 -50.19
CA SER E 127 38.51 -27.04 -50.48
C SER E 127 38.64 -26.87 -51.99
N GLY E 128 39.71 -26.23 -52.44
CA GLY E 128 39.91 -26.02 -53.86
C GLY E 128 38.79 -25.27 -54.55
N GLY E 129 38.95 -23.96 -54.70
CA GLY E 129 38.09 -23.15 -55.54
C GLY E 129 38.12 -23.52 -57.02
N ASN E 130 37.56 -22.67 -57.87
CA ASN E 130 37.37 -21.24 -57.60
C ASN E 130 36.20 -20.66 -58.37
N PRO E 131 35.73 -19.48 -57.94
CA PRO E 131 34.63 -18.85 -58.68
C PRO E 131 35.07 -18.54 -60.10
N GLY E 132 34.12 -18.67 -61.03
CA GLY E 132 34.41 -18.40 -62.42
C GLY E 132 33.90 -17.02 -62.78
N GLN E 133 33.14 -16.91 -63.87
CA GLN E 133 32.54 -15.66 -64.26
C GLN E 133 31.09 -15.55 -63.82
N ASP E 134 30.35 -16.65 -63.87
CA ASP E 134 28.96 -16.67 -63.40
C ASP E 134 28.73 -17.97 -62.64
N ASN E 135 28.39 -17.85 -61.36
CA ASN E 135 28.12 -18.99 -60.49
C ASN E 135 26.80 -18.83 -59.75
N ARG E 136 25.95 -17.91 -60.21
CA ARG E 136 24.70 -17.63 -59.53
C ARG E 136 23.76 -18.82 -59.64
N VAL E 137 23.00 -19.06 -58.57
CA VAL E 137 22.18 -20.25 -58.43
C VAL E 137 20.71 -19.85 -58.34
N ASN E 138 19.83 -20.80 -58.64
CA ASN E 138 18.40 -20.59 -58.55
C ASN E 138 17.96 -21.10 -57.17
N VAL E 139 17.85 -20.19 -56.21
CA VAL E 139 17.61 -20.54 -54.82
C VAL E 139 16.47 -19.68 -54.27
N GLY E 140 15.60 -20.31 -53.48
CA GLY E 140 14.54 -19.59 -52.81
C GLY E 140 14.52 -19.93 -51.33
N MET E 141 13.84 -19.08 -50.57
CA MET E 141 13.88 -19.19 -49.11
C MET E 141 12.64 -18.52 -48.52
N ASP E 142 12.33 -18.89 -47.29
CA ASP E 142 11.24 -18.28 -46.53
C ASP E 142 11.82 -17.24 -45.58
N TYR E 143 11.14 -16.09 -45.50
CA TYR E 143 11.69 -14.95 -44.78
C TYR E 143 11.43 -15.05 -43.27
N LYS E 144 12.00 -14.08 -42.56
CA LYS E 144 11.73 -13.90 -41.14
C LYS E 144 10.26 -13.58 -40.90
N GLN E 145 9.72 -14.12 -39.82
CA GLN E 145 8.32 -13.91 -39.46
C GLN E 145 8.19 -12.60 -38.69
N THR E 146 7.20 -11.79 -39.06
CA THR E 146 7.02 -10.47 -38.46
C THR E 146 5.53 -10.16 -38.35
N GLN E 147 5.12 -9.73 -37.15
CA GLN E 147 3.78 -9.21 -36.90
C GLN E 147 3.91 -7.85 -36.21
N LEU E 148 3.11 -6.88 -36.64
CA LEU E 148 3.11 -5.59 -35.97
C LEU E 148 1.85 -4.81 -36.35
N CYS E 149 1.44 -3.92 -35.44
CA CYS E 149 0.32 -3.01 -35.70
C CYS E 149 0.55 -1.73 -34.91
N MET E 150 0.24 -0.60 -35.53
CA MET E 150 0.37 0.70 -34.89
C MET E 150 -0.85 1.56 -35.16
N VAL E 151 -1.13 2.48 -34.24
CA VAL E 151 -2.21 3.44 -34.38
C VAL E 151 -1.67 4.83 -34.06
N GLY E 152 -2.04 5.81 -34.86
CA GLY E 152 -1.71 7.20 -34.59
C GLY E 152 -2.48 8.11 -35.51
N CYS E 153 -2.34 9.41 -35.26
CA CYS E 153 -2.92 10.42 -36.14
C CYS E 153 -1.91 10.95 -37.15
N ALA E 154 -0.69 10.42 -37.15
CA ALA E 154 0.36 10.74 -38.10
C ALA E 154 1.02 9.43 -38.56
N PRO E 155 1.49 9.39 -39.81
CA PRO E 155 2.03 8.13 -40.33
C PRO E 155 3.29 7.74 -39.60
N PRO E 156 3.58 6.43 -39.53
CA PRO E 156 4.74 6.00 -38.74
C PRO E 156 6.05 6.27 -39.46
N LEU E 157 7.13 6.24 -38.67
CA LEU E 157 8.48 6.44 -39.19
C LEU E 157 9.20 5.11 -39.29
N GLY E 158 9.89 4.90 -40.41
CA GLY E 158 10.75 3.75 -40.57
C GLY E 158 12.21 4.14 -40.55
N GLU E 159 13.09 3.15 -40.32
CA GLU E 159 14.53 3.36 -40.39
C GLU E 159 15.12 2.34 -41.35
N HIS E 160 16.14 2.77 -42.09
CA HIS E 160 16.81 1.88 -43.02
C HIS E 160 18.18 2.45 -43.34
N TRP E 161 19.06 1.57 -43.83
CA TRP E 161 20.39 1.96 -44.24
C TRP E 161 20.44 2.26 -45.73
N GLY E 162 21.01 3.42 -46.09
CA GLY E 162 21.17 3.80 -47.47
C GLY E 162 22.61 4.19 -47.75
N LYS E 163 22.88 4.46 -49.02
CA LYS E 163 24.22 4.86 -49.43
C LYS E 163 24.49 6.28 -48.95
N GLY E 164 25.33 6.40 -47.93
CA GLY E 164 25.82 7.71 -47.54
C GLY E 164 26.80 8.26 -48.56
N LYS E 165 26.80 9.59 -48.69
CA LYS E 165 27.67 10.24 -49.66
C LYS E 165 29.09 10.32 -49.14
N GLN E 166 30.05 10.38 -50.08
CA GLN E 166 31.48 10.21 -49.79
C GLN E 166 32.04 11.40 -49.03
N CYS E 167 31.19 12.36 -48.70
CA CYS E 167 31.58 13.64 -48.15
C CYS E 167 32.45 14.37 -49.16
N THR E 168 31.89 15.34 -49.87
CA THR E 168 32.61 16.03 -50.93
C THR E 168 33.88 16.66 -50.39
N ASN E 169 35.03 16.17 -50.88
CA ASN E 169 36.33 16.64 -50.41
C ASN E 169 37.41 16.24 -51.41
N THR E 170 37.64 14.94 -51.56
CA THR E 170 38.70 14.42 -52.41
C THR E 170 38.19 13.22 -53.21
N PRO E 171 38.59 13.12 -54.48
CA PRO E 171 38.34 11.89 -55.24
C PRO E 171 39.31 10.80 -54.82
N VAL E 172 38.78 9.78 -54.14
CA VAL E 172 39.62 8.75 -53.56
C VAL E 172 39.55 7.47 -54.39
N GLN E 173 39.94 6.36 -53.78
CA GLN E 173 39.91 5.05 -54.42
C GLN E 173 38.50 4.73 -54.92
N ALA E 174 38.38 4.53 -56.22
CA ALA E 174 37.09 4.30 -56.86
C ALA E 174 36.77 2.81 -56.93
N GLY E 175 35.51 2.48 -56.66
CA GLY E 175 35.08 1.10 -56.61
C GLY E 175 35.06 0.48 -55.24
N ASP E 176 35.16 1.29 -54.18
CA ASP E 176 35.26 0.79 -52.82
C ASP E 176 33.88 0.56 -52.21
N CYS E 177 33.85 0.30 -50.91
CA CYS E 177 32.60 0.12 -50.20
C CYS E 177 31.87 1.46 -50.09
N PRO E 178 30.54 1.46 -50.21
CA PRO E 178 29.79 2.71 -50.08
C PRO E 178 29.65 3.11 -48.62
N PRO E 179 29.67 4.41 -48.33
CA PRO E 179 29.42 4.85 -46.96
C PRO E 179 27.99 4.57 -46.56
N LEU E 180 27.80 4.20 -45.30
CA LEU E 180 26.50 3.79 -44.79
C LEU E 180 25.84 4.93 -44.03
N GLU E 181 24.52 5.03 -44.17
CA GLU E 181 23.73 6.08 -43.57
C GLU E 181 22.42 5.52 -43.03
N LEU E 182 22.05 5.94 -41.83
CA LEU E 182 20.79 5.54 -41.24
C LEU E 182 19.76 6.60 -41.59
N ILE E 183 18.83 6.25 -42.48
CA ILE E 183 17.81 7.18 -42.95
C ILE E 183 16.50 6.88 -42.22
N THR E 184 15.85 7.93 -41.73
CA THR E 184 14.49 7.84 -41.24
C THR E 184 13.54 8.41 -42.29
N SER E 185 12.39 7.76 -42.45
CA SER E 185 11.45 8.15 -43.50
C SER E 185 10.05 7.71 -43.09
N VAL E 186 9.07 8.13 -43.88
CA VAL E 186 7.69 7.76 -43.63
C VAL E 186 7.42 6.39 -44.25
N ILE E 187 6.81 5.51 -43.48
CA ILE E 187 6.45 4.18 -43.97
C ILE E 187 5.17 4.29 -44.80
N GLN E 188 5.26 3.95 -46.07
CA GLN E 188 4.13 3.99 -46.97
C GLN E 188 3.55 2.59 -47.19
N ASP E 189 2.29 2.56 -47.59
CA ASP E 189 1.65 1.30 -47.95
C ASP E 189 2.34 0.68 -49.16
N GLY E 190 2.76 -0.57 -49.02
CA GLY E 190 3.50 -1.26 -50.04
C GLY E 190 4.99 -1.35 -49.80
N ASP E 191 5.52 -0.58 -48.84
CA ASP E 191 6.93 -0.68 -48.49
C ASP E 191 7.25 -2.06 -47.94
N MET E 192 8.48 -2.50 -48.15
CA MET E 192 8.90 -3.84 -47.75
C MET E 192 9.40 -3.83 -46.32
N VAL E 193 9.08 -4.89 -45.58
CA VAL E 193 9.56 -5.06 -44.23
C VAL E 193 10.92 -5.75 -44.25
N ASP E 194 11.63 -5.67 -43.13
CA ASP E 194 12.89 -6.40 -43.03
C ASP E 194 12.60 -7.90 -43.10
N THR E 195 13.50 -8.63 -43.77
CA THR E 195 13.26 -10.02 -44.08
C THR E 195 14.30 -10.97 -43.51
N GLY E 196 15.28 -10.45 -42.78
CA GLY E 196 16.40 -11.23 -42.30
C GLY E 196 17.72 -10.81 -42.89
N PHE E 197 17.71 -9.90 -43.86
CA PHE E 197 18.93 -9.37 -44.48
C PHE E 197 19.22 -7.94 -44.05
N GLY E 198 18.44 -7.39 -43.12
CA GLY E 198 18.65 -6.05 -42.62
C GLY E 198 17.67 -5.06 -43.22
N ALA E 199 17.64 -3.88 -42.59
CA ALA E 199 16.81 -2.76 -43.06
C ALA E 199 17.71 -1.82 -43.86
N MET E 200 17.79 -2.06 -45.16
CA MET E 200 18.71 -1.32 -46.02
C MET E 200 18.07 -1.09 -47.38
N ASN E 201 18.74 -0.27 -48.19
CA ASN E 201 18.29 0.10 -49.54
C ASN E 201 19.05 -0.79 -50.51
N PHE E 202 18.46 -1.95 -50.83
CA PHE E 202 19.12 -2.91 -51.70
C PHE E 202 19.33 -2.38 -53.12
N ALA E 203 18.53 -1.40 -53.55
CA ALA E 203 18.73 -0.82 -54.87
C ALA E 203 20.04 -0.08 -54.98
N ASP E 204 20.53 0.48 -53.87
CA ASP E 204 21.76 1.27 -53.84
C ASP E 204 22.94 0.50 -53.26
N LEU E 205 22.73 -0.25 -52.17
CA LEU E 205 23.83 -0.87 -51.46
C LEU E 205 24.18 -2.27 -51.97
N GLN E 206 23.30 -2.87 -52.77
CA GLN E 206 23.57 -4.17 -53.41
C GLN E 206 23.31 -3.96 -54.90
N THR E 207 24.34 -3.52 -55.61
CA THR E 207 24.19 -3.09 -57.00
C THR E 207 24.09 -4.23 -57.99
N ASN E 208 24.53 -5.44 -57.62
CA ASN E 208 24.54 -6.55 -58.56
C ASN E 208 23.17 -7.17 -58.79
N LYS E 209 22.15 -6.73 -58.06
CA LYS E 209 20.77 -7.20 -58.20
C LYS E 209 20.63 -8.69 -57.93
N SER E 210 21.67 -9.34 -57.42
CA SER E 210 21.71 -10.79 -57.29
C SER E 210 22.07 -11.24 -55.88
N ASP E 211 22.07 -10.35 -54.90
CA ASP E 211 22.45 -10.71 -53.54
C ASP E 211 21.27 -11.08 -52.66
N VAL E 212 20.08 -10.55 -52.96
CA VAL E 212 18.87 -10.86 -52.20
C VAL E 212 17.78 -11.24 -53.19
N PRO E 213 16.74 -11.94 -52.73
CA PRO E 213 15.67 -12.36 -53.65
C PRO E 213 15.04 -11.18 -54.37
N ILE E 214 14.35 -11.50 -55.48
CA ILE E 214 13.95 -10.49 -56.44
C ILE E 214 12.91 -9.52 -55.90
N ASP E 215 12.16 -9.91 -54.86
CA ASP E 215 11.11 -9.03 -54.35
C ASP E 215 11.63 -7.94 -53.43
N ILE E 216 12.95 -7.89 -53.18
CA ILE E 216 13.52 -6.85 -52.33
C ILE E 216 14.79 -6.30 -52.97
N CYS E 217 15.29 -6.97 -54.01
CA CYS E 217 16.55 -6.56 -54.62
C CYS E 217 16.47 -5.19 -55.27
N GLY E 218 15.27 -4.75 -55.65
CA GLY E 218 15.10 -3.43 -56.22
C GLY E 218 14.19 -2.54 -55.41
N THR E 219 14.06 -2.84 -54.11
CA THR E 219 13.23 -2.07 -53.19
C THR E 219 14.02 -1.78 -51.92
N THR E 220 13.38 -1.09 -50.98
CA THR E 220 13.98 -0.75 -49.70
C THR E 220 13.18 -1.38 -48.58
N CYS E 221 13.86 -2.12 -47.71
CA CYS E 221 13.24 -2.72 -46.54
C CYS E 221 13.44 -1.80 -45.35
N LYS E 222 12.34 -1.34 -44.76
CA LYS E 222 12.36 -0.40 -43.64
C LYS E 222 11.94 -1.11 -42.36
N TYR E 223 12.57 -0.72 -41.25
CA TYR E 223 12.18 -1.15 -39.92
C TYR E 223 11.64 0.03 -39.13
N PRO E 224 10.59 -0.15 -38.34
CA PRO E 224 10.02 0.96 -37.58
C PRO E 224 11.01 1.51 -36.56
N ASP E 225 11.16 2.84 -36.56
CA ASP E 225 12.03 3.51 -35.59
C ASP E 225 11.23 3.73 -34.30
N TYR E 226 11.07 2.64 -33.55
CA TYR E 226 10.31 2.71 -32.30
C TYR E 226 10.93 3.71 -31.33
N LEU E 227 12.25 3.77 -31.26
CA LEU E 227 12.92 4.64 -30.30
C LEU E 227 12.64 6.10 -30.58
N GLN E 228 12.56 6.47 -31.86
CA GLN E 228 12.31 7.88 -32.21
C GLN E 228 10.85 8.25 -32.02
N MET E 229 9.93 7.45 -32.57
CA MET E 229 8.51 7.78 -32.52
C MET E 229 8.01 7.95 -31.09
N ALA E 230 8.56 7.20 -30.14
CA ALA E 230 8.19 7.39 -28.74
C ALA E 230 8.83 8.64 -28.15
N ALA E 231 9.97 9.06 -28.69
CA ALA E 231 10.69 10.25 -28.27
C ALA E 231 10.16 11.54 -28.91
N ASP E 232 9.13 11.45 -29.73
CA ASP E 232 8.64 12.75 -30.17
C ASP E 232 7.71 13.37 -29.14
N PRO E 233 7.73 14.71 -29.02
CA PRO E 233 6.96 15.39 -27.95
C PRO E 233 5.47 15.09 -27.92
N TYR E 234 4.75 15.40 -28.99
CA TYR E 234 3.30 15.23 -28.99
C TYR E 234 2.89 13.77 -29.00
N GLY E 235 3.76 12.88 -29.47
CA GLY E 235 3.42 11.47 -29.53
C GLY E 235 2.31 11.18 -30.50
N ASP E 236 2.27 11.90 -31.62
CA ASP E 236 1.22 11.71 -32.61
C ASP E 236 1.43 10.47 -33.47
N ARG E 237 2.64 9.91 -33.46
CA ARG E 237 2.95 8.74 -34.28
C ARG E 237 2.70 7.43 -33.55
N LEU E 238 2.86 7.40 -32.23
CA LEU E 238 2.68 6.18 -31.44
C LEU E 238 1.57 6.38 -30.41
N PHE E 239 0.36 5.93 -30.73
CA PHE E 239 -0.63 5.69 -29.68
C PHE E 239 -0.24 4.45 -28.88
N PHE E 240 0.06 3.36 -29.58
CA PHE E 240 0.56 2.12 -29.01
C PHE E 240 1.08 1.30 -30.17
N PHE E 241 1.72 0.18 -29.86
CA PHE E 241 2.23 -0.69 -30.90
C PHE E 241 2.35 -2.10 -30.36
N LEU E 242 2.36 -3.05 -31.29
CA LEU E 242 2.54 -4.46 -30.97
C LEU E 242 3.52 -5.05 -31.98
N ARG E 243 4.26 -6.07 -31.55
CA ARG E 243 5.27 -6.64 -32.44
C ARG E 243 5.55 -8.08 -32.04
N LYS E 244 5.85 -8.90 -33.04
CA LYS E 244 6.32 -10.26 -32.83
C LYS E 244 7.25 -10.61 -33.97
N GLU E 245 8.55 -10.70 -33.69
CA GLU E 245 9.55 -11.09 -34.66
C GLU E 245 10.19 -12.41 -34.23
N GLN E 246 10.56 -13.22 -35.22
CA GLN E 246 11.31 -14.44 -34.94
C GLN E 246 11.94 -14.95 -36.23
N MET E 247 13.17 -15.47 -36.10
CA MET E 247 13.88 -16.08 -37.22
C MET E 247 15.02 -16.92 -36.68
N PHE E 248 15.50 -17.85 -37.51
CA PHE E 248 16.69 -18.62 -37.19
C PHE E 248 17.50 -18.81 -38.47
N ALA E 249 18.76 -19.24 -38.29
CA ALA E 249 19.67 -19.45 -39.42
C ALA E 249 19.43 -20.84 -40.00
N ARG E 250 18.94 -20.89 -41.24
CA ARG E 250 18.59 -22.14 -41.90
C ARG E 250 19.78 -22.76 -42.63
N HIS E 251 20.50 -21.97 -43.41
CA HIS E 251 21.66 -22.45 -44.15
C HIS E 251 22.78 -21.42 -44.09
N PHE E 252 23.98 -21.85 -44.48
CA PHE E 252 25.17 -21.01 -44.47
C PHE E 252 25.84 -21.09 -45.83
N PHE E 253 25.97 -19.95 -46.51
CA PHE E 253 26.62 -19.87 -47.81
C PHE E 253 27.69 -18.78 -47.78
N ASN E 254 28.38 -18.62 -48.91
CA ASN E 254 29.29 -17.49 -49.11
C ASN E 254 29.06 -16.92 -50.51
N ARG E 255 29.59 -15.72 -50.73
CA ARG E 255 29.36 -14.98 -51.96
C ARG E 255 30.44 -15.28 -52.99
N ALA E 256 30.07 -15.15 -54.26
CA ALA E 256 31.03 -15.17 -55.36
C ALA E 256 31.44 -13.73 -55.70
N GLY E 257 32.65 -13.59 -56.21
CA GLY E 257 33.20 -12.28 -56.52
C GLY E 257 34.35 -11.92 -55.60
N GLU E 258 34.99 -10.81 -55.93
CA GLU E 258 36.15 -10.35 -55.19
C GLU E 258 35.78 -9.94 -53.77
N VAL E 259 36.56 -10.42 -52.79
CA VAL E 259 36.38 -10.02 -51.41
C VAL E 259 36.86 -8.58 -51.25
N GLY E 260 35.94 -7.67 -50.94
CA GLY E 260 36.28 -6.26 -50.89
C GLY E 260 37.26 -5.91 -49.80
N GLU E 261 37.26 -6.65 -48.70
CA GLU E 261 38.15 -6.40 -47.56
C GLU E 261 38.73 -7.73 -47.10
N PRO E 262 39.98 -8.02 -47.44
CA PRO E 262 40.54 -9.34 -47.17
C PRO E 262 40.92 -9.53 -45.71
N VAL E 263 40.98 -10.79 -45.30
CA VAL E 263 41.32 -11.14 -43.92
C VAL E 263 42.81 -10.87 -43.70
N PRO E 264 43.18 -10.13 -42.66
CA PRO E 264 44.60 -9.85 -42.42
C PRO E 264 45.37 -11.12 -42.08
N ASP E 265 46.70 -11.06 -42.28
CA ASP E 265 47.57 -12.19 -42.01
C ASP E 265 47.68 -12.49 -40.52
N THR E 266 47.39 -11.51 -39.66
CA THR E 266 47.42 -11.76 -38.22
C THR E 266 46.41 -12.82 -37.80
N LEU E 267 45.40 -13.09 -38.64
CA LEU E 267 44.34 -14.02 -38.32
C LEU E 267 44.45 -15.35 -39.05
N ILE E 268 45.51 -15.56 -39.83
CA ILE E 268 45.68 -16.80 -40.57
C ILE E 268 47.15 -17.18 -40.60
N ILE E 269 47.39 -18.46 -40.84
CA ILE E 269 48.71 -18.97 -41.17
C ILE E 269 48.63 -19.41 -42.62
N LYS E 270 49.38 -18.72 -43.48
CA LYS E 270 49.22 -18.92 -44.92
C LYS E 270 49.49 -20.36 -45.29
N GLY E 271 48.68 -20.89 -46.19
CA GLY E 271 48.86 -22.25 -46.61
C GLY E 271 49.72 -22.38 -47.84
N SER E 272 50.31 -23.56 -47.99
CA SER E 272 50.85 -23.98 -49.27
C SER E 272 50.15 -25.30 -49.57
N GLY E 273 50.72 -26.11 -50.45
CA GLY E 273 50.12 -27.38 -50.81
C GLY E 273 48.66 -27.23 -51.17
N ASN E 274 48.39 -26.65 -52.34
CA ASN E 274 47.06 -26.52 -52.92
C ASN E 274 46.17 -25.46 -52.27
N ARG E 275 46.48 -25.04 -51.04
CA ARG E 275 45.65 -24.07 -50.32
C ARG E 275 46.26 -22.67 -50.31
N THR E 276 46.89 -22.28 -51.41
CA THR E 276 47.41 -20.92 -51.54
C THR E 276 46.30 -19.90 -51.75
N SER E 277 45.23 -20.27 -52.44
CA SER E 277 44.15 -19.35 -52.77
C SER E 277 43.09 -19.40 -51.69
N VAL E 278 42.88 -18.27 -51.02
CA VAL E 278 41.95 -18.19 -49.90
C VAL E 278 40.51 -18.23 -50.42
N GLY E 279 39.69 -19.08 -49.81
CA GLY E 279 38.28 -19.08 -50.12
C GLY E 279 37.59 -17.82 -49.64
N SER E 280 36.48 -17.48 -50.29
CA SER E 280 35.79 -16.24 -49.99
C SER E 280 35.08 -16.33 -48.64
N SER E 281 35.33 -15.35 -47.78
CA SER E 281 34.72 -15.28 -46.46
C SER E 281 33.66 -14.19 -46.40
N ILE E 282 32.88 -14.04 -47.47
CA ILE E 282 31.77 -13.11 -47.52
C ILE E 282 30.51 -13.96 -47.36
N TYR E 283 30.01 -14.07 -46.14
CA TYR E 283 28.96 -15.03 -45.85
C TYR E 283 27.58 -14.43 -46.07
N VAL E 284 26.66 -15.24 -46.58
CA VAL E 284 25.26 -14.88 -46.70
C VAL E 284 24.49 -15.87 -45.85
N ASN E 285 23.27 -15.50 -45.47
CA ASN E 285 22.50 -16.31 -44.54
C ASN E 285 21.04 -16.35 -44.96
N THR E 286 20.53 -17.55 -45.22
CA THR E 286 19.12 -17.71 -45.48
C THR E 286 18.36 -17.78 -44.16
N PRO E 287 17.44 -16.87 -43.88
CA PRO E 287 16.65 -16.94 -42.66
C PRO E 287 15.47 -17.90 -42.82
N SER E 288 14.75 -18.09 -41.72
CA SER E 288 13.51 -18.87 -41.73
C SER E 288 12.66 -18.43 -40.56
N GLY E 289 11.38 -18.17 -40.83
CA GLY E 289 10.44 -17.70 -39.83
C GLY E 289 9.83 -18.76 -38.94
N SER E 290 10.18 -20.03 -39.14
CA SER E 290 9.68 -21.13 -38.32
C SER E 290 8.16 -21.25 -38.34
N LEU E 291 7.60 -21.86 -37.31
CA LEU E 291 6.17 -22.11 -37.23
C LEU E 291 5.36 -20.82 -37.12
N VAL E 292 4.17 -20.83 -37.71
CA VAL E 292 3.14 -19.83 -37.46
C VAL E 292 1.98 -20.53 -36.78
N SER E 293 1.42 -19.89 -35.75
CA SER E 293 0.38 -20.53 -34.96
C SER E 293 -0.70 -19.52 -34.61
N SER E 294 -1.90 -20.05 -34.34
CA SER E 294 -3.02 -19.20 -33.93
C SER E 294 -2.74 -18.55 -32.58
N GLU E 295 -2.12 -19.29 -31.66
CA GLU E 295 -1.79 -18.75 -30.35
C GLU E 295 -0.84 -17.56 -30.42
N ALA E 296 -0.07 -17.45 -31.49
CA ALA E 296 0.87 -16.36 -31.66
C ALA E 296 0.28 -15.19 -32.45
N GLN E 297 -0.98 -15.30 -32.86
CA GLN E 297 -1.57 -14.25 -33.69
C GLN E 297 -1.81 -12.99 -32.86
N LEU E 298 -1.61 -11.83 -33.50
CA LEU E 298 -1.94 -10.57 -32.87
C LEU E 298 -3.30 -10.03 -33.29
N PHE E 299 -3.87 -10.52 -34.37
CA PHE E 299 -5.05 -9.91 -34.98
C PHE E 299 -6.30 -10.72 -34.66
N ASN E 300 -7.43 -10.26 -35.20
CA ASN E 300 -8.75 -10.83 -34.91
C ASN E 300 -9.07 -10.77 -33.42
N LYS E 301 -8.56 -9.76 -32.72
CA LYS E 301 -8.87 -9.54 -31.32
C LYS E 301 -8.78 -8.05 -31.03
N PRO E 302 -9.66 -7.53 -30.17
CA PRO E 302 -9.73 -6.07 -29.97
C PRO E 302 -8.69 -5.54 -29.00
N TYR E 303 -8.26 -4.31 -29.24
CA TYR E 303 -7.39 -3.56 -28.34
C TYR E 303 -8.13 -2.32 -27.84
N TRP E 304 -8.12 -2.11 -26.53
CA TRP E 304 -8.75 -0.94 -25.92
C TRP E 304 -7.67 0.05 -25.52
N LEU E 305 -7.74 1.26 -26.08
CA LEU E 305 -6.73 2.29 -25.82
C LEU E 305 -7.10 3.02 -24.54
N GLN E 306 -6.79 2.40 -23.40
CA GLN E 306 -7.08 3.02 -22.11
C GLN E 306 -6.10 4.13 -21.80
N LYS E 307 -4.81 3.92 -22.09
CA LYS E 307 -3.82 4.99 -21.96
C LYS E 307 -2.75 4.77 -23.02
N ALA E 308 -2.52 5.80 -23.82
CA ALA E 308 -1.56 5.76 -24.91
C ALA E 308 -0.15 6.06 -24.40
N GLN E 309 0.84 5.74 -25.25
CA GLN E 309 2.24 5.95 -24.88
C GLN E 309 2.59 7.42 -24.78
N GLY E 310 2.22 8.20 -25.79
CA GLY E 310 2.58 9.60 -25.85
C GLY E 310 1.61 10.50 -25.10
N HIS E 311 1.82 11.80 -25.29
CA HIS E 311 0.95 12.79 -24.70
C HIS E 311 -0.43 12.75 -25.34
N ASN E 312 -0.47 12.48 -26.65
CA ASN E 312 -1.72 12.31 -27.40
C ASN E 312 -2.34 10.99 -26.99
N ASN E 313 -3.37 11.05 -26.14
CA ASN E 313 -4.03 9.84 -25.65
C ASN E 313 -5.19 9.46 -26.56
N GLY E 314 -4.86 9.25 -27.83
CA GLY E 314 -5.83 8.75 -28.79
C GLY E 314 -6.66 9.79 -29.50
N ILE E 315 -6.20 11.04 -29.55
CA ILE E 315 -6.94 12.11 -30.21
C ILE E 315 -6.57 12.11 -31.69
N CYS E 316 -7.59 12.05 -32.55
CA CYS E 316 -7.40 12.02 -34.00
C CYS E 316 -7.43 13.45 -34.54
N TRP E 317 -6.28 14.13 -34.42
CA TRP E 317 -6.19 15.49 -34.95
C TRP E 317 -6.40 15.48 -36.46
N GLY E 318 -7.15 16.46 -36.95
CA GLY E 318 -7.46 16.52 -38.36
C GLY E 318 -8.50 15.51 -38.81
N ASN E 319 -9.15 14.81 -37.88
CA ASN E 319 -10.17 13.80 -38.20
C ASN E 319 -9.62 12.72 -39.12
N GLN E 320 -8.40 12.26 -38.83
CA GLN E 320 -7.78 11.18 -39.59
C GLN E 320 -7.05 10.26 -38.63
N LEU E 321 -6.71 9.07 -39.13
CA LEU E 321 -6.14 8.02 -38.28
C LEU E 321 -5.34 7.06 -39.15
N PHE E 322 -4.16 6.68 -38.66
CA PHE E 322 -3.26 5.81 -39.39
C PHE E 322 -3.12 4.47 -38.67
N VAL E 323 -3.37 3.38 -39.40
CA VAL E 323 -3.18 2.03 -38.90
C VAL E 323 -2.18 1.33 -39.80
N THR E 324 -1.04 0.95 -39.24
CA THR E 324 0.02 0.29 -39.98
C THR E 324 0.11 -1.16 -39.52
N VAL E 325 0.08 -2.09 -40.48
CA VAL E 325 0.01 -3.51 -40.19
C VAL E 325 1.03 -4.26 -41.04
N VAL E 326 1.77 -5.15 -40.42
CA VAL E 326 2.61 -6.14 -41.10
C VAL E 326 2.22 -7.50 -40.58
N ASP E 327 1.88 -8.41 -41.50
CA ASP E 327 1.41 -9.74 -41.13
C ASP E 327 1.97 -10.74 -42.12
N THR E 328 3.06 -11.40 -41.74
CA THR E 328 3.68 -12.42 -42.58
C THR E 328 3.17 -13.82 -42.28
N THR E 329 2.22 -13.95 -41.37
CA THR E 329 1.65 -15.25 -41.02
C THR E 329 0.53 -15.70 -41.96
N ARG E 330 0.20 -14.89 -42.96
CA ARG E 330 -0.76 -15.24 -44.00
C ARG E 330 -0.20 -14.91 -45.37
N SER E 331 1.07 -15.24 -45.58
CA SER E 331 1.79 -14.89 -46.80
C SER E 331 1.76 -16.01 -47.85
N THR E 332 0.86 -16.98 -47.70
CA THR E 332 0.76 -18.08 -48.67
C THR E 332 0.56 -17.56 -50.08
N ASN E 333 1.41 -18.03 -51.00
CA ASN E 333 1.34 -17.65 -52.40
C ASN E 333 0.68 -18.77 -53.19
N MET E 334 -0.43 -18.46 -53.85
CA MET E 334 -1.17 -19.46 -54.62
C MET E 334 -0.51 -19.72 -55.96
N THR E 335 -0.48 -21.00 -56.35
CA THR E 335 0.07 -21.42 -57.63
C THR E 335 -1.08 -21.60 -58.63
N LEU E 336 -1.01 -20.88 -59.74
CA LEU E 336 -2.01 -20.97 -60.81
C LEU E 336 -1.39 -21.62 -62.04
N CYS E 337 -2.17 -22.48 -62.69
CA CYS E 337 -1.70 -23.23 -63.86
C CYS E 337 -2.80 -23.26 -64.91
N ALA E 338 -2.51 -22.70 -66.09
CA ALA E 338 -3.45 -22.68 -67.20
C ALA E 338 -2.92 -23.52 -68.35
N SER E 339 -3.82 -24.19 -69.06
CA SER E 339 -3.45 -25.05 -70.17
C SER E 339 -3.54 -24.27 -71.48
N VAL E 340 -2.44 -24.25 -72.24
CA VAL E 340 -2.44 -23.59 -73.53
C VAL E 340 -2.97 -24.51 -74.62
N THR E 341 -2.64 -25.80 -74.56
CA THR E 341 -3.08 -26.77 -75.55
C THR E 341 -3.40 -28.08 -74.84
N THR E 342 -4.59 -28.61 -75.09
CA THR E 342 -5.08 -29.82 -74.44
C THR E 342 -4.80 -31.04 -75.31
N SER E 343 -3.98 -31.95 -74.80
CA SER E 343 -3.77 -33.25 -75.42
C SER E 343 -3.92 -34.33 -74.35
N SER E 344 -3.90 -35.59 -74.79
CA SER E 344 -4.09 -36.71 -73.87
C SER E 344 -2.84 -37.05 -73.08
N THR E 345 -1.74 -36.35 -73.31
CA THR E 345 -0.48 -36.60 -72.63
C THR E 345 0.01 -35.31 -71.98
N TYR E 346 0.70 -35.47 -70.84
CA TYR E 346 1.31 -34.33 -70.16
C TYR E 346 2.59 -33.92 -70.87
N THR E 347 2.68 -32.65 -71.24
CA THR E 347 3.88 -32.08 -71.82
C THR E 347 4.12 -30.72 -71.18
N ASN E 348 5.33 -30.49 -70.69
CA ASN E 348 5.64 -29.28 -69.95
C ASN E 348 5.37 -28.01 -70.75
N SER E 349 5.58 -28.06 -72.07
CA SER E 349 5.39 -26.87 -72.90
C SER E 349 3.92 -26.48 -73.09
N ASP E 350 2.98 -27.30 -72.61
CA ASP E 350 1.56 -27.02 -72.78
C ASP E 350 0.96 -26.22 -71.62
N TYR E 351 1.73 -25.87 -70.60
CA TYR E 351 1.20 -25.19 -69.43
C TYR E 351 2.02 -23.95 -69.09
N LYS E 352 1.33 -22.94 -68.59
CA LYS E 352 1.93 -21.73 -68.04
C LYS E 352 1.62 -21.65 -66.55
N GLU E 353 2.66 -21.47 -65.74
CA GLU E 353 2.51 -21.41 -64.29
C GLU E 353 2.64 -19.97 -63.82
N TYR E 354 1.73 -19.56 -62.94
CA TYR E 354 1.64 -18.19 -62.46
C TYR E 354 1.72 -18.16 -60.93
N MET E 355 1.87 -16.96 -60.40
CA MET E 355 1.97 -16.72 -58.96
C MET E 355 0.96 -15.65 -58.57
N ARG E 356 0.22 -15.89 -57.48
CA ARG E 356 -0.79 -14.96 -57.01
C ARG E 356 -0.85 -14.99 -55.49
N HIS E 357 -0.83 -13.80 -54.88
CA HIS E 357 -1.00 -13.64 -53.44
C HIS E 357 -2.15 -12.68 -53.17
N VAL E 358 -2.80 -12.86 -52.01
CA VAL E 358 -4.00 -12.12 -51.67
C VAL E 358 -3.92 -11.64 -50.23
N GLU E 359 -4.66 -10.58 -49.93
CA GLU E 359 -4.78 -10.03 -48.59
C GLU E 359 -6.22 -9.61 -48.34
N GLU E 360 -6.75 -10.01 -47.19
CA GLU E 360 -8.13 -9.69 -46.80
C GLU E 360 -8.10 -9.02 -45.44
N TYR E 361 -8.68 -7.82 -45.36
CA TYR E 361 -8.72 -7.05 -44.12
C TYR E 361 -10.14 -6.62 -43.81
N ASP E 362 -10.42 -6.44 -42.53
CA ASP E 362 -11.68 -5.86 -42.08
C ASP E 362 -11.35 -5.06 -40.82
N LEU E 363 -11.25 -3.74 -40.98
CA LEU E 363 -10.90 -2.85 -39.88
C LEU E 363 -12.17 -2.37 -39.17
N GLN E 364 -12.19 -2.52 -37.86
CA GLN E 364 -13.29 -2.06 -37.02
C GLN E 364 -12.76 -1.08 -35.99
N PHE E 365 -13.50 0.01 -35.80
CA PHE E 365 -13.08 1.08 -34.90
C PHE E 365 -14.24 1.47 -33.99
N ILE E 366 -13.89 2.03 -32.83
CA ILE E 366 -14.86 2.62 -31.92
C ILE E 366 -14.29 3.96 -31.43
N PHE E 367 -14.99 5.04 -31.74
CA PHE E 367 -14.51 6.38 -31.46
C PHE E 367 -15.34 7.02 -30.35
N GLN E 368 -14.70 7.88 -29.58
CA GLN E 368 -15.35 8.62 -28.50
C GLN E 368 -15.35 10.10 -28.84
N LEU E 369 -16.54 10.71 -28.80
CA LEU E 369 -16.66 12.13 -29.12
C LEU E 369 -16.04 12.98 -28.02
N CYS E 370 -15.28 14.00 -28.44
CA CYS E 370 -14.62 14.91 -27.52
C CYS E 370 -14.83 16.35 -27.94
N SER E 371 -14.88 17.23 -26.95
CA SER E 371 -15.00 18.66 -27.16
C SER E 371 -13.80 19.37 -26.53
N ILE E 372 -13.43 20.51 -27.10
CA ILE E 372 -12.27 21.29 -26.65
C ILE E 372 -12.72 22.73 -26.48
N THR E 373 -12.71 23.20 -25.23
CA THR E 373 -13.00 24.60 -24.94
C THR E 373 -11.75 25.43 -25.23
N LEU E 374 -11.88 26.39 -26.15
CA LEU E 374 -10.73 27.14 -26.67
C LEU E 374 -10.55 28.41 -25.85
N SER E 375 -9.71 28.32 -24.81
CA SER E 375 -9.27 29.50 -24.10
C SER E 375 -8.10 30.15 -24.85
N ALA E 376 -7.65 31.30 -24.34
CA ALA E 376 -6.49 31.96 -24.94
C ALA E 376 -5.25 31.07 -24.89
N GLU E 377 -5.08 30.33 -23.79
CA GLU E 377 -3.97 29.39 -23.70
C GLU E 377 -4.19 28.18 -24.62
N VAL E 378 -5.42 27.69 -24.71
CA VAL E 378 -5.69 26.54 -25.57
C VAL E 378 -5.42 26.89 -27.04
N VAL E 379 -5.87 28.07 -27.47
CA VAL E 379 -5.59 28.50 -28.84
C VAL E 379 -4.09 28.62 -29.07
N ALA E 380 -3.36 29.12 -28.06
CA ALA E 380 -1.91 29.25 -28.18
C ALA E 380 -1.24 27.89 -28.23
N TYR E 381 -1.55 27.02 -27.26
CA TYR E 381 -0.94 25.70 -27.24
C TYR E 381 -1.28 24.89 -28.48
N ILE E 382 -2.47 25.09 -29.05
CA ILE E 382 -2.85 24.36 -30.25
C ILE E 382 -2.19 24.96 -31.50
N HIS E 383 -1.89 26.26 -31.48
CA HIS E 383 -1.25 26.88 -32.62
C HIS E 383 0.11 26.25 -32.91
N THR E 384 0.99 26.22 -31.91
CA THR E 384 2.11 25.30 -31.96
C THR E 384 1.57 23.87 -31.85
N MET E 385 2.37 22.92 -32.35
CA MET E 385 1.96 21.56 -32.73
C MET E 385 1.56 21.61 -34.21
N ASN E 386 0.30 21.95 -34.48
CA ASN E 386 -0.10 22.18 -35.85
C ASN E 386 -1.19 23.25 -35.89
N PRO E 387 -0.97 24.36 -36.58
CA PRO E 387 -2.02 25.38 -36.68
C PRO E 387 -3.15 25.00 -37.61
N SER E 388 -2.93 24.08 -38.54
CA SER E 388 -4.00 23.63 -39.42
C SER E 388 -5.12 22.94 -38.65
N VAL E 389 -4.85 22.49 -37.42
CA VAL E 389 -5.92 22.03 -36.54
C VAL E 389 -6.90 23.17 -36.27
N LEU E 390 -6.37 24.38 -36.07
CA LEU E 390 -7.23 25.56 -35.91
C LEU E 390 -7.73 26.06 -37.25
N GLU E 391 -6.89 26.02 -38.29
CA GLU E 391 -7.28 26.56 -39.58
C GLU E 391 -8.46 25.80 -40.17
N ASP E 392 -8.48 24.48 -40.00
CA ASP E 392 -9.61 23.70 -40.50
C ASP E 392 -10.86 23.89 -39.65
N TRP E 393 -10.69 24.24 -38.37
CA TRP E 393 -11.82 24.55 -37.52
C TRP E 393 -12.47 25.88 -37.83
N ASN E 394 -11.82 26.74 -38.63
CA ASN E 394 -12.28 28.10 -38.90
C ASN E 394 -12.44 28.89 -37.61
N PHE E 395 -11.38 28.91 -36.81
CA PHE E 395 -11.41 29.59 -35.52
C PHE E 395 -10.19 30.49 -35.36
N PRO E 429 -2.52 21.11 -50.85
CA PRO E 429 -1.89 21.61 -49.63
C PRO E 429 -1.39 20.49 -48.71
N ASP E 430 -2.15 19.41 -48.60
CA ASP E 430 -1.80 18.26 -47.80
C ASP E 430 -0.40 17.76 -48.15
N PRO E 431 0.56 17.82 -47.21
CA PRO E 431 1.91 17.33 -47.52
C PRO E 431 2.01 15.81 -47.59
N TYR E 432 0.96 15.09 -47.23
CA TYR E 432 0.96 13.63 -47.29
C TYR E 432 0.46 13.10 -48.63
N LYS E 433 0.09 13.97 -49.57
CA LYS E 433 -0.36 13.52 -50.88
C LYS E 433 0.78 13.07 -51.77
N ASN E 434 2.03 13.35 -51.40
CA ASN E 434 3.18 12.76 -52.07
C ASN E 434 3.43 11.33 -51.59
N LEU E 435 2.98 10.99 -50.39
CA LEU E 435 3.11 9.65 -49.84
C LEU E 435 1.92 8.80 -50.25
N SER E 436 2.11 7.48 -50.18
CA SER E 436 1.11 6.54 -50.67
C SER E 436 0.57 5.73 -49.51
N PHE E 437 -0.76 5.72 -49.38
CA PHE E 437 -1.47 5.02 -48.32
C PHE E 437 -2.63 4.24 -48.91
N TRP E 438 -3.19 3.33 -48.12
CA TRP E 438 -4.42 2.63 -48.45
C TRP E 438 -5.57 3.44 -47.85
N GLU E 439 -6.23 4.25 -48.68
CA GLU E 439 -7.27 5.13 -48.18
C GLU E 439 -8.51 4.33 -47.80
N VAL E 440 -9.04 4.59 -46.60
CA VAL E 440 -10.25 3.96 -46.10
C VAL E 440 -11.20 5.09 -45.71
N ASN E 441 -12.29 5.22 -46.46
CA ASN E 441 -13.24 6.31 -46.26
C ASN E 441 -14.32 5.83 -45.30
N LEU E 442 -14.23 6.26 -44.04
CA LEU E 442 -15.21 5.91 -43.03
C LEU E 442 -16.26 7.00 -42.81
N LYS E 443 -16.24 8.07 -43.60
CA LYS E 443 -17.39 8.95 -43.64
C LYS E 443 -18.58 8.20 -44.21
N GLU E 444 -19.77 8.55 -43.72
CA GLU E 444 -21.02 7.86 -44.04
C GLU E 444 -21.04 6.43 -43.53
N LYS E 445 -20.01 6.02 -42.76
CA LYS E 445 -19.94 4.69 -42.18
C LYS E 445 -20.09 4.69 -40.66
N PHE E 446 -20.08 5.86 -40.03
CA PHE E 446 -20.28 5.95 -38.59
C PHE E 446 -21.70 5.57 -38.21
N SER E 447 -21.83 4.80 -37.13
CA SER E 447 -23.13 4.42 -36.60
C SER E 447 -23.09 4.51 -35.08
N SER E 448 -24.16 5.02 -34.49
CA SER E 448 -24.28 5.13 -33.05
C SER E 448 -24.91 3.88 -32.42
N GLU E 449 -25.40 2.96 -33.24
CA GLU E 449 -26.04 1.73 -32.76
C GLU E 449 -24.93 0.68 -32.56
N LEU E 450 -24.28 0.76 -31.40
CA LEU E 450 -23.10 -0.06 -31.14
C LEU E 450 -23.41 -1.55 -31.20
N ASP E 451 -24.51 -1.97 -30.57
CA ASP E 451 -24.78 -3.40 -30.41
C ASP E 451 -25.11 -4.10 -31.71
N GLN E 452 -25.23 -3.38 -32.83
CA GLN E 452 -25.54 -3.98 -34.12
C GLN E 452 -24.32 -4.51 -34.84
N TYR E 453 -23.14 -4.45 -34.23
CA TYR E 453 -21.89 -4.73 -34.92
C TYR E 453 -20.98 -5.58 -34.03
N PRO E 454 -20.09 -6.38 -34.64
CA PRO E 454 -19.24 -7.28 -33.85
C PRO E 454 -18.44 -6.57 -32.77
N LEU E 455 -17.60 -5.61 -33.16
CA LEU E 455 -16.77 -4.91 -32.19
C LEU E 455 -17.61 -4.09 -31.21
N GLY E 456 -18.73 -3.53 -31.68
CA GLY E 456 -19.60 -2.79 -30.78
C GLY E 456 -20.13 -3.64 -29.64
N ARG E 457 -20.50 -4.89 -29.95
CA ARG E 457 -20.97 -5.81 -28.91
C ARG E 457 -19.88 -6.03 -27.85
N LYS E 458 -18.64 -6.22 -28.28
CA LYS E 458 -17.55 -6.44 -27.33
C LYS E 458 -17.31 -5.23 -26.45
N PHE E 459 -17.48 -4.02 -26.99
CA PHE E 459 -17.23 -2.81 -26.22
C PHE E 459 -18.25 -2.63 -25.11
N LEU E 460 -19.51 -3.00 -25.36
CA LEU E 460 -20.54 -2.87 -24.34
C LEU E 460 -20.23 -3.76 -23.14
N LEU E 461 -19.89 -5.02 -23.38
CA LEU E 461 -19.63 -6.00 -22.33
C LEU E 461 -18.24 -5.86 -21.72
N GLN E 462 -17.49 -4.80 -22.03
CA GLN E 462 -16.11 -4.71 -21.59
C GLN E 462 -15.72 -3.25 -21.36
N SER E 463 -14.60 -3.06 -20.68
CA SER E 463 -14.03 -1.74 -20.40
C SER E 463 -14.96 -0.91 -19.52
N LYS F 15 -1.98 62.94 57.72
CA LYS F 15 -1.25 64.04 57.11
C LYS F 15 -1.73 64.25 55.67
N VAL F 16 -1.73 63.17 54.89
CA VAL F 16 -2.32 63.17 53.55
C VAL F 16 -3.72 62.58 53.66
N VAL F 17 -4.71 63.28 53.14
CA VAL F 17 -6.11 62.87 53.25
C VAL F 17 -6.69 62.66 51.85
N ALA F 18 -7.78 61.90 51.82
CA ALA F 18 -8.52 61.71 50.57
C ALA F 18 -9.13 63.03 50.12
N THR F 19 -9.27 63.18 48.80
CA THR F 19 -9.88 64.38 48.23
C THR F 19 -11.32 64.57 48.67
N ASP F 20 -11.97 63.52 49.16
CA ASP F 20 -13.35 63.63 49.64
C ASP F 20 -13.49 64.63 50.79
N ALA F 21 -12.42 64.90 51.53
CA ALA F 21 -12.53 65.74 52.71
C ALA F 21 -12.69 67.22 52.35
N TYR F 22 -11.99 67.69 51.31
CA TYR F 22 -11.95 69.11 51.01
C TYR F 22 -12.36 69.44 49.58
N VAL F 23 -12.93 68.48 48.85
CA VAL F 23 -13.42 68.71 47.50
C VAL F 23 -14.89 68.33 47.50
N THR F 24 -15.76 69.33 47.39
CA THR F 24 -17.20 69.12 47.47
C THR F 24 -17.76 68.81 46.09
N ARG F 25 -18.63 67.81 46.03
CA ARG F 25 -19.21 67.35 44.78
C ARG F 25 -20.48 68.12 44.46
N THR F 26 -20.76 68.26 43.18
CA THR F 26 -21.97 68.89 42.67
C THR F 26 -22.81 67.85 41.94
N ASN F 27 -23.92 68.31 41.36
CA ASN F 27 -24.78 67.47 40.53
C ASN F 27 -24.52 67.67 39.04
N ILE F 28 -23.50 68.45 38.69
CA ILE F 28 -23.24 68.82 37.31
C ILE F 28 -22.33 67.76 36.69
N PHE F 29 -22.85 67.04 35.71
CA PHE F 29 -22.10 66.03 34.98
C PHE F 29 -22.00 66.42 33.51
N TYR F 30 -20.89 66.06 32.89
CA TYR F 30 -20.63 66.39 31.50
C TYR F 30 -20.05 65.18 30.79
N HIS F 31 -20.36 65.05 29.50
CA HIS F 31 -19.80 64.02 28.65
C HIS F 31 -18.81 64.63 27.67
N ALA F 32 -17.79 63.87 27.32
CA ALA F 32 -16.81 64.31 26.32
C ALA F 32 -16.27 63.09 25.60
N SER F 33 -16.22 63.16 24.27
CA SER F 33 -15.73 62.05 23.45
C SER F 33 -14.69 62.57 22.46
N SER F 34 -13.61 61.81 22.32
CA SER F 34 -12.54 62.13 21.38
C SER F 34 -12.87 61.77 19.94
N SER F 35 -13.97 61.05 19.71
CA SER F 35 -14.30 60.46 18.41
C SER F 35 -13.21 59.47 18.01
N ARG F 36 -13.26 58.99 16.77
CA ARG F 36 -12.32 57.95 16.34
C ARG F 36 -10.90 58.52 16.23
N LEU F 37 -9.94 57.81 16.82
CA LEU F 37 -8.54 58.16 16.77
C LEU F 37 -7.79 57.06 16.03
N LEU F 38 -6.99 57.43 15.03
CA LEU F 38 -6.32 56.48 14.17
C LEU F 38 -4.84 56.78 14.06
N ALA F 39 -4.02 55.75 14.14
CA ALA F 39 -2.58 55.81 13.86
C ALA F 39 -2.21 54.63 12.98
N VAL F 40 -1.52 54.92 11.87
CA VAL F 40 -1.19 53.90 10.87
C VAL F 40 0.31 53.98 10.57
N GLY F 41 0.97 52.83 10.56
CA GLY F 41 2.38 52.81 10.24
C GLY F 41 2.91 51.39 10.08
N HIS F 42 4.24 51.27 10.29
CA HIS F 42 4.99 50.03 10.16
C HIS F 42 5.16 49.38 11.52
N PRO F 43 4.82 48.10 11.68
CA PRO F 43 4.91 47.47 13.01
C PRO F 43 6.32 47.29 13.53
N TYR F 44 7.35 47.46 12.70
CA TYR F 44 8.71 47.13 13.09
C TYR F 44 9.61 48.35 13.30
N PHE F 45 9.48 49.39 12.47
CA PHE F 45 10.35 50.55 12.58
C PHE F 45 9.74 51.73 11.85
N SER F 46 10.09 52.93 12.30
CA SER F 46 9.71 54.15 11.60
C SER F 46 10.56 54.33 10.35
N ILE F 47 9.99 55.00 9.35
CA ILE F 47 10.62 55.18 8.03
C ILE F 47 10.88 56.66 7.83
N LYS F 48 12.15 57.03 7.77
CA LYS F 48 12.58 58.42 7.57
C LYS F 48 13.63 58.48 6.47
N ARG F 49 13.41 59.36 5.50
CA ARG F 49 14.29 59.50 4.35
C ARG F 49 14.35 60.98 3.95
N ALA F 50 15.54 61.57 4.07
CA ALA F 50 16.69 60.91 4.68
C ALA F 50 17.03 61.62 5.97
N ASN F 51 16.06 62.40 6.45
CA ASN F 51 16.28 63.28 7.59
C ASN F 51 15.20 63.10 8.65
N LYS F 52 13.93 63.21 8.26
CA LYS F 52 12.81 63.10 9.18
C LYS F 52 11.80 62.07 8.68
N THR F 53 10.91 61.69 9.59
CA THR F 53 10.04 60.52 9.42
C THR F 53 9.01 60.69 8.30
N VAL F 54 8.91 59.67 7.46
CA VAL F 54 7.87 59.59 6.44
C VAL F 54 6.72 58.68 6.89
N VAL F 55 7.04 57.56 7.52
CA VAL F 55 6.05 56.60 7.99
C VAL F 55 6.34 56.30 9.46
N PRO F 56 5.39 56.51 10.37
CA PRO F 56 5.65 56.28 11.79
C PRO F 56 5.62 54.81 12.16
N LYS F 57 6.26 54.50 13.29
CA LYS F 57 6.23 53.16 13.86
C LYS F 57 4.92 52.97 14.61
N VAL F 58 4.06 52.08 14.11
CA VAL F 58 2.78 51.78 14.73
C VAL F 58 2.72 50.27 14.93
N SER F 59 2.77 49.85 16.19
CA SER F 59 2.83 48.43 16.54
C SER F 59 1.83 48.12 17.64
N GLY F 60 1.30 46.90 17.61
CA GLY F 60 0.37 46.45 18.63
C GLY F 60 0.97 46.32 20.01
N TYR F 61 2.30 46.34 20.12
CA TYR F 61 2.99 46.20 21.40
C TYR F 61 3.47 47.54 21.94
N GLN F 62 2.88 48.64 21.49
CA GLN F 62 3.23 49.97 21.96
C GLN F 62 2.24 50.44 23.02
N TYR F 63 2.75 51.23 23.96
CA TYR F 63 1.88 51.93 24.89
C TYR F 63 1.17 53.07 24.17
N ARG F 64 -0.11 53.24 24.47
CA ARG F 64 -0.88 54.38 24.02
C ARG F 64 -1.18 55.22 25.25
N VAL F 65 -0.45 56.33 25.39
CA VAL F 65 -0.55 57.19 26.57
C VAL F 65 -1.19 58.49 26.12
N PHE F 66 -2.47 58.67 26.46
CA PHE F 66 -3.22 59.84 26.05
C PHE F 66 -3.14 60.91 27.13
N LYS F 67 -2.76 62.12 26.72
CA LYS F 67 -2.80 63.29 27.59
C LYS F 67 -4.11 64.01 27.28
N VAL F 68 -5.11 63.78 28.13
CA VAL F 68 -6.45 64.30 27.91
C VAL F 68 -6.51 65.71 28.49
N VAL F 69 -6.69 66.70 27.61
CA VAL F 69 -6.75 68.10 28.02
C VAL F 69 -8.20 68.50 28.24
N LEU F 70 -8.49 69.02 29.43
CA LEU F 70 -9.83 69.46 29.78
C LEU F 70 -9.92 70.97 29.81
N PRO F 71 -11.10 71.54 29.52
CA PRO F 71 -11.28 72.98 29.65
C PRO F 71 -11.27 73.41 31.11
N ASP F 72 -10.74 74.60 31.35
CA ASP F 72 -10.70 75.17 32.69
C ASP F 72 -12.11 75.47 33.17
N PRO F 73 -12.59 74.80 34.23
CA PRO F 73 -13.93 75.10 34.73
C PRO F 73 -14.04 76.48 35.36
N ASN F 74 -12.91 77.07 35.77
CA ASN F 74 -12.92 78.43 36.28
C ASN F 74 -13.03 79.46 35.17
N LYS F 75 -12.72 79.07 33.93
CA LYS F 75 -12.94 79.91 32.75
C LYS F 75 -13.99 79.31 31.84
N PHE F 76 -14.75 78.32 32.30
CA PHE F 76 -15.75 77.66 31.47
C PHE F 76 -17.04 78.45 31.44
N ALA F 77 -17.73 78.38 30.30
CA ALA F 77 -19.00 79.07 30.11
C ALA F 77 -20.13 78.21 30.68
N LEU F 78 -20.11 78.09 32.00
CA LEU F 78 -21.17 77.37 32.70
C LEU F 78 -22.48 78.16 32.61
N PRO F 79 -23.63 77.47 32.67
CA PRO F 79 -24.90 78.20 32.55
C PRO F 79 -25.12 79.23 33.65
N ASP F 80 -24.81 78.90 34.90
CA ASP F 80 -24.98 79.82 36.01
C ASP F 80 -23.68 79.89 36.80
N SER F 81 -23.22 81.11 37.07
CA SER F 81 -22.08 81.32 37.96
C SER F 81 -22.46 81.27 39.43
N SER F 82 -23.72 80.96 39.74
CA SER F 82 -24.19 80.89 41.12
C SER F 82 -23.68 79.64 41.85
N LEU F 83 -23.07 78.70 41.14
CA LEU F 83 -22.59 77.47 41.77
C LEU F 83 -21.54 77.77 42.84
N PHE F 84 -20.59 78.65 42.54
CA PHE F 84 -19.46 78.90 43.42
C PHE F 84 -19.18 80.39 43.50
N ASP F 85 -18.61 80.80 44.63
CA ASP F 85 -18.11 82.16 44.77
C ASP F 85 -16.67 82.22 44.25
N PRO F 86 -16.38 83.01 43.23
CA PRO F 86 -15.00 83.05 42.70
C PRO F 86 -13.93 83.33 43.75
N THR F 87 -14.26 84.16 44.75
CA THR F 87 -13.35 84.37 45.88
C THR F 87 -13.54 83.24 46.90
N THR F 88 -12.46 82.52 47.17
CA THR F 88 -12.28 81.44 48.14
C THR F 88 -12.77 80.09 47.61
N GLN F 89 -13.39 80.04 46.43
CA GLN F 89 -13.80 78.77 45.85
C GLN F 89 -13.29 78.68 44.41
N ARG F 90 -12.84 77.48 44.03
CA ARG F 90 -12.35 77.21 42.70
C ARG F 90 -12.98 75.91 42.22
N LEU F 91 -13.04 75.75 40.90
CA LEU F 91 -13.69 74.59 40.30
C LEU F 91 -12.65 73.64 39.71
N VAL F 92 -13.00 72.36 39.66
CA VAL F 92 -12.13 71.34 39.10
C VAL F 92 -12.99 70.15 38.70
N TRP F 93 -12.58 69.45 37.65
CA TRP F 93 -13.33 68.30 37.15
C TRP F 93 -12.94 67.04 37.90
N ALA F 94 -13.93 66.18 38.14
CA ALA F 94 -13.71 64.86 38.72
C ALA F 94 -14.22 63.81 37.74
N CYS F 95 -13.41 62.78 37.49
CA CYS F 95 -13.76 61.74 36.53
C CYS F 95 -14.60 60.67 37.22
N THR F 96 -15.76 60.37 36.64
CA THR F 96 -16.67 59.37 37.18
C THR F 96 -16.99 58.25 36.20
N GLY F 97 -16.69 58.40 34.91
CA GLY F 97 -17.03 57.40 33.92
C GLY F 97 -15.99 57.38 32.82
N LEU F 98 -15.74 56.19 32.29
CA LEU F 98 -14.69 55.99 31.31
C LEU F 98 -15.02 54.77 30.46
N GLU F 99 -14.82 54.89 29.14
CA GLU F 99 -14.92 53.76 28.23
C GLU F 99 -13.82 53.90 27.18
N VAL F 100 -12.88 52.95 27.18
CA VAL F 100 -11.78 52.92 26.21
C VAL F 100 -12.25 52.06 25.03
N GLY F 101 -12.58 52.71 23.93
CA GLY F 101 -13.09 52.01 22.75
C GLY F 101 -11.98 51.55 21.83
N ARG F 102 -12.03 50.27 21.46
CA ARG F 102 -11.11 49.68 20.51
C ARG F 102 -11.91 49.26 19.27
N GLY F 103 -11.40 49.60 18.09
CA GLY F 103 -12.18 49.49 16.88
C GLY F 103 -11.62 48.61 15.78
N GLN F 104 -10.83 47.60 16.12
CA GLN F 104 -10.26 46.70 15.14
C GLN F 104 -10.60 45.25 15.47
N PRO F 105 -10.55 44.36 14.48
CA PRO F 105 -10.79 42.94 14.76
C PRO F 105 -9.71 42.36 15.65
N LEU F 106 -10.11 41.39 16.48
CA LEU F 106 -9.13 40.65 17.28
C LEU F 106 -8.19 39.89 16.35
N GLY F 107 -6.92 39.85 16.74
CA GLY F 107 -5.94 39.15 15.92
C GLY F 107 -4.56 39.31 16.52
N VAL F 108 -3.64 38.51 16.00
CA VAL F 108 -2.26 38.45 16.49
C VAL F 108 -1.32 38.75 15.33
N GLY F 109 -0.37 39.66 15.55
CA GLY F 109 0.70 39.88 14.62
C GLY F 109 1.99 39.31 15.17
N VAL F 110 3.00 39.11 14.34
CA VAL F 110 4.26 38.53 14.77
C VAL F 110 5.39 39.49 14.45
N SER F 111 6.50 39.32 15.15
CA SER F 111 7.72 40.08 14.91
C SER F 111 8.88 39.11 14.77
N GLY F 112 9.93 39.58 14.11
CA GLY F 112 11.07 38.72 13.87
C GLY F 112 12.34 39.49 13.65
N HIS F 113 13.36 38.77 13.19
CA HIS F 113 14.69 39.28 12.93
C HIS F 113 15.31 38.45 11.81
N PRO F 114 15.68 39.05 10.69
CA PRO F 114 16.30 38.26 9.62
C PRO F 114 17.59 37.60 10.03
N PHE F 115 18.25 38.08 11.08
CA PHE F 115 19.47 37.48 11.61
C PHE F 115 19.34 37.34 13.12
N LEU F 116 18.37 36.56 13.57
CA LEU F 116 18.23 36.29 14.99
C LEU F 116 19.36 35.37 15.45
N ASN F 117 19.94 35.68 16.61
CA ASN F 117 21.05 34.88 17.11
C ASN F 117 20.53 33.55 17.65
N LYS F 118 20.08 32.69 16.74
CA LYS F 118 19.66 31.33 17.06
C LYS F 118 20.72 30.37 16.52
N TYR F 119 21.01 29.33 17.29
CA TYR F 119 22.01 28.36 16.86
C TYR F 119 21.36 27.00 16.60
N ASP F 120 21.12 26.23 17.66
CA ASP F 120 20.54 24.91 17.56
C ASP F 120 19.14 24.90 18.15
N ASP F 121 18.33 23.97 17.66
CA ASP F 121 17.05 23.65 18.31
C ASP F 121 17.38 22.80 19.53
N VAL F 122 17.21 23.38 20.72
CA VAL F 122 17.72 22.76 21.94
C VAL F 122 16.77 21.72 22.50
N GLU F 123 15.62 21.51 21.88
CA GLU F 123 14.61 20.64 22.46
C GLU F 123 15.09 19.18 22.49
N ASN F 124 15.83 18.73 21.49
CA ASN F 124 16.31 17.35 21.48
C ASN F 124 17.44 17.06 20.49
N SER F 125 18.45 17.92 20.40
CA SER F 125 19.55 17.67 19.48
C SER F 125 20.82 18.36 19.99
N GLY F 126 21.94 17.64 19.89
CA GLY F 126 23.23 18.19 20.28
C GLY F 126 24.37 17.31 19.85
N SER F 127 25.57 17.90 19.81
CA SER F 127 26.85 17.23 19.62
C SER F 127 26.94 16.38 18.35
N GLY F 128 27.81 16.77 17.43
CA GLY F 128 28.67 17.92 17.65
C GLY F 128 28.28 19.09 16.76
N GLY F 129 28.28 20.28 17.36
CA GLY F 129 28.57 21.53 16.69
C GLY F 129 29.58 21.48 15.55
N ASN F 130 30.26 22.61 15.35
CA ASN F 130 30.37 23.64 16.36
C ASN F 130 30.12 25.01 15.70
N PRO F 131 29.83 26.04 16.50
CA PRO F 131 29.52 27.34 15.92
C PRO F 131 30.69 27.88 15.10
N GLY F 132 30.35 28.55 14.01
CA GLY F 132 31.35 29.13 13.13
C GLY F 132 31.50 30.62 13.37
N GLN F 133 31.45 31.40 12.28
CA GLN F 133 31.55 32.85 12.37
C GLN F 133 30.19 33.54 12.31
N ASP F 134 29.28 33.05 11.48
CA ASP F 134 27.94 33.61 11.37
C ASP F 134 26.94 32.46 11.25
N ASN F 135 26.01 32.38 12.20
CA ASN F 135 25.01 31.32 12.21
C ASN F 135 23.60 31.89 12.42
N ARG F 136 23.43 33.19 12.22
CA ARG F 136 22.14 33.82 12.47
C ARG F 136 21.09 33.37 11.46
N VAL F 137 19.85 33.22 11.93
CA VAL F 137 18.76 32.64 11.17
C VAL F 137 17.66 33.68 11.01
N ASN F 138 16.81 33.48 9.99
CA ASN F 138 15.67 34.34 9.72
C ASN F 138 14.45 33.73 10.39
N VAL F 139 14.12 34.23 11.59
CA VAL F 139 13.07 33.65 12.42
C VAL F 139 12.14 34.74 12.91
N GLY F 140 10.84 34.44 12.92
CA GLY F 140 9.86 35.34 13.47
C GLY F 140 8.99 34.61 14.47
N MET F 141 8.31 35.38 15.32
CA MET F 141 7.57 34.80 16.43
C MET F 141 6.47 35.75 16.87
N ASP F 142 5.49 35.18 17.58
CA ASP F 142 4.41 35.96 18.17
C ASP F 142 4.73 36.20 19.65
N TYR F 143 4.49 37.43 20.09
CA TYR F 143 4.91 37.86 21.42
C TYR F 143 3.90 37.45 22.50
N LYS F 144 4.29 37.72 23.74
CA LYS F 144 3.39 37.58 24.88
C LYS F 144 2.19 38.50 24.74
N GLN F 145 1.02 38.00 25.14
CA GLN F 145 -0.21 38.77 25.06
C GLN F 145 -0.37 39.63 26.31
N THR F 146 -0.73 40.90 26.12
CA THR F 146 -0.82 41.85 27.22
C THR F 146 -1.97 42.82 27.01
N GLN F 147 -2.80 43.00 28.03
CA GLN F 147 -3.81 44.04 28.08
C GLN F 147 -3.67 44.82 29.38
N LEU F 148 -3.75 46.15 29.30
CA LEU F 148 -3.73 46.97 30.50
C LEU F 148 -4.23 48.37 30.16
N CYS F 149 -4.80 49.03 31.18
CA CYS F 149 -5.26 50.41 31.05
C CYS F 149 -5.14 51.09 32.40
N MET F 150 -4.73 52.37 32.39
CA MET F 150 -4.58 53.16 33.61
C MET F 150 -5.18 54.54 33.42
N VAL F 151 -5.62 55.12 34.53
CA VAL F 151 -6.15 56.49 34.56
C VAL F 151 -5.50 57.24 35.71
N GLY F 152 -5.09 58.48 35.44
CA GLY F 152 -4.61 59.37 36.48
C GLY F 152 -4.49 60.78 35.94
N CYS F 153 -4.18 61.70 36.85
CA CYS F 153 -3.91 63.08 36.48
C CYS F 153 -2.43 63.36 36.33
N ALA F 154 -1.58 62.35 36.50
CA ALA F 154 -0.15 62.40 36.29
C ALA F 154 0.27 61.17 35.50
N PRO F 155 1.32 61.29 34.67
CA PRO F 155 1.67 60.17 33.81
C PRO F 155 2.14 58.99 34.61
N PRO F 156 1.96 57.76 34.13
CA PRO F 156 2.34 56.59 34.89
C PRO F 156 3.84 56.38 34.89
N LEU F 157 4.30 55.57 35.83
CA LEU F 157 5.71 55.22 35.94
C LEU F 157 5.94 53.83 35.37
N GLY F 158 6.98 53.68 34.56
CA GLY F 158 7.42 52.38 34.11
C GLY F 158 8.73 51.99 34.75
N GLU F 159 9.05 50.70 34.71
CA GLU F 159 10.33 50.20 35.20
C GLU F 159 10.98 49.35 34.12
N HIS F 160 12.31 49.40 34.08
CA HIS F 160 13.06 48.60 33.12
C HIS F 160 14.48 48.44 33.61
N TRP F 161 15.15 47.42 33.09
CA TRP F 161 16.55 47.17 33.41
C TRP F 161 17.45 47.82 32.37
N GLY F 162 18.44 48.58 32.84
CA GLY F 162 19.41 49.21 31.98
C GLY F 162 20.82 48.91 32.44
N LYS F 163 21.78 49.41 31.66
CA LYS F 163 23.18 49.22 31.99
C LYS F 163 23.56 50.06 33.20
N GLN F 173 38.62 46.34 34.44
CA GLN F 173 38.80 45.37 33.37
C GLN F 173 37.60 45.40 32.42
N ALA F 174 37.76 44.78 31.25
CA ALA F 174 36.78 44.88 30.18
C ALA F 174 36.32 43.49 29.74
N GLY F 175 35.34 43.50 28.84
CA GLY F 175 34.82 42.29 28.23
C GLY F 175 33.71 41.61 28.99
N ASP F 176 33.50 41.94 30.27
CA ASP F 176 32.64 41.15 31.13
C ASP F 176 31.18 41.58 31.01
N CYS F 177 30.35 41.03 31.89
CA CYS F 177 28.92 41.30 31.91
C CYS F 177 28.65 42.72 32.41
N PRO F 178 27.64 43.40 31.84
CA PRO F 178 27.32 44.75 32.32
C PRO F 178 26.55 44.70 33.63
N PRO F 179 26.78 45.66 34.52
CA PRO F 179 25.99 45.73 35.76
C PRO F 179 24.56 46.13 35.46
N LEU F 180 23.63 45.54 36.22
CA LEU F 180 22.21 45.76 36.00
C LEU F 180 21.64 46.75 37.01
N GLU F 181 20.74 47.62 36.53
CA GLU F 181 20.08 48.61 37.37
C GLU F 181 18.63 48.75 36.91
N LEU F 182 17.71 48.81 37.87
CA LEU F 182 16.30 48.97 37.59
C LEU F 182 15.96 50.46 37.58
N ILE F 183 15.63 50.98 36.41
CA ILE F 183 15.33 52.39 36.23
C ILE F 183 13.81 52.57 36.19
N THR F 184 13.32 53.58 36.91
CA THR F 184 11.94 54.01 36.80
C THR F 184 11.89 55.25 35.93
N SER F 185 10.85 55.34 35.09
CA SER F 185 10.75 56.42 34.13
C SER F 185 9.29 56.67 33.78
N VAL F 186 9.05 57.73 33.03
CA VAL F 186 7.71 58.06 32.57
C VAL F 186 7.41 57.27 31.31
N ILE F 187 6.23 56.65 31.26
CA ILE F 187 5.80 55.91 30.08
C ILE F 187 5.30 56.90 29.04
N GLN F 188 5.98 56.93 27.90
CA GLN F 188 5.61 57.82 26.80
C GLN F 188 4.84 57.06 25.73
N ASP F 189 4.08 57.81 24.93
CA ASP F 189 3.38 57.22 23.81
C ASP F 189 4.39 56.70 22.79
N GLY F 190 4.26 55.42 22.43
CA GLY F 190 5.18 54.78 21.53
C GLY F 190 6.21 53.90 22.21
N ASP F 191 6.35 54.00 23.54
CA ASP F 191 7.25 53.11 24.26
C ASP F 191 6.79 51.66 24.13
N MET F 192 7.75 50.75 24.17
CA MET F 192 7.47 49.33 23.98
C MET F 192 7.13 48.64 25.29
N VAL F 193 6.19 47.71 25.23
CA VAL F 193 5.83 46.88 26.37
C VAL F 193 6.73 45.65 26.40
N ASP F 194 6.77 44.98 27.55
CA ASP F 194 7.50 43.73 27.64
C ASP F 194 6.84 42.69 26.73
N THR F 195 7.67 41.85 26.11
CA THR F 195 7.20 40.94 25.08
C THR F 195 7.44 39.48 25.41
N GLY F 196 8.03 39.18 26.56
CA GLY F 196 8.45 37.83 26.90
C GLY F 196 9.95 37.70 27.03
N PHE F 197 10.70 38.75 26.70
CA PHE F 197 12.15 38.77 26.81
C PHE F 197 12.60 39.64 27.97
N GLY F 198 11.67 40.15 28.77
CA GLY F 198 11.97 40.95 29.93
C GLY F 198 11.75 42.43 29.68
N ALA F 199 11.73 43.18 30.78
CA ALA F 199 11.60 44.64 30.74
C ALA F 199 12.99 45.21 30.91
N MET F 200 13.69 45.39 29.79
CA MET F 200 15.08 45.80 29.80
C MET F 200 15.37 46.74 28.64
N ASN F 201 16.56 47.33 28.66
CA ASN F 201 17.01 48.27 27.64
C ASN F 201 17.87 47.48 26.66
N PHE F 202 17.23 46.95 25.61
CA PHE F 202 17.94 46.12 24.64
C PHE F 202 18.99 46.89 23.85
N ALA F 203 18.86 48.22 23.76
CA ALA F 203 19.87 49.01 23.05
C ALA F 203 21.22 48.97 23.75
N ASP F 204 21.22 48.81 25.07
CA ASP F 204 22.45 48.82 25.86
C ASP F 204 22.90 47.43 26.30
N LEU F 205 21.95 46.58 26.73
CA LEU F 205 22.29 45.29 27.31
C LEU F 205 22.42 44.16 26.29
N GLN F 206 21.94 44.37 25.06
CA GLN F 206 22.10 43.40 23.97
C GLN F 206 22.75 44.16 22.81
N THR F 207 24.08 44.18 22.80
CA THR F 207 24.82 45.01 21.87
C THR F 207 24.89 44.45 20.46
N ASN F 208 24.64 43.15 20.29
CA ASN F 208 24.76 42.54 18.97
C ASN F 208 23.55 42.80 18.08
N LYS F 209 22.50 43.42 18.60
CA LYS F 209 21.29 43.79 17.86
C LYS F 209 20.59 42.59 17.25
N SER F 210 21.00 41.37 17.60
CA SER F 210 20.52 40.16 16.94
C SER F 210 19.97 39.12 17.92
N ASP F 211 19.73 39.50 19.18
CA ASP F 211 19.24 38.55 20.16
C ASP F 211 17.72 38.58 20.28
N VAL F 212 17.09 39.69 19.95
CA VAL F 212 15.64 39.81 19.98
C VAL F 212 15.18 40.37 18.63
N PRO F 213 13.91 40.18 18.28
CA PRO F 213 13.42 40.68 16.99
C PRO F 213 13.63 42.17 16.82
N ILE F 214 13.57 42.61 15.56
CA ILE F 214 14.03 43.95 15.19
C ILE F 214 13.17 45.06 15.78
N ASP F 215 11.93 44.77 16.17
CA ASP F 215 11.06 45.82 16.68
C ASP F 215 11.33 46.18 18.14
N ILE F 216 12.27 45.51 18.81
CA ILE F 216 12.61 45.85 20.19
C ILE F 216 14.13 45.84 20.37
N CYS F 217 14.86 45.36 19.36
CA CYS F 217 16.30 45.21 19.50
C CYS F 217 17.03 46.54 19.65
N GLY F 218 16.43 47.63 19.19
CA GLY F 218 17.02 48.94 19.35
C GLY F 218 16.15 49.89 20.14
N THR F 219 15.27 49.35 20.97
CA THR F 219 14.34 50.12 21.77
C THR F 219 14.37 49.58 23.21
N THR F 220 13.55 50.19 24.06
CA THR F 220 13.45 49.81 25.46
C THR F 220 12.02 49.35 25.76
N CYS F 221 11.91 48.16 26.35
CA CYS F 221 10.63 47.62 26.79
C CYS F 221 10.44 47.95 28.27
N LYS F 222 9.38 48.69 28.57
CA LYS F 222 9.09 49.14 29.92
C LYS F 222 7.90 48.37 30.50
N TYR F 223 7.99 48.05 31.80
CA TYR F 223 6.88 47.48 32.53
C TYR F 223 6.39 48.46 33.58
N PRO F 224 5.08 48.57 33.80
CA PRO F 224 4.57 49.53 34.79
C PRO F 224 4.98 49.16 36.20
N ASP F 225 5.46 50.16 36.95
CA ASP F 225 5.82 49.98 38.35
C ASP F 225 4.54 50.12 39.17
N TYR F 226 3.72 49.07 39.15
CA TYR F 226 2.46 49.07 39.88
C TYR F 226 2.69 49.26 41.38
N LEU F 227 3.74 48.65 41.92
CA LEU F 227 3.97 48.69 43.36
C LEU F 227 4.27 50.11 43.83
N GLN F 228 4.98 50.90 43.01
CA GLN F 228 5.35 52.25 43.40
C GLN F 228 4.17 53.22 43.26
N MET F 229 3.51 53.22 42.09
CA MET F 229 2.45 54.19 41.85
C MET F 229 1.33 54.10 42.88
N ALA F 230 1.04 52.90 43.37
CA ALA F 230 0.05 52.75 44.43
C ALA F 230 0.61 53.11 45.81
N ALA F 231 1.93 52.95 46.01
CA ALA F 231 2.57 53.28 47.28
C ALA F 231 2.92 54.76 47.42
N ASP F 232 2.54 55.56 46.45
CA ASP F 232 2.73 57.00 46.51
C ASP F 232 1.66 57.63 47.38
N PRO F 233 2.00 58.70 48.12
CA PRO F 233 1.04 59.26 49.08
C PRO F 233 -0.25 59.76 48.44
N TYR F 234 -0.12 60.74 47.53
CA TYR F 234 -1.28 61.36 46.92
C TYR F 234 -1.98 60.43 45.93
N GLY F 235 -1.24 59.48 45.36
CA GLY F 235 -1.84 58.57 44.40
C GLY F 235 -2.29 59.25 43.13
N ASP F 236 -1.52 60.22 42.64
CA ASP F 236 -1.90 60.95 41.44
C ASP F 236 -1.70 60.15 40.17
N ARG F 237 -0.94 59.05 40.24
CA ARG F 237 -0.66 58.23 39.07
C ARG F 237 -1.65 57.10 38.86
N LEU F 238 -2.23 56.57 39.94
CA LEU F 238 -3.16 55.45 39.87
C LEU F 238 -4.53 55.85 40.43
N PHE F 239 -5.46 56.20 39.55
CA PHE F 239 -6.87 56.18 39.94
C PHE F 239 -7.35 54.74 40.07
N PHE F 240 -7.06 53.92 39.06
CA PHE F 240 -7.31 52.49 39.05
C PHE F 240 -6.53 51.92 37.87
N PHE F 241 -6.50 50.59 37.78
CA PHE F 241 -5.82 49.96 36.67
C PHE F 241 -6.39 48.56 36.46
N LEU F 242 -6.19 48.06 35.25
CA LEU F 242 -6.59 46.72 34.87
C LEU F 242 -5.46 46.08 34.08
N ARG F 243 -5.37 44.75 34.14
CA ARG F 243 -4.28 44.08 33.46
C ARG F 243 -4.69 42.66 33.11
N LYS F 244 -4.18 42.19 31.97
CA LYS F 244 -4.32 40.79 31.57
C LYS F 244 -3.08 40.42 30.75
N GLU F 245 -2.21 39.60 31.34
CA GLU F 245 -1.02 39.09 30.67
C GLU F 245 -1.13 37.58 30.56
N GLN F 246 -0.56 37.02 29.49
CA GLN F 246 -0.47 35.58 29.34
C GLN F 246 0.57 35.24 28.29
N MET F 247 1.33 34.18 28.55
CA MET F 247 2.32 33.69 27.60
C MET F 247 2.73 32.28 28.01
N PHE F 248 3.30 31.55 27.05
CA PHE F 248 3.93 30.27 27.31
C PHE F 248 5.18 30.15 26.44
N ALA F 249 6.01 29.16 26.77
CA ALA F 249 7.25 28.93 26.03
C ALA F 249 6.96 28.07 24.80
N ARG F 250 7.17 28.66 23.62
CA ARG F 250 6.84 27.98 22.36
C ARG F 250 7.98 27.08 21.86
N HIS F 251 9.21 27.59 21.88
CA HIS F 251 10.37 26.82 21.45
C HIS F 251 11.53 27.08 22.38
N PHE F 252 12.56 26.25 22.26
CA PHE F 252 13.76 26.35 23.09
C PHE F 252 14.98 26.37 22.18
N PHE F 253 15.76 27.44 22.26
CA PHE F 253 16.98 27.60 21.46
C PHE F 253 18.15 27.94 22.38
N ASN F 254 19.32 28.08 21.78
CA ASN F 254 20.51 28.59 22.45
C ASN F 254 21.20 29.62 21.56
N ARG F 255 22.09 30.39 22.17
CA ARG F 255 22.76 31.48 21.48
C ARG F 255 24.08 31.01 20.87
N ALA F 256 24.49 31.69 19.80
CA ALA F 256 25.82 31.51 19.25
C ALA F 256 26.77 32.54 19.84
N GLY F 257 28.04 32.19 19.90
CA GLY F 257 29.05 33.04 20.49
C GLY F 257 29.61 32.44 21.78
N GLU F 258 30.64 33.12 22.29
CA GLU F 258 31.34 32.66 23.47
C GLU F 258 30.44 32.71 24.70
N VAL F 259 30.43 31.63 25.47
CA VAL F 259 29.70 31.60 26.74
C VAL F 259 30.43 32.48 27.74
N GLY F 260 29.78 33.57 28.15
CA GLY F 260 30.44 34.54 29.01
C GLY F 260 30.76 34.01 30.40
N GLU F 261 29.97 33.06 30.88
CA GLU F 261 30.15 32.47 32.21
C GLU F 261 30.00 30.97 32.10
N PRO F 262 31.11 30.22 32.11
CA PRO F 262 31.03 28.79 31.85
C PRO F 262 30.50 28.02 33.06
N VAL F 263 29.96 26.84 32.76
CA VAL F 263 29.40 25.99 33.81
C VAL F 263 30.54 25.39 34.63
N PRO F 264 30.52 25.52 35.96
CA PRO F 264 31.59 24.92 36.77
C PRO F 264 31.62 23.41 36.64
N ASP F 265 32.78 22.83 36.96
CA ASP F 265 32.95 21.39 36.85
C ASP F 265 32.15 20.63 37.91
N THR F 266 31.76 21.30 39.00
CA THR F 266 30.98 20.63 40.05
C THR F 266 29.63 20.13 39.53
N LEU F 267 29.14 20.68 38.42
CA LEU F 267 27.83 20.33 37.90
C LEU F 267 27.89 19.43 36.67
N ILE F 268 29.08 19.00 36.24
CA ILE F 268 29.23 18.16 35.07
C ILE F 268 30.36 17.17 35.32
N ILE F 269 30.32 16.07 34.57
CA ILE F 269 31.44 15.15 34.45
C ILE F 269 31.95 15.29 33.03
N LYS F 270 33.17 15.82 32.89
CA LYS F 270 33.65 16.16 31.56
C LYS F 270 33.71 14.94 30.66
N GLY F 271 33.28 15.13 29.41
CA GLY F 271 33.23 14.04 28.47
C GLY F 271 34.46 13.90 27.61
N SER F 272 34.63 12.69 27.10
CA SER F 272 35.53 12.47 25.97
C SER F 272 34.70 11.78 24.88
N GLY F 273 35.34 10.96 24.06
CA GLY F 273 34.62 10.22 23.03
C GLY F 273 33.71 11.04 22.13
N ASN F 274 34.08 12.29 21.83
CA ASN F 274 33.48 13.24 20.89
C ASN F 274 32.92 14.46 21.64
N ARG F 275 32.68 14.34 22.94
CA ARG F 275 32.06 15.43 23.72
C ARG F 275 33.07 16.20 24.56
N THR F 276 34.27 16.45 24.06
CA THR F 276 35.23 17.25 24.81
C THR F 276 34.84 18.73 24.83
N SER F 277 34.22 19.22 23.76
CA SER F 277 33.84 20.63 23.65
C SER F 277 32.41 20.81 24.18
N VAL F 278 32.27 21.63 25.23
CA VAL F 278 30.97 21.80 25.88
C VAL F 278 30.06 22.64 24.99
N GLY F 279 28.83 22.17 24.80
CA GLY F 279 27.84 22.96 24.09
C GLY F 279 27.41 24.18 24.87
N SER F 280 26.92 25.17 24.13
CA SER F 280 26.56 26.45 24.74
C SER F 280 25.29 26.31 25.57
N SER F 281 25.34 26.77 26.81
CA SER F 281 24.21 26.72 27.74
C SER F 281 23.59 28.10 27.95
N ILE F 282 23.51 28.88 26.88
CA ILE F 282 22.85 30.18 26.90
C ILE F 282 21.51 29.99 26.19
N TYR F 283 20.45 29.75 26.96
CA TYR F 283 19.17 29.32 26.41
C TYR F 283 18.29 30.50 26.02
N VAL F 284 17.52 30.30 24.96
CA VAL F 284 16.57 31.27 24.42
C VAL F 284 15.16 30.71 24.55
N ASN F 285 14.17 31.60 24.51
CA ASN F 285 12.77 31.23 24.60
C ASN F 285 11.93 32.11 23.70
N THR F 286 11.28 31.49 22.71
CA THR F 286 10.29 32.21 21.93
C THR F 286 8.96 32.18 22.68
N PRO F 287 8.39 33.34 23.01
CA PRO F 287 7.09 33.33 23.70
C PRO F 287 5.96 33.14 22.71
N SER F 288 4.75 33.02 23.27
CA SER F 288 3.54 32.96 22.47
C SER F 288 2.37 33.38 23.34
N GLY F 289 1.53 34.27 22.82
CA GLY F 289 0.39 34.78 23.56
C GLY F 289 -0.84 33.90 23.54
N SER F 290 -0.77 32.75 22.87
CA SER F 290 -1.87 31.80 22.79
C SER F 290 -3.14 32.43 22.23
N LEU F 291 -4.29 31.87 22.55
CA LEU F 291 -5.56 32.34 22.01
C LEU F 291 -5.88 33.74 22.53
N VAL F 292 -6.55 34.52 21.67
CA VAL F 292 -7.21 35.76 22.05
C VAL F 292 -8.71 35.56 21.86
N SER F 293 -9.50 36.03 22.82
CA SER F 293 -10.93 35.78 22.79
C SER F 293 -11.69 37.03 23.22
N SER F 294 -12.94 37.11 22.77
CA SER F 294 -13.80 38.23 23.15
C SER F 294 -14.09 38.21 24.65
N GLU F 295 -14.25 37.03 25.23
CA GLU F 295 -14.52 36.90 26.65
C GLU F 295 -13.41 37.48 27.52
N ALA F 296 -12.20 37.59 26.97
CA ALA F 296 -11.05 38.11 27.69
C ALA F 296 -10.85 39.61 27.52
N GLN F 297 -11.73 40.28 26.76
CA GLN F 297 -11.53 41.70 26.46
C GLN F 297 -11.76 42.55 27.70
N LEU F 298 -10.94 43.60 27.82
CA LEU F 298 -11.12 44.61 28.85
C LEU F 298 -11.86 45.85 28.36
N PHE F 299 -11.93 46.06 27.06
CA PHE F 299 -12.36 47.32 26.47
C PHE F 299 -13.78 47.21 25.94
N ASN F 300 -14.24 48.30 25.32
CA ASN F 300 -15.61 48.44 24.82
C ASN F 300 -16.65 48.22 25.91
N LYS F 301 -16.30 48.58 27.15
CA LYS F 301 -17.24 48.53 28.26
C LYS F 301 -16.85 49.62 29.24
N PRO F 302 -17.82 50.25 29.90
CA PRO F 302 -17.50 51.40 30.75
C PRO F 302 -17.00 51.01 32.12
N TYR F 303 -16.15 51.88 32.67
CA TYR F 303 -15.67 51.78 34.05
C TYR F 303 -16.18 52.97 34.83
N TRP F 304 -16.80 52.70 35.98
CA TRP F 304 -17.32 53.75 36.84
C TRP F 304 -16.39 53.93 38.03
N LEU F 305 -15.84 55.14 38.18
CA LEU F 305 -14.87 55.43 39.23
C LEU F 305 -15.63 55.81 40.50
N GLN F 306 -16.15 54.79 41.18
CA GLN F 306 -16.87 55.04 42.43
C GLN F 306 -15.91 55.33 43.57
N LYS F 307 -14.81 54.59 43.66
CA LYS F 307 -13.77 54.87 44.65
C LYS F 307 -12.42 54.44 44.09
N ALA F 308 -11.45 55.35 44.11
CA ALA F 308 -10.13 55.10 43.56
C ALA F 308 -9.24 54.39 44.57
N GLN F 309 -8.17 53.78 44.05
CA GLN F 309 -7.24 53.06 44.91
C GLN F 309 -6.43 54.02 45.78
N GLY F 310 -5.93 55.10 45.20
CA GLY F 310 -5.14 56.07 45.91
C GLY F 310 -5.96 57.09 46.67
N HIS F 311 -5.27 58.09 47.20
CA HIS F 311 -5.96 59.16 47.93
C HIS F 311 -6.77 60.04 47.00
N ASN F 312 -6.26 60.28 45.79
CA ASN F 312 -6.96 61.08 44.78
C ASN F 312 -8.12 60.27 44.23
N ASN F 313 -9.34 60.61 44.66
CA ASN F 313 -10.54 59.89 44.24
C ASN F 313 -11.11 60.50 42.96
N GLY F 314 -10.26 60.55 41.93
CA GLY F 314 -10.68 60.95 40.61
C GLY F 314 -10.64 62.44 40.30
N ILE F 315 -9.87 63.23 41.04
CA ILE F 315 -9.79 64.67 40.80
C ILE F 315 -8.73 64.93 39.73
N CYS F 316 -9.12 65.66 38.68
CA CYS F 316 -8.22 65.97 37.56
C CYS F 316 -7.53 67.30 37.84
N TRP F 317 -6.46 67.23 38.64
CA TRP F 317 -5.68 68.41 38.93
C TRP F 317 -5.04 68.97 37.66
N GLY F 318 -5.05 70.30 37.54
CA GLY F 318 -4.53 70.93 36.35
C GLY F 318 -5.41 70.81 35.14
N ASN F 319 -6.64 70.32 35.30
CA ASN F 319 -7.57 70.12 34.19
C ASN F 319 -6.97 69.24 33.09
N GLN F 320 -6.29 68.18 33.50
CA GLN F 320 -5.71 67.22 32.56
C GLN F 320 -5.87 65.82 33.13
N LEU F 321 -5.68 64.83 32.27
CA LEU F 321 -5.93 63.45 32.63
C LEU F 321 -5.10 62.54 31.72
N PHE F 322 -4.49 61.51 32.30
CA PHE F 322 -3.63 60.60 31.57
C PHE F 322 -4.29 59.23 31.49
N VAL F 323 -4.43 58.71 30.27
CA VAL F 323 -4.98 57.38 30.03
C VAL F 323 -3.91 56.58 29.29
N THR F 324 -3.44 55.52 29.91
CA THR F 324 -2.42 54.64 29.33
C THR F 324 -3.08 53.31 28.96
N VAL F 325 -2.89 52.88 27.73
CA VAL F 325 -3.56 51.70 27.20
C VAL F 325 -2.55 50.82 26.48
N VAL F 326 -2.58 49.53 26.78
CA VAL F 326 -1.87 48.51 26.02
C VAL F 326 -2.86 47.42 25.61
N ASP F 327 -2.92 47.13 24.32
CA ASP F 327 -3.87 46.15 23.78
C ASP F 327 -3.17 45.38 22.66
N THR F 328 -2.67 44.19 22.99
CA THR F 328 -2.00 43.34 22.03
C THR F 328 -2.93 42.33 21.36
N THR F 329 -4.23 42.37 21.68
CA THR F 329 -5.19 41.45 21.09
C THR F 329 -5.71 41.90 19.73
N ARG F 330 -5.22 43.03 19.22
CA ARG F 330 -5.56 43.52 17.89
C ARG F 330 -4.29 43.92 17.13
N SER F 331 -3.26 43.08 17.23
CA SER F 331 -1.96 43.38 16.66
C SER F 331 -1.77 42.83 15.26
N THR F 332 -2.85 42.43 14.58
CA THR F 332 -2.73 41.90 13.22
C THR F 332 -2.04 42.91 12.31
N ASN F 333 -1.01 42.46 11.62
CA ASN F 333 -0.26 43.29 10.68
C ASN F 333 -0.72 42.97 9.27
N MET F 334 -1.20 43.99 8.56
CA MET F 334 -1.71 43.80 7.21
C MET F 334 -0.55 43.67 6.24
N THR F 335 -0.69 42.73 5.30
CA THR F 335 0.30 42.52 4.25
C THR F 335 -0.17 43.24 3.00
N LEU F 336 0.65 44.17 2.51
CA LEU F 336 0.35 44.94 1.31
C LEU F 336 1.28 44.49 0.19
N CYS F 337 0.72 44.41 -1.01
CA CYS F 337 1.46 43.94 -2.18
C CYS F 337 1.14 44.84 -3.36
N ALA F 338 2.16 45.49 -3.90
CA ALA F 338 2.02 46.37 -5.05
C ALA F 338 2.74 45.77 -6.25
N SER F 339 2.18 45.99 -7.43
CA SER F 339 2.73 45.44 -8.66
C SER F 339 3.68 46.46 -9.29
N VAL F 340 4.93 46.04 -9.53
CA VAL F 340 5.89 46.92 -10.18
C VAL F 340 5.73 46.86 -11.70
N THR F 341 5.51 45.66 -12.24
CA THR F 341 5.33 45.46 -13.67
C THR F 341 4.30 44.36 -13.90
N THR F 342 3.30 44.66 -14.72
CA THR F 342 2.22 43.72 -15.00
C THR F 342 2.51 42.97 -16.28
N SER F 343 2.69 41.65 -16.16
CA SER F 343 2.80 40.75 -17.30
C SER F 343 1.87 39.57 -17.06
N SER F 344 1.75 38.70 -18.06
CA SER F 344 0.84 37.57 -17.97
C SER F 344 1.37 36.44 -17.11
N THR F 345 2.58 36.55 -16.57
CA THR F 345 3.19 35.51 -15.75
C THR F 345 3.60 36.09 -14.41
N TYR F 346 3.52 35.25 -13.37
CA TYR F 346 3.98 35.64 -12.05
C TYR F 346 5.50 35.55 -11.96
N THR F 347 6.12 36.65 -11.54
CA THR F 347 7.56 36.69 -11.25
C THR F 347 7.75 37.52 -9.99
N ASN F 348 8.50 36.97 -9.04
CA ASN F 348 8.66 37.62 -7.73
C ASN F 348 9.23 39.03 -7.86
N SER F 349 10.09 39.26 -8.84
CA SER F 349 10.70 40.58 -8.99
C SER F 349 9.72 41.65 -9.45
N ASP F 350 8.49 41.28 -9.81
CA ASP F 350 7.49 42.23 -10.27
C ASP F 350 6.64 42.82 -9.14
N TYR F 351 6.88 42.40 -7.89
CA TYR F 351 6.06 42.85 -6.78
C TYR F 351 6.95 43.31 -5.62
N LYS F 352 6.45 44.32 -4.90
CA LYS F 352 7.04 44.76 -3.65
C LYS F 352 6.02 44.53 -2.55
N GLU F 353 6.44 43.84 -1.49
CA GLU F 353 5.56 43.48 -0.38
C GLU F 353 5.86 44.39 0.81
N TYR F 354 4.82 44.92 1.43
CA TYR F 354 4.95 45.90 2.49
C TYR F 354 4.25 45.41 3.76
N MET F 355 4.50 46.14 4.85
CA MET F 355 3.91 45.85 6.15
C MET F 355 3.26 47.11 6.69
N ARG F 356 2.03 46.98 7.19
CA ARG F 356 1.30 48.12 7.73
C ARG F 356 0.43 47.66 8.89
N HIS F 357 0.49 48.37 10.01
CA HIS F 357 -0.35 48.10 11.17
C HIS F 357 -1.11 49.35 11.57
N VAL F 358 -2.28 49.15 12.20
CA VAL F 358 -3.19 50.23 12.51
C VAL F 358 -3.70 50.09 13.94
N GLU F 359 -4.14 51.21 14.50
CA GLU F 359 -4.75 51.25 15.83
C GLU F 359 -5.93 52.21 15.78
N GLU F 360 -7.07 51.77 16.31
CA GLU F 360 -8.30 52.56 16.30
C GLU F 360 -8.83 52.70 17.72
N TYR F 361 -9.02 53.95 18.15
CA TYR F 361 -9.45 54.24 19.51
C TYR F 361 -10.67 55.16 19.48
N ASP F 362 -11.49 55.06 20.54
CA ASP F 362 -12.61 55.97 20.76
C ASP F 362 -12.71 56.18 22.27
N LEU F 363 -12.20 57.31 22.74
CA LEU F 363 -12.20 57.62 24.16
C LEU F 363 -13.43 58.45 24.52
N GLN F 364 -14.18 57.97 25.51
CA GLN F 364 -15.34 58.67 26.05
C GLN F 364 -15.17 58.85 27.55
N PHE F 365 -15.49 60.05 28.04
CA PHE F 365 -15.34 60.37 29.45
C PHE F 365 -16.60 61.03 29.96
N ILE F 366 -16.81 60.93 31.27
CA ILE F 366 -17.89 61.64 31.96
C ILE F 366 -17.34 62.25 33.24
N PHE F 367 -17.39 63.57 33.33
CA PHE F 367 -16.79 64.31 34.44
C PHE F 367 -17.86 64.91 35.33
N GLN F 368 -17.52 65.04 36.61
CA GLN F 368 -18.39 65.64 37.61
C GLN F 368 -17.77 66.92 38.13
N LEU F 369 -18.52 68.01 38.09
CA LEU F 369 -18.01 69.30 38.56
C LEU F 369 -17.86 69.31 40.07
N CYS F 370 -16.74 69.85 40.54
CA CYS F 370 -16.44 69.94 41.95
C CYS F 370 -15.92 71.34 42.28
N SER F 371 -16.21 71.78 43.51
CA SER F 371 -15.74 73.06 44.03
C SER F 371 -14.88 72.83 45.26
N ILE F 372 -13.94 73.74 45.49
CA ILE F 372 -12.99 73.64 46.60
C ILE F 372 -12.99 74.97 47.34
N THR F 373 -13.49 74.97 48.57
CA THR F 373 -13.45 76.15 49.43
C THR F 373 -12.06 76.26 50.06
N LEU F 374 -11.37 77.37 49.78
CA LEU F 374 -9.97 77.53 50.17
C LEU F 374 -9.90 78.24 51.52
N SER F 375 -9.84 77.46 52.59
CA SER F 375 -9.52 77.98 53.91
C SER F 375 -8.01 78.12 54.06
N ALA F 376 -7.57 78.68 55.18
CA ALA F 376 -6.14 78.80 55.44
C ALA F 376 -5.47 77.43 55.49
N GLU F 377 -6.16 76.43 56.05
CA GLU F 377 -5.62 75.08 56.06
C GLU F 377 -5.63 74.46 54.66
N VAL F 378 -6.68 74.71 53.89
CA VAL F 378 -6.76 74.16 52.53
C VAL F 378 -5.65 74.75 51.65
N VAL F 379 -5.43 76.06 51.76
CA VAL F 379 -4.35 76.69 50.99
C VAL F 379 -3.00 76.10 51.38
N ALA F 380 -2.81 75.81 52.67
CA ALA F 380 -1.54 75.23 53.12
C ALA F 380 -1.37 73.82 52.59
N TYR F 381 -2.37 72.96 52.77
CA TYR F 381 -2.27 71.58 52.30
C TYR F 381 -2.12 71.52 50.78
N ILE F 382 -2.71 72.46 50.05
CA ILE F 382 -2.62 72.44 48.59
C ILE F 382 -1.26 72.99 48.13
N HIS F 383 -0.63 73.86 48.92
CA HIS F 383 0.68 74.39 48.54
C HIS F 383 1.70 73.26 48.42
N THR F 384 1.83 72.45 49.47
CA THR F 384 2.46 71.15 49.31
C THR F 384 1.60 70.27 48.42
N MET F 385 2.23 69.26 47.80
CA MET F 385 1.75 68.53 46.62
C MET F 385 2.16 69.29 45.36
N ASN F 386 1.35 70.26 44.94
CA ASN F 386 1.76 71.11 43.84
C ASN F 386 1.19 72.52 44.03
N PRO F 387 2.05 73.54 44.11
CA PRO F 387 1.53 74.91 44.23
C PRO F 387 0.99 75.48 42.94
N SER F 388 1.38 74.92 41.78
CA SER F 388 0.84 75.41 40.51
C SER F 388 -0.66 75.20 40.41
N VAL F 389 -1.22 74.30 41.22
CA VAL F 389 -2.69 74.22 41.33
C VAL F 389 -3.24 75.55 41.83
N LEU F 390 -2.55 76.16 42.80
CA LEU F 390 -2.92 77.50 43.26
C LEU F 390 -2.47 78.57 42.27
N GLU F 391 -1.26 78.42 41.72
CA GLU F 391 -0.72 79.44 40.81
C GLU F 391 -1.56 79.57 39.55
N ASP F 392 -2.03 78.44 39.00
CA ASP F 392 -2.88 78.49 37.82
C ASP F 392 -4.28 78.98 38.16
N TRP F 393 -4.72 78.78 39.40
CA TRP F 393 -6.00 79.32 39.87
C TRP F 393 -5.95 80.83 40.07
N ASN F 394 -4.77 81.44 40.07
CA ASN F 394 -4.60 82.86 40.39
C ASN F 394 -5.15 83.16 41.79
N PHE F 395 -4.66 82.40 42.77
CA PHE F 395 -5.13 82.54 44.14
C PHE F 395 -3.96 82.63 45.11
N PRO F 429 7.30 76.00 30.44
CA PRO F 429 7.37 75.77 31.89
C PRO F 429 6.98 74.34 32.28
N ASP F 430 5.94 73.80 31.63
CA ASP F 430 5.48 72.44 31.86
C ASP F 430 6.65 71.46 31.76
N PRO F 431 7.00 70.76 32.83
CA PRO F 431 8.13 69.81 32.76
C PRO F 431 7.81 68.55 31.97
N TYR F 432 6.56 68.35 31.57
CA TYR F 432 6.17 67.20 30.77
C TYR F 432 6.24 67.47 29.27
N LYS F 433 6.65 68.68 28.86
CA LYS F 433 6.77 68.99 27.46
C LYS F 433 8.01 68.37 26.82
N ASN F 434 8.95 67.87 27.63
CA ASN F 434 10.01 67.04 27.09
C ASN F 434 9.54 65.62 26.83
N LEU F 435 8.49 65.20 27.51
CA LEU F 435 7.91 63.89 27.28
C LEU F 435 6.87 64.02 26.17
N SER F 436 6.63 62.93 25.44
CA SER F 436 5.76 62.96 24.28
C SER F 436 4.56 62.04 24.51
N PHE F 437 3.36 62.56 24.26
CA PHE F 437 2.09 61.86 24.45
C PHE F 437 1.23 62.03 23.21
N TRP F 438 0.15 61.24 23.16
CA TRP F 438 -0.90 61.38 22.15
C TRP F 438 -1.90 62.38 22.71
N GLU F 439 -1.80 63.62 22.24
CA GLU F 439 -2.63 64.70 22.78
C GLU F 439 -4.08 64.54 22.33
N VAL F 440 -5.01 64.66 23.28
CA VAL F 440 -6.44 64.59 23.01
C VAL F 440 -7.06 65.86 23.57
N ASN F 441 -7.55 66.72 22.67
CA ASN F 441 -8.09 68.03 23.06
C ASN F 441 -9.59 67.90 23.25
N LEU F 442 -10.04 67.87 24.50
CA LEU F 442 -11.45 67.78 24.82
C LEU F 442 -12.07 69.13 25.16
N LYS F 443 -11.32 70.22 25.07
CA LYS F 443 -11.95 71.54 25.10
C LYS F 443 -12.86 71.69 23.88
N GLU F 444 -13.96 72.43 24.06
CA GLU F 444 -15.01 72.58 23.07
C GLU F 444 -15.72 71.27 22.74
N LYS F 445 -15.42 70.20 23.47
CA LYS F 445 -16.06 68.91 23.26
C LYS F 445 -16.96 68.50 24.42
N PHE F 446 -16.94 69.24 25.53
CA PHE F 446 -17.82 68.95 26.65
C PHE F 446 -19.27 69.28 26.30
N SER F 447 -20.18 68.39 26.69
CA SER F 447 -21.61 68.60 26.49
C SER F 447 -22.35 68.16 27.75
N SER F 448 -23.37 68.92 28.12
CA SER F 448 -24.19 68.61 29.29
C SER F 448 -25.39 67.74 28.96
N GLU F 449 -25.68 67.50 27.68
CA GLU F 449 -26.80 66.68 27.27
C GLU F 449 -26.34 65.23 27.20
N LEU F 450 -26.37 64.58 28.38
CA LEU F 450 -25.80 63.25 28.53
C LEU F 450 -26.45 62.22 27.60
N ASP F 451 -27.77 62.24 27.50
CA ASP F 451 -28.47 61.16 26.81
C ASP F 451 -28.21 61.11 25.32
N GLN F 452 -27.49 62.09 24.76
CA GLN F 452 -27.21 62.10 23.33
C GLN F 452 -26.01 61.24 22.94
N TYR F 453 -25.38 60.56 23.90
CA TYR F 453 -24.11 59.90 23.65
C TYR F 453 -24.10 58.52 24.29
N PRO F 454 -23.33 57.56 23.73
CA PRO F 454 -23.33 56.20 24.26
C PRO F 454 -22.99 56.10 25.74
N LEU F 455 -21.80 56.57 26.12
CA LEU F 455 -21.39 56.49 27.52
C LEU F 455 -22.30 57.33 28.40
N GLY F 456 -22.77 58.47 27.90
CA GLY F 456 -23.73 59.27 28.65
C GLY F 456 -25.01 58.52 28.94
N ARG F 457 -25.53 57.79 27.95
CA ARG F 457 -26.73 56.98 28.16
C ARG F 457 -26.51 55.93 29.23
N LYS F 458 -25.37 55.24 29.20
CA LYS F 458 -25.09 54.21 30.21
C LYS F 458 -24.99 54.81 31.60
N PHE F 459 -24.43 56.03 31.71
CA PHE F 459 -24.27 56.64 33.03
C PHE F 459 -25.61 56.99 33.64
N LEU F 460 -26.59 57.38 32.83
CA LEU F 460 -27.91 57.68 33.36
C LEU F 460 -28.54 56.44 33.98
N LEU F 461 -28.55 55.32 33.24
CA LEU F 461 -29.17 54.09 33.67
C LEU F 461 -28.31 53.28 34.65
N GLN F 462 -27.20 53.82 35.12
CA GLN F 462 -26.26 53.06 35.95
C GLN F 462 -25.56 53.99 36.92
N SER F 463 -24.90 53.40 37.91
CA SER F 463 -24.13 54.16 38.90
C SER F 463 -25.03 55.05 39.74
N LYS G 15 6.96 -45.09 15.67
CA LYS G 15 8.26 -45.66 16.01
C LYS G 15 9.38 -44.70 15.59
N VAL G 16 9.37 -44.32 14.32
CA VAL G 16 10.26 -43.28 13.81
C VAL G 16 9.47 -41.98 13.75
N VAL G 17 10.03 -40.92 14.33
CA VAL G 17 9.35 -39.64 14.40
C VAL G 17 10.20 -38.59 13.68
N ALA G 18 9.54 -37.50 13.30
CA ALA G 18 10.25 -36.37 12.72
C ALA G 18 11.17 -35.76 13.76
N THR G 19 12.29 -35.20 13.30
CA THR G 19 13.24 -34.55 14.21
C THR G 19 12.61 -33.37 14.94
N ASP G 20 11.49 -32.83 14.45
CA ASP G 20 10.82 -31.74 15.14
C ASP G 20 10.37 -32.11 16.55
N ALA G 21 10.19 -33.39 16.84
CA ALA G 21 9.65 -33.79 18.14
C ALA G 21 10.69 -33.65 19.25
N TYR G 22 11.96 -33.95 18.95
CA TYR G 22 12.99 -34.00 19.99
C TYR G 22 14.20 -33.14 19.68
N VAL G 23 14.14 -32.28 18.67
CA VAL G 23 15.23 -31.37 18.34
C VAL G 23 14.66 -29.95 18.36
N THR G 24 15.07 -29.17 19.35
CA THR G 24 14.55 -27.82 19.53
C THR G 24 15.37 -26.80 18.74
N ARG G 25 14.67 -25.89 18.08
CA ARG G 25 15.29 -24.88 17.23
C ARG G 25 15.60 -23.63 18.03
N THR G 26 16.64 -22.92 17.61
CA THR G 26 17.06 -21.66 18.22
C THR G 26 16.90 -20.52 17.23
N ASN G 27 17.36 -19.34 17.63
CA ASN G 27 17.39 -18.15 16.77
C ASN G 27 18.75 -17.93 16.13
N ILE G 28 19.69 -18.86 16.34
CA ILE G 28 21.07 -18.68 15.92
C ILE G 28 21.23 -19.20 14.50
N PHE G 29 21.53 -18.31 13.57
CA PHE G 29 21.80 -18.68 12.18
C PHE G 29 23.23 -18.29 11.82
N TYR G 30 23.85 -19.09 10.95
CA TYR G 30 25.23 -18.89 10.57
C TYR G 30 25.39 -19.06 9.06
N HIS G 31 26.36 -18.35 8.51
CA HIS G 31 26.75 -18.46 7.11
C HIS G 31 28.07 -19.21 6.99
N ALA G 32 28.20 -19.94 5.88
CA ALA G 32 29.43 -20.66 5.58
C ALA G 32 29.57 -20.74 4.07
N SER G 33 30.77 -20.42 3.56
CA SER G 33 31.02 -20.43 2.13
C SER G 33 32.28 -21.23 1.83
N SER G 34 32.20 -22.06 0.78
CA SER G 34 33.32 -22.84 0.32
C SER G 34 34.31 -22.03 -0.51
N SER G 35 33.94 -20.82 -0.90
CA SER G 35 34.71 -20.02 -1.86
C SER G 35 34.79 -20.75 -3.21
N ARG G 36 35.61 -20.24 -4.12
CA ARG G 36 35.69 -20.81 -5.45
C ARG G 36 36.34 -22.20 -5.41
N LEU G 37 35.69 -23.17 -6.04
CA LEU G 37 36.21 -24.53 -6.15
C LEU G 37 36.42 -24.85 -7.62
N LEU G 38 37.62 -25.32 -7.96
CA LEU G 38 38.01 -25.57 -9.34
C LEU G 38 38.59 -26.97 -9.51
N ALA G 39 38.17 -27.66 -10.56
CA ALA G 39 38.78 -28.90 -11.01
C ALA G 39 38.94 -28.83 -12.52
N VAL G 40 40.14 -29.12 -13.00
CA VAL G 40 40.48 -28.99 -14.42
C VAL G 40 41.15 -30.28 -14.87
N GLY G 41 40.71 -30.81 -16.01
CA GLY G 41 41.31 -32.02 -16.55
C GLY G 41 40.85 -32.39 -17.95
N HIS G 42 40.92 -33.69 -18.27
CA HIS G 42 40.59 -34.26 -19.58
C HIS G 42 39.15 -34.78 -19.54
N PRO G 43 38.30 -34.38 -20.50
CA PRO G 43 36.88 -34.78 -20.43
C PRO G 43 36.63 -36.26 -20.68
N TYR G 44 37.60 -37.02 -21.20
CA TYR G 44 37.36 -38.40 -21.62
C TYR G 44 38.04 -39.44 -20.75
N PHE G 45 39.26 -39.18 -20.27
CA PHE G 45 39.97 -40.19 -19.49
C PHE G 45 41.08 -39.52 -18.69
N SER G 46 41.43 -40.15 -17.57
CA SER G 46 42.55 -39.69 -16.77
C SER G 46 43.88 -40.04 -17.43
N ILE G 47 44.89 -39.19 -17.17
CA ILE G 47 46.21 -39.32 -17.76
C ILE G 47 47.22 -39.57 -16.64
N LYS G 48 47.81 -40.76 -16.63
CA LYS G 48 48.79 -41.18 -15.63
C LYS G 48 50.01 -41.76 -16.34
N ARG G 49 51.20 -41.31 -15.95
CA ARG G 49 52.43 -41.76 -16.59
C ARG G 49 53.51 -41.89 -15.53
N ALA G 50 53.99 -43.11 -15.31
CA ALA G 50 53.39 -44.29 -15.92
C ALA G 50 52.78 -45.12 -14.81
N ASN G 51 52.63 -44.46 -13.66
CA ASN G 51 52.23 -45.11 -12.42
C ASN G 51 51.06 -44.40 -11.75
N LYS G 52 51.17 -43.08 -11.56
CA LYS G 52 50.15 -42.32 -10.85
C LYS G 52 49.66 -41.15 -11.71
N THR G 53 48.51 -40.63 -11.32
CA THR G 53 47.77 -39.67 -12.14
C THR G 53 48.48 -38.33 -12.25
N VAL G 54 48.60 -37.84 -13.49
CA VAL G 54 49.10 -36.50 -13.76
C VAL G 54 47.98 -35.52 -14.04
N VAL G 55 46.98 -35.92 -14.83
CA VAL G 55 45.86 -35.07 -15.20
C VAL G 55 44.57 -35.82 -14.90
N PRO G 56 43.68 -35.28 -14.08
CA PRO G 56 42.43 -35.99 -13.74
C PRO G 56 41.41 -35.93 -14.86
N LYS G 57 40.50 -36.90 -14.82
CA LYS G 57 39.35 -36.93 -15.73
C LYS G 57 38.27 -36.00 -15.18
N VAL G 58 37.98 -34.92 -15.89
CA VAL G 58 36.97 -33.94 -15.50
C VAL G 58 35.98 -33.79 -16.65
N SER G 59 34.75 -34.26 -16.45
CA SER G 59 33.74 -34.28 -17.49
C SER G 59 32.43 -33.76 -16.95
N GLY G 60 31.66 -33.11 -17.82
CA GLY G 60 30.35 -32.58 -17.46
C GLY G 60 29.33 -33.64 -17.09
N TYR G 61 29.59 -34.91 -17.39
CA TYR G 61 28.67 -35.99 -17.11
C TYR G 61 29.06 -36.77 -15.86
N GLN G 62 29.86 -36.17 -14.99
CA GLN G 62 30.27 -36.78 -13.73
C GLN G 62 29.41 -36.27 -12.59
N TYR G 63 29.19 -37.12 -11.60
CA TYR G 63 28.59 -36.69 -10.36
C TYR G 63 29.58 -35.85 -9.56
N ARG G 64 29.08 -34.76 -8.97
CA ARG G 64 29.84 -33.93 -8.04
C ARG G 64 29.23 -34.12 -6.67
N VAL G 65 29.90 -34.90 -5.81
CA VAL G 65 29.41 -35.25 -4.49
C VAL G 65 30.32 -34.56 -3.47
N PHE G 66 29.82 -33.51 -2.85
CA PHE G 66 30.59 -32.75 -1.89
C PHE G 66 30.33 -33.28 -0.49
N LYS G 67 31.40 -33.60 0.23
CA LYS G 67 31.34 -34.00 1.63
C LYS G 67 31.67 -32.77 2.47
N VAL G 68 30.64 -32.09 2.95
CA VAL G 68 30.79 -30.84 3.68
C VAL G 68 31.01 -31.15 5.16
N VAL G 69 32.19 -30.81 5.67
CA VAL G 69 32.52 -31.04 7.07
C VAL G 69 32.19 -29.78 7.86
N LEU G 70 31.39 -29.95 8.91
CA LEU G 70 30.97 -28.85 9.76
C LEU G 70 31.71 -28.87 11.09
N PRO G 71 31.93 -27.70 11.70
CA PRO G 71 32.53 -27.69 13.04
C PRO G 71 31.54 -28.23 14.06
N ASP G 72 32.08 -28.93 15.06
CA ASP G 72 31.25 -29.46 16.13
C ASP G 72 30.70 -28.30 16.95
N PRO G 73 29.38 -28.08 16.97
CA PRO G 73 28.84 -26.96 17.78
C PRO G 73 29.02 -27.16 19.27
N ASN G 74 29.21 -28.39 19.73
CA ASN G 74 29.47 -28.63 21.16
C ASN G 74 30.88 -28.26 21.56
N LYS G 75 31.80 -28.14 20.60
CA LYS G 75 33.15 -27.64 20.85
C LYS G 75 33.39 -26.30 20.18
N PHE G 76 32.33 -25.63 19.73
CA PHE G 76 32.44 -24.37 19.04
C PHE G 76 32.58 -23.21 20.02
N ALA G 77 33.34 -22.19 19.62
CA ALA G 77 33.56 -21.01 20.45
C ALA G 77 32.39 -20.04 20.26
N LEU G 78 31.23 -20.47 20.75
CA LEU G 78 30.05 -19.63 20.71
C LEU G 78 30.21 -18.44 21.66
N PRO G 79 29.54 -17.32 21.38
CA PRO G 79 29.69 -16.15 22.25
C PRO G 79 29.23 -16.38 23.67
N ASP G 80 28.09 -17.05 23.86
CA ASP G 80 27.56 -17.33 25.20
C ASP G 80 27.27 -18.82 25.32
N SER G 81 27.75 -19.42 26.41
CA SER G 81 27.41 -20.80 26.75
C SER G 81 26.06 -20.91 27.44
N SER G 82 25.33 -19.81 27.58
CA SER G 82 24.03 -19.80 28.25
C SER G 82 22.93 -20.46 27.42
N LEU G 83 23.20 -20.78 26.14
CA LEU G 83 22.17 -21.38 25.29
C LEU G 83 21.71 -22.72 25.85
N PHE G 84 22.64 -23.59 26.23
CA PHE G 84 22.33 -24.95 26.60
C PHE G 84 23.11 -25.38 27.84
N ASP G 85 22.54 -26.34 28.56
CA ASP G 85 23.24 -26.99 29.66
C ASP G 85 24.05 -28.15 29.11
N PRO G 86 25.37 -28.16 29.30
CA PRO G 86 26.18 -29.26 28.73
C PRO G 86 25.71 -30.64 29.17
N THR G 87 25.22 -30.79 30.40
CA THR G 87 24.60 -32.02 30.85
C THR G 87 23.14 -32.02 30.42
N THR G 88 22.74 -33.04 29.65
CA THR G 88 21.42 -33.37 29.13
C THR G 88 21.09 -32.62 27.85
N GLN G 89 21.93 -31.68 27.39
CA GLN G 89 21.69 -31.02 26.10
C GLN G 89 22.95 -31.07 25.25
N ARG G 90 22.75 -31.30 23.96
CA ARG G 90 23.82 -31.33 22.97
C ARG G 90 23.39 -30.50 21.78
N LEU G 91 24.36 -30.02 21.01
CA LEU G 91 24.10 -29.14 19.88
C LEU G 91 24.35 -29.87 18.56
N VAL G 92 23.63 -29.42 17.54
CA VAL G 92 23.78 -29.97 16.19
C VAL G 92 23.29 -28.91 15.21
N TRP G 93 23.90 -28.89 14.03
CA TRP G 93 23.52 -27.93 12.98
C TRP G 93 22.36 -28.48 12.17
N ALA G 94 21.47 -27.57 11.77
CA ALA G 94 20.35 -27.91 10.90
C ALA G 94 20.46 -27.10 9.61
N CYS G 95 20.29 -27.77 8.48
CA CYS G 95 20.42 -27.11 7.19
C CYS G 95 19.09 -26.45 6.84
N THR G 96 19.13 -25.14 6.58
CA THR G 96 17.95 -24.37 6.22
C THR G 96 18.07 -23.62 4.91
N GLY G 97 19.27 -23.42 4.39
CA GLY G 97 19.45 -22.63 3.18
C GLY G 97 20.63 -23.13 2.39
N LEU G 98 20.52 -23.04 1.07
CA LEU G 98 21.52 -23.58 0.17
C LEU G 98 21.48 -22.85 -1.16
N GLU G 99 22.65 -22.52 -1.70
CA GLU G 99 22.78 -21.99 -3.06
C GLU G 99 23.98 -22.66 -3.71
N VAL G 100 23.73 -23.46 -4.74
CA VAL G 100 24.79 -24.15 -5.47
C VAL G 100 25.24 -23.25 -6.62
N GLY G 101 26.42 -22.67 -6.48
CA GLY G 101 26.95 -21.75 -7.48
C GLY G 101 27.70 -22.46 -8.58
N ARG G 102 27.35 -22.14 -9.82
CA ARG G 102 28.03 -22.65 -11.01
C ARG G 102 28.72 -21.48 -11.71
N GLY G 103 29.97 -21.67 -12.10
CA GLY G 103 30.78 -20.55 -12.54
C GLY G 103 31.39 -20.62 -13.93
N GLN G 104 30.75 -21.32 -14.86
CA GLN G 104 31.23 -21.42 -16.23
C GLN G 104 30.13 -21.03 -17.21
N PRO G 105 30.50 -20.66 -18.43
CA PRO G 105 29.48 -20.35 -19.44
C PRO G 105 28.69 -21.59 -19.83
N LEU G 106 27.41 -21.39 -20.13
CA LEU G 106 26.58 -22.47 -20.64
C LEU G 106 27.11 -22.96 -21.98
N GLY G 107 27.06 -24.28 -22.18
CA GLY G 107 27.54 -24.86 -23.42
C GLY G 107 27.45 -26.37 -23.34
N VAL G 108 27.63 -26.99 -24.50
CA VAL G 108 27.53 -28.45 -24.64
C VAL G 108 28.84 -28.96 -25.21
N GLY G 109 29.38 -29.99 -24.56
CA GLY G 109 30.52 -30.72 -25.11
C GLY G 109 30.06 -32.08 -25.62
N VAL G 110 30.89 -32.73 -26.43
CA VAL G 110 30.52 -34.02 -27.00
C VAL G 110 31.58 -35.04 -26.63
N SER G 111 31.19 -36.31 -26.72
CA SER G 111 32.09 -37.43 -26.53
C SER G 111 31.96 -38.36 -27.73
N GLY G 112 32.98 -39.16 -27.95
CA GLY G 112 32.97 -40.03 -29.10
C GLY G 112 33.88 -41.22 -28.90
N HIS G 113 34.10 -41.94 -29.98
CA HIS G 113 34.91 -43.15 -29.95
C HIS G 113 35.56 -43.35 -31.31
N PRO G 114 36.89 -43.35 -31.39
CA PRO G 114 37.54 -43.58 -32.70
C PRO G 114 37.20 -44.92 -33.30
N PHE G 115 36.73 -45.88 -32.50
CA PHE G 115 36.28 -47.19 -32.99
C PHE G 115 34.91 -47.51 -32.40
N LEU G 116 33.93 -46.66 -32.68
CA LEU G 116 32.57 -46.96 -32.27
C LEU G 116 31.99 -48.06 -33.14
N ASN G 117 31.33 -49.04 -32.51
CA ASN G 117 30.76 -50.17 -33.24
C ASN G 117 29.49 -49.74 -33.96
N LYS G 118 29.68 -48.95 -34.99
CA LYS G 118 28.61 -48.53 -35.89
C LYS G 118 28.78 -49.25 -37.22
N TYR G 119 27.66 -49.67 -37.79
CA TYR G 119 27.70 -50.38 -39.07
C TYR G 119 27.02 -49.57 -40.16
N ASP G 120 25.70 -49.63 -40.21
CA ASP G 120 24.92 -48.91 -41.23
C ASP G 120 24.12 -47.79 -40.59
N ASP G 121 23.84 -46.75 -41.38
CA ASP G 121 22.85 -45.76 -41.00
C ASP G 121 21.48 -46.37 -41.26
N VAL G 122 20.75 -46.66 -40.18
CA VAL G 122 19.55 -47.49 -40.26
C VAL G 122 18.31 -46.70 -40.66
N GLU G 123 18.44 -45.38 -40.84
CA GLU G 123 17.26 -44.55 -41.07
C GLU G 123 16.58 -44.85 -42.41
N ASN G 124 17.35 -45.16 -43.45
CA ASN G 124 16.74 -45.44 -44.75
C ASN G 124 17.66 -46.12 -45.77
N SER G 125 18.40 -47.16 -45.36
CA SER G 125 19.30 -47.83 -46.29
C SER G 125 19.51 -49.27 -45.85
N GLY G 126 19.57 -50.17 -46.83
CA GLY G 126 19.75 -51.58 -46.54
C GLY G 126 20.13 -52.37 -47.76
N SER G 127 20.63 -53.59 -47.51
CA SER G 127 21.17 -54.52 -48.49
C SER G 127 22.60 -54.15 -48.84
N GLY G 128 23.20 -54.91 -49.77
CA GLY G 128 24.59 -54.72 -50.13
C GLY G 128 25.59 -54.90 -49.01
N GLY G 129 25.18 -55.54 -47.91
CA GLY G 129 26.09 -56.26 -47.02
C GLY G 129 27.32 -56.95 -47.62
N ASN G 130 28.09 -57.64 -46.79
CA ASN G 130 27.71 -57.98 -45.42
C ASN G 130 28.91 -57.61 -44.52
N PRO G 131 28.69 -57.53 -43.20
CA PRO G 131 29.79 -57.10 -42.32
C PRO G 131 31.01 -58.00 -42.42
N GLY G 132 32.18 -57.38 -42.30
CA GLY G 132 33.44 -58.09 -42.40
C GLY G 132 34.09 -58.40 -41.07
N GLN G 133 35.38 -58.07 -40.95
CA GLN G 133 36.15 -58.32 -39.74
C GLN G 133 36.27 -57.09 -38.84
N ASP G 134 36.48 -55.91 -39.43
CA ASP G 134 36.54 -54.67 -38.66
C ASP G 134 35.81 -53.60 -39.45
N ASN G 135 34.75 -53.05 -38.85
CA ASN G 135 33.93 -52.03 -39.49
C ASN G 135 33.68 -50.84 -38.57
N ARG G 136 34.46 -50.71 -37.49
CA ARG G 136 34.23 -49.65 -36.53
C ARG G 136 34.52 -48.28 -37.13
N VAL G 137 33.71 -47.29 -36.74
CA VAL G 137 33.73 -45.97 -37.33
C VAL G 137 34.15 -44.96 -36.27
N ASN G 138 34.63 -43.81 -36.73
CA ASN G 138 35.02 -42.72 -35.85
C ASN G 138 33.83 -41.79 -35.75
N VAL G 139 33.05 -41.93 -34.67
CA VAL G 139 31.78 -41.22 -34.51
C VAL G 139 31.74 -40.57 -33.13
N GLY G 140 31.21 -39.34 -33.08
CA GLY G 140 31.02 -38.66 -31.83
C GLY G 140 29.59 -38.15 -31.73
N MET G 141 29.19 -37.84 -30.49
CA MET G 141 27.79 -37.49 -30.24
C MET G 141 27.71 -36.65 -28.98
N ASP G 142 26.60 -35.93 -28.86
CA ASP G 142 26.28 -35.17 -27.65
C ASP G 142 25.31 -35.96 -26.80
N TYR G 143 25.56 -35.99 -25.49
CA TYR G 143 24.81 -36.85 -24.60
C TYR G 143 23.48 -36.23 -24.17
N LYS G 144 22.71 -37.03 -23.44
CA LYS G 144 21.49 -36.55 -22.79
C LYS G 144 21.80 -35.48 -21.77
N GLN G 145 20.94 -34.46 -21.70
CA GLN G 145 21.11 -33.37 -20.76
C GLN G 145 20.55 -33.74 -19.39
N THR G 146 21.29 -33.44 -18.34
CA THR G 146 20.89 -33.84 -16.98
C THR G 146 21.25 -32.76 -15.97
N GLN G 147 20.28 -32.38 -15.14
CA GLN G 147 20.49 -31.53 -13.98
C GLN G 147 19.86 -32.19 -12.76
N LEU G 148 20.58 -32.18 -11.64
CA LEU G 148 20.03 -32.70 -10.39
C LEU G 148 20.86 -32.21 -9.22
N CYS G 149 20.22 -32.12 -8.05
CA CYS G 149 20.90 -31.76 -6.82
C CYS G 149 20.19 -32.39 -5.63
N MET G 150 20.98 -32.88 -4.66
CA MET G 150 20.45 -33.49 -3.45
C MET G 150 21.21 -32.98 -2.24
N VAL G 151 20.53 -33.01 -1.09
CA VAL G 151 21.13 -32.64 0.19
C VAL G 151 20.78 -33.72 1.21
N GLY G 152 21.77 -34.11 2.00
CA GLY G 152 21.54 -35.01 3.11
C GLY G 152 22.77 -35.08 4.00
N CYS G 153 22.62 -35.77 5.12
CA CYS G 153 23.72 -36.01 6.04
C CYS G 153 24.35 -37.38 5.83
N ALA G 154 23.88 -38.15 4.84
CA ALA G 154 24.44 -39.43 4.45
C ALA G 154 24.55 -39.48 2.94
N PRO G 155 25.54 -40.19 2.39
CA PRO G 155 25.74 -40.15 0.95
C PRO G 155 24.58 -40.79 0.21
N PRO G 156 24.27 -40.36 -1.00
CA PRO G 156 23.12 -40.88 -1.73
C PRO G 156 23.38 -42.26 -2.30
N LEU G 157 22.28 -42.93 -2.65
CA LEU G 157 22.33 -44.24 -3.29
C LEU G 157 22.06 -44.11 -4.77
N GLY G 158 22.87 -44.82 -5.57
CA GLY G 158 22.63 -44.92 -7.00
C GLY G 158 22.18 -46.31 -7.39
N GLU G 159 21.60 -46.44 -8.59
CA GLU G 159 21.22 -47.72 -9.13
C GLU G 159 21.83 -47.89 -10.52
N HIS G 160 22.19 -49.13 -10.84
CA HIS G 160 22.74 -49.44 -12.16
C HIS G 160 22.59 -50.93 -12.40
N TRP G 161 22.63 -51.30 -13.68
CA TRP G 161 22.59 -52.69 -14.09
C TRP G 161 24.00 -53.23 -14.27
N GLY G 162 24.27 -54.39 -13.67
CA GLY G 162 25.56 -55.04 -13.80
C GLY G 162 25.40 -56.48 -14.22
N LYS G 163 26.54 -57.14 -14.43
CA LYS G 163 26.51 -58.54 -14.82
C LYS G 163 26.06 -59.39 -13.65
N GLY G 164 24.96 -60.12 -13.83
CA GLY G 164 24.46 -60.98 -12.79
C GLY G 164 25.18 -62.32 -12.80
N LYS G 165 25.43 -62.83 -11.60
CA LYS G 165 25.91 -64.20 -11.50
C LYS G 165 24.86 -65.15 -12.07
N GLN G 166 25.32 -66.24 -12.67
CA GLN G 166 24.40 -67.22 -13.25
C GLN G 166 23.56 -67.95 -12.20
N CYS G 167 23.49 -67.40 -10.98
CA CYS G 167 23.05 -68.15 -9.81
C CYS G 167 23.85 -69.44 -9.75
N THR G 168 25.09 -69.33 -9.26
CA THR G 168 26.13 -70.36 -9.37
C THR G 168 25.59 -71.76 -9.18
N ASN G 169 25.62 -72.56 -10.25
CA ASN G 169 24.99 -73.87 -10.24
C ASN G 169 25.63 -74.80 -11.27
N THR G 170 25.28 -74.64 -12.53
CA THR G 170 25.62 -75.60 -13.57
C THR G 170 26.43 -74.96 -14.69
N PRO G 171 27.32 -75.72 -15.33
CA PRO G 171 27.99 -75.24 -16.55
C PRO G 171 27.08 -75.43 -17.76
N VAL G 172 26.62 -74.32 -18.32
CA VAL G 172 25.68 -74.37 -19.44
C VAL G 172 26.33 -73.77 -20.68
N GLN G 173 25.50 -73.33 -21.63
CA GLN G 173 25.97 -72.76 -22.88
C GLN G 173 26.85 -71.55 -22.61
N ALA G 174 28.07 -71.58 -23.16
CA ALA G 174 29.07 -70.55 -22.94
C ALA G 174 29.08 -69.56 -24.10
N GLY G 175 29.32 -68.29 -23.78
CA GLY G 175 29.27 -67.23 -24.76
C GLY G 175 27.93 -66.55 -24.89
N ASP G 176 26.97 -66.88 -24.04
CA ASP G 176 25.61 -66.35 -24.16
C ASP G 176 25.52 -64.95 -23.57
N CYS G 177 24.30 -64.45 -23.48
CA CYS G 177 24.05 -63.16 -22.86
C CYS G 177 24.30 -63.24 -21.36
N PRO G 178 24.86 -62.20 -20.75
CA PRO G 178 25.09 -62.21 -19.31
C PRO G 178 23.80 -61.96 -18.56
N PRO G 179 23.62 -62.58 -17.39
CA PRO G 179 22.43 -62.29 -16.58
C PRO G 179 22.48 -60.87 -16.04
N LEU G 180 21.31 -60.23 -15.97
CA LEU G 180 21.20 -58.85 -15.54
C LEU G 180 20.75 -58.78 -14.09
N GLU G 181 21.36 -57.86 -13.34
CA GLU G 181 21.03 -57.66 -11.94
C GLU G 181 21.10 -56.17 -11.61
N LEU G 182 20.13 -55.69 -10.84
CA LEU G 182 20.05 -54.29 -10.45
C LEU G 182 20.78 -54.08 -9.13
N ILE G 183 21.92 -53.38 -9.19
CA ILE G 183 22.75 -53.12 -8.01
C ILE G 183 22.49 -51.71 -7.52
N THR G 184 22.32 -51.56 -6.21
CA THR G 184 22.30 -50.26 -5.56
C THR G 184 23.64 -50.04 -4.87
N SER G 185 24.13 -48.80 -4.92
CA SER G 185 25.46 -48.50 -4.39
C SER G 185 25.51 -47.03 -3.99
N VAL G 186 26.62 -46.66 -3.34
CA VAL G 186 26.85 -45.28 -2.93
C VAL G 186 27.43 -44.50 -4.09
N ILE G 187 26.87 -43.32 -4.35
CA ILE G 187 27.36 -42.45 -5.41
C ILE G 187 28.60 -41.71 -4.91
N GLN G 188 29.73 -41.92 -5.58
CA GLN G 188 30.98 -41.25 -5.25
C GLN G 188 31.22 -40.09 -6.20
N ASP G 189 32.04 -39.14 -5.74
CA ASP G 189 32.45 -38.03 -6.59
C ASP G 189 33.26 -38.56 -7.76
N GLY G 190 32.84 -38.19 -8.98
CA GLY G 190 33.46 -38.68 -10.19
C GLY G 190 32.70 -39.78 -10.90
N ASP G 191 31.69 -40.37 -10.26
CA ASP G 191 30.87 -41.37 -10.92
C ASP G 191 30.15 -40.77 -12.11
N MET G 192 29.91 -41.60 -13.12
CA MET G 192 29.29 -41.15 -14.37
C MET G 192 27.77 -41.23 -14.27
N VAL G 193 27.11 -40.23 -14.87
CA VAL G 193 25.66 -40.20 -14.96
C VAL G 193 25.24 -40.94 -16.23
N ASP G 194 23.98 -41.33 -16.27
CA ASP G 194 23.44 -41.91 -17.50
C ASP G 194 23.46 -40.87 -18.60
N THR G 195 23.77 -41.30 -19.82
CA THR G 195 23.99 -40.39 -20.93
C THR G 195 23.03 -40.60 -22.08
N GLY G 196 22.07 -41.51 -21.94
CA GLY G 196 21.19 -41.91 -23.03
C GLY G 196 21.31 -43.35 -23.43
N PHE G 197 22.27 -44.08 -22.88
CA PHE G 197 22.44 -45.51 -23.14
C PHE G 197 22.03 -46.37 -21.96
N GLY G 198 21.48 -45.78 -20.90
CA GLY G 198 21.05 -46.51 -19.74
C GLY G 198 22.03 -46.40 -18.59
N ALA G 199 21.57 -46.84 -17.42
CA ALA G 199 22.39 -46.87 -16.20
C ALA G 199 22.91 -48.29 -16.04
N MET G 200 24.09 -48.55 -16.62
CA MET G 200 24.64 -49.90 -16.65
C MET G 200 26.15 -49.86 -16.48
N ASN G 201 26.73 -51.04 -16.29
CA ASN G 201 28.16 -51.22 -16.08
C ASN G 201 28.77 -51.64 -17.41
N PHE G 202 29.23 -50.65 -18.19
CA PHE G 202 29.77 -50.92 -19.52
C PHE G 202 31.04 -51.76 -19.46
N ALA G 203 31.77 -51.76 -18.34
CA ALA G 203 32.96 -52.58 -18.24
C ALA G 203 32.64 -54.07 -18.30
N ASP G 204 31.46 -54.47 -17.83
CA ASP G 204 31.07 -55.87 -17.78
C ASP G 204 30.08 -56.26 -18.87
N LEU G 205 29.09 -55.41 -19.15
CA LEU G 205 28.00 -55.77 -20.06
C LEU G 205 28.31 -55.42 -21.51
N GLN G 206 29.33 -54.61 -21.76
CA GLN G 206 29.80 -54.31 -23.12
C GLN G 206 31.29 -54.61 -23.12
N THR G 207 31.63 -55.87 -23.40
CA THR G 207 33.00 -56.34 -23.25
C THR G 207 33.91 -55.90 -24.40
N ASN G 208 33.34 -55.51 -25.53
CA ASN G 208 34.14 -55.14 -26.69
C ASN G 208 34.71 -53.73 -26.60
N LYS G 209 34.37 -52.97 -25.56
CA LYS G 209 34.88 -51.62 -25.32
C LYS G 209 34.56 -50.65 -26.45
N SER G 210 33.70 -51.03 -27.39
CA SER G 210 33.49 -50.25 -28.60
C SER G 210 32.02 -49.92 -28.87
N ASP G 211 31.13 -50.12 -27.90
CA ASP G 211 29.71 -49.86 -28.12
C ASP G 211 29.28 -48.46 -27.69
N VAL G 212 29.98 -47.86 -26.74
CA VAL G 212 29.66 -46.50 -26.29
C VAL G 212 30.95 -45.69 -26.30
N PRO G 213 30.85 -44.37 -26.35
CA PRO G 213 32.06 -43.53 -26.40
C PRO G 213 33.00 -43.80 -25.24
N ILE G 214 34.25 -43.40 -25.43
CA ILE G 214 35.35 -43.83 -24.56
C ILE G 214 35.23 -43.30 -23.14
N ASP G 215 34.48 -42.22 -22.92
CA ASP G 215 34.40 -41.66 -21.58
C ASP G 215 33.44 -42.42 -20.67
N ILE G 216 32.76 -43.46 -21.17
CA ILE G 216 31.89 -44.28 -20.34
C ILE G 216 32.07 -45.75 -20.66
N CYS G 217 32.82 -46.05 -21.74
CA CYS G 217 32.94 -47.43 -22.19
C CYS G 217 33.67 -48.31 -21.19
N GLY G 218 34.51 -47.73 -20.32
CA GLY G 218 35.19 -48.50 -19.32
C GLY G 218 34.84 -48.06 -17.91
N THR G 219 33.67 -47.45 -17.76
CA THR G 219 33.19 -46.94 -16.47
C THR G 219 31.75 -47.41 -16.28
N THR G 220 31.16 -47.01 -15.16
CA THR G 220 29.79 -47.37 -14.81
C THR G 220 28.94 -46.10 -14.71
N CYS G 221 27.82 -46.10 -15.42
CA CYS G 221 26.86 -45.00 -15.35
C CYS G 221 25.79 -45.34 -14.32
N LYS G 222 25.69 -44.49 -13.30
CA LYS G 222 24.74 -44.69 -12.21
C LYS G 222 23.59 -43.69 -12.32
N TYR G 223 22.39 -44.15 -12.00
CA TYR G 223 21.23 -43.29 -11.86
C TYR G 223 20.79 -43.26 -10.40
N PRO G 224 20.38 -42.11 -9.89
CA PRO G 224 19.98 -42.04 -8.48
C PRO G 224 18.77 -42.89 -8.19
N ASP G 225 18.85 -43.68 -7.11
CA ASP G 225 17.73 -44.50 -6.67
C ASP G 225 16.81 -43.62 -5.83
N TYR G 226 16.05 -42.78 -6.54
CA TYR G 226 15.12 -41.86 -5.87
C TYR G 226 14.08 -42.62 -5.04
N LEU G 227 13.57 -43.73 -5.58
CA LEU G 227 12.49 -44.44 -4.90
C LEU G 227 12.94 -45.03 -3.57
N GLN G 228 14.18 -45.51 -3.49
CA GLN G 228 14.64 -46.13 -2.25
C GLN G 228 14.98 -45.08 -1.20
N MET G 229 15.77 -44.08 -1.57
CA MET G 229 16.23 -43.08 -0.59
C MET G 229 15.05 -42.37 0.07
N ALA G 230 13.95 -42.17 -0.65
CA ALA G 230 12.76 -41.57 -0.05
C ALA G 230 11.97 -42.57 0.78
N ALA G 231 12.04 -43.87 0.46
CA ALA G 231 11.33 -44.91 1.20
C ALA G 231 12.07 -45.38 2.44
N ASP G 232 13.18 -44.75 2.77
CA ASP G 232 13.96 -45.03 3.96
C ASP G 232 13.32 -44.42 5.20
N PRO G 233 13.40 -45.11 6.35
CA PRO G 233 12.70 -44.62 7.56
C PRO G 233 13.17 -43.24 8.01
N TYR G 234 14.45 -43.14 8.36
CA TYR G 234 14.99 -41.89 8.90
C TYR G 234 15.14 -40.83 7.82
N GLY G 235 15.28 -41.23 6.57
CA GLY G 235 15.42 -40.27 5.49
C GLY G 235 16.67 -39.43 5.55
N ASP G 236 17.80 -40.02 5.94
CA ASP G 236 19.04 -39.26 6.06
C ASP G 236 19.68 -38.96 4.72
N ARG G 237 19.25 -39.64 3.66
CA ARG G 237 19.83 -39.43 2.34
C ARG G 237 19.11 -38.37 1.52
N LEU G 238 17.80 -38.20 1.73
CA LEU G 238 17.00 -37.24 0.97
C LEU G 238 16.39 -36.22 1.93
N PHE G 239 17.04 -35.06 2.08
CA PHE G 239 16.33 -33.90 2.60
C PHE G 239 15.35 -33.37 1.56
N PHE G 240 15.81 -33.22 0.33
CA PHE G 240 15.00 -32.84 -0.82
C PHE G 240 15.85 -33.11 -2.06
N PHE G 241 15.24 -32.96 -3.22
CA PHE G 241 15.98 -33.14 -4.46
C PHE G 241 15.29 -32.37 -5.59
N LEU G 242 16.07 -32.08 -6.62
CA LEU G 242 15.60 -31.41 -7.83
C LEU G 242 16.23 -32.11 -9.02
N ARG G 243 15.53 -32.09 -10.16
CA ARG G 243 16.03 -32.80 -11.33
C ARG G 243 15.48 -32.16 -12.60
N LYS G 244 16.28 -32.21 -13.67
CA LYS G 244 15.83 -31.85 -15.00
C LYS G 244 16.61 -32.68 -16.01
N GLU G 245 15.93 -33.64 -16.64
CA GLU G 245 16.51 -34.48 -17.68
C GLU G 245 15.81 -34.23 -19.01
N GLN G 246 16.54 -34.37 -20.10
CA GLN G 246 15.93 -34.30 -21.43
C GLN G 246 16.87 -34.87 -22.48
N MET G 247 16.29 -35.57 -23.46
CA MET G 247 17.04 -36.11 -24.60
C MET G 247 16.07 -36.50 -25.69
N PHE G 248 16.59 -36.62 -26.91
CA PHE G 248 15.82 -37.18 -28.03
C PHE G 248 16.76 -38.04 -28.88
N ALA G 249 16.16 -38.84 -29.76
CA ALA G 249 16.93 -39.73 -30.63
C ALA G 249 17.40 -38.97 -31.85
N ARG G 250 18.72 -38.82 -31.98
CA ARG G 250 19.31 -38.02 -33.06
C ARG G 250 19.56 -38.85 -34.32
N HIS G 251 20.10 -40.05 -34.19
CA HIS G 251 20.38 -40.90 -35.34
C HIS G 251 20.01 -42.35 -35.01
N PHE G 252 19.95 -43.17 -36.05
CA PHE G 252 19.59 -44.58 -35.94
C PHE G 252 20.64 -45.41 -36.67
N PHE G 253 21.32 -46.30 -35.93
CA PHE G 253 22.33 -47.19 -36.49
C PHE G 253 22.01 -48.62 -36.10
N ASN G 254 22.86 -49.55 -36.54
CA ASN G 254 22.82 -50.93 -36.08
C ASN G 254 24.23 -51.40 -35.77
N ARG G 255 24.32 -52.51 -35.05
CA ARG G 255 25.59 -53.03 -34.56
C ARG G 255 26.18 -54.03 -35.55
N ALA G 256 27.51 -54.12 -35.55
CA ALA G 256 28.21 -55.18 -36.25
C ALA G 256 28.51 -56.34 -35.30
N GLY G 257 28.63 -57.53 -35.87
CA GLY G 257 28.85 -58.74 -35.10
C GLY G 257 27.65 -59.66 -35.14
N GLU G 258 27.84 -60.84 -34.55
CA GLU G 258 26.79 -61.86 -34.55
C GLU G 258 25.60 -61.38 -33.73
N VAL G 259 24.40 -61.54 -34.31
CA VAL G 259 23.17 -61.22 -33.58
C VAL G 259 22.97 -62.31 -32.52
N GLY G 260 23.05 -61.92 -31.24
CA GLY G 260 22.99 -62.90 -30.18
C GLY G 260 21.65 -63.60 -30.07
N GLU G 261 20.58 -62.92 -30.46
CA GLU G 261 19.22 -63.47 -30.36
C GLU G 261 18.49 -63.20 -31.66
N PRO G 262 18.35 -64.19 -32.53
CA PRO G 262 17.81 -63.94 -33.87
C PRO G 262 16.29 -63.81 -33.85
N VAL G 263 15.78 -63.12 -34.88
CA VAL G 263 14.34 -62.90 -35.01
C VAL G 263 13.67 -64.19 -35.46
N PRO G 264 12.63 -64.66 -34.76
CA PRO G 264 11.95 -65.88 -35.19
C PRO G 264 11.25 -65.69 -36.54
N ASP G 265 11.00 -66.81 -37.21
CA ASP G 265 10.34 -66.79 -38.51
C ASP G 265 8.89 -66.36 -38.43
N THR G 266 8.27 -66.46 -37.24
CA THR G 266 6.86 -66.06 -37.09
C THR G 266 6.64 -64.59 -37.40
N LEU G 267 7.68 -63.76 -37.35
CA LEU G 267 7.54 -62.32 -37.54
C LEU G 267 8.04 -61.84 -38.90
N ILE G 268 8.47 -62.75 -39.78
CA ILE G 268 8.98 -62.39 -41.09
C ILE G 268 8.56 -63.43 -42.11
N ILE G 269 8.56 -63.02 -43.38
CA ILE G 269 8.45 -63.94 -44.50
C ILE G 269 9.81 -63.91 -45.20
N LYS G 270 10.53 -65.02 -45.14
CA LYS G 270 11.91 -65.05 -45.58
C LYS G 270 12.01 -64.69 -47.06
N GLY G 271 13.02 -63.89 -47.39
CA GLY G 271 13.21 -63.46 -48.76
C GLY G 271 14.19 -64.33 -49.53
N SER G 272 14.06 -64.26 -50.85
CA SER G 272 15.11 -64.73 -51.74
C SER G 272 15.47 -63.57 -52.67
N GLY G 273 15.89 -63.87 -53.88
CA GLY G 273 16.22 -62.82 -54.84
C GLY G 273 17.16 -61.76 -54.30
N ASN G 274 18.16 -62.17 -53.49
CA ASN G 274 19.28 -61.39 -52.95
C ASN G 274 19.17 -61.19 -51.44
N ARG G 275 17.98 -61.34 -50.87
CA ARG G 275 17.77 -61.05 -49.44
C ARG G 275 17.68 -62.32 -48.60
N THR G 276 18.51 -63.33 -48.89
CA THR G 276 18.52 -64.54 -48.06
C THR G 276 19.16 -64.29 -46.69
N SER G 277 20.15 -63.41 -46.62
CA SER G 277 20.88 -63.15 -45.38
C SER G 277 20.21 -62.00 -44.64
N VAL G 278 19.72 -62.29 -43.42
CA VAL G 278 18.98 -61.30 -42.67
C VAL G 278 19.92 -60.23 -42.14
N GLY G 279 19.55 -58.96 -42.34
CA GLY G 279 20.31 -57.87 -41.76
C GLY G 279 20.20 -57.83 -40.25
N SER G 280 21.21 -57.22 -39.63
CA SER G 280 21.28 -57.19 -38.18
C SER G 280 20.22 -56.26 -37.62
N SER G 281 19.46 -56.76 -36.65
CA SER G 281 18.41 -55.99 -35.99
C SER G 281 18.84 -55.62 -34.56
N ILE G 282 20.10 -55.27 -34.38
CA ILE G 282 20.62 -54.80 -33.11
C ILE G 282 20.79 -53.29 -33.27
N TYR G 283 19.79 -52.55 -32.84
CA TYR G 283 19.72 -51.11 -33.12
C TYR G 283 20.41 -50.31 -32.03
N VAL G 284 21.01 -49.19 -32.42
CA VAL G 284 21.66 -48.26 -31.50
C VAL G 284 20.94 -46.92 -31.57
N ASN G 285 21.15 -46.09 -30.55
CA ASN G 285 20.48 -44.80 -30.47
C ASN G 285 21.47 -43.75 -29.97
N THR G 286 21.74 -42.75 -30.81
CA THR G 286 22.51 -41.61 -30.37
C THR G 286 21.58 -40.61 -29.69
N PRO G 287 21.83 -40.25 -28.43
CA PRO G 287 20.98 -39.24 -27.78
C PRO G 287 21.42 -37.84 -28.18
N SER G 288 20.64 -36.86 -27.71
CA SER G 288 20.98 -35.47 -27.90
C SER G 288 20.29 -34.65 -26.82
N GLY G 289 21.04 -33.77 -26.16
CA GLY G 289 20.49 -32.97 -25.09
C GLY G 289 19.74 -31.73 -25.53
N SER G 290 19.66 -31.48 -26.84
CA SER G 290 18.93 -30.33 -27.38
C SER G 290 19.45 -29.02 -26.81
N LEU G 291 18.61 -27.99 -26.82
CA LEU G 291 19.01 -26.67 -26.35
C LEU G 291 19.26 -26.70 -24.84
N VAL G 292 20.23 -25.88 -24.41
CA VAL G 292 20.42 -25.55 -23.01
C VAL G 292 20.14 -24.06 -22.85
N SER G 293 19.42 -23.69 -21.80
CA SER G 293 19.01 -22.31 -21.63
C SER G 293 19.12 -21.91 -20.17
N SER G 294 19.25 -20.60 -19.95
CA SER G 294 19.30 -20.07 -18.59
C SER G 294 17.98 -20.28 -17.86
N GLU G 295 16.86 -20.17 -18.60
CA GLU G 295 15.54 -20.34 -17.99
C GLU G 295 15.36 -21.73 -17.39
N ALA G 296 16.11 -22.73 -17.87
CA ALA G 296 16.01 -24.10 -17.39
C ALA G 296 17.00 -24.40 -16.28
N GLN G 297 17.83 -23.44 -15.89
CA GLN G 297 18.86 -23.70 -14.90
C GLN G 297 18.26 -23.94 -13.53
N LEU G 298 18.87 -24.86 -12.78
CA LEU G 298 18.51 -25.09 -11.39
C LEU G 298 19.42 -24.34 -10.42
N PHE G 299 20.57 -23.87 -10.89
CA PHE G 299 21.63 -23.39 -10.02
C PHE G 299 21.67 -21.85 -10.05
N ASN G 300 22.63 -21.30 -9.31
CA ASN G 300 22.78 -19.86 -9.12
C ASN G 300 21.51 -19.24 -8.53
N LYS G 301 20.77 -20.01 -7.73
CA LYS G 301 19.60 -19.52 -7.02
C LYS G 301 19.41 -20.33 -5.74
N PRO G 302 18.96 -19.71 -4.66
CA PRO G 302 18.91 -20.39 -3.37
C PRO G 302 17.68 -21.29 -3.21
N TYR G 303 17.86 -22.34 -2.42
CA TYR G 303 16.78 -23.22 -2.00
C TYR G 303 16.62 -23.12 -0.48
N TRP G 304 15.39 -22.88 -0.03
CA TRP G 304 15.08 -22.79 1.40
C TRP G 304 14.39 -24.07 1.87
N LEU G 305 15.03 -24.76 2.82
CA LEU G 305 14.53 -26.04 3.33
C LEU G 305 13.57 -25.78 4.49
N GLN G 306 12.33 -25.44 4.16
CA GLN G 306 11.34 -25.22 5.21
C GLN G 306 10.86 -26.54 5.79
N LYS G 307 10.65 -27.55 4.95
CA LYS G 307 10.28 -28.88 5.44
C LYS G 307 10.85 -29.93 4.50
N ALA G 308 11.57 -30.90 5.08
CA ALA G 308 12.23 -31.95 4.32
C ALA G 308 11.26 -33.07 3.97
N GLN G 309 11.65 -33.88 2.98
CA GLN G 309 10.82 -34.98 2.53
C GLN G 309 10.77 -36.10 3.56
N GLY G 310 11.92 -36.48 4.10
CA GLY G 310 12.00 -37.57 5.06
C GLY G 310 11.73 -37.12 6.48
N HIS G 311 11.96 -38.04 7.41
CA HIS G 311 11.79 -37.71 8.83
C HIS G 311 12.86 -36.75 9.32
N ASN G 312 14.08 -36.86 8.80
CA ASN G 312 15.16 -35.93 9.14
C ASN G 312 14.86 -34.59 8.49
N ASN G 313 14.40 -33.63 9.29
CA ASN G 313 14.03 -32.31 8.77
C ASN G 313 15.24 -31.38 8.78
N GLY G 314 16.28 -31.82 8.09
CA GLY G 314 17.45 -31.00 7.85
C GLY G 314 18.52 -31.03 8.92
N ILE G 315 18.54 -32.05 9.77
CA ILE G 315 19.53 -32.14 10.84
C ILE G 315 20.78 -32.81 10.29
N CYS G 316 21.94 -32.16 10.48
CA CYS G 316 23.22 -32.66 9.98
C CYS G 316 23.87 -33.51 11.06
N TRP G 317 23.43 -34.76 11.14
CA TRP G 317 24.01 -35.71 12.09
C TRP G 317 25.48 -35.92 11.78
N GLY G 318 26.29 -35.98 12.84
CA GLY G 318 27.72 -36.13 12.68
C GLY G 318 28.44 -34.88 12.24
N ASN G 319 27.76 -33.73 12.24
CA ASN G 319 28.35 -32.46 11.80
C ASN G 319 28.89 -32.55 10.38
N GLN G 320 28.15 -33.22 9.50
CA GLN G 320 28.52 -33.36 8.10
C GLN G 320 27.28 -33.24 7.23
N LEU G 321 27.51 -33.04 5.93
CA LEU G 321 26.44 -32.78 4.99
C LEU G 321 26.91 -33.17 3.60
N PHE G 322 26.04 -33.85 2.85
CA PHE G 322 26.37 -34.35 1.52
C PHE G 322 25.54 -33.63 0.48
N VAL G 323 26.21 -33.06 -0.52
CA VAL G 323 25.56 -32.39 -1.64
C VAL G 323 25.98 -33.08 -2.92
N THR G 324 25.01 -33.64 -3.63
CA THR G 324 25.26 -34.33 -4.90
C THR G 324 24.70 -33.49 -6.04
N VAL G 325 25.54 -33.22 -7.04
CA VAL G 325 25.18 -32.31 -8.13
C VAL G 325 25.59 -32.93 -9.45
N VAL G 326 24.68 -32.88 -10.43
CA VAL G 326 24.99 -33.21 -11.82
C VAL G 326 24.54 -32.02 -12.66
N ASP G 327 25.47 -31.49 -13.47
CA ASP G 327 25.19 -30.31 -14.29
C ASP G 327 25.90 -30.47 -15.63
N THR G 328 25.16 -30.92 -16.64
CA THR G 328 25.68 -31.10 -17.98
C THR G 328 25.48 -29.89 -18.88
N THR G 329 24.90 -28.80 -18.35
CA THR G 329 24.65 -27.61 -19.16
C THR G 329 25.87 -26.69 -19.26
N ARG G 330 27.00 -27.08 -18.66
CA ARG G 330 28.26 -26.37 -18.78
C ARG G 330 29.39 -27.33 -19.11
N SER G 331 29.13 -28.24 -20.06
CA SER G 331 30.03 -29.32 -20.42
C SER G 331 30.96 -28.96 -21.58
N THR G 332 31.07 -27.68 -21.92
CA THR G 332 31.95 -27.27 -23.02
C THR G 332 33.38 -27.76 -22.80
N ASN G 333 33.92 -28.42 -23.81
CA ASN G 333 35.30 -28.92 -23.78
C ASN G 333 36.18 -27.98 -24.60
N MET G 334 37.18 -27.40 -23.95
CA MET G 334 38.06 -26.45 -24.61
C MET G 334 39.11 -27.15 -25.47
N THR G 335 39.36 -26.58 -26.64
CA THR G 335 40.37 -27.08 -27.57
C THR G 335 41.66 -26.27 -27.37
N LEU G 336 42.74 -26.97 -27.04
CA LEU G 336 44.05 -26.35 -26.87
C LEU G 336 44.97 -26.79 -28.00
N CYS G 337 45.76 -25.86 -28.51
CA CYS G 337 46.64 -26.12 -29.65
C CYS G 337 47.99 -25.46 -29.41
N ALA G 338 49.04 -26.27 -29.35
CA ALA G 338 50.41 -25.79 -29.19
C ALA G 338 51.21 -26.08 -30.45
N SER G 339 52.14 -25.18 -30.76
CA SER G 339 52.97 -25.30 -31.96
C SER G 339 54.26 -26.03 -31.63
N VAL G 340 54.53 -27.12 -32.35
CA VAL G 340 55.77 -27.86 -32.15
C VAL G 340 56.91 -27.21 -32.93
N THR G 341 56.64 -26.72 -34.13
CA THR G 341 57.64 -26.07 -34.97
C THR G 341 56.98 -24.93 -35.71
N THR G 342 57.57 -23.74 -35.60
CA THR G 342 57.01 -22.53 -36.20
C THR G 342 57.66 -22.27 -37.56
N SER G 343 56.85 -22.34 -38.62
CA SER G 343 57.26 -21.95 -39.95
C SER G 343 56.20 -21.03 -40.54
N SER G 344 56.49 -20.48 -41.72
CA SER G 344 55.58 -19.53 -42.37
C SER G 344 54.40 -20.20 -43.05
N THR G 345 54.32 -21.53 -43.03
CA THR G 345 53.23 -22.25 -43.67
C THR G 345 52.57 -23.18 -42.65
N TYR G 346 51.27 -23.41 -42.84
CA TYR G 346 50.54 -24.35 -41.98
C TYR G 346 50.83 -25.78 -42.40
N THR G 347 51.23 -26.59 -41.44
CA THR G 347 51.42 -28.02 -41.62
C THR G 347 50.88 -28.73 -40.39
N ASN G 348 50.01 -29.74 -40.62
CA ASN G 348 49.34 -30.42 -39.53
C ASN G 348 50.33 -31.03 -38.54
N SER G 349 51.49 -31.49 -39.03
CA SER G 349 52.45 -32.17 -38.17
C SER G 349 53.14 -31.22 -37.19
N ASP G 350 52.93 -29.92 -37.30
CA ASP G 350 53.56 -28.95 -36.41
C ASP G 350 52.74 -28.65 -35.16
N TYR G 351 51.57 -29.26 -35.01
CA TYR G 351 50.69 -28.94 -33.90
C TYR G 351 50.22 -30.20 -33.18
N LYS G 352 50.05 -30.08 -31.87
CA LYS G 352 49.43 -31.10 -31.05
C LYS G 352 48.14 -30.53 -30.47
N GLU G 353 47.04 -31.26 -30.65
CA GLU G 353 45.73 -30.82 -30.18
C GLU G 353 45.36 -31.59 -28.93
N TYR G 354 44.86 -30.87 -27.92
CA TYR G 354 44.56 -31.43 -26.63
C TYR G 354 43.10 -31.16 -26.28
N MET G 355 42.64 -31.78 -25.20
CA MET G 355 41.28 -31.62 -24.71
C MET G 355 41.33 -31.24 -23.25
N ARG G 356 40.55 -30.24 -22.86
CA ARG G 356 40.53 -29.76 -21.49
C ARG G 356 39.12 -29.30 -21.13
N HIS G 357 38.62 -29.78 -19.99
CA HIS G 357 37.32 -29.38 -19.47
C HIS G 357 37.51 -28.88 -18.04
N VAL G 358 36.61 -27.99 -17.62
CA VAL G 358 36.75 -27.31 -16.33
C VAL G 358 35.41 -27.28 -15.61
N GLU G 359 35.48 -27.15 -14.28
CA GLU G 359 34.29 -27.01 -13.45
C GLU G 359 34.59 -25.99 -12.35
N GLU G 360 33.67 -25.04 -12.17
CA GLU G 360 33.81 -23.99 -11.17
C GLU G 360 32.56 -23.97 -10.30
N TYR G 361 32.75 -24.09 -8.99
CA TYR G 361 31.65 -24.15 -8.03
C TYR G 361 31.85 -23.12 -6.94
N ASP G 362 30.73 -22.70 -6.35
CA ASP G 362 30.72 -21.83 -5.17
C ASP G 362 29.55 -22.28 -4.31
N LEU G 363 29.85 -23.06 -3.27
CA LEU G 363 28.82 -23.57 -2.38
C LEU G 363 28.64 -22.64 -1.19
N GLN G 364 27.40 -22.21 -0.97
CA GLN G 364 27.04 -21.39 0.17
C GLN G 364 25.93 -22.08 0.94
N PHE G 365 26.05 -22.08 2.27
CA PHE G 365 25.09 -22.73 3.15
C PHE G 365 24.70 -21.76 4.26
N ILE G 366 23.53 -21.99 4.83
CA ILE G 366 23.07 -21.26 6.00
C ILE G 366 22.48 -22.27 6.97
N PHE G 367 23.09 -22.38 8.15
CA PHE G 367 22.74 -23.39 9.13
C PHE G 367 22.05 -22.76 10.33
N GLN G 368 21.17 -23.54 10.95
CA GLN G 368 20.44 -23.14 12.15
C GLN G 368 20.90 -24.01 13.32
N LEU G 369 21.32 -23.36 14.40
CA LEU G 369 21.76 -24.09 15.57
C LEU G 369 20.58 -24.72 16.28
N CYS G 370 20.75 -25.98 16.69
CA CYS G 370 19.70 -26.72 17.37
C CYS G 370 20.27 -27.42 18.59
N SER G 371 19.43 -27.58 19.60
CA SER G 371 19.79 -28.28 20.82
C SER G 371 18.88 -29.49 21.00
N ILE G 372 19.39 -30.50 21.68
CA ILE G 372 18.67 -31.74 21.88
C ILE G 372 18.72 -32.06 23.38
N THR G 373 17.58 -31.99 24.04
CA THR G 373 17.48 -32.37 25.44
C THR G 373 17.41 -33.90 25.50
N LEU G 374 18.39 -34.51 26.16
CA LEU G 374 18.54 -35.97 26.12
C LEU G 374 17.82 -36.59 27.30
N SER G 375 16.57 -36.99 27.06
CA SER G 375 15.91 -37.86 28.02
C SER G 375 16.39 -39.29 27.77
N ALA G 376 15.97 -40.21 28.64
CA ALA G 376 16.39 -41.60 28.46
C ALA G 376 15.88 -42.17 27.14
N GLU G 377 14.66 -41.81 26.73
CA GLU G 377 14.20 -42.23 25.40
C GLU G 377 14.94 -41.51 24.30
N VAL G 378 15.23 -40.23 24.49
CA VAL G 378 15.98 -39.53 23.46
C VAL G 378 17.33 -40.20 23.28
N VAL G 379 17.98 -40.56 24.40
CA VAL G 379 19.19 -41.35 24.31
C VAL G 379 18.90 -42.72 23.69
N ALA G 380 17.76 -43.31 24.05
CA ALA G 380 17.39 -44.61 23.50
C ALA G 380 17.04 -44.51 22.02
N TYR G 381 16.16 -43.59 21.66
CA TYR G 381 15.79 -43.42 20.25
C TYR G 381 16.99 -43.06 19.39
N ILE G 382 17.96 -42.33 19.95
CA ILE G 382 19.14 -41.95 19.18
C ILE G 382 20.12 -43.11 19.05
N HIS G 383 20.12 -44.05 20.00
CA HIS G 383 21.05 -45.18 19.93
C HIS G 383 20.80 -46.00 18.67
N THR G 384 19.57 -46.45 18.46
CA THR G 384 19.17 -46.88 17.13
C THR G 384 19.13 -45.66 16.22
N MET G 385 19.27 -45.91 14.91
CA MET G 385 19.66 -44.95 13.88
C MET G 385 21.19 -44.91 13.81
N ASN G 386 21.81 -44.13 14.69
CA ASN G 386 23.26 -44.16 14.78
C ASN G 386 23.71 -43.92 16.22
N PRO G 387 24.40 -44.88 16.84
CA PRO G 387 24.91 -44.66 18.20
C PRO G 387 26.13 -43.77 18.25
N SER G 388 26.89 -43.65 17.16
CA SER G 388 28.07 -42.78 17.14
C SER G 388 27.69 -41.32 17.33
N VAL G 389 26.43 -40.95 17.08
CA VAL G 389 25.96 -39.61 17.44
C VAL G 389 26.11 -39.38 18.93
N LEU G 390 25.79 -40.41 19.73
CA LEU G 390 26.01 -40.32 21.17
C LEU G 390 27.48 -40.54 21.53
N GLU G 391 28.14 -41.50 20.86
CA GLU G 391 29.52 -41.82 21.20
C GLU G 391 30.46 -40.65 20.92
N ASP G 392 30.24 -39.95 19.80
CA ASP G 392 31.07 -38.78 19.51
C ASP G 392 30.71 -37.60 20.39
N TRP G 393 29.48 -37.55 20.89
CA TRP G 393 29.08 -36.53 21.86
C TRP G 393 29.70 -36.78 23.23
N ASN G 394 30.27 -37.96 23.47
CA ASN G 394 30.76 -38.37 24.78
C ASN G 394 29.64 -38.32 25.81
N PHE G 395 28.54 -38.98 25.49
CA PHE G 395 27.36 -39.00 26.35
C PHE G 395 26.87 -40.42 26.56
N PRO G 429 38.37 -45.31 11.05
CA PRO G 429 37.15 -45.94 11.55
C PRO G 429 35.93 -45.63 10.68
N ASP G 430 35.83 -44.39 10.21
CA ASP G 430 34.74 -43.96 9.34
C ASP G 430 34.57 -44.92 8.17
N PRO G 431 33.42 -45.60 8.04
CA PRO G 431 33.26 -46.55 6.93
C PRO G 431 33.10 -45.88 5.57
N TYR G 432 33.00 -44.55 5.54
CA TYR G 432 32.92 -43.83 4.28
C TYR G 432 34.29 -43.43 3.74
N LYS G 433 35.35 -43.80 4.46
CA LYS G 433 36.71 -43.53 4.00
C LYS G 433 37.15 -44.47 2.88
N ASN G 434 36.38 -45.52 2.62
CA ASN G 434 36.63 -46.35 1.45
C ASN G 434 36.09 -45.69 0.18
N LEU G 435 35.08 -44.84 0.32
CA LEU G 435 34.52 -44.09 -0.78
C LEU G 435 35.24 -42.75 -0.92
N SER G 436 35.17 -42.18 -2.12
CA SER G 436 35.89 -40.95 -2.44
C SER G 436 34.89 -39.84 -2.74
N PHE G 437 35.08 -38.71 -2.08
CA PHE G 437 34.21 -37.55 -2.19
C PHE G 437 35.05 -36.30 -2.39
N TRP G 438 34.39 -35.21 -2.76
CA TRP G 438 35.02 -33.89 -2.82
C TRP G 438 34.85 -33.24 -1.45
N GLU G 439 35.89 -33.35 -0.62
CA GLU G 439 35.81 -32.87 0.75
C GLU G 439 35.87 -31.34 0.80
N VAL G 440 34.96 -30.76 1.57
CA VAL G 440 34.89 -29.31 1.77
C VAL G 440 34.92 -29.05 3.27
N ASN G 441 36.00 -28.44 3.75
CA ASN G 441 36.20 -28.19 5.17
C ASN G 441 35.66 -26.80 5.48
N LEU G 442 34.48 -26.74 6.09
CA LEU G 442 33.85 -25.48 6.45
C LEU G 442 34.05 -25.10 7.91
N LYS G 443 34.83 -25.87 8.67
CA LYS G 443 35.29 -25.39 9.96
C LYS G 443 36.17 -24.15 9.76
N GLU G 444 36.11 -23.23 10.72
CA GLU G 444 36.76 -21.93 10.67
C GLU G 444 36.17 -21.04 9.56
N LYS G 445 35.10 -21.47 8.91
CA LYS G 445 34.44 -20.69 7.87
C LYS G 445 33.06 -20.19 8.28
N PHE G 446 32.54 -20.66 9.41
CA PHE G 446 31.25 -20.16 9.89
C PHE G 446 31.38 -18.73 10.36
N SER G 447 30.38 -17.91 10.01
CA SER G 447 30.35 -16.51 10.43
C SER G 447 28.94 -16.15 10.86
N SER G 448 28.84 -15.36 11.93
CA SER G 448 27.54 -14.92 12.45
C SER G 448 27.05 -13.61 11.84
N GLU G 449 27.89 -12.92 11.07
CA GLU G 449 27.48 -11.67 10.42
C GLU G 449 26.88 -12.01 9.06
N LEU G 450 25.59 -12.35 9.08
CA LEU G 450 24.91 -12.87 7.90
C LEU G 450 24.97 -11.87 6.75
N ASP G 451 24.71 -10.59 7.01
CA ASP G 451 24.55 -9.61 5.95
C ASP G 451 25.84 -9.34 5.17
N GLN G 452 26.96 -9.93 5.58
CA GLN G 452 28.23 -9.72 4.89
C GLN G 452 28.41 -10.61 3.66
N TYR G 453 27.43 -11.43 3.32
CA TYR G 453 27.60 -12.45 2.30
C TYR G 453 26.38 -12.51 1.39
N PRO G 454 26.55 -12.95 0.13
CA PRO G 454 25.43 -12.96 -0.82
C PRO G 454 24.23 -13.76 -0.35
N LEU G 455 24.42 -15.06 -0.09
CA LEU G 455 23.32 -15.89 0.36
C LEU G 455 22.82 -15.45 1.73
N GLY G 456 23.73 -14.97 2.59
CA GLY G 456 23.30 -14.43 3.87
C GLY G 456 22.39 -13.23 3.71
N ARG G 457 22.72 -12.34 2.77
CA ARG G 457 21.86 -11.19 2.50
C ARG G 457 20.46 -11.64 2.07
N LYS G 458 20.39 -12.63 1.18
CA LYS G 458 19.09 -13.12 0.72
C LYS G 458 18.31 -13.75 1.86
N PHE G 459 19.00 -14.40 2.80
CA PHE G 459 18.30 -15.03 3.92
C PHE G 459 17.63 -13.99 4.81
N LEU G 460 18.25 -12.83 4.97
CA LEU G 460 17.63 -11.76 5.74
C LEU G 460 16.35 -11.27 5.05
N LEU G 461 16.43 -10.94 3.77
CA LEU G 461 15.32 -10.37 3.03
C LEU G 461 14.28 -11.40 2.60
N GLN G 462 14.41 -12.65 3.03
CA GLN G 462 13.50 -13.71 2.62
C GLN G 462 13.43 -14.69 3.78
N SER G 463 12.21 -15.07 4.16
CA SER G 463 11.97 -15.92 5.32
C SER G 463 12.30 -15.18 6.62
N GLY G 464 13.39 -14.41 6.63
CA GLY G 464 13.80 -13.65 7.79
C GLY G 464 13.32 -12.22 7.77
N TYR G 465 14.13 -11.33 8.33
CA TYR G 465 13.75 -9.93 8.47
C TYR G 465 14.52 -9.03 7.49
N LYS H 15 -39.15 -2.89 52.05
CA LYS H 15 -38.41 -3.98 52.70
C LYS H 15 -37.10 -3.49 53.29
N VAL H 16 -36.30 -2.82 52.47
CA VAL H 16 -35.06 -2.19 52.93
C VAL H 16 -35.34 -0.72 53.20
N VAL H 17 -34.95 -0.26 54.39
CA VAL H 17 -35.19 1.11 54.84
C VAL H 17 -33.85 1.76 55.13
N ALA H 18 -33.86 3.09 55.15
CA ALA H 18 -32.66 3.83 55.51
C ALA H 18 -32.28 3.54 56.96
N THR H 19 -30.97 3.59 57.25
CA THR H 19 -30.50 3.36 58.61
C THR H 19 -31.02 4.41 59.58
N ASP H 20 -31.51 5.54 59.07
CA ASP H 20 -32.09 6.57 59.94
C ASP H 20 -33.28 6.04 60.73
N ALA H 21 -33.94 4.98 60.25
CA ALA H 21 -35.14 4.49 60.90
C ALA H 21 -34.81 3.74 62.19
N TYR H 22 -33.71 2.99 62.21
CA TYR H 22 -33.41 2.10 63.32
C TYR H 22 -32.03 2.33 63.95
N VAL H 23 -31.34 3.40 63.58
CA VAL H 23 -30.03 3.73 64.15
C VAL H 23 -30.12 5.13 64.74
N THR H 24 -30.09 5.22 66.07
CA THR H 24 -30.21 6.49 66.77
C THR H 24 -28.85 7.15 66.93
N ARG H 25 -28.80 8.45 66.67
CA ARG H 25 -27.57 9.21 66.74
C ARG H 25 -27.35 9.78 68.13
N THR H 26 -26.08 9.95 68.49
CA THR H 26 -25.67 10.56 69.75
C THR H 26 -24.95 11.89 69.47
N ASN H 27 -24.45 12.48 70.55
CA ASN H 27 -23.63 13.70 70.47
C ASN H 27 -22.14 13.40 70.56
N ILE H 28 -21.76 12.13 70.60
CA ILE H 28 -20.38 11.73 70.85
C ILE H 28 -19.64 11.64 69.51
N PHE H 29 -18.64 12.50 69.33
CA PHE H 29 -17.81 12.49 68.14
C PHE H 29 -16.36 12.17 68.51
N TYR H 30 -15.66 11.51 67.60
CA TYR H 30 -14.29 11.08 67.81
C TYR H 30 -13.45 11.37 66.56
N HIS H 31 -12.17 11.65 66.78
CA HIS H 31 -11.21 11.84 65.70
C HIS H 31 -10.25 10.65 65.65
N ALA H 32 -9.81 10.33 64.43
CA ALA H 32 -8.82 9.27 64.22
C ALA H 32 -8.00 9.59 63.00
N SER H 33 -6.67 9.48 63.11
CA SER H 33 -5.77 9.77 62.01
C SER H 33 -4.78 8.63 61.85
N SER H 34 -4.54 8.25 60.58
CA SER H 34 -3.60 7.19 60.26
C SER H 34 -2.14 7.65 60.32
N SER H 35 -1.89 8.96 60.44
CA SER H 35 -0.56 9.53 60.32
C SER H 35 0.03 9.24 58.94
N ARG H 36 1.31 9.52 58.76
CA ARG H 36 1.94 9.37 57.45
C ARG H 36 2.03 7.90 57.05
N LEU H 37 1.57 7.59 55.85
CA LEU H 37 1.66 6.25 55.28
C LEU H 37 2.53 6.33 54.03
N LEU H 38 3.54 5.47 53.95
CA LEU H 38 4.50 5.52 52.86
C LEU H 38 4.67 4.14 52.24
N ALA H 39 4.66 4.10 50.91
CA ALA H 39 5.02 2.93 50.13
C ALA H 39 5.93 3.37 48.99
N VAL H 40 7.08 2.70 48.85
CA VAL H 40 8.09 3.08 47.87
C VAL H 40 8.48 1.83 47.10
N GLY H 41 8.54 1.94 45.77
CA GLY H 41 8.93 0.82 44.95
C GLY H 41 9.16 1.15 43.49
N HIS H 42 8.99 0.15 42.63
CA HIS H 42 9.23 0.22 41.20
C HIS H 42 7.93 0.52 40.46
N PRO H 43 7.89 1.53 39.59
CA PRO H 43 6.64 1.88 38.92
C PRO H 43 6.18 0.87 37.89
N TYR H 44 7.02 -0.07 37.48
CA TYR H 44 6.67 -0.98 36.38
C TYR H 44 6.46 -2.43 36.81
N PHE H 45 7.25 -2.94 37.76
CA PHE H 45 7.14 -4.35 38.11
C PHE H 45 7.77 -4.61 39.47
N SER H 46 7.29 -5.65 40.14
CA SER H 46 7.89 -6.09 41.39
C SER H 46 9.19 -6.83 41.11
N ILE H 47 10.12 -6.75 42.07
CA ILE H 47 11.46 -7.30 41.94
C ILE H 47 11.61 -8.42 42.98
N LYS H 48 11.76 -9.65 42.50
CA LYS H 48 11.91 -10.82 43.34
C LYS H 48 13.08 -11.66 42.85
N ARG H 49 13.98 -12.03 43.76
CA ARG H 49 15.17 -12.81 43.44
C ARG H 49 15.47 -13.74 44.60
N ALA H 50 15.36 -15.05 44.35
CA ALA H 50 14.85 -15.57 43.09
C ALA H 50 13.52 -16.27 43.36
N ASN H 51 12.95 -15.97 44.53
CA ASN H 51 11.78 -16.69 45.01
C ASN H 51 10.67 -15.74 45.41
N LYS H 52 10.97 -14.78 46.30
CA LYS H 52 9.95 -13.86 46.79
C LYS H 52 10.42 -12.42 46.63
N THR H 53 9.47 -11.50 46.78
CA THR H 53 9.65 -10.10 46.38
C THR H 53 10.69 -9.37 47.24
N VAL H 54 11.58 -8.66 46.55
CA VAL H 54 12.54 -7.76 47.20
C VAL H 54 12.09 -6.31 47.12
N VAL H 55 11.56 -5.87 45.98
CA VAL H 55 11.13 -4.51 45.77
C VAL H 55 9.70 -4.53 45.24
N PRO H 56 8.74 -3.88 45.90
CA PRO H 56 7.35 -3.93 45.44
C PRO H 56 7.09 -3.02 44.25
N LYS H 57 6.04 -3.35 43.51
CA LYS H 57 5.56 -2.51 42.42
C LYS H 57 4.72 -1.38 43.00
N VAL H 58 5.20 -0.14 42.86
CA VAL H 58 4.50 1.04 43.37
C VAL H 58 4.34 1.99 42.20
N SER H 59 3.10 2.15 41.73
CA SER H 59 2.80 2.98 40.57
C SER H 59 1.60 3.85 40.86
N GLY H 60 1.59 5.04 40.25
CA GLY H 60 0.47 5.95 40.41
C GLY H 60 -0.84 5.46 39.83
N TYR H 61 -0.80 4.40 39.01
CA TYR H 61 -2.00 3.86 38.36
C TYR H 61 -2.53 2.63 39.08
N GLN H 62 -2.16 2.44 40.35
CA GLN H 62 -2.65 1.34 41.15
C GLN H 62 -3.79 1.82 42.05
N TYR H 63 -4.74 0.94 42.31
CA TYR H 63 -5.77 1.23 43.30
C TYR H 63 -5.17 1.19 44.70
N ARG H 64 -5.58 2.15 45.52
CA ARG H 64 -5.24 2.17 46.94
C ARG H 64 -6.54 1.92 47.70
N VAL H 65 -6.70 0.70 48.20
CA VAL H 65 -7.92 0.29 48.89
C VAL H 65 -7.54 0.05 50.34
N PHE H 66 -7.92 0.98 51.21
CA PHE H 66 -7.58 0.89 52.62
C PHE H 66 -8.70 0.19 53.38
N LYS H 67 -8.34 -0.84 54.13
CA LYS H 67 -9.27 -1.52 55.02
C LYS H 67 -9.07 -0.94 56.41
N VAL H 68 -9.92 0.02 56.77
CA VAL H 68 -9.78 0.75 58.03
C VAL H 68 -10.51 -0.03 59.11
N VAL H 69 -9.76 -0.53 60.08
CA VAL H 69 -10.32 -1.31 61.18
C VAL H 69 -10.57 -0.38 62.36
N LEU H 70 -11.80 -0.40 62.87
CA LEU H 70 -12.19 0.45 63.99
C LEU H 70 -12.30 -0.37 65.27
N PRO H 71 -12.07 0.24 66.43
CA PRO H 71 -12.27 -0.47 67.69
C PRO H 71 -13.74 -0.73 67.95
N ASP H 72 -14.01 -1.87 68.59
CA ASP H 72 -15.37 -2.25 68.94
C ASP H 72 -15.93 -1.28 69.98
N PRO H 73 -16.96 -0.49 69.65
CA PRO H 73 -17.52 0.43 70.65
C PRO H 73 -18.23 -0.28 71.80
N ASN H 74 -18.67 -1.52 71.60
CA ASN H 74 -19.27 -2.28 72.69
C ASN H 74 -18.23 -2.81 73.66
N LYS H 75 -16.97 -2.87 73.25
CA LYS H 75 -15.85 -3.20 74.12
C LYS H 75 -14.94 -2.00 74.34
N PHE H 76 -15.38 -0.81 73.98
CA PHE H 76 -14.57 0.39 74.09
C PHE H 76 -14.65 0.97 75.50
N ALA H 77 -13.55 1.57 75.94
CA ALA H 77 -13.46 2.18 77.26
C ALA H 77 -14.06 3.59 77.21
N LEU H 78 -15.37 3.63 77.01
CA LEU H 78 -16.08 4.90 77.02
C LEU H 78 -16.10 5.48 78.44
N PRO H 79 -16.19 6.80 78.56
CA PRO H 79 -16.17 7.39 79.91
C PRO H 79 -17.35 6.94 80.77
N ASP H 80 -18.54 6.90 80.19
CA ASP H 80 -19.75 6.47 80.88
C ASP H 80 -20.45 5.41 80.04
N SER H 81 -20.81 4.30 80.67
CA SER H 81 -21.65 3.31 80.01
C SER H 81 -23.12 3.71 80.01
N SER H 82 -23.44 4.90 80.52
CA SER H 82 -24.81 5.40 80.58
C SER H 82 -25.36 5.84 79.23
N LEU H 83 -24.52 5.97 78.20
CA LEU H 83 -25.02 6.36 76.89
C LEU H 83 -26.06 5.39 76.39
N PHE H 84 -25.82 4.10 76.59
CA PHE H 84 -26.64 3.04 76.07
C PHE H 84 -26.87 2.04 77.19
N ASP H 85 -28.01 1.38 77.16
CA ASP H 85 -28.24 0.25 78.05
C ASP H 85 -27.69 -0.98 77.37
N PRO H 86 -26.66 -1.64 77.95
CA PRO H 86 -26.11 -2.89 77.38
C PRO H 86 -27.26 -3.85 77.15
N THR H 87 -28.27 -3.70 78.00
CA THR H 87 -29.53 -4.42 77.86
C THR H 87 -30.35 -3.76 76.76
N THR H 88 -30.26 -4.32 75.55
CA THR H 88 -31.01 -4.06 74.29
C THR H 88 -30.53 -2.90 73.43
N GLN H 89 -29.47 -2.19 73.79
CA GLN H 89 -28.94 -1.14 72.93
C GLN H 89 -27.52 -1.53 72.59
N ARG H 90 -27.15 -1.30 71.33
CA ARG H 90 -25.85 -1.64 70.79
C ARG H 90 -25.27 -0.44 70.09
N LEU H 91 -23.94 -0.41 70.02
CA LEU H 91 -23.22 0.73 69.47
C LEU H 91 -22.58 0.36 68.13
N VAL H 92 -22.41 1.38 67.29
CA VAL H 92 -21.76 1.24 66.00
C VAL H 92 -21.27 2.63 65.60
N TRP H 93 -20.12 2.67 64.92
CA TRP H 93 -19.56 3.94 64.49
C TRP H 93 -20.15 4.34 63.14
N ALA H 94 -20.41 5.64 63.00
CA ALA H 94 -20.88 6.20 61.74
C ALA H 94 -19.88 7.25 61.28
N CYS H 95 -19.51 7.19 60.01
CA CYS H 95 -18.54 8.14 59.47
C CYS H 95 -19.25 9.43 59.06
N THR H 96 -18.76 10.55 59.56
CA THR H 96 -19.33 11.85 59.25
C THR H 96 -18.32 12.81 58.62
N GLY H 97 -17.03 12.51 58.69
CA GLY H 97 -16.01 13.39 58.15
C GLY H 97 -14.81 12.61 57.65
N LEU H 98 -14.19 13.09 56.57
CA LEU H 98 -13.09 12.36 55.94
C LEU H 98 -12.22 13.34 55.18
N GLU H 99 -10.90 13.16 55.33
CA GLU H 99 -9.93 13.91 54.53
C GLU H 99 -8.80 12.96 54.14
N VAL H 100 -8.67 12.71 52.84
CA VAL H 100 -7.61 11.86 52.30
C VAL H 100 -6.43 12.77 51.96
N GLY H 101 -5.39 12.71 52.77
CA GLY H 101 -4.23 13.58 52.58
C GLY H 101 -3.23 12.99 51.61
N ARG H 102 -2.83 13.80 50.63
CA ARG H 102 -1.81 13.43 49.66
C ARG H 102 -0.58 14.31 49.89
N GLY H 103 0.59 13.68 49.93
CA GLY H 103 1.78 14.35 50.38
C GLY H 103 2.96 14.42 49.43
N GLN H 104 2.71 14.41 48.13
CA GLN H 104 3.78 14.48 47.14
C GLN H 104 3.52 15.62 46.17
N PRO H 105 4.55 16.11 45.49
CA PRO H 105 4.34 17.15 44.48
C PRO H 105 3.53 16.63 43.32
N LEU H 106 2.73 17.51 42.74
CA LEU H 106 1.99 17.17 41.53
C LEU H 106 2.96 16.88 40.39
N GLY H 107 2.63 15.89 39.57
CA GLY H 107 3.50 15.53 38.47
C GLY H 107 2.94 14.33 37.73
N VAL H 108 3.52 14.08 36.57
CA VAL H 108 3.10 12.99 35.68
C VAL H 108 4.27 12.06 35.45
N GLY H 109 4.03 10.77 35.61
CA GLY H 109 5.00 9.76 35.22
C GLY H 109 4.56 9.05 33.96
N VAL H 110 5.48 8.36 33.29
CA VAL H 110 5.14 7.66 32.06
C VAL H 110 5.54 6.19 32.17
N SER H 111 4.94 5.39 31.30
CA SER H 111 5.24 3.98 31.16
C SER H 111 5.50 3.68 29.70
N GLY H 112 6.20 2.58 29.44
CA GLY H 112 6.53 2.25 28.08
C GLY H 112 6.78 0.78 27.92
N HIS H 113 7.31 0.43 26.76
CA HIS H 113 7.58 -0.96 26.40
C HIS H 113 8.76 -0.99 25.43
N PRO H 114 9.85 -1.66 25.78
CA PRO H 114 10.99 -1.74 24.84
C PRO H 114 10.63 -2.43 23.54
N PHE H 115 9.55 -3.21 23.52
CA PHE H 115 9.07 -3.88 22.32
C PHE H 115 7.57 -3.64 22.16
N LEU H 116 7.18 -2.38 22.02
CA LEU H 116 5.79 -2.06 21.74
C LEU H 116 5.45 -2.45 20.30
N ASN H 117 4.31 -3.11 20.12
CA ASN H 117 3.89 -3.55 18.80
C ASN H 117 3.36 -2.34 18.02
N LYS H 118 4.29 -1.46 17.68
CA LYS H 118 4.03 -0.31 16.83
C LYS H 118 4.64 -0.56 15.46
N TYR H 119 3.93 -0.16 14.42
CA TYR H 119 4.42 -0.38 13.07
C TYR H 119 4.75 0.93 12.38
N ASP H 120 3.73 1.59 11.83
CA ASP H 120 3.89 2.86 11.14
C ASP H 120 3.19 3.97 11.90
N ASP H 121 3.69 5.20 11.73
CA ASP H 121 2.96 6.38 12.18
C ASP H 121 1.83 6.62 11.20
N VAL H 122 0.59 6.39 11.66
CA VAL H 122 -0.57 6.33 10.77
C VAL H 122 -1.16 7.71 10.48
N GLU H 123 -0.60 8.77 11.07
CA GLU H 123 -1.22 10.09 10.97
C GLU H 123 -1.21 10.62 9.54
N ASN H 124 -0.15 10.36 8.77
CA ASN H 124 -0.08 10.86 7.40
C ASN H 124 1.01 10.17 6.59
N SER H 125 1.07 8.84 6.62
CA SER H 125 2.12 8.11 5.95
C SER H 125 1.64 6.74 5.50
N GLY H 126 2.15 6.30 4.36
CA GLY H 126 1.77 5.02 3.79
C GLY H 126 2.84 4.56 2.84
N SER H 127 2.78 3.26 2.53
CA SER H 127 3.94 2.43 2.25
C SER H 127 3.69 1.62 0.97
N GLY H 128 4.72 0.96 0.44
CA GLY H 128 6.09 0.95 0.94
C GLY H 128 6.33 -0.22 1.88
N GLY H 129 5.38 -1.16 1.88
CA GLY H 129 5.39 -2.30 2.80
C GLY H 129 6.55 -3.25 2.59
N ASN H 130 6.55 -4.40 3.27
CA ASN H 130 5.46 -4.87 4.11
C ASN H 130 6.09 -5.37 5.41
N PRO H 131 5.29 -5.56 6.47
CA PRO H 131 5.88 -5.98 7.74
C PRO H 131 6.61 -7.30 7.62
N GLY H 132 7.69 -7.42 8.38
CA GLY H 132 8.51 -8.62 8.38
C GLY H 132 8.20 -9.52 9.54
N GLN H 133 9.24 -9.93 10.29
CA GLN H 133 9.05 -10.80 11.44
C GLN H 133 9.04 -10.05 12.76
N ASP H 134 9.89 -9.05 12.93
CA ASP H 134 9.91 -8.26 14.17
C ASP H 134 10.10 -6.79 13.83
N ASN H 135 9.12 -5.97 14.21
CA ASN H 135 9.15 -4.53 13.97
C ASN H 135 8.81 -3.75 15.24
N ARG H 136 8.88 -4.40 16.39
CA ARG H 136 8.50 -3.77 17.65
C ARG H 136 9.46 -2.64 18.00
N VAL H 137 8.92 -1.57 18.56
CA VAL H 137 9.66 -0.34 18.81
C VAL H 137 9.70 -0.09 20.32
N ASN H 138 10.70 0.70 20.74
CA ASN H 138 10.85 1.10 22.13
C ASN H 138 10.20 2.46 22.31
N VAL H 139 8.96 2.45 22.80
CA VAL H 139 8.13 3.64 22.88
C VAL H 139 7.53 3.76 24.28
N GLY H 140 7.46 4.99 24.79
CA GLY H 140 6.83 5.26 26.06
C GLY H 140 5.79 6.35 25.93
N MET H 141 4.90 6.40 26.92
CA MET H 141 3.74 7.28 26.82
C MET H 141 3.22 7.61 28.22
N ASP H 142 2.47 8.69 28.30
CA ASP H 142 1.79 9.09 29.52
C ASP H 142 0.33 8.63 29.46
N TYR H 143 -0.16 8.09 30.57
CA TYR H 143 -1.48 7.48 30.58
C TYR H 143 -2.58 8.51 30.77
N LYS H 144 -3.82 8.04 30.66
CA LYS H 144 -5.00 8.83 30.98
C LYS H 144 -5.00 9.23 32.45
N GLN H 145 -5.45 10.45 32.73
CA GLN H 145 -5.47 10.97 34.08
C GLN H 145 -6.75 10.52 34.80
N THR H 146 -6.59 10.07 36.05
CA THR H 146 -7.71 9.53 36.81
C THR H 146 -7.60 9.92 38.28
N GLN H 147 -8.68 10.45 38.84
CA GLN H 147 -8.84 10.68 40.26
C GLN H 147 -10.16 10.09 40.71
N LEU H 148 -10.16 9.37 41.84
CA LEU H 148 -11.40 8.84 42.37
C LEU H 148 -11.21 8.42 43.82
N CYS H 149 -12.31 8.47 44.58
CA CYS H 149 -12.31 8.01 45.97
C CYS H 149 -13.72 7.51 46.33
N MET H 150 -13.77 6.42 47.09
CA MET H 150 -15.03 5.86 47.57
C MET H 150 -14.92 5.50 49.04
N VAL H 151 -16.06 5.51 49.72
CA VAL H 151 -16.16 5.11 51.12
C VAL H 151 -17.32 4.13 51.26
N GLY H 152 -17.09 3.07 52.01
CA GLY H 152 -18.13 2.12 52.37
C GLY H 152 -17.65 1.20 53.46
N CYS H 153 -18.57 0.38 53.95
CA CYS H 153 -18.23 -0.65 54.93
C CYS H 153 -17.99 -2.00 54.29
N ALA H 154 -18.05 -2.09 52.96
CA ALA H 154 -17.75 -3.28 52.19
C ALA H 154 -16.88 -2.91 51.01
N PRO H 155 -15.98 -3.80 50.58
CA PRO H 155 -15.04 -3.44 49.53
C PRO H 155 -15.76 -3.20 48.21
N PRO H 156 -15.22 -2.34 47.35
CA PRO H 156 -15.91 -2.00 46.10
C PRO H 156 -15.80 -3.11 45.06
N LEU H 157 -16.68 -3.01 44.06
CA LEU H 157 -16.68 -3.93 42.94
C LEU H 157 -16.07 -3.26 41.71
N GLY H 158 -15.21 -4.01 41.02
CA GLY H 158 -14.69 -3.56 39.74
C GLY H 158 -15.25 -4.34 38.58
N GLU H 159 -15.14 -3.78 37.37
CA GLU H 159 -15.55 -4.48 36.16
C GLU H 159 -14.40 -4.46 35.15
N HIS H 160 -14.31 -5.54 34.38
CA HIS H 160 -13.30 -5.62 33.32
C HIS H 160 -13.74 -6.69 32.33
N TRP H 161 -13.17 -6.61 31.13
CA TRP H 161 -13.43 -7.61 30.09
C TRP H 161 -12.36 -8.68 30.16
N GLY H 162 -12.78 -9.95 30.18
CA GLY H 162 -11.85 -11.06 30.21
C GLY H 162 -12.16 -12.05 29.10
N LYS H 163 -11.29 -13.06 29.01
CA LYS H 163 -11.46 -14.10 28.01
C LYS H 163 -12.66 -14.96 28.40
N GLY H 164 -13.77 -14.75 27.70
CA GLY H 164 -14.95 -15.53 27.97
C GLY H 164 -14.90 -16.92 27.37
N LYS H 165 -15.69 -17.81 27.93
CA LYS H 165 -15.78 -19.16 27.41
C LYS H 165 -16.39 -19.17 26.02
N GLN H 166 -16.06 -20.20 25.25
CA GLN H 166 -16.76 -20.44 23.98
C GLN H 166 -18.17 -20.92 24.18
N CYS H 167 -18.70 -20.84 25.40
CA CYS H 167 -19.83 -21.65 25.82
C CYS H 167 -19.50 -23.10 25.55
N THR H 168 -18.91 -23.77 26.55
CA THR H 168 -18.32 -25.10 26.42
C THR H 168 -19.20 -26.04 25.59
N ASN H 169 -18.82 -26.23 24.33
CA ASN H 169 -19.64 -27.01 23.41
C ASN H 169 -18.81 -27.62 22.28
N THR H 170 -18.35 -26.79 21.34
CA THR H 170 -17.76 -27.30 20.12
C THR H 170 -16.38 -26.71 19.88
N PRO H 171 -15.44 -27.52 19.37
CA PRO H 171 -14.18 -26.98 18.83
C PRO H 171 -14.40 -26.45 17.42
N VAL H 172 -14.21 -25.14 17.24
CA VAL H 172 -14.38 -24.53 15.93
C VAL H 172 -13.02 -24.13 15.38
N GLN H 173 -13.01 -23.14 14.50
CA GLN H 173 -11.78 -22.65 13.90
C GLN H 173 -10.80 -22.20 14.98
N ALA H 174 -9.63 -22.82 15.00
CA ALA H 174 -8.64 -22.60 16.07
C ALA H 174 -7.69 -21.48 15.69
N GLY H 175 -7.41 -20.63 16.68
CA GLY H 175 -6.52 -19.49 16.50
C GLY H 175 -7.20 -18.17 16.26
N ASP H 176 -8.52 -18.10 16.41
CA ASP H 176 -9.27 -16.90 16.08
C ASP H 176 -9.36 -15.97 17.29
N CYS H 177 -10.28 -15.01 17.24
CA CYS H 177 -10.43 -14.03 18.30
C CYS H 177 -11.05 -14.67 19.54
N PRO H 178 -10.61 -14.29 20.73
CA PRO H 178 -11.21 -14.86 21.95
C PRO H 178 -12.56 -14.24 22.25
N PRO H 179 -13.50 -15.01 22.79
CA PRO H 179 -14.79 -14.44 23.20
C PRO H 179 -14.63 -13.53 24.41
N LEU H 180 -15.41 -12.45 24.41
CA LEU H 180 -15.33 -11.44 25.45
C LEU H 180 -16.47 -11.59 26.44
N GLU H 181 -16.17 -11.38 27.72
CA GLU H 181 -17.15 -11.46 28.79
C GLU H 181 -16.85 -10.39 29.82
N LEU H 182 -17.89 -9.74 30.32
CA LEU H 182 -17.75 -8.66 31.30
C LEU H 182 -17.78 -9.28 32.70
N ILE H 183 -16.65 -9.28 33.38
CA ILE H 183 -16.50 -9.85 34.70
C ILE H 183 -16.56 -8.74 35.75
N THR H 184 -17.33 -8.96 36.81
CA THR H 184 -17.28 -8.11 37.99
C THR H 184 -16.48 -8.81 39.07
N SER H 185 -15.70 -8.04 39.81
CA SER H 185 -14.79 -8.60 40.81
C SER H 185 -14.53 -7.57 41.89
N VAL H 186 -13.86 -8.00 42.95
CA VAL H 186 -13.50 -7.12 44.05
C VAL H 186 -12.20 -6.40 43.72
N ILE H 187 -12.18 -5.09 43.92
CA ILE H 187 -10.98 -4.29 43.68
C ILE H 187 -10.05 -4.45 44.88
N GLN H 188 -8.86 -4.99 44.64
CA GLN H 188 -7.84 -5.16 45.66
C GLN H 188 -6.79 -4.05 45.55
N ASP H 189 -6.10 -3.83 46.67
CA ASP H 189 -4.98 -2.88 46.68
C ASP H 189 -3.88 -3.40 45.77
N GLY H 190 -3.44 -2.54 44.84
CA GLY H 190 -2.46 -2.91 43.85
C GLY H 190 -3.02 -3.21 42.48
N ASP H 191 -4.34 -3.38 42.37
CA ASP H 191 -4.96 -3.56 41.07
C ASP H 191 -4.76 -2.31 40.22
N MET H 192 -4.70 -2.50 38.90
CA MET H 192 -4.43 -1.41 37.97
C MET H 192 -5.72 -0.73 37.55
N VAL H 193 -5.66 0.59 37.40
CA VAL H 193 -6.78 1.37 36.90
C VAL H 193 -6.72 1.36 35.38
N ASP H 194 -7.84 1.74 34.75
CA ASP H 194 -7.84 1.87 33.30
C ASP H 194 -6.89 2.99 32.89
N THR H 195 -6.19 2.77 31.78
CA THR H 195 -5.11 3.66 31.35
C THR H 195 -5.34 4.27 29.98
N GLY H 196 -6.46 3.97 29.33
CA GLY H 196 -6.70 4.39 27.96
C GLY H 196 -6.78 3.25 26.97
N PHE H 197 -6.49 2.03 27.41
CA PHE H 197 -6.57 0.85 26.57
C PHE H 197 -7.76 -0.03 26.92
N GLY H 198 -8.62 0.42 27.82
CA GLY H 198 -9.81 -0.30 28.22
C GLY H 198 -9.64 -1.02 29.55
N ALA H 199 -10.77 -1.48 30.07
CA ALA H 199 -10.82 -2.26 31.31
C ALA H 199 -10.90 -3.72 30.90
N MET H 200 -9.74 -4.35 30.72
CA MET H 200 -9.68 -5.71 30.21
C MET H 200 -8.54 -6.47 30.88
N ASN H 201 -8.53 -7.79 30.64
CA ASN H 201 -7.53 -8.70 31.19
C ASN H 201 -6.47 -8.91 30.10
N PHE H 202 -5.43 -8.07 30.12
CA PHE H 202 -4.39 -8.13 29.10
C PHE H 202 -3.61 -9.43 29.13
N ALA H 203 -3.58 -10.14 30.26
CA ALA H 203 -2.86 -11.40 30.33
C ALA H 203 -3.49 -12.46 29.42
N ASP H 204 -4.79 -12.37 29.18
CA ASP H 204 -5.51 -13.36 28.39
C ASP H 204 -5.82 -12.89 26.98
N LEU H 205 -6.21 -11.63 26.81
CA LEU H 205 -6.72 -11.14 25.54
C LEU H 205 -5.64 -10.60 24.62
N GLN H 206 -4.44 -10.32 25.12
CA GLN H 206 -3.30 -9.88 24.32
C GLN H 206 -2.13 -10.80 24.63
N THR H 207 -2.03 -11.90 23.88
CA THR H 207 -1.09 -12.97 24.20
C THR H 207 0.35 -12.64 23.83
N ASN H 208 0.58 -11.67 22.94
CA ASN H 208 1.94 -11.38 22.51
C ASN H 208 2.73 -10.55 23.51
N LYS H 209 2.10 -10.11 24.60
CA LYS H 209 2.73 -9.36 25.68
C LYS H 209 3.36 -8.05 25.21
N SER H 210 3.10 -7.63 23.97
CA SER H 210 3.79 -6.50 23.38
C SER H 210 2.84 -5.44 22.82
N ASP H 211 1.56 -5.50 23.16
CA ASP H 211 0.60 -4.53 22.64
C ASP H 211 0.39 -3.34 23.56
N VAL H 212 0.63 -3.51 24.85
CA VAL H 212 0.49 -2.40 25.81
C VAL H 212 1.76 -2.33 26.64
N PRO H 213 2.03 -1.18 27.25
CA PRO H 213 3.26 -1.02 28.03
C PRO H 213 3.40 -2.08 29.12
N ILE H 214 4.65 -2.24 29.58
CA ILE H 214 5.01 -3.40 30.41
C ILE H 214 4.35 -3.37 31.79
N ASP H 215 3.92 -2.21 32.27
CA ASP H 215 3.33 -2.15 33.59
C ASP H 215 1.86 -2.58 33.60
N ILE H 216 1.29 -2.90 32.44
CA ILE H 216 -0.09 -3.36 32.34
C ILE H 216 -0.18 -4.56 31.41
N CYS H 217 0.92 -4.86 30.72
CA CYS H 217 0.90 -5.92 29.71
C CYS H 217 0.64 -7.31 30.29
N GLY H 218 0.94 -7.52 31.57
CA GLY H 218 0.65 -8.79 32.20
C GLY H 218 -0.27 -8.70 33.41
N THR H 219 -1.10 -7.65 33.45
CA THR H 219 -1.99 -7.41 34.58
C THR H 219 -3.41 -7.13 34.06
N THR H 220 -4.30 -6.86 35.00
CA THR H 220 -5.71 -6.59 34.70
C THR H 220 -6.06 -5.17 35.15
N CYS H 221 -6.62 -4.39 34.23
CA CYS H 221 -7.09 -3.05 34.52
C CYS H 221 -8.58 -3.11 34.85
N LYS H 222 -8.94 -2.67 36.05
CA LYS H 222 -10.31 -2.72 36.53
C LYS H 222 -10.91 -1.32 36.57
N TYR H 223 -12.17 -1.22 36.18
CA TYR H 223 -12.92 0.03 36.32
C TYR H 223 -14.05 -0.16 37.32
N PRO H 224 -14.33 0.84 38.16
CA PRO H 224 -15.39 0.69 39.16
C PRO H 224 -16.75 0.52 38.51
N ASP H 225 -17.50 -0.48 38.98
CA ASP H 225 -18.86 -0.73 38.51
C ASP H 225 -19.81 0.15 39.31
N TYR H 226 -19.84 1.44 38.94
CA TYR H 226 -20.71 2.40 39.62
C TYR H 226 -22.18 1.99 39.50
N LEU H 227 -22.58 1.50 38.32
CA LEU H 227 -23.98 1.19 38.09
C LEU H 227 -24.46 0.06 39.00
N GLN H 228 -23.62 -0.92 39.27
CA GLN H 228 -24.03 -2.04 40.11
C GLN H 228 -24.03 -1.67 41.58
N MET H 229 -22.92 -1.08 42.07
CA MET H 229 -22.81 -0.76 43.48
C MET H 229 -23.92 0.18 43.93
N ALA H 230 -24.38 1.06 43.04
CA ALA H 230 -25.51 1.92 43.36
C ALA H 230 -26.82 1.15 43.30
N ALA H 231 -26.87 0.08 42.50
CA ALA H 231 -28.06 -0.75 42.37
C ALA H 231 -28.18 -1.82 43.46
N ASP H 232 -27.26 -1.87 44.43
CA ASP H 232 -27.44 -2.78 45.54
C ASP H 232 -28.45 -2.24 46.55
N PRO H 233 -29.23 -3.14 47.16
CA PRO H 233 -30.29 -2.71 48.08
C PRO H 233 -29.76 -1.92 49.29
N TYR H 234 -28.90 -2.58 50.08
CA TYR H 234 -28.42 -1.99 51.32
C TYR H 234 -27.45 -0.84 51.08
N GLY H 235 -26.77 -0.85 49.93
CA GLY H 235 -25.82 0.22 49.65
C GLY H 235 -24.64 0.27 50.59
N ASP H 236 -24.14 -0.90 50.99
CA ASP H 236 -23.02 -0.96 51.92
C ASP H 236 -21.69 -0.66 51.27
N ARG H 237 -21.61 -0.67 49.94
CA ARG H 237 -20.36 -0.43 49.24
C ARG H 237 -20.13 1.03 48.89
N LEU H 238 -21.19 1.80 48.64
CA LEU H 238 -21.08 3.20 48.24
C LEU H 238 -21.77 4.09 49.26
N PHE H 239 -20.98 4.68 50.16
CA PHE H 239 -21.47 5.84 50.91
C PHE H 239 -21.55 7.06 49.99
N PHE H 240 -20.49 7.30 49.23
CA PHE H 240 -20.42 8.34 48.21
C PHE H 240 -19.19 8.04 47.36
N PHE H 241 -19.04 8.81 46.29
CA PHE H 241 -17.88 8.65 45.43
C PHE H 241 -17.60 9.96 44.70
N LEU H 242 -16.36 10.10 44.25
CA LEU H 242 -15.92 11.23 43.46
C LEU H 242 -15.05 10.70 42.33
N ARG H 243 -15.03 11.42 41.21
CA ARG H 243 -14.29 10.96 40.05
C ARG H 243 -13.89 12.15 39.18
N LYS H 244 -12.71 12.03 38.56
CA LYS H 244 -12.28 12.99 37.55
C LYS H 244 -11.38 12.25 36.57
N GLU H 245 -11.88 12.03 35.36
CA GLU H 245 -11.12 11.40 34.29
C GLU H 245 -10.92 12.39 33.16
N GLN H 246 -9.78 12.28 32.47
CA GLN H 246 -9.57 13.06 31.26
C GLN H 246 -8.41 12.48 30.46
N MET H 247 -8.58 12.47 29.15
CA MET H 247 -7.54 12.01 28.24
C MET H 247 -7.86 12.48 26.83
N PHE H 248 -6.85 12.48 25.97
CA PHE H 248 -7.03 12.73 24.55
C PHE H 248 -6.08 11.81 23.79
N ALA H 249 -6.31 11.70 22.48
CA ALA H 249 -5.50 10.84 21.61
C ALA H 249 -4.26 11.63 21.19
N ARG H 250 -3.09 11.16 21.62
CA ARG H 250 -1.84 11.88 21.35
C ARG H 250 -1.23 11.48 20.01
N HIS H 251 -1.19 10.18 19.72
CA HIS H 251 -0.64 9.69 18.46
C HIS H 251 -1.51 8.55 17.93
N PHE H 252 -1.29 8.23 16.66
CA PHE H 252 -2.06 7.20 15.97
C PHE H 252 -1.08 6.24 15.30
N PHE H 253 -1.15 4.96 15.67
CA PHE H 253 -0.29 3.92 15.11
C PHE H 253 -1.16 2.78 14.59
N ASN H 254 -0.50 1.75 14.05
CA ASN H 254 -1.15 0.50 13.68
C ASN H 254 -0.30 -0.66 14.16
N ARG H 255 -0.91 -1.85 14.18
CA ARG H 255 -0.27 -3.04 14.70
C ARG H 255 0.43 -3.82 13.60
N ALA H 256 1.47 -4.54 13.98
CA ALA H 256 2.09 -5.53 13.10
C ALA H 256 1.47 -6.90 13.36
N GLY H 257 1.50 -7.74 12.34
CA GLY H 257 0.89 -9.05 12.42
C GLY H 257 -0.32 -9.18 11.50
N GLU H 258 -0.84 -10.41 11.44
CA GLU H 258 -1.95 -10.72 10.56
C GLU H 258 -3.21 -9.99 10.99
N VAL H 259 -3.89 -9.39 10.01
CA VAL H 259 -5.19 -8.75 10.26
C VAL H 259 -6.20 -9.86 10.51
N GLY H 260 -6.69 -9.96 11.75
CA GLY H 260 -7.59 -11.05 12.09
C GLY H 260 -8.92 -10.97 11.37
N GLU H 261 -9.38 -9.77 11.07
CA GLU H 261 -10.67 -9.55 10.40
C GLU H 261 -10.47 -8.50 9.32
N PRO H 262 -10.37 -8.92 8.06
CA PRO H 262 -10.01 -7.99 6.99
C PRO H 262 -11.18 -7.12 6.54
N VAL H 263 -10.83 -5.99 5.93
CA VAL H 263 -11.84 -5.05 5.44
C VAL H 263 -12.54 -5.66 4.23
N PRO H 264 -13.86 -5.72 4.22
CA PRO H 264 -14.57 -6.27 3.07
C PRO H 264 -14.38 -5.42 1.83
N ASP H 265 -14.60 -6.05 0.67
CA ASP H 265 -14.44 -5.36 -0.61
C ASP H 265 -15.53 -4.32 -0.83
N THR H 266 -16.66 -4.43 -0.16
CA THR H 266 -17.72 -3.43 -0.29
C THR H 266 -17.27 -2.05 0.18
N LEU H 267 -16.20 -1.98 0.97
CA LEU H 267 -15.74 -0.72 1.55
C LEU H 267 -14.48 -0.18 0.91
N ILE H 268 -13.95 -0.86 -0.13
CA ILE H 268 -12.73 -0.43 -0.81
C ILE H 268 -12.85 -0.74 -2.30
N ILE H 269 -12.04 -0.04 -3.08
CA ILE H 269 -11.83 -0.39 -4.48
C ILE H 269 -10.38 -0.86 -4.62
N LYS H 270 -10.21 -2.15 -4.91
CA LYS H 270 -8.92 -2.80 -4.91
C LYS H 270 -7.98 -2.18 -5.95
N GLY H 271 -6.68 -2.15 -5.63
CA GLY H 271 -5.71 -1.62 -6.56
C GLY H 271 -5.23 -2.71 -7.51
N SER H 272 -4.68 -2.30 -8.65
CA SER H 272 -4.07 -3.26 -9.57
C SER H 272 -2.57 -3.39 -9.41
N GLY H 273 -1.86 -2.30 -9.12
CA GLY H 273 -0.42 -2.34 -9.00
C GLY H 273 0.04 -1.56 -7.78
N ASN H 274 1.12 -2.06 -7.17
CA ASN H 274 1.80 -1.43 -6.05
C ASN H 274 0.92 -1.37 -4.81
N ARG H 275 -0.39 -1.17 -4.99
CA ARG H 275 -1.31 -1.09 -3.86
C ARG H 275 -2.25 -2.29 -3.83
N THR H 276 -1.76 -3.46 -4.25
CA THR H 276 -2.57 -4.66 -4.19
C THR H 276 -2.71 -5.19 -2.77
N SER H 277 -1.68 -5.04 -1.95
CA SER H 277 -1.69 -5.54 -0.59
C SER H 277 -2.23 -4.45 0.32
N VAL H 278 -3.35 -4.73 0.98
CA VAL H 278 -4.02 -3.73 1.80
C VAL H 278 -3.19 -3.46 3.04
N GLY H 279 -2.98 -2.19 3.36
CA GLY H 279 -2.32 -1.85 4.60
C GLY H 279 -3.18 -2.25 5.79
N SER H 280 -2.51 -2.48 6.92
CA SER H 280 -3.18 -2.97 8.12
C SER H 280 -4.04 -1.88 8.74
N SER H 281 -5.31 -2.21 9.01
CA SER H 281 -6.28 -1.29 9.58
C SER H 281 -6.62 -1.62 11.04
N ILE H 282 -5.63 -2.06 11.81
CA ILE H 282 -5.72 -2.28 13.25
C ILE H 282 -4.94 -1.18 13.96
N TYR H 283 -5.65 -0.16 14.44
CA TYR H 283 -5.05 1.04 14.98
C TYR H 283 -4.84 0.95 16.49
N VAL H 284 -3.75 1.58 16.93
CA VAL H 284 -3.49 1.83 18.35
C VAL H 284 -3.48 3.35 18.51
N ASN H 285 -3.73 3.80 19.74
CA ASN H 285 -3.80 5.22 20.08
C ASN H 285 -3.14 5.44 21.44
N THR H 286 -2.11 6.28 21.46
CA THR H 286 -1.48 6.65 22.73
C THR H 286 -2.33 7.69 23.44
N PRO H 287 -2.79 7.44 24.66
CA PRO H 287 -3.54 8.46 25.40
C PRO H 287 -2.58 9.47 26.02
N SER H 288 -3.15 10.51 26.64
CA SER H 288 -2.37 11.49 27.35
C SER H 288 -3.26 12.14 28.40
N GLY H 289 -2.73 12.26 29.62
CA GLY H 289 -3.50 12.82 30.71
C GLY H 289 -3.53 14.33 30.74
N SER H 290 -2.87 14.98 29.80
CA SER H 290 -2.86 16.44 29.68
C SER H 290 -2.36 17.09 30.97
N LEU H 291 -2.74 18.33 31.20
CA LEU H 291 -2.30 19.05 32.38
C LEU H 291 -2.89 18.43 33.65
N VAL H 292 -2.10 18.47 34.72
CA VAL H 292 -2.58 18.21 36.07
C VAL H 292 -2.45 19.51 36.85
N SER H 293 -3.47 19.84 37.63
CA SER H 293 -3.48 21.13 38.31
C SER H 293 -3.99 20.98 39.74
N SER H 294 -3.59 21.93 40.58
CA SER H 294 -4.06 21.95 41.97
C SER H 294 -5.56 22.23 42.03
N GLU H 295 -6.05 23.08 41.13
CA GLU H 295 -7.48 23.42 41.10
C GLU H 295 -8.36 22.21 40.85
N ALA H 296 -7.83 21.16 40.23
CA ALA H 296 -8.59 19.96 39.91
C ALA H 296 -8.48 18.87 40.97
N GLN H 297 -7.73 19.11 42.05
CA GLN H 297 -7.50 18.07 43.05
C GLN H 297 -8.77 17.76 43.82
N LEU H 298 -8.94 16.47 44.14
CA LEU H 298 -10.03 16.01 45.01
C LEU H 298 -9.60 15.86 46.46
N PHE H 299 -8.31 15.81 46.74
CA PHE H 299 -7.80 15.41 48.04
C PHE H 299 -7.32 16.64 48.82
N ASN H 300 -6.80 16.39 50.02
CA ASN H 300 -6.39 17.44 50.95
C ASN H 300 -7.52 18.41 51.27
N LYS H 301 -8.76 17.93 51.26
CA LYS H 301 -9.91 18.72 51.64
C LYS H 301 -10.95 17.79 52.23
N PRO H 302 -11.69 18.23 53.24
CA PRO H 302 -12.60 17.32 53.95
C PRO H 302 -13.93 17.13 53.23
N TYR H 303 -14.49 15.94 53.42
CA TYR H 303 -15.83 15.61 52.95
C TYR H 303 -16.70 15.34 54.18
N TRP H 304 -17.86 15.98 54.24
CA TRP H 304 -18.81 15.77 55.30
C TRP H 304 -19.94 14.90 54.78
N LEU H 305 -20.11 13.72 55.37
CA LEU H 305 -21.08 12.73 54.90
C LEU H 305 -22.44 13.07 55.51
N GLN H 306 -23.10 14.06 54.92
CA GLN H 306 -24.41 14.47 55.41
C GLN H 306 -25.51 13.50 55.01
N LYS H 307 -25.47 12.98 53.78
CA LYS H 307 -26.43 11.97 53.36
C LYS H 307 -25.78 11.05 52.33
N ALA H 308 -25.85 9.74 52.59
CA ALA H 308 -25.25 8.76 51.69
C ALA H 308 -26.20 8.43 50.54
N GLN H 309 -25.63 7.86 49.47
CA GLN H 309 -26.45 7.54 48.30
C GLN H 309 -27.38 6.36 48.58
N GLY H 310 -26.88 5.31 49.23
CA GLY H 310 -27.68 4.13 49.49
C GLY H 310 -28.49 4.25 50.77
N HIS H 311 -29.09 3.12 51.16
CA HIS H 311 -29.86 3.09 52.40
C HIS H 311 -28.96 3.17 53.61
N ASN H 312 -27.77 2.58 53.53
CA ASN H 312 -26.78 2.67 54.60
C ASN H 312 -26.24 4.09 54.62
N ASN H 313 -26.69 4.90 55.58
CA ASN H 313 -26.31 6.30 55.66
C ASN H 313 -25.04 6.46 56.51
N GLY H 314 -23.99 5.79 56.07
CA GLY H 314 -22.69 5.94 56.69
C GLY H 314 -22.41 5.06 57.88
N ILE H 315 -23.13 3.96 58.03
CA ILE H 315 -22.95 3.06 59.17
C ILE H 315 -21.83 2.08 58.85
N CYS H 316 -20.85 1.99 59.74
CA CYS H 316 -19.69 1.11 59.56
C CYS H 316 -19.98 -0.23 60.21
N TRP H 317 -20.73 -1.07 59.48
CA TRP H 317 -21.04 -2.41 59.96
C TRP H 317 -19.77 -3.24 60.13
N GLY H 318 -19.72 -4.01 61.21
CA GLY H 318 -18.55 -4.80 61.50
C GLY H 318 -17.36 -4.03 62.04
N ASN H 319 -17.57 -2.76 62.41
CA ASN H 319 -16.51 -1.90 62.92
C ASN H 319 -15.34 -1.79 61.93
N GLN H 320 -15.68 -1.68 60.65
CA GLN H 320 -14.68 -1.52 59.60
C GLN H 320 -15.20 -0.53 58.56
N LEU H 321 -14.28 -0.05 57.73
CA LEU H 321 -14.58 1.00 56.77
C LEU H 321 -13.57 0.90 55.63
N PHE H 322 -14.04 1.00 54.40
CA PHE H 322 -13.21 0.82 53.22
C PHE H 322 -13.09 2.13 52.46
N VAL H 323 -11.84 2.54 52.19
CA VAL H 323 -11.55 3.74 51.40
C VAL H 323 -10.74 3.31 50.19
N THR H 324 -11.30 3.51 49.00
CA THR H 324 -10.64 3.17 47.74
C THR H 324 -10.25 4.47 47.03
N VAL H 325 -8.97 4.59 46.67
CA VAL H 325 -8.43 5.82 46.12
C VAL H 325 -7.59 5.51 44.90
N VAL H 326 -7.78 6.28 43.83
CA VAL H 326 -6.88 6.29 42.67
C VAL H 326 -6.47 7.73 42.44
N ASP H 327 -5.14 7.96 42.39
CA ASP H 327 -4.61 9.31 42.23
C ASP H 327 -3.37 9.22 41.34
N THR H 328 -3.55 9.51 40.05
CA THR H 328 -2.46 9.51 39.09
C THR H 328 -1.84 10.88 38.90
N THR H 329 -2.29 11.88 39.64
CA THR H 329 -1.78 13.25 39.51
C THR H 329 -0.50 13.47 40.32
N ARG H 330 0.00 12.46 41.00
CA ARG H 330 1.28 12.51 41.71
C ARG H 330 2.09 11.25 41.38
N SER H 331 2.08 10.87 40.11
CA SER H 331 2.70 9.63 39.65
C SER H 331 4.14 9.82 39.15
N THR H 332 4.76 10.95 39.46
CA THR H 332 6.14 11.19 39.03
C THR H 332 7.05 10.07 39.50
N ASN H 333 7.82 9.51 38.57
CA ASN H 333 8.76 8.43 38.87
C ASN H 333 10.16 9.02 38.96
N MET H 334 10.80 8.84 40.11
CA MET H 334 12.13 9.39 40.33
C MET H 334 13.18 8.52 39.65
N THR H 335 14.15 9.18 39.01
CA THR H 335 15.25 8.50 38.36
C THR H 335 16.45 8.47 39.30
N LEU H 336 16.93 7.27 39.60
CA LEU H 336 18.09 7.08 40.47
C LEU H 336 19.27 6.61 39.62
N CYS H 337 20.46 7.10 39.96
CA CYS H 337 21.67 6.83 39.19
C CYS H 337 22.79 6.47 40.14
N ALA H 338 23.33 5.27 39.99
CA ALA H 338 24.44 4.78 40.82
C ALA H 338 25.68 4.62 39.96
N SER H 339 26.84 4.90 40.55
CA SER H 339 28.12 4.81 39.85
C SER H 339 28.75 3.45 40.10
N VAL H 340 29.10 2.75 39.02
CA VAL H 340 29.78 1.47 39.16
C VAL H 340 31.28 1.67 39.35
N THR H 341 31.87 2.60 38.59
CA THR H 341 33.30 2.88 38.68
C THR H 341 33.51 4.37 38.43
N THR H 342 34.26 5.01 39.32
CA THR H 342 34.50 6.44 39.23
C THR H 342 35.81 6.69 38.49
N SER H 343 35.72 7.32 37.32
CA SER H 343 36.88 7.78 36.57
C SER H 343 36.66 9.23 36.15
N SER H 344 37.69 9.83 35.56
CA SER H 344 37.67 11.23 35.19
C SER H 344 36.87 11.52 33.92
N THR H 345 36.31 10.50 33.27
CA THR H 345 35.55 10.69 32.05
C THR H 345 34.16 10.07 32.20
N TYR H 346 33.18 10.67 31.54
CA TYR H 346 31.83 10.12 31.53
C TYR H 346 31.79 8.95 30.55
N THR H 347 31.38 7.79 31.04
CA THR H 347 31.19 6.61 30.21
C THR H 347 29.92 5.91 30.66
N ASN H 348 29.04 5.61 29.70
CA ASN H 348 27.74 5.03 30.02
C ASN H 348 27.86 3.74 30.82
N SER H 349 28.90 2.95 30.56
CA SER H 349 29.06 1.66 31.23
C SER H 349 29.40 1.80 32.71
N ASP H 350 29.67 3.01 33.19
CA ASP H 350 30.02 3.23 34.59
C ASP H 350 28.82 3.52 35.48
N TYR H 351 27.62 3.55 34.93
CA TYR H 351 26.43 3.94 35.70
C TYR H 351 25.30 2.93 35.51
N LYS H 352 24.52 2.75 36.58
CA LYS H 352 23.28 1.98 36.54
C LYS H 352 22.12 2.91 36.85
N GLU H 353 21.11 2.90 35.99
CA GLU H 353 19.95 3.75 36.12
C GLU H 353 18.76 2.94 36.64
N TYR H 354 18.04 3.49 37.61
CA TYR H 354 16.96 2.79 38.29
C TYR H 354 15.67 3.58 38.19
N MET H 355 14.58 2.95 38.61
CA MET H 355 13.25 3.56 38.61
C MET H 355 12.65 3.42 40.00
N ARG H 356 12.09 4.52 40.53
CA ARG H 356 11.50 4.50 41.86
C ARG H 356 10.32 5.46 41.92
N HIS H 357 9.20 4.98 42.46
CA HIS H 357 8.00 5.79 42.66
C HIS H 357 7.57 5.71 44.11
N VAL H 358 6.88 6.75 44.58
CA VAL H 358 6.50 6.89 45.97
C VAL H 358 5.05 7.35 46.10
N GLU H 359 4.46 7.04 47.25
CA GLU H 359 3.11 7.46 47.59
C GLU H 359 3.07 7.83 49.08
N GLU H 360 2.51 8.99 49.40
CA GLU H 360 2.42 9.47 50.77
C GLU H 360 0.97 9.82 51.08
N TYR H 361 0.42 9.20 52.13
CA TYR H 361 -0.97 9.37 52.51
C TYR H 361 -1.10 9.76 53.98
N ASP H 362 -2.19 10.46 54.29
CA ASP H 362 -2.58 10.78 55.67
C ASP H 362 -4.10 10.73 55.72
N LEU H 363 -4.64 9.64 56.25
CA LEU H 363 -6.08 9.46 56.35
C LEU H 363 -6.56 10.01 57.69
N GLN H 364 -7.56 10.90 57.64
CA GLN H 364 -8.18 11.46 58.82
C GLN H 364 -9.67 11.18 58.77
N PHE H 365 -10.22 10.76 59.91
CA PHE H 365 -11.63 10.41 60.01
C PHE H 365 -12.24 11.07 61.24
N ILE H 366 -13.54 11.28 61.18
CA ILE H 366 -14.31 11.73 62.34
C ILE H 366 -15.58 10.91 62.41
N PHE H 367 -15.74 10.16 63.49
CA PHE H 367 -16.84 9.22 63.64
C PHE H 367 -17.83 9.73 64.67
N GLN H 368 -19.09 9.37 64.47
CA GLN H 368 -20.17 9.72 65.39
C GLN H 368 -20.70 8.44 66.02
N LEU H 369 -20.75 8.42 67.35
CA LEU H 369 -21.25 7.24 68.04
C LEU H 369 -22.75 7.14 67.83
N CYS H 370 -23.22 5.92 67.53
CA CYS H 370 -24.63 5.67 67.28
C CYS H 370 -25.07 4.44 68.05
N SER H 371 -26.34 4.43 68.43
CA SER H 371 -26.92 3.31 69.15
C SER H 371 -28.07 2.70 68.34
N ILE H 372 -28.27 1.41 68.54
CA ILE H 372 -29.28 0.63 67.83
C ILE H 372 -30.06 -0.16 68.87
N THR H 373 -31.33 0.19 69.05
CA THR H 373 -32.21 -0.56 69.95
C THR H 373 -32.69 -1.82 69.23
N LEU H 374 -32.39 -2.99 69.80
CA LEU H 374 -32.65 -4.27 69.14
C LEU H 374 -33.99 -4.80 69.61
N SER H 375 -35.05 -4.45 68.87
CA SER H 375 -36.35 -5.08 69.06
C SER H 375 -36.40 -6.39 68.26
N ALA H 376 -37.49 -7.12 68.43
CA ALA H 376 -37.67 -8.35 67.64
C ALA H 376 -37.68 -8.04 66.15
N GLU H 377 -38.25 -6.89 65.78
CA GLU H 377 -38.22 -6.46 64.38
C GLU H 377 -36.81 -6.05 63.97
N VAL H 378 -36.10 -5.35 64.85
CA VAL H 378 -34.72 -4.95 64.54
C VAL H 378 -33.81 -6.16 64.42
N VAL H 379 -33.94 -7.11 65.33
CA VAL H 379 -33.15 -8.34 65.25
C VAL H 379 -33.44 -9.09 63.94
N ALA H 380 -34.71 -9.11 63.53
CA ALA H 380 -35.08 -9.77 62.29
C ALA H 380 -34.50 -9.05 61.08
N TYR H 381 -34.70 -7.74 61.00
CA TYR H 381 -34.19 -6.97 59.87
C TYR H 381 -32.67 -7.03 59.79
N ILE H 382 -31.99 -7.14 60.93
CA ILE H 382 -30.54 -7.22 60.94
C ILE H 382 -30.07 -8.63 60.59
N HIS H 383 -30.90 -9.65 60.84
CA HIS H 383 -30.50 -11.02 60.52
C HIS H 383 -30.26 -11.18 59.02
N THR H 384 -31.25 -10.82 58.21
CA THR H 384 -30.98 -10.55 56.80
C THR H 384 -30.13 -9.29 56.69
N MET H 385 -29.42 -9.18 55.55
CA MET H 385 -28.28 -8.31 55.34
C MET H 385 -27.01 -9.04 55.77
N ASN H 386 -26.71 -9.02 57.06
CA ASN H 386 -25.61 -9.84 57.55
C ASN H 386 -25.92 -10.31 58.96
N PRO H 387 -25.99 -11.63 59.20
CA PRO H 387 -26.23 -12.12 60.56
C PRO H 387 -25.01 -12.00 61.46
N SER H 388 -23.80 -11.93 60.90
CA SER H 388 -22.61 -11.76 61.73
C SER H 388 -22.62 -10.42 62.47
N VAL H 389 -23.43 -9.46 62.03
CA VAL H 389 -23.64 -8.25 62.81
C VAL H 389 -24.21 -8.60 64.18
N LEU H 390 -25.16 -9.54 64.21
CA LEU H 390 -25.69 -10.02 65.48
C LEU H 390 -24.73 -11.01 66.14
N GLU H 391 -24.15 -11.91 65.35
CA GLU H 391 -23.28 -12.94 65.92
C GLU H 391 -22.04 -12.36 66.57
N ASP H 392 -21.45 -11.33 65.95
CA ASP H 392 -20.27 -10.70 66.54
C ASP H 392 -20.65 -9.84 67.74
N TRP H 393 -21.89 -9.34 67.78
CA TRP H 393 -22.40 -8.64 68.96
C TRP H 393 -22.68 -9.58 70.12
N ASN H 394 -22.67 -10.90 69.88
CA ASN H 394 -23.06 -11.90 70.88
C ASN H 394 -24.50 -11.64 71.35
N PHE H 395 -25.40 -11.53 70.39
CA PHE H 395 -26.81 -11.25 70.68
C PHE H 395 -27.71 -12.23 69.92
N PRO H 429 -11.98 -17.28 59.13
CA PRO H 429 -13.41 -17.25 58.85
C PRO H 429 -13.82 -16.12 57.91
N ASP H 430 -13.22 -14.95 58.08
CA ASP H 430 -13.47 -13.79 57.25
C ASP H 430 -13.29 -14.15 55.77
N PRO H 431 -14.34 -14.05 54.95
CA PRO H 431 -14.19 -14.38 53.52
C PRO H 431 -13.40 -13.35 52.75
N TYR H 432 -13.06 -12.22 53.36
CA TYR H 432 -12.25 -11.19 52.72
C TYR H 432 -10.77 -11.36 52.98
N LYS H 433 -10.37 -12.40 53.72
CA LYS H 433 -8.96 -12.65 53.98
C LYS H 433 -8.22 -13.25 52.78
N ASN H 434 -8.94 -13.69 51.75
CA ASN H 434 -8.29 -14.07 50.50
C ASN H 434 -7.92 -12.86 49.66
N LEU H 435 -8.61 -11.74 49.84
CA LEU H 435 -8.33 -10.50 49.14
C LEU H 435 -7.32 -9.69 49.93
N SER H 436 -6.62 -8.79 49.24
CA SER H 436 -5.51 -8.06 49.82
C SER H 436 -5.82 -6.57 49.90
N PHE H 437 -5.60 -5.99 51.08
CA PHE H 437 -5.85 -4.57 51.31
C PHE H 437 -4.66 -3.95 52.02
N TRP H 438 -4.68 -2.62 52.08
CA TRP H 438 -3.75 -1.85 52.91
C TRP H 438 -4.42 -1.67 54.26
N GLU H 439 -4.03 -2.52 55.22
CA GLU H 439 -4.67 -2.52 56.52
C GLU H 439 -4.27 -1.29 57.31
N VAL H 440 -5.27 -0.59 57.87
CA VAL H 440 -5.04 0.59 58.69
C VAL H 440 -5.76 0.38 60.02
N ASN H 441 -4.98 0.23 61.09
CA ASN H 441 -5.51 -0.08 62.42
C ASN H 441 -5.73 1.23 63.17
N LEU H 442 -6.99 1.65 63.30
CA LEU H 442 -7.34 2.85 64.04
C LEU H 442 -7.79 2.57 65.45
N LYS H 443 -7.75 1.31 65.90
CA LYS H 443 -7.87 1.05 67.33
C LYS H 443 -6.67 1.65 68.05
N GLU H 444 -6.91 2.09 69.28
CA GLU H 444 -5.95 2.84 70.10
C GLU H 444 -5.61 4.21 69.50
N LYS H 445 -6.29 4.59 68.40
CA LYS H 445 -6.09 5.89 67.78
C LYS H 445 -7.29 6.82 67.89
N PHE H 446 -8.43 6.33 68.37
CA PHE H 446 -9.57 7.20 68.58
C PHE H 446 -9.30 8.17 69.71
N SER H 447 -9.69 9.43 69.50
CA SER H 447 -9.53 10.46 70.53
C SER H 447 -10.79 11.31 70.58
N SER H 448 -11.20 11.66 71.80
CA SER H 448 -12.37 12.48 72.01
C SER H 448 -12.06 13.97 72.03
N GLU H 449 -10.78 14.33 72.03
CA GLU H 449 -10.35 15.74 72.03
C GLU H 449 -10.25 16.19 70.57
N LEU H 450 -11.40 16.56 70.00
CA LEU H 450 -11.48 16.88 68.58
C LEU H 450 -10.54 18.03 68.21
N ASP H 451 -10.52 19.09 69.04
CA ASP H 451 -9.82 20.31 68.68
C ASP H 451 -8.31 20.16 68.62
N GLN H 452 -7.77 19.00 68.98
CA GLN H 452 -6.33 18.78 68.94
C GLN H 452 -5.82 18.35 67.57
N TYR H 453 -6.69 18.26 66.56
CA TYR H 453 -6.34 17.66 65.29
C TYR H 453 -6.89 18.48 64.13
N PRO H 454 -6.23 18.43 62.97
CA PRO H 454 -6.66 19.25 61.82
C PRO H 454 -8.10 19.04 61.41
N LEU H 455 -8.46 17.79 61.05
CA LEU H 455 -9.83 17.53 60.62
C LEU H 455 -10.81 17.76 61.76
N GLY H 456 -10.41 17.45 62.99
CA GLY H 456 -11.26 17.74 64.14
C GLY H 456 -11.55 19.21 64.30
N ARG H 457 -10.53 20.05 64.12
CA ARG H 457 -10.74 21.50 64.19
C ARG H 457 -11.75 21.98 63.16
N LYS H 458 -11.63 21.48 61.92
CA LYS H 458 -12.55 21.90 60.87
C LYS H 458 -13.98 21.44 61.18
N PHE H 459 -14.13 20.27 61.78
CA PHE H 459 -15.46 19.75 62.06
C PHE H 459 -16.19 20.59 63.11
N LEU H 460 -15.46 21.12 64.10
CA LEU H 460 -16.09 21.97 65.09
C LEU H 460 -16.66 23.23 64.45
N LEU H 461 -15.87 23.91 63.63
CA LEU H 461 -16.25 25.15 62.97
C LEU H 461 -17.11 24.94 61.72
N GLN H 462 -17.56 23.72 61.43
CA GLN H 462 -18.25 23.45 60.17
C GLN H 462 -19.27 22.34 60.36
N SER H 463 -20.15 22.22 59.36
CA SER H 463 -21.18 21.17 59.32
C SER H 463 -22.17 21.32 60.48
N LYS I 15 -6.40 20.39 75.82
CA LYS I 15 -5.10 20.62 76.43
C LYS I 15 -4.45 21.87 75.83
N VAL I 16 -4.37 21.91 74.50
CA VAL I 16 -3.91 23.10 73.77
C VAL I 16 -5.14 23.86 73.31
N VAL I 17 -5.16 25.17 73.59
CA VAL I 17 -6.31 26.01 73.28
C VAL I 17 -5.90 27.08 72.29
N ALA I 18 -6.89 27.63 71.60
CA ALA I 18 -6.67 28.74 70.69
C ALA I 18 -6.22 29.98 71.45
N THR I 19 -5.44 30.82 70.78
CA THR I 19 -4.99 32.07 71.40
C THR I 19 -6.15 32.99 71.75
N ASP I 20 -7.33 32.75 71.17
CA ASP I 20 -8.51 33.56 71.49
C ASP I 20 -8.88 33.49 72.97
N ALA I 21 -8.50 32.41 73.66
CA ALA I 21 -8.91 32.22 75.05
C ALA I 21 -8.12 33.11 76.00
N TYR I 22 -6.83 33.32 75.74
CA TYR I 22 -5.96 34.01 76.68
C TYR I 22 -5.22 35.20 76.07
N VAL I 23 -5.57 35.62 74.86
CA VAL I 23 -4.96 36.79 74.22
C VAL I 23 -6.11 37.73 73.86
N THR I 24 -6.18 38.86 74.57
CA THR I 24 -7.26 39.82 74.34
C THR I 24 -6.88 40.81 73.26
N ARG I 25 -7.82 41.08 72.37
CA ARG I 25 -7.59 41.96 71.22
C ARG I 25 -7.89 43.41 71.59
N THR I 26 -7.17 44.32 70.92
CA THR I 26 -7.37 45.76 71.08
C THR I 26 -7.88 46.36 69.77
N ASN I 27 -7.98 47.68 69.75
CA ASN I 27 -8.36 48.44 68.55
C ASN I 27 -7.15 49.04 67.84
N ILE I 28 -5.95 48.72 68.28
CA ILE I 28 -4.74 49.38 67.78
C ILE I 28 -4.23 48.61 66.57
N PHE I 29 -4.26 49.26 65.41
CA PHE I 29 -3.75 48.69 64.18
C PHE I 29 -2.59 49.53 63.66
N TYR I 30 -1.64 48.87 63.01
CA TYR I 30 -0.44 49.52 62.50
C TYR I 30 -0.15 49.00 61.10
N HIS I 31 0.44 49.87 60.28
CA HIS I 31 0.90 49.49 58.95
C HIS I 31 2.42 49.41 58.93
N ALA I 32 2.94 48.48 58.14
CA ALA I 32 4.37 48.33 57.95
C ALA I 32 4.61 47.79 56.55
N SER I 33 5.54 48.41 55.84
CA SER I 33 5.87 48.01 54.47
C SER I 33 7.38 47.85 54.35
N SER I 34 7.80 46.79 53.66
CA SER I 34 9.21 46.56 53.42
C SER I 34 9.79 47.45 52.33
N SER I 35 8.93 48.18 51.60
CA SER I 35 9.32 48.95 50.42
C SER I 35 9.88 48.02 49.34
N ARG I 36 10.46 48.60 48.29
CA ARG I 36 10.91 47.77 47.17
C ARG I 36 12.11 46.93 47.58
N LEU I 37 12.03 45.62 47.32
CA LEU I 37 13.11 44.67 47.57
C LEU I 37 13.55 44.08 46.24
N LEU I 38 14.86 44.09 46.00
CA LEU I 38 15.41 43.63 44.74
C LEU I 38 16.54 42.65 44.98
N ALA I 39 16.52 41.54 44.25
CA ALA I 39 17.61 40.57 44.23
C ALA I 39 17.88 40.17 42.78
N VAL I 40 19.14 40.24 42.36
CA VAL I 40 19.53 40.01 40.97
C VAL I 40 20.71 39.05 40.95
N GLY I 41 20.65 38.07 40.06
CA GLY I 41 21.74 37.14 39.93
C GLY I 41 21.60 36.26 38.72
N HIS I 42 22.26 35.08 38.79
CA HIS I 42 22.32 34.07 37.74
C HIS I 42 21.27 33.00 37.99
N PRO I 43 20.43 32.68 37.00
CA PRO I 43 19.34 31.71 37.23
C PRO I 43 19.81 30.28 37.43
N TYR I 44 21.07 29.95 37.14
CA TYR I 44 21.51 28.56 37.18
C TYR I 44 22.48 28.25 38.31
N PHE I 45 23.39 29.16 38.64
CA PHE I 45 24.38 28.88 39.68
C PHE I 45 25.00 30.19 40.14
N SER I 46 25.46 30.19 41.39
CA SER I 46 26.20 31.34 41.91
C SER I 46 27.60 31.37 41.33
N ILE I 47 28.17 32.56 41.24
CA ILE I 47 29.47 32.79 40.62
C ILE I 47 30.45 33.24 41.70
N LYS I 48 31.43 32.39 41.98
CA LYS I 48 32.47 32.69 42.97
C LYS I 48 33.83 32.38 42.36
N ARG I 49 34.72 33.37 42.38
CA ARG I 49 36.05 33.19 41.82
C ARG I 49 37.05 34.02 42.62
N ALA I 50 38.00 33.34 43.26
CA ALA I 50 38.03 31.89 43.31
C ALA I 50 37.80 31.45 44.75
N ASN I 51 37.31 32.38 45.55
CA ASN I 51 37.16 32.19 46.99
C ASN I 51 35.76 32.57 47.46
N LYS I 52 35.28 33.75 47.05
CA LYS I 52 34.03 34.29 47.54
C LYS I 52 33.06 34.56 46.40
N THR I 53 31.77 34.60 46.74
CA THR I 53 30.72 34.72 45.74
C THR I 53 30.72 36.12 45.15
N VAL I 54 30.71 36.21 43.82
CA VAL I 54 30.62 37.48 43.13
C VAL I 54 29.20 37.77 42.66
N VAL I 55 28.51 36.75 42.12
CA VAL I 55 27.16 36.90 41.62
C VAL I 55 26.28 35.81 42.24
N PRO I 56 25.20 36.15 42.93
CA PRO I 56 24.38 35.12 43.57
C PRO I 56 23.49 34.39 42.58
N LYS I 57 23.07 33.19 42.99
CA LYS I 57 22.11 32.40 42.23
C LYS I 57 20.71 32.92 42.51
N VAL I 58 20.07 33.50 41.51
CA VAL I 58 18.71 34.04 41.63
C VAL I 58 17.86 33.41 40.53
N SER I 59 16.94 32.55 40.93
CA SER I 59 16.12 31.80 39.98
C SER I 59 14.66 31.86 40.42
N GLY I 60 13.77 31.83 39.43
CA GLY I 60 12.34 31.82 39.70
C GLY I 60 11.84 30.58 40.41
N TYR I 61 12.66 29.52 40.46
CA TYR I 61 12.28 28.26 41.09
C TYR I 61 12.88 28.11 42.49
N GLN I 62 13.30 29.21 43.10
CA GLN I 62 13.84 29.23 44.44
C GLN I 62 12.79 29.68 45.45
N TYR I 63 12.89 29.15 46.67
CA TYR I 63 12.08 29.66 47.77
C TYR I 63 12.58 31.03 48.21
N ARG I 64 11.63 31.93 48.48
CA ARG I 64 11.92 33.22 49.09
C ARG I 64 11.29 33.22 50.48
N VAL I 65 12.13 33.07 51.50
CA VAL I 65 11.70 32.94 52.90
C VAL I 65 12.13 34.18 53.65
N PHE I 66 11.18 35.06 53.95
CA PHE I 66 11.46 36.30 54.65
C PHE I 66 11.27 36.13 56.15
N LYS I 67 12.28 36.52 56.91
CA LYS I 67 12.19 36.59 58.38
C LYS I 67 11.87 38.03 58.76
N VAL I 68 10.61 38.31 59.01
CA VAL I 68 10.15 39.66 59.31
C VAL I 68 10.30 39.90 60.81
N VAL I 69 11.19 40.82 61.17
CA VAL I 69 11.44 41.16 62.57
C VAL I 69 10.58 42.34 62.95
N LEU I 70 9.81 42.19 64.03
CA LEU I 70 8.92 43.24 64.51
C LEU I 70 9.48 43.90 65.76
N PRO I 71 9.17 45.17 65.99
CA PRO I 71 9.59 45.82 67.24
C PRO I 71 8.85 45.24 68.42
N ASP I 72 9.54 45.14 69.54
CA ASP I 72 8.92 44.64 70.77
C ASP I 72 7.86 45.63 71.23
N PRO I 73 6.58 45.26 71.24
CA PRO I 73 5.57 46.20 71.73
C PRO I 73 5.68 46.48 73.22
N ASN I 74 6.35 45.61 73.97
CA ASN I 74 6.61 45.86 75.38
C ASN I 74 7.71 46.89 75.57
N LYS I 75 8.56 47.10 74.56
CA LYS I 75 9.55 48.16 74.55
C LYS I 75 9.25 49.20 73.48
N PHE I 76 8.05 49.19 72.91
CA PHE I 76 7.69 50.10 71.85
C PHE I 76 7.26 51.45 72.41
N ALA I 77 7.56 52.51 71.65
CA ALA I 77 7.19 53.86 72.05
C ALA I 77 5.74 54.12 71.64
N LEU I 78 4.84 53.39 72.30
CA LEU I 78 3.42 53.58 72.07
C LEU I 78 2.97 54.92 72.63
N PRO I 79 1.91 55.51 72.06
CA PRO I 79 1.42 56.79 72.58
C PRO I 79 0.95 56.68 74.02
N ASP I 80 0.26 55.59 74.36
CA ASP I 80 -0.26 55.39 75.71
C ASP I 80 0.18 54.04 76.27
N SER I 81 0.76 54.06 77.47
CA SER I 81 1.00 52.83 78.20
C SER I 81 -0.21 52.38 79.01
N SER I 82 -1.33 53.09 78.92
CA SER I 82 -2.54 52.74 79.67
C SER I 82 -3.24 51.50 79.11
N LEU I 83 -2.83 51.04 77.93
CA LEU I 83 -3.46 49.87 77.34
C LEU I 83 -3.32 48.66 78.25
N PHE I 84 -2.12 48.47 78.82
CA PHE I 84 -1.80 47.29 79.60
C PHE I 84 -1.03 47.70 80.85
N ASP I 85 -1.18 46.88 81.90
CA ASP I 85 -0.34 47.02 83.08
C ASP I 85 0.93 46.22 82.85
N PRO I 86 2.11 46.83 82.89
CA PRO I 86 3.35 46.08 82.56
C PRO I 86 3.53 44.79 83.35
N THR I 87 3.13 44.75 84.62
CA THR I 87 3.15 43.51 85.39
C THR I 87 1.88 42.71 85.15
N THR I 88 2.05 41.47 84.68
CA THR I 88 1.05 40.44 84.36
C THR I 88 0.43 40.65 83.00
N GLN I 89 0.71 41.74 82.32
CA GLN I 89 0.24 41.94 80.96
C GLN I 89 1.43 42.25 80.08
N ARG I 90 1.44 41.64 78.91
CA ARG I 90 2.51 41.82 77.94
C ARG I 90 1.85 42.06 76.59
N LEU I 91 2.59 42.70 75.70
CA LEU I 91 2.04 43.04 74.40
C LEU I 91 2.66 42.15 73.33
N VAL I 92 1.90 41.93 72.27
CA VAL I 92 2.36 41.12 71.14
C VAL I 92 1.55 41.53 69.93
N TRP I 93 2.18 41.48 68.76
CA TRP I 93 1.51 41.84 67.52
C TRP I 93 0.76 40.66 66.96
N ALA I 94 -0.41 40.94 66.37
CA ALA I 94 -1.22 39.93 65.71
C ALA I 94 -1.40 40.32 64.25
N CYS I 95 -1.20 39.35 63.35
CA CYS I 95 -1.31 39.62 61.92
C CYS I 95 -2.75 39.54 61.47
N THR I 96 -3.23 40.61 60.83
CA THR I 96 -4.59 40.67 60.31
C THR I 96 -4.66 40.95 58.82
N GLY I 97 -3.59 41.41 58.20
CA GLY I 97 -3.61 41.77 56.79
C GLY I 97 -2.26 41.53 56.16
N LEU I 98 -2.27 41.13 54.89
CA LEU I 98 -1.04 40.76 54.20
C LEU I 98 -1.22 40.97 52.70
N GLU I 99 -0.21 41.55 52.07
CA GLU I 99 -0.17 41.66 50.61
C GLU I 99 1.27 41.41 50.15
N VAL I 100 1.47 40.33 49.42
CA VAL I 100 2.77 40.01 48.83
C VAL I 100 2.80 40.61 47.44
N GLY I 101 3.54 41.72 47.29
CA GLY I 101 3.60 42.42 46.01
C GLY I 101 4.67 41.86 45.10
N ARG I 102 4.29 41.56 43.87
CA ARG I 102 5.22 41.10 42.84
C ARG I 102 5.33 42.16 41.77
N GLY I 103 6.56 42.50 41.38
CA GLY I 103 6.79 43.67 40.55
C GLY I 103 7.52 43.43 39.24
N GLN I 104 7.39 42.26 38.65
CA GLN I 104 8.05 41.96 37.38
C GLN I 104 7.02 41.48 36.37
N PRO I 105 7.34 41.57 35.07
CA PRO I 105 6.42 41.06 34.05
C PRO I 105 6.26 39.55 34.14
N LEU I 106 5.06 39.09 33.81
CA LEU I 106 4.80 37.66 33.74
C LEU I 106 5.65 37.03 32.65
N GLY I 107 6.16 35.83 32.92
CA GLY I 107 6.98 35.14 31.94
C GLY I 107 7.51 33.85 32.52
N VAL I 108 8.05 33.03 31.61
CA VAL I 108 8.58 31.72 31.95
C VAL I 108 10.04 31.67 31.51
N GLY I 109 10.90 31.21 32.41
CA GLY I 109 12.28 30.95 32.06
C GLY I 109 12.54 29.46 31.96
N VAL I 110 13.64 29.08 31.31
CA VAL I 110 13.95 27.67 31.14
C VAL I 110 15.34 27.37 31.70
N SER I 111 15.55 26.10 31.98
CA SER I 111 16.84 25.59 32.43
C SER I 111 17.21 24.40 31.56
N GLY I 112 18.50 24.10 31.53
CA GLY I 112 18.96 23.01 30.69
C GLY I 112 20.27 22.45 31.19
N HIS I 113 20.87 21.62 30.36
CA HIS I 113 22.12 20.96 30.69
C HIS I 113 22.86 20.67 29.40
N PRO I 114 24.07 21.20 29.21
CA PRO I 114 24.81 20.91 27.97
C PRO I 114 25.13 19.44 27.79
N PHE I 115 25.09 18.65 28.86
CA PHE I 115 25.28 17.20 28.79
C PHE I 115 24.18 16.50 29.59
N LEU I 116 22.94 16.72 29.16
CA LEU I 116 21.81 16.00 29.75
C LEU I 116 21.82 14.55 29.29
N ASN I 117 21.59 13.63 30.23
CA ASN I 117 21.60 12.20 29.92
C ASN I 117 20.32 11.84 29.16
N LYS I 118 20.26 12.32 27.93
CA LYS I 118 19.19 12.00 27.00
C LYS I 118 19.74 11.08 25.91
N TYR I 119 18.95 10.09 25.52
CA TYR I 119 19.40 9.15 24.49
C TYR I 119 18.56 9.24 23.23
N ASP I 120 17.41 8.59 23.22
CA ASP I 120 16.53 8.54 22.06
C ASP I 120 15.24 9.31 22.31
N ASP I 121 14.65 9.78 21.21
CA ASP I 121 13.27 10.27 21.25
C ASP I 121 12.35 9.06 21.31
N VAL I 122 11.75 8.83 22.48
CA VAL I 122 11.04 7.58 22.73
C VAL I 122 9.59 7.63 22.24
N GLU I 123 9.14 8.77 21.72
CA GLU I 123 7.73 8.91 21.38
C GLU I 123 7.33 8.00 20.22
N ASN I 124 8.23 7.76 19.26
CA ASN I 124 7.93 6.91 18.12
C ASN I 124 9.15 6.47 17.32
N SER I 125 10.23 6.05 17.97
CA SER I 125 11.46 5.65 17.28
C SER I 125 12.25 4.67 18.13
N GLY I 126 12.88 3.69 17.47
CA GLY I 126 13.70 2.71 18.15
C GLY I 126 14.61 1.92 17.23
N SER I 127 14.07 0.91 16.54
CA SER I 127 14.76 0.05 15.59
C SER I 127 15.58 -1.02 16.33
N GLY I 128 16.92 -0.95 16.52
CA GLY I 128 17.84 0.18 16.42
C GLY I 128 19.06 0.10 17.32
N GLY I 129 19.56 1.26 17.75
CA GLY I 129 20.65 1.33 18.71
C GLY I 129 22.02 1.36 18.06
N ASN I 130 23.05 1.29 18.91
CA ASN I 130 22.90 1.21 20.37
C ASN I 130 23.84 2.22 21.05
N PRO I 131 23.60 2.51 22.34
CA PRO I 131 24.40 3.54 23.01
C PRO I 131 25.89 3.21 23.05
N GLY I 132 26.71 4.25 22.99
CA GLY I 132 28.14 4.13 23.01
C GLY I 132 28.71 4.44 24.38
N GLN I 133 29.73 5.31 24.43
CA GLN I 133 30.34 5.71 25.69
C GLN I 133 29.83 7.03 26.22
N ASP I 134 29.61 8.02 25.36
CA ASP I 134 29.05 9.31 25.76
C ASP I 134 28.02 9.72 24.73
N ASN I 135 26.77 9.89 25.17
CA ASN I 135 25.67 10.26 24.28
C ASN I 135 24.87 11.43 24.84
N ARG I 136 25.42 12.16 25.80
CA ARG I 136 24.69 13.25 26.43
C ARG I 136 24.45 14.38 25.43
N VAL I 137 23.27 15.00 25.54
CA VAL I 137 22.79 15.96 24.56
C VAL I 137 22.62 17.32 25.24
N ASN I 138 22.60 18.37 24.42
CA ASN I 138 22.40 19.73 24.89
C ASN I 138 20.90 20.04 24.78
N VAL I 139 20.20 19.91 25.90
CA VAL I 139 18.74 20.02 25.92
C VAL I 139 18.33 20.98 27.04
N GLY I 140 17.33 21.82 26.75
CA GLY I 140 16.78 22.70 27.75
C GLY I 140 15.27 22.57 27.79
N MET I 141 14.68 23.02 28.89
CA MET I 141 13.26 22.80 29.12
C MET I 141 12.74 23.84 30.10
N ASP I 142 11.43 24.04 30.08
CA ASP I 142 10.74 24.91 31.03
C ASP I 142 10.13 24.04 32.13
N TYR I 143 10.26 24.49 33.37
CA TYR I 143 9.87 23.66 34.49
C TYR I 143 8.37 23.73 34.75
N LYS I 144 7.94 22.89 35.68
CA LYS I 144 6.56 22.93 36.18
C LYS I 144 6.28 24.28 36.84
N GLN I 145 5.06 24.78 36.63
CA GLN I 145 4.66 26.06 37.20
C GLN I 145 4.19 25.88 38.63
N THR I 146 4.63 26.76 39.52
CA THR I 146 4.33 26.64 40.94
C THR I 146 4.13 28.02 41.55
N GLN I 147 3.02 28.19 42.28
CA GLN I 147 2.77 29.37 43.10
C GLN I 147 2.41 28.91 44.50
N LEU I 148 2.97 29.58 45.51
CA LEU I 148 2.61 29.27 46.88
C LEU I 148 3.07 30.40 47.79
N CYS I 149 2.35 30.55 48.91
CA CYS I 149 2.70 31.53 49.94
C CYS I 149 2.24 31.00 51.29
N MET I 150 3.06 31.22 52.32
CA MET I 150 2.75 30.79 53.68
C MET I 150 3.08 31.89 54.67
N VAL I 151 2.35 31.88 55.78
CA VAL I 151 2.58 32.82 56.88
C VAL I 151 2.61 32.04 58.20
N GLY I 152 3.58 32.36 59.05
CA GLY I 152 3.62 31.82 60.40
C GLY I 152 4.64 32.58 61.21
N CYS I 153 4.69 32.25 62.50
CA CYS I 153 5.70 32.80 63.40
C CYS I 153 6.88 31.85 63.58
N ALA I 154 6.87 30.71 62.90
CA ALA I 154 7.95 29.75 62.87
C ALA I 154 8.19 29.32 61.43
N PRO I 155 9.43 29.01 61.06
CA PRO I 155 9.73 28.72 59.66
C PRO I 155 9.05 27.45 59.22
N PRO I 156 8.69 27.33 57.94
CA PRO I 156 7.97 26.15 57.46
C PRO I 156 8.89 24.95 57.32
N LEU I 157 8.27 23.78 57.26
CA LEU I 157 8.97 22.52 57.06
C LEU I 157 8.81 22.04 55.62
N GLY I 158 9.92 21.58 55.04
CA GLY I 158 9.87 20.96 53.73
C GLY I 158 10.11 19.46 53.81
N GLU I 159 9.73 18.74 52.77
CA GLU I 159 9.99 17.31 52.66
C GLU I 159 10.69 17.01 51.35
N HIS I 160 11.58 16.03 51.38
CA HIS I 160 12.28 15.60 50.18
C HIS I 160 12.83 14.21 50.39
N TRP I 161 13.11 13.52 49.28
CA TRP I 161 13.68 12.18 49.31
C TRP I 161 15.19 12.27 49.20
N GLY I 162 15.88 11.60 50.13
CA GLY I 162 17.33 11.54 50.13
C GLY I 162 17.81 10.10 50.23
N LYS I 163 19.13 9.95 50.16
CA LYS I 163 19.75 8.64 50.28
C LYS I 163 19.65 8.16 51.72
N GLY I 164 18.89 7.10 51.94
CA GLY I 164 18.78 6.53 53.26
C GLY I 164 19.92 5.58 53.58
N LYS I 165 20.12 5.36 54.88
CA LYS I 165 21.18 4.48 55.35
C LYS I 165 20.88 3.03 54.99
N CYS I 177 21.31 0.32 43.78
CA CYS I 177 20.35 1.39 44.01
C CYS I 177 20.46 1.90 45.45
N PRO I 178 20.35 3.21 45.64
CA PRO I 178 20.42 3.78 46.99
C PRO I 178 19.11 3.62 47.74
N PRO I 179 19.16 3.39 49.04
CA PRO I 179 17.92 3.34 49.82
C PRO I 179 17.29 4.72 49.95
N LEU I 180 15.97 4.76 49.89
CA LEU I 180 15.22 6.01 49.92
C LEU I 180 14.60 6.24 51.30
N GLU I 181 14.67 7.48 51.77
CA GLU I 181 14.08 7.87 53.04
C GLU I 181 13.55 9.30 52.90
N LEU I 182 12.37 9.55 53.49
CA LEU I 182 11.73 10.85 53.42
C LEU I 182 12.22 11.71 54.58
N ILE I 183 12.99 12.75 54.26
CA ILE I 183 13.56 13.66 55.24
C ILE I 183 12.72 14.92 55.30
N THR I 184 12.40 15.38 56.50
CA THR I 184 11.80 16.68 56.72
C THR I 184 12.86 17.66 57.24
N SER I 185 12.77 18.91 56.79
CA SER I 185 13.76 19.91 57.13
C SER I 185 13.11 21.29 57.04
N VAL I 186 13.85 22.29 57.51
CA VAL I 186 13.39 23.67 57.46
C VAL I 186 13.70 24.26 56.10
N ILE I 187 12.73 24.95 55.51
CA ILE I 187 12.91 25.59 54.22
C ILE I 187 13.70 26.87 54.40
N GLN I 188 14.87 26.94 53.76
CA GLN I 188 15.73 28.11 53.82
C GLN I 188 15.58 28.96 52.57
N ASP I 189 15.91 30.23 52.69
CA ASP I 189 15.91 31.14 51.55
C ASP I 189 16.95 30.70 50.52
N GLY I 190 16.51 30.51 49.28
CA GLY I 190 17.36 30.05 48.21
C GLY I 190 17.22 28.58 47.87
N ASP I 191 16.55 27.80 48.73
CA ASP I 191 16.31 26.40 48.42
C ASP I 191 15.43 26.26 47.19
N MET I 192 15.60 25.15 46.47
CA MET I 192 14.91 24.92 45.22
C MET I 192 13.57 24.24 45.45
N VAL I 193 12.58 24.63 44.65
CA VAL I 193 11.27 24.00 44.67
C VAL I 193 11.29 22.81 43.70
N ASP I 194 10.31 21.92 43.84
CA ASP I 194 10.18 20.82 42.89
C ASP I 194 9.88 21.37 41.49
N THR I 195 10.45 20.72 40.49
CA THR I 195 10.41 21.22 39.12
C THR I 195 9.72 20.29 38.14
N GLY I 196 9.21 19.15 38.59
CA GLY I 196 8.66 18.12 37.71
C GLY I 196 9.43 16.82 37.74
N PHE I 197 10.58 16.78 38.42
CA PHE I 197 11.37 15.56 38.58
C PHE I 197 11.28 15.02 39.99
N GLY I 198 10.43 15.60 40.83
CA GLY I 198 10.26 15.15 42.19
C GLY I 198 10.95 16.05 43.19
N ALA I 199 10.61 15.85 44.46
CA ALA I 199 11.22 16.57 45.58
C ALA I 199 12.28 15.66 46.18
N MET I 200 13.51 15.77 45.67
CA MET I 200 14.59 14.87 46.06
C MET I 200 15.90 15.64 46.11
N ASN I 201 16.93 14.96 46.64
CA ASN I 201 18.28 15.49 46.78
C ASN I 201 19.10 14.95 45.61
N PHE I 202 19.12 15.73 44.52
CA PHE I 202 19.81 15.29 43.30
C PHE I 202 21.31 15.12 43.49
N ALA I 203 21.89 15.79 44.49
CA ALA I 203 23.33 15.66 44.72
C ALA I 203 23.70 14.25 45.15
N ASP I 204 22.79 13.53 45.80
CA ASP I 204 23.06 12.20 46.32
C ASP I 204 22.46 11.08 45.46
N LEU I 205 21.23 11.25 44.98
CA LEU I 205 20.51 10.18 44.31
C LEU I 205 20.76 10.14 42.81
N GLN I 206 21.32 11.21 42.22
CA GLN I 206 21.68 11.24 40.81
C GLN I 206 23.16 11.63 40.75
N THR I 207 24.04 10.62 40.80
CA THR I 207 25.46 10.86 40.98
C THR I 207 26.16 11.32 39.72
N ASN I 208 25.59 11.08 38.53
CA ASN I 208 26.26 11.45 37.30
C ASN I 208 26.13 12.93 36.96
N LYS I 209 25.36 13.69 37.73
CA LYS I 209 25.18 15.13 37.56
C LYS I 209 24.60 15.50 36.20
N SER I 210 24.09 14.52 35.44
CA SER I 210 23.68 14.75 34.06
C SER I 210 22.25 14.31 33.78
N ASP I 211 21.46 14.02 34.81
CA ASP I 211 20.09 13.56 34.61
C ASP I 211 19.08 14.70 34.65
N VAL I 212 19.39 15.79 35.34
CA VAL I 212 18.50 16.95 35.43
C VAL I 212 19.31 18.19 35.11
N PRO I 213 18.66 19.29 34.71
CA PRO I 213 19.39 20.52 34.37
C PRO I 213 20.27 21.01 35.51
N ILE I 214 21.24 21.84 35.14
CA ILE I 214 22.33 22.18 36.05
C ILE I 214 21.87 22.99 37.25
N ASP I 215 20.72 23.66 37.19
CA ASP I 215 20.28 24.48 38.30
C ASP I 215 19.63 23.64 39.41
N ILE I 216 19.52 22.33 39.22
CA ILE I 216 18.96 21.45 40.26
C ILE I 216 19.82 20.20 40.36
N CYS I 217 20.75 20.02 39.41
CA CYS I 217 21.55 18.80 39.38
C CYS I 217 22.47 18.67 40.59
N GLY I 218 22.84 19.78 41.21
CA GLY I 218 23.66 19.74 42.40
C GLY I 218 22.99 20.38 43.60
N THR I 219 21.67 20.43 43.61
CA THR I 219 20.90 21.03 44.68
C THR I 219 19.80 20.09 45.12
N THR I 220 19.01 20.52 46.10
CA THR I 220 17.91 19.74 46.65
C THR I 220 16.60 20.49 46.43
N CYS I 221 15.62 19.80 45.85
CA CYS I 221 14.28 20.34 45.66
C CYS I 221 13.40 19.88 46.81
N LYS I 222 12.85 20.85 47.55
CA LYS I 222 12.00 20.56 48.69
C LYS I 222 10.54 20.87 48.34
N TYR I 223 9.65 20.02 48.82
CA TYR I 223 8.23 20.29 48.71
C TYR I 223 7.66 20.52 50.11
N PRO I 224 6.75 21.47 50.28
CA PRO I 224 6.22 21.75 51.62
C PRO I 224 5.46 20.56 52.17
N ASP I 225 5.77 20.20 53.43
CA ASP I 225 5.06 19.14 54.13
C ASP I 225 3.81 19.75 54.75
N TYR I 226 2.80 19.97 53.90
CA TYR I 226 1.55 20.57 54.35
C TYR I 226 0.89 19.74 55.43
N LEU I 227 0.94 18.41 55.29
CA LEU I 227 0.26 17.53 56.24
C LEU I 227 0.85 17.65 57.64
N GLN I 228 2.17 17.83 57.74
CA GLN I 228 2.83 17.89 59.04
C GLN I 228 2.58 19.23 59.73
N MET I 229 2.82 20.34 59.03
CA MET I 229 2.72 21.67 59.64
C MET I 229 1.32 21.92 60.19
N ALA I 230 0.29 21.41 59.52
CA ALA I 230 -1.07 21.57 60.00
C ALA I 230 -1.41 20.63 61.15
N ALA I 231 -0.75 19.47 61.23
CA ALA I 231 -0.99 18.50 62.29
C ALA I 231 -0.22 18.82 63.56
N ASP I 232 0.47 19.94 63.62
CA ASP I 232 1.16 20.38 64.81
C ASP I 232 0.19 20.99 65.81
N PRO I 233 0.43 20.79 67.12
CA PRO I 233 -0.53 21.26 68.14
C PRO I 233 -0.79 22.76 68.10
N TYR I 234 0.27 23.54 68.31
CA TYR I 234 0.15 24.99 68.42
C TYR I 234 -0.13 25.63 67.06
N GLY I 235 0.27 24.99 65.98
CA GLY I 235 0.04 25.54 64.65
C GLY I 235 0.78 26.84 64.38
N ASP I 236 2.01 26.96 64.86
CA ASP I 236 2.79 28.18 64.66
C ASP I 236 3.39 28.29 63.26
N ARG I 237 3.41 27.21 62.49
CA ARG I 237 3.99 27.24 61.16
C ARG I 237 2.98 27.59 60.08
N LEU I 238 1.72 27.22 60.25
CA LEU I 238 0.68 27.48 59.27
C LEU I 238 -0.40 28.36 59.88
N PHE I 239 -0.30 29.66 59.64
CA PHE I 239 -1.46 30.53 59.82
C PHE I 239 -2.47 30.27 58.70
N PHE I 240 -2.00 30.24 57.47
CA PHE I 240 -2.78 29.86 56.29
C PHE I 240 -1.79 29.63 55.17
N PHE I 241 -2.28 29.12 54.04
CA PHE I 241 -1.41 28.90 52.90
C PHE I 241 -2.24 28.90 51.62
N LEU I 242 -1.55 29.17 50.51
CA LEU I 242 -2.15 29.16 49.19
C LEU I 242 -1.19 28.47 48.23
N ARG I 243 -1.75 27.85 47.19
CA ARG I 243 -0.92 27.09 46.26
C ARG I 243 -1.62 27.00 44.90
N LYS I 244 -0.81 26.98 43.84
CA LYS I 244 -1.31 26.68 42.50
C LYS I 244 -0.18 26.01 41.74
N GLU I 245 -0.33 24.70 41.48
CA GLU I 245 0.63 23.93 40.71
C GLU I 245 -0.02 23.40 39.45
N GLN I 246 0.78 23.28 38.38
CA GLN I 246 0.31 22.64 37.16
C GLN I 246 1.50 22.28 36.28
N MET I 247 1.41 21.13 35.61
CA MET I 247 2.42 20.68 34.66
C MET I 247 1.85 19.59 33.78
N PHE I 248 2.49 19.38 32.64
CA PHE I 248 2.18 18.26 31.76
C PHE I 248 3.47 17.73 31.16
N ALA I 249 3.38 16.54 30.56
CA ALA I 249 4.53 15.89 29.95
C ALA I 249 4.71 16.41 28.53
N ARG I 250 5.85 17.09 28.29
CA ARG I 250 6.11 17.72 27.00
C ARG I 250 6.76 16.77 26.01
N HIS I 251 7.77 16.02 26.44
CA HIS I 251 8.44 15.06 25.58
C HIS I 251 8.72 13.77 26.36
N PHE I 252 9.09 12.72 25.63
CA PHE I 252 9.36 11.41 26.20
C PHE I 252 10.72 10.93 25.70
N PHE I 253 11.64 10.68 26.63
CA PHE I 253 12.99 10.20 26.31
C PHE I 253 13.29 8.95 27.12
N ASN I 254 14.49 8.40 26.90
CA ASN I 254 15.03 7.33 27.72
C ASN I 254 16.49 7.63 28.05
N ARG I 255 17.01 6.92 29.04
CA ARG I 255 18.35 7.16 29.55
C ARG I 255 19.38 6.28 28.84
N ALA I 256 20.61 6.79 28.77
CA ALA I 256 21.75 5.98 28.37
C ALA I 256 22.45 5.42 29.60
N GLY I 257 23.10 4.28 29.43
CA GLY I 257 23.77 3.61 30.53
C GLY I 257 23.09 2.29 30.86
N GLU I 258 23.73 1.56 31.79
CA GLU I 258 23.27 0.25 32.19
C GLU I 258 21.92 0.35 32.91
N VAL I 259 20.98 -0.50 32.50
CA VAL I 259 19.69 -0.58 33.18
C VAL I 259 19.88 -1.25 34.54
N GLY I 260 19.65 -0.50 35.62
CA GLY I 260 19.91 -1.03 36.94
C GLY I 260 19.00 -2.19 37.32
N GLU I 261 17.78 -2.21 36.78
CA GLU I 261 16.82 -3.27 37.06
C GLU I 261 16.17 -3.69 35.74
N PRO I 262 16.56 -4.83 35.20
CA PRO I 262 16.10 -5.21 33.86
C PRO I 262 14.68 -5.73 33.87
N VAL I 263 14.05 -5.64 32.70
CA VAL I 263 12.66 -6.08 32.54
C VAL I 263 12.60 -7.61 32.61
N PRO I 264 11.76 -8.19 33.46
CA PRO I 264 11.66 -9.65 33.52
C PRO I 264 11.12 -10.23 32.22
N ASP I 265 11.42 -11.52 32.01
CA ASP I 265 11.00 -12.20 30.79
C ASP I 265 9.49 -12.45 30.75
N THR I 266 8.81 -12.47 31.90
CA THR I 266 7.38 -12.69 31.92
C THR I 266 6.61 -11.59 31.17
N LEU I 267 7.23 -10.43 30.94
CA LEU I 267 6.55 -9.29 30.35
C LEU I 267 6.93 -9.04 28.89
N ILE I 268 7.79 -9.87 28.29
CA ILE I 268 8.20 -9.69 26.90
C ILE I 268 8.36 -11.07 26.27
N ILE I 269 8.30 -11.10 24.94
CA ILE I 269 8.71 -12.26 24.14
C ILE I 269 9.96 -11.86 23.37
N LYS I 270 11.08 -12.49 23.71
CA LYS I 270 12.37 -12.10 23.17
C LYS I 270 12.43 -12.31 21.65
N GLY I 271 13.18 -11.44 20.97
CA GLY I 271 13.28 -11.50 19.53
C GLY I 271 14.42 -12.40 19.03
N SER I 272 14.30 -12.80 17.77
CA SER I 272 15.40 -13.44 17.04
C SER I 272 16.66 -12.59 16.98
N GLY I 273 16.90 -11.92 15.84
CA GLY I 273 18.05 -11.05 15.57
C GLY I 273 17.74 -9.58 15.81
N ASN I 274 18.40 -8.71 15.03
CA ASN I 274 18.24 -7.25 15.03
C ASN I 274 17.98 -6.64 16.41
N ARG I 275 16.91 -7.08 17.06
CA ARG I 275 16.49 -6.58 18.36
C ARG I 275 16.78 -7.59 19.46
N THR I 276 17.96 -8.24 19.40
CA THR I 276 18.33 -9.20 20.44
C THR I 276 18.56 -8.50 21.76
N SER I 277 19.14 -7.30 21.68
CA SER I 277 19.48 -6.51 22.86
C SER I 277 18.31 -5.60 23.16
N VAL I 278 17.73 -5.76 24.35
CA VAL I 278 16.54 -5.01 24.70
C VAL I 278 16.92 -3.54 24.86
N GLY I 279 16.14 -2.67 24.23
CA GLY I 279 16.37 -1.25 24.40
C GLY I 279 16.09 -0.79 25.81
N SER I 280 16.72 0.31 26.19
CA SER I 280 16.63 0.79 27.55
C SER I 280 15.24 1.36 27.81
N SER I 281 14.61 0.88 28.88
CA SER I 281 13.28 1.32 29.29
C SER I 281 13.36 2.18 30.55
N ILE I 282 14.38 3.04 30.62
CA ILE I 282 14.53 3.99 31.71
C ILE I 282 14.08 5.32 31.13
N TYR I 283 12.82 5.65 31.34
CA TYR I 283 12.17 6.75 30.63
C TYR I 283 12.35 8.08 31.35
N VAL I 284 12.42 9.15 30.55
CA VAL I 284 12.57 10.52 31.02
C VAL I 284 11.33 11.30 30.62
N ASN I 285 11.10 12.41 31.32
CA ASN I 285 9.95 13.27 31.06
C ASN I 285 10.36 14.73 31.25
N THR I 286 10.27 15.50 30.18
CA THR I 286 10.45 16.94 30.28
C THR I 286 9.12 17.57 30.68
N PRO I 287 9.05 18.29 31.79
CA PRO I 287 7.80 18.94 32.17
C PRO I 287 7.60 20.24 31.41
N SER I 288 6.42 20.83 31.61
CA SER I 288 6.12 22.14 31.05
C SER I 288 5.03 22.79 31.89
N GLY I 289 5.25 24.05 32.26
CA GLY I 289 4.30 24.76 33.10
C GLY I 289 3.13 25.35 32.37
N SER I 290 3.05 25.17 31.05
CA SER I 290 1.95 25.67 30.23
C SER I 290 1.81 27.19 30.36
N LEU I 291 0.61 27.70 30.11
CA LEU I 291 0.38 29.14 30.15
C LEU I 291 0.52 29.67 31.57
N VAL I 292 1.02 30.90 31.67
CA VAL I 292 0.95 31.70 32.89
C VAL I 292 0.03 32.89 32.60
N SER I 293 -0.85 33.20 33.54
CA SER I 293 -1.85 34.23 33.31
C SER I 293 -2.05 35.06 34.56
N SER I 294 -2.52 36.30 34.36
CA SER I 294 -2.83 37.18 35.49
C SER I 294 -4.00 36.63 36.30
N GLU I 295 -4.99 36.05 35.63
CA GLU I 295 -6.15 35.50 36.32
C GLU I 295 -5.77 34.38 37.29
N ALA I 296 -4.63 33.74 37.08
CA ALA I 296 -4.15 32.67 37.93
C ALA I 296 -3.24 33.15 39.06
N GLN I 297 -3.00 34.45 39.15
CA GLN I 297 -2.06 34.99 40.11
C GLN I 297 -2.58 34.88 41.55
N LEU I 298 -1.66 34.61 42.47
CA LEU I 298 -1.95 34.65 43.89
C LEU I 298 -1.55 35.97 44.55
N PHE I 299 -0.69 36.74 43.90
CA PHE I 299 -0.04 37.88 44.53
C PHE I 299 -0.66 39.19 44.06
N ASN I 300 -0.11 40.30 44.56
CA ASN I 300 -0.62 41.65 44.29
C ASN I 300 -2.08 41.80 44.69
N LYS I 301 -2.51 41.08 45.73
CA LYS I 301 -3.86 41.20 46.25
C LYS I 301 -3.81 40.88 47.74
N PRO I 302 -4.61 41.58 48.56
CA PRO I 302 -4.51 41.41 50.00
C PRO I 302 -5.27 40.19 50.51
N TYR I 303 -4.75 39.62 51.58
CA TYR I 303 -5.40 38.54 52.31
C TYR I 303 -5.71 39.02 53.73
N TRP I 304 -6.95 38.83 54.16
CA TRP I 304 -7.34 39.20 55.52
C TRP I 304 -7.43 37.92 56.34
N LEU I 305 -6.60 37.82 57.38
CA LEU I 305 -6.51 36.62 58.20
C LEU I 305 -7.57 36.70 59.29
N GLN I 306 -8.80 36.35 58.90
CA GLN I 306 -9.91 36.39 59.86
C GLN I 306 -9.84 35.22 60.83
N LYS I 307 -9.49 34.03 60.35
CA LYS I 307 -9.31 32.88 61.23
C LYS I 307 -8.24 31.97 60.65
N ALA I 308 -7.25 31.62 61.47
CA ALA I 308 -6.15 30.77 61.03
C ALA I 308 -6.55 29.30 61.13
N GLN I 309 -5.80 28.47 60.40
CA GLN I 309 -6.09 27.04 60.36
C GLN I 309 -5.73 26.36 61.68
N GLY I 310 -4.58 26.69 62.24
CA GLY I 310 -4.13 26.08 63.48
C GLY I 310 -4.67 26.79 64.71
N HIS I 311 -4.14 26.39 65.86
CA HIS I 311 -4.57 27.02 67.12
C HIS I 311 -4.06 28.45 67.22
N ASN I 312 -2.86 28.71 66.71
CA ASN I 312 -2.30 30.06 66.70
C ASN I 312 -3.06 30.87 65.67
N ASN I 313 -3.98 31.72 66.14
CA ASN I 313 -4.82 32.52 65.25
C ASN I 313 -4.15 33.85 64.91
N GLY I 314 -2.94 33.75 64.36
CA GLY I 314 -2.23 34.89 63.85
C GLY I 314 -1.40 35.65 64.85
N ILE I 315 -1.02 35.03 65.96
CA ILE I 315 -0.20 35.69 66.98
C ILE I 315 1.26 35.50 66.62
N CYS I 316 2.01 36.61 66.57
CA CYS I 316 3.42 36.60 66.20
C CYS I 316 4.26 36.47 67.47
N TRP I 317 4.38 35.24 67.95
CA TRP I 317 5.20 34.98 69.12
C TRP I 317 6.67 35.31 68.84
N GLY I 318 7.32 35.93 69.82
CA GLY I 318 8.70 36.34 69.65
C GLY I 318 8.91 37.57 68.79
N ASN I 319 7.84 38.28 68.42
CA ASN I 319 7.92 39.47 67.58
C ASN I 319 8.62 39.18 66.25
N GLN I 320 8.28 38.05 65.64
CA GLN I 320 8.82 37.70 64.33
C GLN I 320 7.72 37.06 63.49
N LEU I 321 7.98 36.96 62.19
CA LEU I 321 6.97 36.50 61.25
C LEU I 321 7.69 35.95 60.01
N PHE I 322 7.23 34.80 59.53
CA PHE I 322 7.84 34.11 58.41
C PHE I 322 6.91 34.10 57.20
N VAL I 323 7.41 34.57 56.07
CA VAL I 323 6.68 34.55 54.80
C VAL I 323 7.51 33.76 53.79
N THR I 324 6.95 32.65 53.32
CA THR I 324 7.60 31.79 52.33
C THR I 324 6.84 31.90 51.01
N VAL I 325 7.55 32.22 49.93
CA VAL I 325 6.95 32.49 48.64
C VAL I 325 7.67 31.73 47.55
N VAL I 326 6.92 31.07 46.67
CA VAL I 326 7.42 30.51 45.43
C VAL I 326 6.55 31.04 44.29
N ASP I 327 7.18 31.64 43.28
CA ASP I 327 6.46 32.26 42.17
C ASP I 327 7.25 32.00 40.89
N THR I 328 6.83 31.00 40.12
CA THR I 328 7.46 30.67 38.86
C THR I 328 6.84 31.40 37.68
N THR I 329 5.86 32.26 37.92
CA THR I 329 5.21 33.01 36.85
C THR I 329 5.98 34.27 36.47
N ARG I 330 7.12 34.52 37.11
CA ARG I 330 8.00 35.64 36.78
C ARG I 330 9.44 35.16 36.68
N SER I 331 9.64 34.01 36.03
CA SER I 331 10.94 33.38 35.94
C SER I 331 11.70 33.76 34.68
N THR I 332 11.27 34.81 33.98
CA THR I 332 11.94 35.25 32.76
C THR I 332 13.41 35.54 33.02
N ASN I 333 14.28 34.92 32.22
CA ASN I 333 15.72 35.11 32.31
C ASN I 333 16.18 36.05 31.20
N MET I 334 16.80 37.16 31.59
CA MET I 334 17.26 38.14 30.61
C MET I 334 18.56 37.69 29.96
N THR I 335 18.65 37.91 28.65
CA THR I 335 19.85 37.60 27.89
C THR I 335 20.67 38.87 27.72
N LEU I 336 21.92 38.83 28.20
CA LEU I 336 22.83 39.96 28.09
C LEU I 336 23.94 39.63 27.09
N CYS I 337 24.31 40.62 26.28
CA CYS I 337 25.32 40.44 25.25
C CYS I 337 26.24 41.65 25.23
N ALA I 338 27.53 41.41 25.49
CA ALA I 338 28.53 42.46 25.46
C ALA I 338 29.52 42.18 24.33
N SER I 339 29.99 43.25 23.68
CA SER I 339 30.90 43.13 22.56
C SER I 339 32.34 43.25 23.04
N VAL I 340 33.16 42.25 22.70
CA VAL I 340 34.58 42.30 23.04
C VAL I 340 35.35 43.12 22.02
N THR I 341 35.00 43.01 20.75
CA THR I 341 35.67 43.75 19.69
C THR I 341 34.64 44.17 18.65
N THR I 342 34.61 45.47 18.36
CA THR I 342 33.64 46.05 17.43
C THR I 342 34.27 46.19 16.05
N SER I 343 33.72 45.47 15.07
CA SER I 343 34.08 45.63 13.67
C SER I 343 32.80 45.76 12.85
N SER I 344 32.98 46.05 11.56
CA SER I 344 31.84 46.28 10.68
C SER I 344 31.12 45.01 10.26
N THR I 345 31.60 43.84 10.68
CA THR I 345 31.00 42.56 10.33
C THR I 345 30.65 41.79 11.59
N TYR I 346 29.58 41.00 11.52
CA TYR I 346 29.20 40.15 12.64
C TYR I 346 30.08 38.90 12.69
N THR I 347 30.69 38.68 13.85
CA THR I 347 31.46 37.48 14.13
C THR I 347 31.16 37.03 15.55
N ASN I 348 30.80 35.76 15.71
CA ASN I 348 30.38 35.25 17.01
C ASN I 348 31.45 35.44 18.09
N SER I 349 32.72 35.35 17.70
CA SER I 349 33.81 35.46 18.69
C SER I 349 33.96 36.86 19.26
N ASP I 350 33.24 37.85 18.73
CA ASP I 350 33.33 39.22 19.20
C ASP I 350 32.36 39.54 20.33
N TYR I 351 31.55 38.58 20.76
CA TYR I 351 30.52 38.82 21.77
C TYR I 351 30.61 37.79 22.88
N LYS I 352 30.28 38.23 24.08
CA LYS I 352 30.10 37.37 25.24
C LYS I 352 28.64 37.45 25.68
N GLU I 353 28.00 36.30 25.79
CA GLU I 353 26.58 36.22 26.15
C GLU I 353 26.44 35.75 27.58
N TYR I 354 25.59 36.42 28.35
CA TYR I 354 25.42 36.17 29.77
C TYR I 354 23.96 35.87 30.09
N MET I 355 23.73 35.43 31.34
CA MET I 355 22.40 35.12 31.84
C MET I 355 22.16 35.88 33.13
N ARG I 356 20.99 36.50 33.26
CA ARG I 356 20.64 37.28 34.44
C ARG I 356 19.16 37.15 34.71
N HIS I 357 18.80 36.86 35.97
CA HIS I 357 17.42 36.78 36.40
C HIS I 357 17.21 37.70 37.59
N VAL I 358 15.97 38.17 37.76
CA VAL I 358 15.65 39.18 38.77
C VAL I 358 14.37 38.82 39.51
N GLU I 359 14.25 39.35 40.73
CA GLU I 359 13.06 39.19 41.55
C GLU I 359 12.77 40.50 42.28
N GLU I 360 11.51 40.94 42.24
CA GLU I 360 11.09 42.18 42.88
C GLU I 360 9.91 41.90 43.81
N TYR I 361 10.06 42.29 45.09
CA TYR I 361 9.04 42.06 46.10
C TYR I 361 8.69 43.36 46.82
N ASP I 362 7.46 43.41 47.33
CA ASP I 362 7.01 44.52 48.18
C ASP I 362 6.07 43.92 49.21
N LEU I 363 6.57 43.72 50.43
CA LEU I 363 5.78 43.13 51.51
C LEU I 363 5.10 44.22 52.32
N GLN I 364 3.78 44.09 52.47
CA GLN I 364 2.99 44.98 53.30
C GLN I 364 2.24 44.18 54.34
N PHE I 365 2.24 44.67 55.59
CA PHE I 365 1.59 43.99 56.70
C PHE I 365 0.74 44.98 57.47
N ILE I 366 -0.25 44.45 58.17
CA ILE I 366 -1.07 45.23 59.09
C ILE I 366 -1.24 44.42 60.37
N PHE I 367 -0.76 44.95 61.48
CA PHE I 367 -0.73 44.24 62.75
C PHE I 367 -1.73 44.84 63.73
N GLN I 368 -2.26 43.96 64.60
CA GLN I 368 -3.20 44.35 65.64
C GLN I 368 -2.56 44.10 66.99
N LEU I 369 -2.53 45.13 67.83
CA LEU I 369 -1.94 45.02 69.16
C LEU I 369 -2.81 44.16 70.07
N CYS I 370 -2.18 43.28 70.83
CA CYS I 370 -2.87 42.40 71.75
C CYS I 370 -2.16 42.38 73.10
N SER I 371 -2.94 42.19 74.16
CA SER I 371 -2.41 42.08 75.52
C SER I 371 -2.79 40.73 76.10
N ILE I 372 -1.94 40.22 77.01
CA ILE I 372 -2.12 38.92 77.62
C ILE I 372 -1.97 39.08 79.13
N THR I 373 -3.07 38.87 79.87
CA THR I 373 -3.01 38.89 81.32
C THR I 373 -2.47 37.55 81.83
N LEU I 374 -1.34 37.60 82.53
CA LEU I 374 -0.62 36.38 82.93
C LEU I 374 -1.05 35.95 84.32
N SER I 375 -2.04 35.07 84.38
CA SER I 375 -2.39 34.39 85.61
C SER I 375 -1.47 33.18 85.79
N ALA I 376 -1.62 32.50 86.94
CA ALA I 376 -0.82 31.30 87.19
C ALA I 376 -1.09 30.24 86.13
N GLU I 377 -2.33 30.12 85.67
CA GLU I 377 -2.64 29.18 84.61
C GLU I 377 -2.06 29.66 83.27
N VAL I 378 -2.13 30.97 83.01
CA VAL I 378 -1.58 31.50 81.77
C VAL I 378 -0.06 31.34 81.72
N VAL I 379 0.61 31.62 82.84
CA VAL I 379 2.06 31.44 82.91
C VAL I 379 2.43 29.98 82.68
N ALA I 380 1.64 29.06 83.23
CA ALA I 380 1.91 27.63 83.05
C ALA I 380 1.75 27.22 81.59
N TYR I 381 0.63 27.57 80.98
CA TYR I 381 0.38 27.21 79.58
C TYR I 381 1.44 27.78 78.65
N ILE I 382 1.99 28.95 78.98
CA ILE I 382 2.99 29.56 78.11
C ILE I 382 4.36 28.92 78.30
N HIS I 383 4.66 28.39 79.49
CA HIS I 383 5.97 27.77 79.71
C HIS I 383 6.19 26.58 78.79
N THR I 384 5.26 25.62 78.80
CA THR I 384 5.20 24.67 77.71
C THR I 384 4.79 25.42 76.44
N MET I 385 5.16 24.85 75.30
CA MET I 385 5.25 25.50 73.98
C MET I 385 6.66 26.05 73.82
N ASN I 386 6.90 27.25 74.32
CA ASN I 386 8.25 27.80 74.34
C ASN I 386 8.40 28.68 75.58
N PRO I 387 9.35 28.36 76.47
CA PRO I 387 9.54 29.22 77.64
C PRO I 387 10.23 30.53 77.32
N SER I 388 10.94 30.63 76.19
CA SER I 388 11.56 31.89 75.80
C SER I 388 10.55 32.99 75.56
N VAL I 389 9.28 32.63 75.33
CA VAL I 389 8.22 33.64 75.30
C VAL I 389 8.14 34.36 76.64
N LEU I 390 8.27 33.62 77.74
CA LEU I 390 8.36 34.23 79.06
C LEU I 390 9.76 34.79 79.32
N GLU I 391 10.80 34.08 78.89
CA GLU I 391 12.16 34.51 79.18
C GLU I 391 12.49 35.84 78.50
N ASP I 392 12.02 36.04 77.27
CA ASP I 392 12.26 37.31 76.60
C ASP I 392 11.39 38.43 77.16
N TRP I 393 10.22 38.08 77.71
CA TRP I 393 9.38 39.05 78.39
C TRP I 393 9.94 39.47 79.76
N ASN I 394 10.95 38.77 80.26
CA ASN I 394 11.47 38.97 81.62
C ASN I 394 10.35 38.75 82.64
N PHE I 395 9.69 37.59 82.53
CA PHE I 395 8.57 37.25 83.39
C PHE I 395 8.74 35.84 83.96
N PRO I 429 22.60 32.29 70.65
CA PRO I 429 21.67 31.36 71.31
C PRO I 429 20.54 30.90 70.38
N ASP I 430 20.02 31.81 69.57
CA ASP I 430 18.96 31.51 68.61
C ASP I 430 19.35 30.30 67.75
N PRO I 431 18.61 29.19 67.82
CA PRO I 431 18.96 28.01 67.02
C PRO I 431 18.65 28.16 65.54
N TYR I 432 17.96 29.21 65.12
CA TYR I 432 17.67 29.44 63.72
C TYR I 432 18.74 30.23 62.99
N LYS I 433 19.82 30.62 63.68
CA LYS I 433 20.89 31.35 63.03
C LYS I 433 21.77 30.46 62.15
N ASN I 434 21.62 29.14 62.24
CA ASN I 434 22.24 28.25 61.27
C ASN I 434 21.47 28.19 59.97
N LEU I 435 20.18 28.49 60.01
CA LEU I 435 19.35 28.53 58.81
C LEU I 435 19.40 29.92 58.19
N SER I 436 19.07 29.98 56.91
CA SER I 436 19.22 31.20 56.11
C SER I 436 17.86 31.71 55.66
N PHE I 437 17.63 33.00 55.92
CA PHE I 437 16.40 33.71 55.59
C PHE I 437 16.74 35.03 54.93
N TRP I 438 15.72 35.65 54.32
CA TRP I 438 15.82 37.02 53.81
C TRP I 438 15.33 37.94 54.93
N GLU I 439 16.26 38.54 55.65
CA GLU I 439 15.92 39.34 56.82
C GLU I 439 15.25 40.64 56.38
N VAL I 440 14.11 40.96 56.98
CA VAL I 440 13.36 42.18 56.72
C VAL I 440 13.14 42.88 58.05
N ASN I 441 13.77 44.04 58.22
CA ASN I 441 13.72 44.79 59.48
C ASN I 441 12.57 45.79 59.40
N LEU I 442 11.45 45.48 60.06
CA LEU I 442 10.31 46.38 60.12
C LEU I 442 10.24 47.17 61.41
N LYS I 443 11.24 47.07 62.29
CA LYS I 443 11.36 48.02 63.37
C LYS I 443 11.62 49.40 62.79
N GLU I 444 11.12 50.42 63.48
CA GLU I 444 11.12 51.81 63.01
C GLU I 444 10.28 52.00 61.75
N LYS I 445 9.56 50.97 61.31
CA LYS I 445 8.70 51.04 60.15
C LYS I 445 7.22 50.96 60.50
N PHE I 446 6.87 50.66 61.75
CA PHE I 446 5.47 50.66 62.14
C PHE I 446 4.91 52.08 62.11
N SER I 447 3.70 52.21 61.58
CA SER I 447 3.03 53.51 61.53
C SER I 447 1.57 53.32 61.89
N SER I 448 1.04 54.27 62.66
CA SER I 448 -0.36 54.26 63.06
C SER I 448 -1.26 54.97 62.06
N GLU I 449 -0.67 55.66 61.08
CA GLU I 449 -1.43 56.38 60.06
C GLU I 449 -1.73 55.40 58.93
N LEU I 450 -2.78 54.58 59.13
CA LEU I 450 -3.09 53.51 58.19
C LEU I 450 -3.40 54.06 56.80
N ASP I 451 -4.19 55.13 56.72
CA ASP I 451 -4.70 55.61 55.44
C ASP I 451 -3.61 56.20 54.55
N GLN I 452 -2.38 56.30 55.03
CA GLN I 452 -1.27 56.83 54.25
C GLN I 452 -0.63 55.78 53.34
N TYR I 453 -1.16 54.57 53.32
CA TYR I 453 -0.48 53.45 52.67
C TYR I 453 -1.48 52.62 51.89
N PRO I 454 -1.04 51.93 50.82
CA PRO I 454 -1.96 51.15 49.99
C PRO I 454 -2.76 50.12 50.77
N LEU I 455 -2.06 49.20 51.44
CA LEU I 455 -2.74 48.14 52.18
C LEU I 455 -3.55 48.73 53.34
N GLY I 456 -3.03 49.80 53.96
CA GLY I 456 -3.80 50.46 55.00
C GLY I 456 -5.12 51.02 54.50
N ARG I 457 -5.09 51.65 53.32
CA ARG I 457 -6.32 52.16 52.71
C ARG I 457 -7.31 51.04 52.46
N LYS I 458 -6.84 49.92 51.92
CA LYS I 458 -7.72 48.78 51.63
C LYS I 458 -8.30 48.21 52.92
N PHE I 459 -7.52 48.20 53.99
CA PHE I 459 -7.98 47.62 55.26
C PHE I 459 -9.10 48.44 55.86
N LEU I 460 -9.06 49.76 55.70
CA LEU I 460 -10.12 50.61 56.24
C LEU I 460 -11.47 50.27 55.60
N LEU I 461 -11.50 50.18 54.27
CA LEU I 461 -12.72 49.90 53.53
C LEU I 461 -13.12 48.42 53.54
N GLN I 462 -12.47 47.59 54.36
CA GLN I 462 -12.70 46.15 54.27
C GLN I 462 -12.51 45.51 55.65
N SER I 463 -12.96 44.27 55.76
CA SER I 463 -12.84 43.47 56.98
C SER I 463 -13.64 44.08 58.12
N LYS J 15 -31.86 -44.03 -11.15
CA LYS J 15 -31.83 -45.50 -11.18
C LYS J 15 -30.47 -46.01 -10.71
N VAL J 16 -29.40 -45.52 -11.35
CA VAL J 16 -28.04 -45.78 -10.90
C VAL J 16 -27.57 -44.56 -10.12
N VAL J 17 -27.06 -44.79 -8.91
CA VAL J 17 -26.64 -43.71 -8.04
C VAL J 17 -25.16 -43.86 -7.71
N ALA J 18 -24.55 -42.75 -7.31
CA ALA J 18 -23.18 -42.76 -6.83
C ALA J 18 -23.06 -43.56 -5.54
N THR J 19 -21.89 -44.14 -5.33
CA THR J 19 -21.65 -44.89 -4.10
C THR J 19 -21.78 -44.02 -2.86
N ASP J 20 -21.72 -42.70 -3.02
CA ASP J 20 -21.91 -41.79 -1.89
C ASP J 20 -23.28 -41.95 -1.24
N ALA J 21 -24.26 -42.46 -1.97
CA ALA J 21 -25.61 -42.55 -1.43
C ALA J 21 -25.73 -43.67 -0.41
N TYR J 22 -25.05 -44.80 -0.63
CA TYR J 22 -25.23 -45.99 0.19
C TYR J 22 -23.93 -46.55 0.76
N VAL J 23 -22.81 -45.84 0.66
CA VAL J 23 -21.55 -46.29 1.22
C VAL J 23 -21.04 -45.20 2.17
N THR J 24 -21.06 -45.51 3.47
CA THR J 24 -20.66 -44.56 4.50
C THR J 24 -19.16 -44.64 4.76
N ARG J 25 -18.54 -43.48 4.89
CA ARG J 25 -17.09 -43.36 5.07
C ARG J 25 -16.72 -43.40 6.56
N THR J 26 -15.52 -43.87 6.83
CA THR J 26 -14.93 -43.88 8.16
C THR J 26 -13.73 -42.95 8.20
N ASN J 27 -13.05 -42.93 9.35
CA ASN J 27 -11.82 -42.18 9.52
C ASN J 27 -10.59 -43.06 9.41
N ILE J 28 -10.75 -44.34 9.07
CA ILE J 28 -9.66 -45.31 9.09
C ILE J 28 -8.98 -45.29 7.73
N PHE J 29 -7.71 -44.87 7.71
CA PHE J 29 -6.90 -44.84 6.50
C PHE J 29 -5.72 -45.79 6.64
N TYR J 30 -5.31 -46.38 5.52
CA TYR J 30 -4.24 -47.36 5.49
C TYR J 30 -3.31 -47.09 4.31
N HIS J 31 -2.05 -47.44 4.48
CA HIS J 31 -1.05 -47.37 3.42
C HIS J 31 -0.72 -48.77 2.92
N ALA J 32 -0.41 -48.86 1.63
CA ALA J 32 0.00 -50.13 1.04
C ALA J 32 0.94 -49.87 -0.13
N SER J 33 2.06 -50.57 -0.15
CA SER J 33 3.05 -50.43 -1.20
C SER J 33 3.44 -51.80 -1.74
N SER J 34 3.56 -51.90 -3.06
CA SER J 34 3.97 -53.13 -3.72
C SER J 34 5.48 -53.36 -3.64
N SER J 35 6.24 -52.37 -3.18
CA SER J 35 7.70 -52.37 -3.24
C SER J 35 8.18 -52.41 -4.69
N ARG J 36 9.47 -52.60 -4.89
CA ARG J 36 10.05 -52.54 -6.22
C ARG J 36 9.60 -53.73 -7.07
N LEU J 37 9.13 -53.44 -8.29
CA LEU J 37 8.70 -54.44 -9.24
C LEU J 37 9.60 -54.38 -10.48
N LEU J 38 10.13 -55.53 -10.88
CA LEU J 38 11.08 -55.59 -11.99
C LEU J 38 10.68 -56.65 -12.99
N ALA J 39 10.74 -56.29 -14.28
CA ALA J 39 10.62 -57.22 -15.38
C ALA J 39 11.69 -56.89 -16.40
N VAL J 40 12.45 -57.91 -16.82
CA VAL J 40 13.58 -57.73 -17.72
C VAL J 40 13.46 -58.73 -18.85
N GLY J 41 13.64 -58.26 -20.09
CA GLY J 41 13.57 -59.14 -21.24
C GLY J 41 14.00 -58.48 -22.54
N HIS J 42 13.49 -59.00 -23.66
CA HIS J 42 13.81 -58.54 -25.00
C HIS J 42 12.76 -57.53 -25.46
N PRO J 43 13.16 -56.34 -25.93
CA PRO J 43 12.17 -55.31 -26.29
C PRO J 43 11.34 -55.62 -27.52
N TYR J 44 11.70 -56.63 -28.32
CA TYR J 44 11.02 -56.87 -29.58
C TYR J 44 10.17 -58.13 -29.59
N PHE J 45 10.61 -59.20 -28.95
CA PHE J 45 9.90 -60.46 -28.98
C PHE J 45 10.37 -61.34 -27.84
N SER J 46 9.49 -62.22 -27.39
CA SER J 46 9.86 -63.21 -26.38
C SER J 46 10.74 -64.28 -27.00
N ILE J 47 11.61 -64.87 -26.19
CA ILE J 47 12.58 -65.84 -26.65
C ILE J 47 12.23 -67.19 -26.05
N LYS J 48 11.76 -68.11 -26.89
CA LYS J 48 11.42 -69.45 -26.46
C LYS J 48 12.04 -70.44 -27.44
N ARG J 49 12.84 -71.38 -26.93
CA ARG J 49 13.48 -72.39 -27.76
C ARG J 49 13.58 -73.67 -26.95
N ALA J 50 12.89 -74.72 -27.40
CA ALA J 50 12.01 -74.62 -28.56
C ALA J 50 10.55 -74.85 -28.16
N ASN J 51 10.25 -74.77 -26.86
CA ASN J 51 8.92 -75.12 -26.39
C ASN J 51 8.31 -74.04 -25.48
N LYS J 52 9.05 -73.60 -24.47
CA LYS J 52 8.54 -72.66 -23.48
C LYS J 52 9.43 -71.44 -23.42
N THR J 53 8.88 -70.34 -22.88
CA THR J 53 9.55 -69.05 -22.92
C THR J 53 10.78 -69.06 -22.02
N VAL J 54 11.90 -68.60 -22.57
CA VAL J 54 13.12 -68.43 -21.79
C VAL J 54 13.34 -66.98 -21.39
N VAL J 55 13.05 -66.05 -22.29
CA VAL J 55 13.22 -64.63 -22.05
C VAL J 55 11.91 -63.93 -22.39
N PRO J 56 11.30 -63.19 -21.47
CA PRO J 56 10.02 -62.54 -21.75
C PRO J 56 10.20 -61.30 -22.62
N LYS J 57 9.12 -60.93 -23.29
CA LYS J 57 9.08 -59.70 -24.07
C LYS J 57 8.81 -58.54 -23.10
N VAL J 58 9.79 -57.66 -22.93
CA VAL J 58 9.68 -56.51 -22.06
C VAL J 58 10.00 -55.28 -22.89
N SER J 59 8.99 -54.46 -23.17
CA SER J 59 9.13 -53.31 -24.04
C SER J 59 8.48 -52.09 -23.41
N GLY J 60 9.05 -50.92 -23.69
CA GLY J 60 8.50 -49.67 -23.22
C GLY J 60 7.15 -49.31 -23.81
N TYR J 61 6.74 -49.99 -24.89
CA TYR J 61 5.48 -49.70 -25.56
C TYR J 61 4.40 -50.70 -25.18
N GLN J 62 4.58 -51.43 -24.09
CA GLN J 62 3.59 -52.38 -23.59
C GLN J 62 2.78 -51.77 -22.46
N TYR J 63 1.51 -52.18 -22.38
CA TYR J 63 0.70 -51.83 -21.23
C TYR J 63 1.15 -52.59 -19.99
N ARG J 64 1.18 -51.90 -18.87
CA ARG J 64 1.43 -52.52 -17.57
C ARG J 64 0.12 -52.41 -16.79
N VAL J 65 -0.58 -53.54 -16.69
CA VAL J 65 -1.91 -53.59 -16.09
C VAL J 65 -1.78 -54.37 -14.79
N PHE J 66 -1.84 -53.68 -13.66
CA PHE J 66 -1.69 -54.29 -12.36
C PHE J 66 -3.04 -54.68 -11.79
N LYS J 67 -3.16 -55.95 -11.39
CA LYS J 67 -4.33 -56.42 -10.65
C LYS J 67 -3.96 -56.40 -9.18
N VAL J 68 -4.37 -55.35 -8.49
CA VAL J 68 -4.02 -55.14 -7.09
C VAL J 68 -5.05 -55.88 -6.25
N VAL J 69 -4.62 -56.93 -5.56
CA VAL J 69 -5.50 -57.74 -4.73
C VAL J 69 -5.45 -57.22 -3.30
N LEU J 70 -6.63 -56.90 -2.75
CA LEU J 70 -6.75 -56.37 -1.41
C LEU J 70 -7.28 -57.43 -0.44
N PRO J 71 -6.91 -57.36 0.83
CA PRO J 71 -7.50 -58.27 1.82
C PRO J 71 -8.96 -57.95 2.06
N ASP J 72 -9.74 -58.99 2.32
CA ASP J 72 -11.15 -58.80 2.64
C ASP J 72 -11.29 -58.03 3.94
N PRO J 73 -11.82 -56.81 3.93
CA PRO J 73 -11.97 -56.08 5.20
C PRO J 73 -12.97 -56.71 6.15
N ASN J 74 -13.89 -57.52 5.62
CA ASN J 74 -14.81 -58.27 6.47
C ASN J 74 -14.13 -59.45 7.15
N LYS J 75 -12.98 -59.88 6.63
CA LYS J 75 -12.16 -60.91 7.26
C LYS J 75 -10.84 -60.34 7.76
N PHE J 76 -10.71 -59.02 7.84
CA PHE J 76 -9.49 -58.37 8.26
C PHE J 76 -9.40 -58.31 9.79
N ALA J 77 -8.17 -58.41 10.29
CA ALA J 77 -7.91 -58.35 11.73
C ALA J 77 -7.84 -56.88 12.18
N LEU J 78 -8.99 -56.23 12.11
CA LEU J 78 -9.09 -54.85 12.56
C LEU J 78 -8.93 -54.79 14.08
N PRO J 79 -8.45 -53.66 14.61
CA PRO J 79 -8.25 -53.59 16.08
C PRO J 79 -9.52 -53.76 16.88
N ASP J 80 -10.62 -53.14 16.45
CA ASP J 80 -11.90 -53.23 17.13
C ASP J 80 -12.98 -53.64 16.15
N SER J 81 -13.77 -54.66 16.53
CA SER J 81 -14.93 -55.04 15.75
C SER J 81 -16.14 -54.15 16.05
N SER J 82 -15.96 -53.11 16.86
CA SER J 82 -17.04 -52.19 17.20
C SER J 82 -17.42 -51.26 16.05
N LEU J 83 -16.61 -51.22 14.99
CA LEU J 83 -16.91 -50.33 13.87
C LEU J 83 -18.23 -50.70 13.21
N PHE J 84 -18.47 -51.98 12.98
CA PHE J 84 -19.60 -52.44 12.20
C PHE J 84 -20.27 -53.63 12.85
N ASP J 85 -21.57 -53.76 12.61
CA ASP J 85 -22.31 -54.97 12.96
C ASP J 85 -22.21 -55.96 11.81
N PRO J 86 -21.64 -57.14 12.01
CA PRO J 86 -21.52 -58.10 10.89
C PRO J 86 -22.84 -58.41 10.21
N THR J 87 -23.93 -58.44 10.97
CA THR J 87 -25.26 -58.58 10.38
C THR J 87 -25.76 -57.22 9.92
N THR J 88 -26.07 -57.12 8.62
CA THR J 88 -26.63 -55.97 7.89
C THR J 88 -25.56 -54.97 7.47
N GLN J 89 -24.30 -55.14 7.88
CA GLN J 89 -23.23 -54.24 7.45
C GLN J 89 -22.05 -55.05 6.91
N ARG J 90 -21.46 -54.53 5.84
CA ARG J 90 -20.28 -55.12 5.22
C ARG J 90 -19.25 -54.03 4.98
N LEU J 91 -17.98 -54.42 4.90
CA LEU J 91 -16.88 -53.48 4.76
C LEU J 91 -16.27 -53.55 3.36
N VAL J 92 -15.69 -52.43 2.93
CA VAL J 92 -15.03 -52.36 1.63
C VAL J 92 -14.03 -51.21 1.68
N TRP J 93 -12.93 -51.37 0.95
CA TRP J 93 -11.89 -50.35 0.88
C TRP J 93 -12.22 -49.32 -0.19
N ALA J 94 -11.88 -48.06 0.10
CA ALA J 94 -12.03 -46.97 -0.86
C ALA J 94 -10.66 -46.35 -1.11
N CYS J 95 -10.32 -46.15 -2.39
CA CYS J 95 -9.03 -45.59 -2.75
C CYS J 95 -9.09 -44.06 -2.69
N THR J 96 -8.18 -43.46 -1.93
CA THR J 96 -8.10 -42.01 -1.80
C THR J 96 -6.74 -41.44 -2.18
N GLY J 97 -5.71 -42.26 -2.32
CA GLY J 97 -4.38 -41.77 -2.64
C GLY J 97 -3.59 -42.76 -3.47
N LEU J 98 -2.77 -42.25 -4.38
CA LEU J 98 -2.07 -43.09 -5.34
C LEU J 98 -0.83 -42.38 -5.83
N GLU J 99 0.28 -43.12 -5.92
CA GLU J 99 1.50 -42.62 -6.55
C GLU J 99 2.13 -43.75 -7.35
N VAL J 100 2.18 -43.60 -8.66
CA VAL J 100 2.78 -44.58 -9.55
C VAL J 100 4.26 -44.22 -9.74
N GLY J 101 5.14 -45.00 -9.11
CA GLY J 101 6.56 -44.72 -9.15
C GLY J 101 7.25 -45.36 -10.35
N ARG J 102 8.03 -44.57 -11.07
CA ARG J 102 8.84 -45.03 -12.18
C ARG J 102 10.30 -44.87 -11.80
N GLY J 103 11.10 -45.91 -12.00
CA GLY J 103 12.43 -45.95 -11.43
C GLY J 103 13.60 -46.12 -12.38
N GLN J 104 13.48 -45.67 -13.61
CA GLN J 104 14.55 -45.78 -14.58
C GLN J 104 14.88 -44.41 -15.16
N PRO J 105 16.07 -44.24 -15.72
CA PRO J 105 16.40 -42.94 -16.34
C PRO J 105 15.54 -42.67 -17.56
N LEU J 106 15.23 -41.40 -17.77
CA LEU J 106 14.50 -41.00 -18.96
C LEU J 106 15.33 -41.29 -20.20
N GLY J 107 14.66 -41.75 -21.26
CA GLY J 107 15.35 -42.09 -22.49
C GLY J 107 14.37 -42.69 -23.47
N VAL J 108 14.83 -42.81 -24.72
CA VAL J 108 14.01 -43.31 -25.82
C VAL J 108 14.70 -44.52 -26.43
N GLY J 109 13.93 -45.59 -26.61
CA GLY J 109 14.39 -46.74 -27.38
C GLY J 109 13.70 -46.78 -28.72
N VAL J 110 14.24 -47.54 -29.67
CA VAL J 110 13.67 -47.62 -31.01
C VAL J 110 13.38 -49.06 -31.36
N SER J 111 12.51 -49.22 -32.37
CA SER J 111 12.19 -50.52 -32.94
C SER J 111 12.38 -50.42 -34.45
N GLY J 112 12.58 -51.58 -35.07
CA GLY J 112 12.82 -51.61 -36.49
C GLY J 112 12.47 -52.95 -37.10
N HIS J 113 12.87 -53.13 -38.34
CA HIS J 113 12.58 -54.36 -39.08
C HIS J 113 13.66 -54.61 -40.11
N PRO J 114 14.38 -55.74 -40.03
CA PRO J 114 15.40 -56.04 -41.05
C PRO J 114 14.86 -56.15 -42.45
N PHE J 115 13.57 -56.40 -42.62
CA PHE J 115 12.92 -56.45 -43.93
C PHE J 115 11.65 -55.60 -43.91
N LEU J 116 11.82 -54.30 -43.65
CA LEU J 116 10.71 -53.37 -43.74
C LEU J 116 10.33 -53.14 -45.19
N ASN J 117 9.02 -53.15 -45.48
CA ASN J 117 8.53 -52.93 -46.84
C ASN J 117 8.62 -51.45 -47.16
N LYS J 118 9.86 -50.98 -47.29
CA LYS J 118 10.17 -49.62 -47.71
C LYS J 118 10.73 -49.64 -49.12
N TYR J 119 10.30 -48.68 -49.94
CA TYR J 119 10.77 -48.62 -51.32
C TYR J 119 11.60 -47.36 -51.57
N ASP J 120 10.94 -46.22 -51.77
CA ASP J 120 11.60 -44.97 -52.06
C ASP J 120 11.46 -43.98 -50.91
N ASP J 121 12.44 -43.09 -50.80
CA ASP J 121 12.31 -41.91 -49.97
C ASP J 121 11.45 -40.90 -50.76
N VAL J 122 10.22 -40.67 -50.30
CA VAL J 122 9.25 -39.96 -51.12
C VAL J 122 9.40 -38.46 -51.00
N GLU J 123 10.31 -37.97 -50.15
CA GLU J 123 10.43 -36.55 -49.92
C GLU J 123 10.96 -35.80 -51.14
N ASN J 124 11.82 -36.42 -51.95
CA ASN J 124 12.44 -35.69 -53.05
C ASN J 124 13.04 -36.64 -54.09
N SER J 125 12.34 -37.71 -54.46
CA SER J 125 12.92 -38.59 -55.47
C SER J 125 11.81 -39.38 -56.16
N GLY J 126 11.95 -39.52 -57.47
CA GLY J 126 11.03 -40.31 -58.25
C GLY J 126 11.57 -40.51 -59.65
N SER J 127 11.02 -41.53 -60.32
CA SER J 127 11.01 -41.59 -61.78
C SER J 127 12.40 -41.72 -62.37
N GLY J 128 12.79 -42.92 -62.79
CA GLY J 128 11.90 -44.05 -62.74
C GLY J 128 12.37 -45.24 -61.92
N GLY J 129 11.38 -45.88 -61.30
CA GLY J 129 11.35 -47.29 -60.96
C GLY J 129 12.15 -48.25 -61.82
N ASN J 130 11.92 -49.55 -61.61
CA ASN J 130 10.65 -50.00 -61.05
C ASN J 130 10.87 -51.10 -59.99
N PRO J 131 9.86 -51.34 -59.14
CA PRO J 131 10.02 -52.38 -58.11
C PRO J 131 10.26 -53.74 -58.74
N GLY J 132 11.10 -54.53 -58.08
CA GLY J 132 11.44 -55.85 -58.57
C GLY J 132 10.68 -56.93 -57.83
N GLN J 133 11.39 -57.95 -57.35
CA GLN J 133 10.77 -59.04 -56.60
C GLN J 133 10.92 -58.86 -55.09
N ASP J 134 12.07 -58.39 -54.63
CA ASP J 134 12.30 -58.12 -53.22
C ASP J 134 13.06 -56.82 -53.08
N ASN J 135 12.47 -55.84 -52.38
CA ASN J 135 13.09 -54.54 -52.17
C ASN J 135 13.05 -54.12 -50.70
N ARG J 136 12.81 -55.06 -49.79
CA ARG J 136 12.68 -54.73 -48.38
C ARG J 136 14.01 -54.25 -47.81
N VAL J 137 13.94 -53.27 -46.91
CA VAL J 137 15.09 -52.58 -46.39
C VAL J 137 15.18 -52.81 -44.88
N ASN J 138 16.39 -52.64 -44.33
CA ASN J 138 16.64 -52.74 -42.90
C ASN J 138 16.58 -51.34 -42.31
N VAL J 139 15.44 -50.97 -41.74
CA VAL J 139 15.17 -49.61 -41.28
C VAL J 139 14.62 -49.68 -39.86
N GLY J 140 15.05 -48.72 -39.02
CA GLY J 140 14.53 -48.60 -37.68
C GLY J 140 14.07 -47.19 -37.41
N MET J 141 13.25 -47.05 -36.37
CA MET J 141 12.58 -45.78 -36.10
C MET J 141 12.20 -45.72 -34.63
N ASP J 142 11.98 -44.49 -34.15
CA ASP J 142 11.51 -44.23 -32.80
C ASP J 142 10.01 -43.97 -32.84
N TYR J 143 9.29 -44.56 -31.89
CA TYR J 143 7.84 -44.52 -31.93
C TYR J 143 7.28 -43.23 -31.33
N LYS J 144 5.96 -43.08 -31.46
CA LYS J 144 5.23 -42.02 -30.80
C LYS J 144 5.33 -42.14 -29.28
N GLN J 145 5.45 -41.00 -28.61
CA GLN J 145 5.57 -40.96 -27.15
C GLN J 145 4.17 -40.99 -26.54
N THR J 146 3.99 -41.81 -25.51
CA THR J 146 2.69 -41.99 -24.87
C THR J 146 2.86 -42.19 -23.37
N GLN J 147 2.11 -41.43 -22.58
CA GLN J 147 1.99 -41.64 -21.14
C GLN J 147 0.52 -41.70 -20.77
N LEU J 148 0.16 -42.67 -19.92
CA LEU J 148 -1.21 -42.75 -19.43
C LEU J 148 -1.26 -43.65 -18.21
N CYS J 149 -2.25 -43.40 -17.36
CA CYS J 149 -2.50 -44.23 -16.18
C CYS J 149 -4.00 -44.21 -15.87
N MET J 150 -4.54 -45.36 -15.47
CA MET J 150 -5.95 -45.50 -15.13
C MET J 150 -6.11 -46.27 -13.83
N VAL J 151 -7.21 -45.99 -13.15
CA VAL J 151 -7.58 -46.70 -11.92
C VAL J 151 -9.04 -47.12 -11.99
N GLY J 152 -9.30 -48.35 -11.60
CA GLY J 152 -10.67 -48.83 -11.46
C GLY J 152 -10.67 -50.16 -10.73
N CYS J 153 -11.88 -50.63 -10.43
CA CYS J 153 -12.07 -51.94 -9.83
C CYS J 153 -12.42 -52.99 -10.87
N ALA J 154 -12.46 -52.63 -12.15
CA ALA J 154 -12.69 -53.52 -13.27
C ALA J 154 -11.67 -53.19 -14.36
N PRO J 155 -11.26 -54.19 -15.14
CA PRO J 155 -10.17 -53.95 -16.10
C PRO J 155 -10.61 -52.98 -17.18
N PRO J 156 -9.68 -52.20 -17.73
CA PRO J 156 -10.06 -51.19 -18.73
C PRO J 156 -10.32 -51.81 -20.09
N LEU J 157 -11.00 -51.03 -20.93
CA LEU J 157 -11.30 -51.42 -22.30
C LEU J 157 -10.38 -50.72 -23.28
N GLY J 158 -9.88 -51.48 -24.25
CA GLY J 158 -9.14 -50.92 -25.36
C GLY J 158 -9.94 -51.00 -26.64
N GLU J 159 -9.55 -50.21 -27.65
CA GLU J 159 -10.18 -50.27 -28.96
C GLU J 159 -9.10 -50.48 -30.01
N HIS J 160 -9.46 -51.21 -31.06
CA HIS J 160 -8.54 -51.44 -32.16
C HIS J 160 -9.35 -51.87 -33.38
N TRP J 161 -8.73 -51.71 -34.55
CA TRP J 161 -9.35 -52.14 -35.79
C TRP J 161 -8.86 -53.54 -36.15
N GLY J 162 -9.81 -54.44 -36.45
CA GLY J 162 -9.47 -55.78 -36.87
C GLY J 162 -10.22 -56.14 -38.14
N LYS J 163 -9.88 -57.30 -38.67
CA LYS J 163 -10.53 -57.81 -39.87
C LYS J 163 -11.91 -58.32 -39.50
N GLY J 164 -12.92 -57.49 -39.72
CA GLY J 164 -14.29 -57.94 -39.53
C GLY J 164 -14.72 -58.87 -40.66
N LYS J 165 -15.66 -59.76 -40.34
CA LYS J 165 -16.18 -60.64 -41.36
C LYS J 165 -16.87 -59.84 -42.45
N GLN J 166 -16.75 -60.31 -43.69
CA GLN J 166 -17.34 -59.64 -44.84
C GLN J 166 -18.85 -59.84 -44.86
N CYS J 167 -19.41 -60.29 -43.74
CA CYS J 167 -20.76 -60.82 -43.64
C CYS J 167 -20.86 -62.08 -44.49
N THR J 168 -21.53 -63.12 -44.01
CA THR J 168 -21.55 -64.39 -44.73
C THR J 168 -22.23 -64.20 -46.09
N ASN J 169 -21.62 -63.37 -46.94
CA ASN J 169 -22.15 -63.00 -48.25
C ASN J 169 -21.58 -63.97 -49.28
N THR J 170 -20.96 -63.44 -50.33
CA THR J 170 -20.25 -64.27 -51.29
C THR J 170 -18.79 -63.85 -51.36
N PRO J 171 -17.87 -64.79 -51.46
CA PRO J 171 -16.45 -64.42 -51.62
C PRO J 171 -16.22 -63.71 -52.94
N VAL J 172 -16.64 -62.45 -53.03
CA VAL J 172 -16.46 -61.69 -54.26
C VAL J 172 -14.97 -61.51 -54.53
N GLN J 173 -14.66 -61.20 -55.80
CA GLN J 173 -13.35 -60.81 -56.32
C GLN J 173 -12.20 -61.10 -55.37
N ALA J 174 -11.62 -62.29 -55.48
CA ALA J 174 -10.69 -62.77 -54.46
C ALA J 174 -9.38 -62.00 -54.47
N GLY J 175 -8.82 -61.78 -53.28
CA GLY J 175 -7.58 -61.07 -53.13
C GLY J 175 -7.72 -59.59 -52.89
N ASP J 176 -8.89 -59.12 -52.47
CA ASP J 176 -9.16 -57.68 -52.39
C ASP J 176 -8.81 -57.15 -51.00
N CYS J 177 -9.30 -55.94 -50.72
CA CYS J 177 -9.06 -55.30 -49.44
C CYS J 177 -9.91 -55.98 -48.36
N PRO J 178 -9.38 -56.13 -47.14
CA PRO J 178 -10.16 -56.75 -46.07
C PRO J 178 -11.16 -55.75 -45.48
N PRO J 179 -12.34 -56.23 -45.09
CA PRO J 179 -13.30 -55.34 -44.40
C PRO J 179 -12.80 -54.98 -43.01
N LEU J 180 -13.06 -53.73 -42.62
CA LEU J 180 -12.59 -53.20 -41.36
C LEU J 180 -13.70 -53.20 -40.32
N GLU J 181 -13.35 -53.53 -39.08
CA GLU J 181 -14.29 -53.56 -37.97
C GLU J 181 -13.59 -53.07 -36.71
N LEU J 182 -14.30 -52.26 -35.93
CA LEU J 182 -13.77 -51.71 -34.69
C LEU J 182 -14.13 -52.64 -33.54
N ILE J 183 -13.14 -53.32 -32.98
CA ILE J 183 -13.33 -54.27 -31.89
C ILE J 183 -12.96 -53.59 -30.57
N THR J 184 -13.80 -53.76 -29.56
CA THR J 184 -13.46 -53.38 -28.20
C THR J 184 -13.11 -54.64 -27.42
N SER J 185 -12.11 -54.53 -26.54
CA SER J 185 -11.61 -55.69 -25.83
C SER J 185 -10.99 -55.25 -24.51
N VAL J 186 -10.64 -56.24 -23.69
CA VAL J 186 -10.00 -55.98 -22.41
C VAL J 186 -8.50 -55.81 -22.62
N ILE J 187 -7.93 -54.77 -22.02
CA ILE J 187 -6.50 -54.53 -22.11
C ILE J 187 -5.78 -55.46 -21.14
N GLN J 188 -4.92 -56.32 -21.67
CA GLN J 188 -4.15 -57.26 -20.87
C GLN J 188 -2.73 -56.73 -20.66
N ASP J 189 -2.11 -57.22 -19.58
CA ASP J 189 -0.71 -56.88 -19.34
C ASP J 189 0.17 -57.46 -20.43
N GLY J 190 0.98 -56.61 -21.05
CA GLY J 190 1.81 -57.00 -22.16
C GLY J 190 1.29 -56.58 -23.52
N ASP J 191 0.03 -56.15 -23.61
CA ASP J 191 -0.51 -55.66 -24.86
C ASP J 191 0.26 -54.42 -25.32
N MET J 192 0.32 -54.22 -26.63
CA MET J 192 1.08 -53.14 -27.22
C MET J 192 0.23 -51.87 -27.29
N VAL J 193 0.88 -50.73 -27.07
CA VAL J 193 0.24 -49.44 -27.21
C VAL J 193 0.36 -48.99 -28.66
N ASP J 194 -0.45 -48.00 -29.04
CA ASP J 194 -0.34 -47.44 -30.37
C ASP J 194 1.03 -46.78 -30.55
N THR J 195 1.60 -46.91 -31.74
CA THR J 195 2.97 -46.51 -31.99
C THR J 195 3.10 -45.44 -33.07
N GLY J 196 1.99 -44.99 -33.65
CA GLY J 196 2.02 -44.06 -34.76
C GLY J 196 1.47 -44.62 -36.05
N PHE J 197 1.16 -45.90 -36.09
CA PHE J 197 0.58 -46.54 -37.26
C PHE J 197 -0.90 -46.87 -37.08
N GLY J 198 -1.49 -46.46 -35.97
CA GLY J 198 -2.89 -46.70 -35.70
C GLY J 198 -3.09 -47.84 -34.71
N ALA J 199 -4.34 -47.93 -34.24
CA ALA J 199 -4.76 -49.00 -33.32
C ALA J 199 -5.44 -50.07 -34.16
N MET J 200 -4.66 -51.03 -34.64
CA MET J 200 -5.16 -52.05 -35.55
C MET J 200 -4.51 -53.39 -35.25
N ASN J 201 -5.03 -54.43 -35.88
CA ASN J 201 -4.57 -55.81 -35.71
C ASN J 201 -3.60 -56.12 -36.85
N PHE J 202 -2.31 -55.87 -36.61
CA PHE J 202 -1.31 -56.07 -37.65
C PHE J 202 -1.14 -57.53 -38.03
N ALA J 203 -1.50 -58.46 -37.13
CA ALA J 203 -1.41 -59.88 -37.46
C ALA J 203 -2.37 -60.25 -38.58
N ASP J 204 -3.51 -59.57 -38.67
CA ASP J 204 -4.53 -59.86 -39.67
C ASP J 204 -4.53 -58.88 -40.83
N LEU J 205 -4.36 -57.59 -40.55
CA LEU J 205 -4.50 -56.56 -41.58
C LEU J 205 -3.22 -56.29 -42.35
N GLN J 206 -2.06 -56.72 -41.84
CA GLN J 206 -0.79 -56.61 -42.54
C GLN J 206 -0.17 -58.00 -42.59
N THR J 207 -0.54 -58.77 -43.61
CA THR J 207 -0.19 -60.19 -43.67
C THR J 207 1.25 -60.44 -44.09
N ASN J 208 1.92 -59.47 -44.72
CA ASN J 208 3.26 -59.70 -45.23
C ASN J 208 4.34 -59.63 -44.16
N LYS J 209 3.97 -59.32 -42.91
CA LYS J 209 4.89 -59.26 -41.78
C LYS J 209 6.02 -58.25 -41.96
N SER J 210 5.94 -57.41 -43.00
CA SER J 210 7.05 -56.54 -43.36
C SER J 210 6.64 -55.07 -43.50
N ASP J 211 5.44 -54.70 -43.04
CA ASP J 211 4.99 -53.32 -43.18
C ASP J 211 5.27 -52.48 -41.94
N VAL J 212 5.35 -53.10 -40.77
CA VAL J 212 5.67 -52.40 -39.53
C VAL J 212 6.77 -53.16 -38.82
N PRO J 213 7.50 -52.51 -37.91
CA PRO J 213 8.60 -53.19 -37.21
C PRO J 213 8.15 -54.46 -36.50
N ILE J 214 9.13 -55.32 -36.20
CA ILE J 214 8.84 -56.69 -35.79
C ILE J 214 8.12 -56.78 -34.45
N ASP J 215 8.22 -55.75 -33.61
CA ASP J 215 7.59 -55.83 -32.30
C ASP J 215 6.09 -55.54 -32.34
N ILE J 216 5.53 -55.23 -33.51
CA ILE J 216 4.10 -55.00 -33.64
C ILE J 216 3.57 -55.69 -34.89
N CYS J 217 4.48 -56.18 -35.74
CA CYS J 217 4.06 -56.76 -37.01
C CYS J 217 3.24 -58.04 -36.84
N GLY J 218 3.41 -58.76 -35.73
CA GLY J 218 2.62 -59.94 -35.49
C GLY J 218 1.81 -59.86 -34.22
N THR J 219 1.51 -58.65 -33.77
CA THR J 219 0.75 -58.40 -32.56
C THR J 219 -0.34 -57.37 -32.84
N THR J 220 -1.10 -57.03 -31.82
CA THR J 220 -2.19 -56.07 -31.92
C THR J 220 -1.90 -54.87 -31.03
N CYS J 221 -1.95 -53.67 -31.61
CA CYS J 221 -1.80 -52.43 -30.87
C CYS J 221 -3.18 -51.90 -30.50
N LYS J 222 -3.43 -51.75 -29.20
CA LYS J 222 -4.71 -51.30 -28.69
C LYS J 222 -4.62 -49.87 -28.17
N TYR J 223 -5.67 -49.10 -28.41
CA TYR J 223 -5.83 -47.78 -27.82
C TYR J 223 -7.01 -47.80 -26.87
N PRO J 224 -6.91 -47.11 -25.72
CA PRO J 224 -8.01 -47.13 -24.75
C PRO J 224 -9.27 -46.49 -25.30
N ASP J 225 -10.40 -47.17 -25.14
CA ASP J 225 -11.70 -46.65 -25.54
C ASP J 225 -12.22 -45.77 -24.40
N TYR J 226 -11.66 -44.57 -24.31
CA TYR J 226 -12.05 -43.63 -23.25
C TYR J 226 -13.53 -43.29 -23.33
N LEU J 227 -14.06 -43.12 -24.55
CA LEU J 227 -15.44 -42.70 -24.70
C LEU J 227 -16.41 -43.75 -24.16
N GLN J 228 -16.07 -45.03 -24.31
CA GLN J 228 -16.96 -46.09 -23.84
C GLN J 228 -16.90 -46.23 -22.33
N MET J 229 -15.68 -46.32 -21.77
CA MET J 229 -15.53 -46.51 -20.33
C MET J 229 -16.20 -45.38 -19.54
N ALA J 230 -16.16 -44.16 -20.07
CA ALA J 230 -16.83 -43.04 -19.42
C ALA J 230 -18.33 -43.07 -19.66
N ALA J 231 -18.77 -43.60 -20.79
CA ALA J 231 -20.18 -43.73 -21.08
C ALA J 231 -20.76 -45.00 -20.46
N ASP J 232 -19.96 -45.76 -19.72
CA ASP J 232 -20.46 -46.93 -19.01
C ASP J 232 -21.16 -46.48 -17.73
N PRO J 233 -22.26 -47.14 -17.34
CA PRO J 233 -23.06 -46.66 -16.20
C PRO J 233 -22.31 -46.60 -14.87
N TYR J 234 -21.85 -47.76 -14.38
CA TYR J 234 -21.26 -47.86 -13.06
C TYR J 234 -19.89 -47.20 -12.97
N GLY J 235 -19.18 -47.09 -14.09
CA GLY J 235 -17.87 -46.46 -14.09
C GLY J 235 -16.84 -47.22 -13.29
N ASP J 236 -16.89 -48.56 -13.33
CA ASP J 236 -15.94 -49.36 -12.58
C ASP J 236 -14.57 -49.40 -13.24
N ARG J 237 -14.48 -49.00 -14.50
CA ARG J 237 -13.22 -49.01 -15.24
C ARG J 237 -12.46 -47.71 -15.12
N LEU J 238 -13.16 -46.58 -15.00
CA LEU J 238 -12.54 -45.26 -14.94
C LEU J 238 -12.88 -44.58 -13.62
N PHE J 239 -11.98 -44.69 -12.64
CA PHE J 239 -12.01 -43.74 -11.53
C PHE J 239 -11.50 -42.38 -11.99
N PHE J 240 -10.38 -42.37 -12.71
CA PHE J 240 -9.83 -41.20 -13.35
C PHE J 240 -8.77 -41.70 -14.34
N PHE J 241 -8.27 -40.79 -15.16
CA PHE J 241 -7.21 -41.17 -16.08
C PHE J 241 -6.43 -39.92 -16.48
N LEU J 242 -5.20 -40.15 -16.94
CA LEU J 242 -4.32 -39.08 -17.42
C LEU J 242 -3.68 -39.57 -18.72
N ARG J 243 -3.34 -38.63 -19.59
CA ARG J 243 -2.79 -39.00 -20.89
C ARG J 243 -1.89 -37.89 -21.42
N LYS J 244 -0.84 -38.31 -22.12
CA LYS J 244 0.03 -37.39 -22.85
C LYS J 244 0.58 -38.13 -24.07
N GLU J 245 0.11 -37.76 -25.25
CA GLU J 245 0.60 -38.32 -26.50
C GLU J 245 1.26 -37.22 -27.33
N GLN J 246 2.27 -37.59 -28.10
CA GLN J 246 2.87 -36.66 -29.05
C GLN J 246 3.69 -37.42 -30.07
N MET J 247 3.62 -36.96 -31.32
CA MET J 247 4.41 -37.53 -32.41
C MET J 247 4.40 -36.54 -33.57
N PHE J 248 5.37 -36.72 -34.47
CA PHE J 248 5.40 -35.99 -35.73
C PHE J 248 5.90 -36.91 -36.82
N ALA J 249 5.72 -36.48 -38.07
CA ALA J 249 6.14 -37.27 -39.22
C ALA J 249 7.61 -36.98 -39.49
N ARG J 250 8.46 -38.00 -39.30
CA ARG J 250 9.90 -37.84 -39.44
C ARG J 250 10.38 -38.04 -40.88
N HIS J 251 9.89 -39.08 -41.56
CA HIS J 251 10.27 -39.35 -42.94
C HIS J 251 9.04 -39.76 -43.73
N PHE J 252 9.19 -39.77 -45.05
CA PHE J 252 8.11 -40.11 -45.97
C PHE J 252 8.61 -41.16 -46.94
N PHE J 253 7.96 -42.33 -46.96
CA PHE J 253 8.31 -43.41 -47.85
C PHE J 253 7.05 -43.85 -48.60
N ASN J 254 7.22 -44.83 -49.49
CA ASN J 254 6.10 -45.49 -50.13
C ASN J 254 6.33 -47.00 -50.11
N ARG J 255 5.26 -47.75 -50.36
CA ARG J 255 5.29 -49.20 -50.24
C ARG J 255 5.66 -49.84 -51.58
N ALA J 256 6.26 -51.02 -51.49
CA ALA J 256 6.46 -51.88 -52.65
C ALA J 256 5.32 -52.87 -52.76
N GLY J 257 5.05 -53.30 -53.98
CA GLY J 257 3.95 -54.21 -54.26
C GLY J 257 2.85 -53.53 -55.07
N GLU J 258 1.88 -54.34 -55.47
CA GLU J 258 0.78 -53.86 -56.30
C GLU J 258 -0.09 -52.87 -55.53
N VAL J 259 -0.39 -51.74 -56.16
CA VAL J 259 -1.31 -50.77 -55.57
C VAL J 259 -2.72 -51.35 -55.65
N GLY J 260 -3.31 -51.64 -54.49
CA GLY J 260 -4.60 -52.30 -54.46
C GLY J 260 -5.72 -51.46 -55.04
N GLU J 261 -5.61 -50.14 -54.93
CA GLU J 261 -6.65 -49.22 -55.40
C GLU J 261 -5.98 -48.10 -56.18
N PRO J 262 -6.03 -48.12 -57.51
CA PRO J 262 -5.26 -47.17 -58.31
C PRO J 262 -5.90 -45.79 -58.35
N VAL J 263 -5.06 -44.80 -58.65
CA VAL J 263 -5.52 -43.41 -58.73
C VAL J 263 -6.37 -43.25 -59.99
N PRO J 264 -7.59 -42.72 -59.88
CA PRO J 264 -8.42 -42.54 -61.08
C PRO J 264 -7.81 -41.54 -62.05
N ASP J 265 -8.23 -41.65 -63.31
CA ASP J 265 -7.73 -40.77 -64.35
C ASP J 265 -8.22 -39.34 -64.18
N THR J 266 -9.30 -39.13 -63.44
CA THR J 266 -9.80 -37.78 -63.20
C THR J 266 -8.82 -36.91 -62.44
N LEU J 267 -7.84 -37.50 -61.74
CA LEU J 267 -6.92 -36.75 -60.91
C LEU J 267 -5.53 -36.62 -61.51
N ILE J 268 -5.30 -37.13 -62.72
CA ILE J 268 -4.01 -37.06 -63.38
C ILE J 268 -4.21 -36.85 -64.88
N ILE J 269 -3.17 -36.33 -65.52
CA ILE J 269 -3.06 -36.28 -66.97
C ILE J 269 -1.94 -37.24 -67.37
N LYS J 270 -2.31 -38.29 -68.11
CA LYS J 270 -1.39 -39.40 -68.36
C LYS J 270 -0.10 -38.91 -69.01
N GLY J 271 1.02 -39.44 -68.55
CA GLY J 271 2.31 -39.07 -69.09
C GLY J 271 2.81 -40.04 -70.14
N SER J 272 3.67 -39.51 -71.00
CA SER J 272 4.53 -40.34 -71.82
C SER J 272 5.96 -39.85 -71.61
N GLY J 273 6.79 -39.96 -72.64
CA GLY J 273 8.16 -39.49 -72.57
C GLY J 273 8.97 -39.98 -71.38
N ASN J 274 8.66 -41.19 -70.88
CA ASN J 274 9.33 -41.94 -69.82
C ASN J 274 8.43 -42.19 -68.61
N ARG J 275 7.37 -41.40 -68.45
CA ARG J 275 6.49 -41.50 -67.28
C ARG J 275 5.16 -42.17 -67.61
N THR J 276 5.17 -43.19 -68.45
CA THR J 276 3.95 -43.93 -68.73
C THR J 276 3.52 -44.80 -67.55
N SER J 277 4.48 -45.33 -66.79
CA SER J 277 4.18 -46.22 -65.68
C SER J 277 4.07 -45.41 -64.40
N VAL J 278 2.88 -45.44 -63.77
CA VAL J 278 2.61 -44.63 -62.59
C VAL J 278 3.34 -45.22 -61.40
N GLY J 279 4.05 -44.36 -60.66
CA GLY J 279 4.67 -44.78 -59.42
C GLY J 279 3.66 -45.08 -58.34
N SER J 280 4.06 -45.91 -57.38
CA SER J 280 3.17 -46.34 -56.32
C SER J 280 2.91 -45.21 -55.35
N SER J 281 1.63 -44.95 -55.07
CA SER J 281 1.20 -43.89 -54.16
C SER J 281 0.67 -44.47 -52.84
N ILE J 282 1.31 -45.51 -52.33
CA ILE J 282 0.96 -46.09 -51.04
C ILE J 282 2.01 -45.61 -50.06
N TYR J 283 1.72 -44.52 -49.35
CA TYR J 283 2.71 -43.84 -48.54
C TYR J 283 2.71 -44.39 -47.11
N VAL J 284 3.91 -44.42 -46.52
CA VAL J 284 4.12 -44.80 -45.13
C VAL J 284 4.71 -43.61 -44.38
N ASN J 285 4.63 -43.66 -43.05
CA ASN J 285 5.10 -42.56 -42.22
C ASN J 285 5.83 -43.10 -41.00
N THR J 286 7.10 -42.76 -40.88
CA THR J 286 7.85 -43.06 -39.68
C THR J 286 7.56 -41.99 -38.63
N PRO J 287 7.03 -42.34 -37.47
CA PRO J 287 6.78 -41.33 -36.44
C PRO J 287 8.04 -41.03 -35.64
N SER J 288 7.90 -40.04 -34.75
CA SER J 288 8.96 -39.73 -33.81
C SER J 288 8.34 -39.02 -32.61
N GLY J 289 8.69 -39.49 -31.42
CA GLY J 289 8.17 -38.92 -30.19
C GLY J 289 8.87 -37.68 -29.71
N SER J 290 9.88 -37.21 -30.43
CA SER J 290 10.61 -36.00 -30.07
C SER J 290 11.22 -36.07 -28.66
N LEU J 291 11.45 -34.92 -28.03
CA LEU J 291 12.11 -34.88 -26.74
C LEU J 291 11.29 -35.54 -25.63
N VAL J 292 12.01 -36.09 -24.65
CA VAL J 292 11.46 -36.51 -23.37
C VAL J 292 12.02 -35.58 -22.30
N SER J 293 11.18 -35.15 -21.37
CA SER J 293 11.60 -34.19 -20.36
C SER J 293 11.01 -34.56 -19.00
N SER J 294 11.70 -34.12 -17.95
CA SER J 294 11.20 -34.34 -16.60
C SER J 294 9.91 -33.56 -16.35
N GLU J 295 9.82 -32.35 -16.90
CA GLU J 295 8.63 -31.52 -16.74
C GLU J 295 7.37 -32.16 -17.32
N ALA J 296 7.52 -33.10 -18.26
CA ALA J 296 6.38 -33.76 -18.89
C ALA J 296 5.95 -35.04 -18.19
N GLN J 297 6.62 -35.42 -17.11
CA GLN J 297 6.31 -36.69 -16.46
C GLN J 297 4.97 -36.63 -15.74
N LEU J 298 4.24 -37.74 -15.80
CA LEU J 298 3.00 -37.92 -15.04
C LEU J 298 3.21 -38.67 -13.73
N PHE J 299 4.33 -39.37 -13.58
CA PHE J 299 4.51 -40.31 -12.50
C PHE J 299 5.43 -39.74 -11.43
N ASN J 300 5.70 -40.54 -10.39
CA ASN J 300 6.49 -40.12 -9.24
C ASN J 300 5.88 -38.89 -8.55
N LYS J 301 4.56 -38.78 -8.60
CA LYS J 301 3.84 -37.71 -7.92
C LYS J 301 2.46 -38.24 -7.55
N PRO J 302 1.93 -37.83 -6.40
CA PRO J 302 0.68 -38.43 -5.91
C PRO J 302 -0.56 -37.85 -6.56
N TYR J 303 -1.58 -38.70 -6.68
CA TYR J 303 -2.90 -38.32 -7.13
C TYR J 303 -3.89 -38.56 -5.99
N TRP J 304 -4.71 -37.55 -5.69
CA TRP J 304 -5.72 -37.66 -4.66
C TRP J 304 -7.09 -37.82 -5.33
N LEU J 305 -7.73 -38.96 -5.09
CA LEU J 305 -9.02 -39.27 -5.70
C LEU J 305 -10.12 -38.68 -4.82
N GLN J 306 -10.31 -37.37 -4.94
CA GLN J 306 -11.33 -36.70 -4.15
C GLN J 306 -12.73 -36.97 -4.71
N LYS J 307 -12.87 -36.98 -6.03
CA LYS J 307 -14.14 -37.35 -6.67
C LYS J 307 -13.85 -38.04 -7.99
N ALA J 308 -14.46 -39.21 -8.18
CA ALA J 308 -14.24 -39.99 -9.39
C ALA J 308 -15.15 -39.51 -10.50
N GLN J 309 -14.76 -39.86 -11.74
CA GLN J 309 -15.52 -39.43 -12.91
C GLN J 309 -16.86 -40.17 -13.00
N GLY J 310 -16.85 -41.48 -12.80
CA GLY J 310 -18.05 -42.28 -12.88
C GLY J 310 -18.83 -42.29 -11.58
N HIS J 311 -19.85 -43.17 -11.55
CA HIS J 311 -20.67 -43.30 -10.34
C HIS J 311 -19.89 -43.97 -9.21
N ASN J 312 -19.01 -44.92 -9.53
CA ASN J 312 -18.18 -45.57 -8.52
C ASN J 312 -17.15 -44.56 -8.05
N ASN J 313 -17.36 -43.99 -6.86
CA ASN J 313 -16.48 -42.96 -6.33
C ASN J 313 -15.34 -43.58 -5.51
N GLY J 314 -14.59 -44.44 -6.18
CA GLY J 314 -13.38 -45.00 -5.61
C GLY J 314 -13.56 -46.24 -4.77
N ILE J 315 -14.67 -46.95 -4.90
CA ILE J 315 -14.92 -48.17 -4.14
C ILE J 315 -14.33 -49.35 -4.88
N CYS J 316 -13.48 -50.12 -4.20
CA CYS J 316 -12.83 -51.28 -4.80
C CYS J 316 -13.68 -52.52 -4.54
N TRP J 317 -14.70 -52.69 -5.39
CA TRP J 317 -15.57 -53.85 -5.28
C TRP J 317 -14.76 -55.13 -5.52
N GLY J 318 -15.06 -56.15 -4.73
CA GLY J 318 -14.33 -57.40 -4.82
C GLY J 318 -12.94 -57.37 -4.21
N ASN J 319 -12.61 -56.31 -3.48
CA ASN J 319 -11.30 -56.15 -2.85
C ASN J 319 -10.17 -56.25 -3.88
N GLN J 320 -10.37 -55.61 -5.03
CA GLN J 320 -9.36 -55.56 -6.06
C GLN J 320 -9.37 -54.19 -6.71
N LEU J 321 -8.29 -53.90 -7.44
CA LEU J 321 -8.08 -52.58 -8.01
C LEU J 321 -7.14 -52.71 -9.20
N PHE J 322 -7.46 -52.02 -10.29
CA PHE J 322 -6.72 -52.14 -11.54
C PHE J 322 -6.00 -50.83 -11.85
N VAL J 323 -4.69 -50.92 -12.06
CA VAL J 323 -3.86 -49.79 -12.47
C VAL J 323 -3.22 -50.14 -13.80
N THR J 324 -3.55 -49.36 -14.83
CA THR J 324 -3.03 -49.55 -16.18
C THR J 324 -2.06 -48.42 -16.49
N VAL J 325 -0.86 -48.76 -16.94
CA VAL J 325 0.20 -47.77 -17.13
C VAL J 325 0.84 -47.97 -18.50
N VAL J 326 1.03 -46.87 -19.23
CA VAL J 326 1.85 -46.82 -20.43
C VAL J 326 2.86 -45.69 -20.24
N ASP J 327 4.14 -46.01 -20.38
CA ASP J 327 5.21 -45.04 -20.15
C ASP J 327 6.33 -45.28 -21.16
N THR J 328 6.34 -44.51 -22.23
CA THR J 328 7.37 -44.60 -23.26
C THR J 328 8.53 -43.65 -23.03
N THR J 329 8.52 -42.89 -21.94
CA THR J 329 9.62 -41.95 -21.66
C THR J 329 10.80 -42.62 -20.97
N ARG J 330 10.73 -43.93 -20.72
CA ARG J 330 11.82 -44.71 -20.16
C ARG J 330 12.01 -45.98 -20.97
N SER J 331 11.97 -45.86 -22.29
CA SER J 331 12.03 -46.99 -23.21
C SER J 331 13.45 -47.32 -23.67
N THR J 332 14.46 -46.80 -22.98
CA THR J 332 15.85 -47.06 -23.35
C THR J 332 16.14 -48.56 -23.40
N ASN J 333 16.70 -49.01 -24.53
CA ASN J 333 17.07 -50.40 -24.73
C ASN J 333 18.57 -50.55 -24.54
N MET J 334 18.97 -51.38 -23.58
CA MET J 334 20.38 -51.60 -23.30
C MET J 334 20.97 -52.60 -24.29
N THR J 335 22.19 -52.31 -24.74
CA THR J 335 22.93 -53.19 -25.64
C THR J 335 23.91 -54.01 -24.82
N LEU J 336 23.80 -55.33 -24.92
CA LEU J 336 24.70 -56.25 -24.23
C LEU J 336 25.62 -56.92 -25.24
N CYS J 337 26.87 -57.10 -24.87
CA CYS J 337 27.89 -57.64 -25.76
C CYS J 337 28.75 -58.65 -25.02
N ALA J 338 28.75 -59.88 -25.52
CA ALA J 338 29.54 -60.96 -24.94
C ALA J 338 30.65 -61.38 -25.92
N SER J 339 31.79 -61.76 -25.36
CA SER J 339 32.94 -62.15 -26.16
C SER J 339 32.94 -63.66 -26.36
N VAL J 340 32.97 -64.09 -27.62
CA VAL J 340 33.05 -65.51 -27.95
C VAL J 340 34.50 -65.99 -27.94
N THR J 341 35.42 -65.18 -28.47
CA THR J 341 36.83 -65.52 -28.53
C THR J 341 37.66 -64.28 -28.30
N THR J 342 38.59 -64.35 -27.36
CA THR J 342 39.44 -63.22 -26.99
C THR J 342 40.76 -63.31 -27.73
N SER J 343 41.03 -62.32 -28.58
CA SER J 343 42.32 -62.16 -29.22
C SER J 343 42.78 -60.73 -29.04
N SER J 344 44.03 -60.46 -29.44
CA SER J 344 44.58 -59.12 -29.27
C SER J 344 44.10 -58.14 -30.31
N THR J 345 43.28 -58.59 -31.27
CA THR J 345 42.76 -57.74 -32.33
C THR J 345 41.25 -57.85 -32.38
N TYR J 346 40.60 -56.76 -32.80
CA TYR J 346 39.16 -56.74 -32.95
C TYR J 346 38.74 -57.46 -34.24
N THR J 347 37.84 -58.43 -34.10
CA THR J 347 37.23 -59.12 -35.23
C THR J 347 35.74 -59.30 -34.94
N ASN J 348 34.90 -58.91 -35.89
CA ASN J 348 33.45 -58.91 -35.67
C ASN J 348 32.91 -60.28 -35.29
N SER J 349 33.49 -61.35 -35.84
CA SER J 349 32.98 -62.69 -35.59
C SER J 349 33.20 -63.17 -34.16
N ASP J 350 33.94 -62.42 -33.35
CA ASP J 350 34.25 -62.82 -31.98
C ASP J 350 33.24 -62.35 -30.95
N TYR J 351 32.20 -61.62 -31.35
CA TYR J 351 31.27 -61.04 -30.40
C TYR J 351 29.82 -61.35 -30.77
N LYS J 352 28.99 -61.49 -29.74
CA LYS J 352 27.55 -61.59 -29.89
C LYS J 352 26.90 -60.39 -29.22
N GLU J 353 26.05 -59.69 -29.96
CA GLU J 353 25.39 -58.49 -29.49
C GLU J 353 23.93 -58.81 -29.16
N TYR J 354 23.46 -58.32 -28.01
CA TYR J 354 22.14 -58.64 -27.51
C TYR J 354 21.33 -57.37 -27.26
N MET J 355 20.04 -57.56 -26.99
CA MET J 355 19.11 -56.48 -26.69
C MET J 355 18.40 -56.77 -25.39
N ARG J 356 18.32 -55.77 -24.52
CA ARG J 356 17.67 -55.93 -23.22
C ARG J 356 17.00 -54.61 -22.83
N HIS J 357 15.74 -54.70 -22.40
CA HIS J 357 15.01 -53.55 -21.89
C HIS J 357 14.47 -53.90 -20.50
N VAL J 358 14.30 -52.89 -19.67
CA VAL J 358 13.92 -53.07 -18.27
C VAL J 358 12.83 -52.09 -17.90
N GLU J 359 12.06 -52.46 -16.87
CA GLU J 359 11.01 -51.61 -16.32
C GLU J 359 11.02 -51.73 -14.81
N GLU J 360 10.99 -50.59 -14.12
CA GLU J 360 11.02 -50.55 -12.66
C GLU J 360 9.83 -49.75 -12.16
N TYR J 361 9.03 -50.37 -11.29
CA TYR J 361 7.81 -49.76 -10.79
C TYR J 361 7.78 -49.81 -9.26
N ASP J 362 7.06 -48.85 -8.67
CA ASP J 362 6.80 -48.83 -7.23
C ASP J 362 5.40 -48.27 -7.04
N LEU J 363 4.43 -49.15 -6.79
CA LEU J 363 3.05 -48.75 -6.60
C LEU J 363 2.78 -48.50 -5.13
N GLN J 364 2.26 -47.31 -4.83
CA GLN J 364 1.86 -46.94 -3.47
C GLN J 364 0.40 -46.52 -3.47
N PHE J 365 -0.34 -47.01 -2.48
CA PHE J 365 -1.77 -46.73 -2.36
C PHE J 365 -2.08 -46.32 -0.92
N ILE J 366 -3.17 -45.58 -0.77
CA ILE J 366 -3.73 -45.25 0.53
C ILE J 366 -5.25 -45.43 0.45
N PHE J 367 -5.78 -46.34 1.25
CA PHE J 367 -7.17 -46.74 1.19
C PHE J 367 -7.95 -46.23 2.40
N GLN J 368 -9.23 -45.97 2.18
CA GLN J 368 -10.15 -45.54 3.23
C GLN J 368 -11.21 -46.62 3.46
N LEU J 369 -11.34 -47.06 4.71
CA LEU J 369 -12.31 -48.08 5.04
C LEU J 369 -13.73 -47.51 4.99
N CYS J 370 -14.65 -48.28 4.41
CA CYS J 370 -16.04 -47.88 4.29
C CYS J 370 -16.95 -49.03 4.69
N SER J 371 -18.11 -48.69 5.23
CA SER J 371 -19.12 -49.66 5.63
C SER J 371 -20.40 -49.43 4.84
N ILE J 372 -21.16 -50.50 4.65
CA ILE J 372 -22.39 -50.48 3.86
C ILE J 372 -23.49 -51.11 4.67
N THR J 373 -24.48 -50.30 5.08
CA THR J 373 -25.66 -50.81 5.76
C THR J 373 -26.62 -51.41 4.73
N LEU J 374 -26.92 -52.69 4.86
CA LEU J 374 -27.67 -53.43 3.85
C LEU J 374 -29.16 -53.41 4.18
N SER J 375 -29.86 -52.43 3.63
CA SER J 375 -31.32 -52.45 3.67
C SER J 375 -31.86 -53.33 2.54
N ALA J 376 -33.18 -53.52 2.53
CA ALA J 376 -33.80 -54.30 1.47
C ALA J 376 -33.57 -53.65 0.10
N GLU J 377 -33.59 -52.32 0.05
CA GLU J 377 -33.30 -51.62 -1.20
C GLU J 377 -31.83 -51.75 -1.59
N VAL J 378 -30.93 -51.64 -0.61
CA VAL J 378 -29.50 -51.74 -0.91
C VAL J 378 -29.14 -53.14 -1.40
N VAL J 379 -29.67 -54.17 -0.74
CA VAL J 379 -29.41 -55.54 -1.18
C VAL J 379 -29.93 -55.76 -2.59
N ALA J 380 -31.10 -55.20 -2.90
CA ALA J 380 -31.65 -55.32 -4.25
C ALA J 380 -30.80 -54.58 -5.26
N TYR J 381 -30.47 -53.31 -4.96
CA TYR J 381 -29.64 -52.52 -5.88
C TYR J 381 -28.26 -53.14 -6.06
N ILE J 382 -27.72 -53.80 -5.04
CA ILE J 382 -26.39 -54.41 -5.17
C ILE J 382 -26.46 -55.71 -5.96
N HIS J 383 -27.61 -56.40 -5.96
CA HIS J 383 -27.73 -57.63 -6.73
C HIS J 383 -27.52 -57.37 -8.21
N THR J 384 -28.28 -56.42 -8.76
CA THR J 384 -27.90 -55.85 -10.05
C THR J 384 -26.61 -55.06 -9.87
N MET J 385 -25.89 -54.89 -10.99
CA MET J 385 -24.47 -54.53 -11.05
C MET J 385 -23.64 -55.80 -10.96
N ASN J 386 -23.40 -56.31 -9.75
CA ASN J 386 -22.76 -57.61 -9.61
C ASN J 386 -23.28 -58.32 -8.37
N PRO J 387 -23.89 -59.50 -8.52
CA PRO J 387 -24.35 -60.24 -7.35
C PRO J 387 -23.22 -60.91 -6.57
N SER J 388 -22.08 -61.17 -7.19
CA SER J 388 -20.95 -61.76 -6.49
C SER J 388 -20.43 -60.85 -5.38
N VAL J 389 -20.74 -59.55 -5.42
CA VAL J 389 -20.45 -58.68 -4.29
C VAL J 389 -21.19 -59.15 -3.05
N LEU J 390 -22.45 -59.57 -3.22
CA LEU J 390 -23.22 -60.14 -2.13
C LEU J 390 -22.82 -61.59 -1.87
N GLU J 391 -22.57 -62.37 -2.93
CA GLU J 391 -22.27 -63.79 -2.77
C GLU J 391 -20.98 -63.99 -1.99
N ASP J 392 -19.96 -63.15 -2.24
CA ASP J 392 -18.72 -63.27 -1.49
C ASP J 392 -18.86 -62.74 -0.07
N TRP J 393 -19.80 -61.83 0.17
CA TRP J 393 -20.07 -61.33 1.51
C TRP J 393 -20.77 -62.35 2.40
N ASN J 394 -21.30 -63.44 1.84
CA ASN J 394 -22.11 -64.41 2.57
C ASN J 394 -23.30 -63.74 3.24
N PHE J 395 -24.08 -63.02 2.44
CA PHE J 395 -25.24 -62.28 2.95
C PHE J 395 -26.45 -62.56 2.08
N PRO J 429 -14.09 -70.09 -11.33
CA PRO J 429 -15.33 -69.33 -11.52
C PRO J 429 -15.09 -67.92 -12.05
N ASP J 430 -14.05 -67.26 -11.54
CA ASP J 430 -13.67 -65.93 -11.96
C ASP J 430 -13.53 -65.85 -13.49
N PRO J 431 -14.36 -65.05 -14.17
CA PRO J 431 -14.24 -64.95 -15.63
C PRO J 431 -13.03 -64.14 -16.09
N TYR J 432 -12.30 -63.52 -15.17
CA TYR J 432 -11.10 -62.76 -15.51
C TYR J 432 -9.84 -63.59 -15.47
N LYS J 433 -9.94 -64.89 -15.15
CA LYS J 433 -8.77 -65.77 -15.12
C LYS J 433 -8.32 -66.18 -16.51
N ASN J 434 -9.11 -65.91 -17.55
CA ASN J 434 -8.65 -66.09 -18.92
C ASN J 434 -7.76 -64.95 -19.38
N LEU J 435 -7.89 -63.78 -18.75
CA LEU J 435 -7.07 -62.62 -19.06
C LEU J 435 -5.79 -62.65 -18.22
N SER J 436 -4.78 -61.91 -18.69
CA SER J 436 -3.47 -61.89 -18.07
C SER J 436 -3.18 -60.51 -17.51
N PHE J 437 -2.78 -60.47 -16.24
CA PHE J 437 -2.46 -59.27 -15.50
C PHE J 437 -1.14 -59.47 -14.74
N TRP J 438 -0.59 -58.35 -14.27
CA TRP J 438 0.55 -58.37 -13.36
C TRP J 438 -0.03 -58.38 -11.95
N GLU J 439 -0.10 -59.57 -11.35
CA GLU J 439 -0.73 -59.70 -10.05
C GLU J 439 0.15 -59.10 -8.96
N VAL J 440 -0.46 -58.28 -8.11
CA VAL J 440 0.21 -57.65 -6.98
C VAL J 440 -0.57 -58.00 -5.72
N ASN J 441 0.02 -58.79 -4.84
CA ASN J 441 -0.65 -59.26 -3.64
C ASN J 441 -0.34 -58.28 -2.51
N LEU J 442 -1.30 -57.42 -2.19
CA LEU J 442 -1.15 -56.45 -1.11
C LEU J 442 -1.80 -56.89 0.19
N LYS J 443 -2.35 -58.10 0.25
CA LYS J 443 -2.70 -58.67 1.54
C LYS J 443 -1.43 -58.86 2.37
N GLU J 444 -1.56 -58.71 3.68
CA GLU J 444 -0.43 -58.70 4.63
C GLU J 444 0.50 -57.53 4.41
N LYS J 445 0.14 -56.59 3.51
CA LYS J 445 0.95 -55.41 3.25
C LYS J 445 0.29 -54.12 3.72
N PHE J 446 -0.97 -54.17 4.15
CA PHE J 446 -1.64 -53.00 4.70
C PHE J 446 -1.03 -52.62 6.04
N SER J 447 -0.84 -51.31 6.24
CA SER J 447 -0.32 -50.81 7.52
C SER J 447 -1.10 -49.58 7.93
N SER J 448 -1.41 -49.49 9.22
CA SER J 448 -2.13 -48.35 9.78
C SER J 448 -1.21 -47.25 10.26
N GLU J 449 0.11 -47.49 10.29
CA GLU J 449 1.08 -46.49 10.73
C GLU J 449 1.46 -45.66 9.50
N LEU J 450 0.61 -44.68 9.23
CA LEU J 450 0.72 -43.89 7.99
C LEU J 450 2.07 -43.19 7.88
N ASP J 451 2.52 -42.56 8.96
CA ASP J 451 3.68 -41.68 8.89
C ASP J 451 4.99 -42.43 8.65
N GLN J 452 4.99 -43.76 8.61
CA GLN J 452 6.19 -44.53 8.37
C GLN J 452 6.54 -44.69 6.90
N TYR J 453 5.78 -44.10 5.99
CA TYR J 453 5.93 -44.37 4.57
C TYR J 453 5.86 -43.08 3.77
N PRO J 454 6.50 -43.03 2.59
CA PRO J 454 6.53 -41.79 1.79
C PRO J 454 5.15 -41.24 1.45
N LEU J 455 4.33 -42.04 0.77
CA LEU J 455 3.00 -41.57 0.38
C LEU J 455 2.15 -41.29 1.61
N GLY J 456 2.33 -42.07 2.68
CA GLY J 456 1.63 -41.78 3.92
C GLY J 456 1.98 -40.42 4.48
N ARG J 457 3.28 -40.06 4.44
CA ARG J 457 3.70 -38.74 4.90
C ARG J 457 3.01 -37.63 4.12
N LYS J 458 2.94 -37.78 2.79
CA LYS J 458 2.29 -36.77 1.97
C LYS J 458 0.79 -36.70 2.28
N PHE J 459 0.18 -37.85 2.56
CA PHE J 459 -1.26 -37.89 2.81
C PHE J 459 -1.62 -37.19 4.11
N LEU J 460 -0.77 -37.30 5.13
CA LEU J 460 -1.03 -36.60 6.38
C LEU J 460 -0.98 -35.09 6.18
N LEU J 461 0.08 -34.60 5.53
CA LEU J 461 0.28 -33.17 5.32
C LEU J 461 -0.54 -32.60 4.16
N GLN J 462 -1.47 -33.36 3.60
CA GLN J 462 -2.20 -32.92 2.42
C GLN J 462 -3.60 -33.53 2.42
N SER J 463 -4.46 -33.00 1.57
CA SER J 463 -5.83 -33.49 1.40
C SER J 463 -6.65 -33.30 2.67
#